data_2G0Q
#
_entry.id   2G0Q
#
_entity_poly.entity_id   1
_entity_poly.type   'polypeptide(L)'
_entity_poly.pdbx_seq_one_letter_code
;GHHHHHHLECSSDSLQLHNVFVYGSFQDPDVINVMLDRTPEIVSATLPGFQRFRLKGRLYPCIVPSEKGEVHGKVLMGVT
SDELENLDAVEGNEYERVTVGIVREDNSEKMAVKTYMWINKADPDMFGEWNFEEWKRLHKKKFIETFKKIMECKKKPQGQ
GNDDISHVLREDQ
;
_entity_poly.pdbx_strand_id   A
#
# COMPACT_ATOMS: atom_id res chain seq x y z
N CYS A 10 -1.01 3.57 -18.14
CA CYS A 10 -2.21 2.77 -18.10
C CYS A 10 -2.74 2.52 -19.50
N SER A 11 -2.90 1.26 -19.82
CA SER A 11 -3.49 0.83 -21.08
C SER A 11 -4.26 -0.47 -20.85
N SER A 12 -4.57 -0.71 -19.58
CA SER A 12 -5.28 -1.89 -19.15
C SER A 12 -6.79 -1.71 -19.28
N ASP A 13 -7.22 -0.44 -19.49
CA ASP A 13 -8.63 -0.08 -19.63
C ASP A 13 -9.39 -0.34 -18.34
N SER A 14 -9.41 0.64 -17.47
CA SER A 14 -10.07 0.48 -16.20
C SER A 14 -11.39 1.23 -16.11
N LEU A 15 -12.37 0.69 -16.77
CA LEU A 15 -13.70 1.16 -16.73
C LEU A 15 -14.56 0.19 -16.00
N GLN A 16 -14.65 -0.97 -16.57
CA GLN A 16 -15.36 -2.09 -15.95
C GLN A 16 -14.37 -2.97 -15.23
N LEU A 17 -13.13 -2.68 -15.49
CA LEU A 17 -12.03 -3.31 -14.83
C LEU A 17 -11.58 -2.39 -13.73
N HIS A 18 -10.99 -2.95 -12.74
CA HIS A 18 -10.68 -2.20 -11.54
C HIS A 18 -9.20 -2.23 -11.26
N ASN A 19 -8.75 -1.30 -10.46
CA ASN A 19 -7.39 -1.24 -10.03
C ASN A 19 -7.30 -1.02 -8.51
N VAL A 20 -6.49 -1.84 -7.87
CA VAL A 20 -6.39 -1.86 -6.42
C VAL A 20 -4.93 -1.84 -6.01
N PHE A 21 -4.62 -1.14 -4.95
CA PHE A 21 -3.29 -1.06 -4.40
C PHE A 21 -3.18 -2.10 -3.31
N VAL A 22 -2.24 -3.00 -3.45
CA VAL A 22 -2.08 -4.10 -2.53
C VAL A 22 -1.03 -3.81 -1.49
N TYR A 23 -1.09 -4.57 -0.40
CA TYR A 23 -0.26 -4.30 0.73
C TYR A 23 0.22 -5.57 1.45
N GLY A 24 -0.71 -6.37 1.94
CA GLY A 24 -0.33 -7.52 2.69
C GLY A 24 -0.40 -8.80 1.90
N SER A 25 -1.45 -9.55 2.12
CA SER A 25 -1.64 -10.87 1.57
C SER A 25 -1.63 -10.87 0.03
N PHE A 26 -2.18 -9.84 -0.57
CA PHE A 26 -2.28 -9.79 -2.04
C PHE A 26 -1.11 -9.09 -2.71
N GLN A 27 0.00 -8.92 -2.01
CA GLN A 27 1.14 -8.25 -2.61
C GLN A 27 1.99 -9.26 -3.42
N ASP A 28 1.49 -10.46 -3.54
CA ASP A 28 2.16 -11.52 -4.26
C ASP A 28 1.30 -12.00 -5.41
N PRO A 29 1.83 -12.04 -6.65
CA PRO A 29 1.05 -12.46 -7.82
C PRO A 29 0.68 -13.95 -7.82
N ASP A 30 1.47 -14.76 -7.15
CA ASP A 30 1.19 -16.19 -7.11
C ASP A 30 -0.09 -16.48 -6.35
N VAL A 31 -0.28 -15.78 -5.25
CA VAL A 31 -1.48 -15.96 -4.47
C VAL A 31 -2.69 -15.43 -5.26
N ILE A 32 -2.43 -14.43 -6.12
CA ILE A 32 -3.46 -13.85 -6.92
C ILE A 32 -3.99 -14.87 -7.96
N ASN A 33 -3.07 -15.55 -8.64
CA ASN A 33 -3.46 -16.60 -9.60
C ASN A 33 -4.30 -17.68 -8.94
N VAL A 34 -3.99 -17.98 -7.71
CA VAL A 34 -4.69 -19.02 -7.00
C VAL A 34 -6.02 -18.53 -6.42
N MET A 35 -6.00 -17.37 -5.76
CA MET A 35 -7.17 -16.85 -5.07
C MET A 35 -8.28 -16.54 -6.07
N LEU A 36 -7.92 -16.04 -7.24
CA LEU A 36 -8.90 -15.82 -8.27
C LEU A 36 -8.66 -16.71 -9.49
N ASP A 37 -7.63 -16.42 -10.26
CA ASP A 37 -7.37 -17.16 -11.51
C ASP A 37 -6.15 -16.59 -12.20
N ARG A 38 -6.15 -15.29 -12.34
CA ARG A 38 -5.09 -14.58 -13.05
C ARG A 38 -4.58 -13.47 -12.20
N THR A 39 -3.53 -12.83 -12.63
CA THR A 39 -2.99 -11.70 -11.93
C THR A 39 -2.99 -10.46 -12.82
N PRO A 40 -3.84 -9.47 -12.48
CA PRO A 40 -3.93 -8.17 -13.17
C PRO A 40 -2.56 -7.50 -13.28
N GLU A 41 -2.38 -6.66 -14.31
CA GLU A 41 -1.11 -5.98 -14.55
C GLU A 41 -0.72 -5.19 -13.30
N ILE A 42 0.46 -5.44 -12.81
CA ILE A 42 0.90 -4.86 -11.59
C ILE A 42 1.84 -3.70 -11.88
N VAL A 43 1.66 -2.65 -11.16
CA VAL A 43 2.51 -1.51 -11.27
C VAL A 43 3.00 -1.07 -9.89
N SER A 44 4.21 -0.61 -9.80
CA SER A 44 4.72 -0.09 -8.58
C SER A 44 4.15 1.32 -8.38
N ALA A 45 3.52 1.55 -7.27
CA ALA A 45 2.91 2.81 -6.98
C ALA A 45 3.18 3.24 -5.56
N THR A 46 3.09 4.50 -5.35
CA THR A 46 3.34 5.08 -4.06
C THR A 46 2.07 5.70 -3.52
N LEU A 47 1.70 5.29 -2.35
CA LEU A 47 0.55 5.82 -1.67
C LEU A 47 1.01 6.82 -0.59
N PRO A 48 0.93 8.12 -0.87
CA PRO A 48 1.35 9.14 0.08
C PRO A 48 0.23 9.48 1.07
N GLY A 49 0.61 9.61 2.32
CA GLY A 49 -0.37 9.94 3.34
C GLY A 49 -0.86 8.72 4.07
N PHE A 50 -0.20 7.62 3.84
CA PHE A 50 -0.52 6.36 4.47
C PHE A 50 0.73 5.65 4.81
N GLN A 51 0.65 4.73 5.70
CA GLN A 51 1.79 3.99 6.13
C GLN A 51 1.41 2.55 6.33
N ARG A 52 2.30 1.67 5.96
CA ARG A 52 2.10 0.28 6.11
C ARG A 52 2.89 -0.18 7.31
N PHE A 53 2.29 -1.00 8.09
CA PHE A 53 2.94 -1.59 9.22
C PHE A 53 3.17 -3.05 8.90
N ARG A 54 3.97 -3.73 9.68
CA ARG A 54 4.33 -5.08 9.31
C ARG A 54 4.27 -6.02 10.50
N LEU A 55 3.80 -7.24 10.24
CA LEU A 55 3.71 -8.33 11.21
C LEU A 55 3.03 -9.51 10.52
N LYS A 56 3.17 -10.69 11.08
CA LYS A 56 2.46 -11.85 10.59
C LYS A 56 2.19 -12.81 11.74
N GLY A 57 0.99 -13.34 11.78
CA GLY A 57 0.61 -14.26 12.83
C GLY A 57 -0.69 -13.85 13.45
N ARG A 58 -0.64 -12.87 14.30
CA ARG A 58 -1.83 -12.36 14.94
C ARG A 58 -2.36 -11.26 14.04
N LEU A 59 -1.47 -10.38 13.66
CA LEU A 59 -1.83 -9.30 12.80
C LEU A 59 -0.91 -9.31 11.58
N TYR A 60 -1.29 -8.59 10.55
CA TYR A 60 -0.65 -8.67 9.26
C TYR A 60 -0.26 -7.25 8.84
N PRO A 61 0.48 -7.07 7.70
CA PRO A 61 0.79 -5.73 7.17
C PRO A 61 -0.50 -4.96 6.86
N CYS A 62 -0.68 -3.86 7.55
CA CYS A 62 -1.89 -3.07 7.42
C CYS A 62 -1.56 -1.68 6.84
N ILE A 63 -2.59 -0.94 6.45
CA ILE A 63 -2.43 0.41 5.90
C ILE A 63 -3.23 1.41 6.73
N VAL A 64 -2.56 2.39 7.29
CA VAL A 64 -3.23 3.44 8.06
C VAL A 64 -2.74 4.80 7.60
N PRO A 65 -3.63 5.81 7.62
CA PRO A 65 -3.29 7.19 7.23
C PRO A 65 -2.21 7.81 8.12
N SER A 66 -1.05 8.04 7.55
CA SER A 66 0.06 8.64 8.24
C SER A 66 0.54 9.84 7.42
N GLU A 67 0.44 11.03 7.98
CA GLU A 67 0.82 12.27 7.30
C GLU A 67 2.29 12.27 6.91
N LYS A 68 3.09 11.63 7.72
CA LYS A 68 4.52 11.59 7.53
C LYS A 68 4.97 10.34 6.78
N GLY A 69 4.02 9.58 6.30
CA GLY A 69 4.36 8.36 5.64
C GLY A 69 3.87 8.26 4.21
N GLU A 70 4.39 7.28 3.54
CA GLU A 70 4.03 6.91 2.21
C GLU A 70 4.30 5.42 2.03
N VAL A 71 3.47 4.76 1.29
CA VAL A 71 3.60 3.35 1.10
C VAL A 71 3.97 3.07 -0.32
N HIS A 72 5.09 2.47 -0.53
CA HIS A 72 5.44 2.05 -1.85
C HIS A 72 4.99 0.63 -1.99
N GLY A 73 4.07 0.41 -2.88
CA GLY A 73 3.53 -0.89 -3.06
C GLY A 73 3.18 -1.12 -4.47
N LYS A 74 2.31 -2.04 -4.72
CA LYS A 74 1.93 -2.39 -6.06
C LYS A 74 0.46 -2.28 -6.27
N VAL A 75 0.11 -1.94 -7.46
CA VAL A 75 -1.26 -1.85 -7.90
C VAL A 75 -1.60 -2.95 -8.90
N LEU A 76 -2.70 -3.62 -8.65
CA LEU A 76 -3.23 -4.62 -9.54
C LEU A 76 -4.29 -3.95 -10.40
N MET A 77 -4.02 -3.76 -11.65
CA MET A 77 -4.98 -3.13 -12.52
C MET A 77 -5.46 -4.05 -13.61
N GLY A 78 -6.73 -4.01 -13.84
CA GLY A 78 -7.32 -4.82 -14.85
C GLY A 78 -8.05 -6.00 -14.26
N VAL A 79 -8.48 -5.86 -13.02
CA VAL A 79 -9.20 -6.94 -12.34
C VAL A 79 -10.71 -6.82 -12.62
N THR A 80 -11.35 -7.95 -12.79
CA THR A 80 -12.75 -8.03 -13.06
C THR A 80 -13.61 -7.73 -11.79
N SER A 81 -14.88 -7.42 -12.00
CA SER A 81 -15.75 -6.97 -10.93
C SER A 81 -16.10 -8.06 -9.89
N ASP A 82 -16.25 -9.31 -10.34
CA ASP A 82 -16.60 -10.41 -9.41
C ASP A 82 -15.49 -10.61 -8.40
N GLU A 83 -14.29 -10.58 -8.91
CA GLU A 83 -13.09 -10.70 -8.12
C GLU A 83 -12.89 -9.46 -7.28
N LEU A 84 -13.24 -8.31 -7.81
CA LEU A 84 -13.16 -7.05 -7.10
C LEU A 84 -14.04 -7.10 -5.83
N GLU A 85 -15.25 -7.63 -5.97
CA GLU A 85 -16.14 -7.82 -4.83
C GLU A 85 -15.64 -8.95 -3.95
N ASN A 86 -15.03 -9.93 -4.56
CA ASN A 86 -14.44 -11.06 -3.84
C ASN A 86 -13.28 -10.59 -2.96
N LEU A 87 -12.50 -9.66 -3.46
CA LEU A 87 -11.41 -9.04 -2.70
C LEU A 87 -12.00 -8.32 -1.50
N ASP A 88 -13.10 -7.63 -1.74
CA ASP A 88 -13.81 -6.89 -0.68
C ASP A 88 -14.36 -7.86 0.36
N ALA A 89 -14.78 -9.02 -0.10
CA ALA A 89 -15.28 -10.06 0.77
C ALA A 89 -14.15 -10.65 1.62
N VAL A 90 -13.02 -10.91 0.98
CA VAL A 90 -11.85 -11.50 1.63
C VAL A 90 -11.16 -10.52 2.61
N GLU A 91 -10.87 -9.33 2.15
CA GLU A 91 -10.17 -8.33 2.97
C GLU A 91 -11.10 -7.66 3.98
N GLY A 92 -12.38 -7.59 3.62
CA GLY A 92 -13.41 -6.91 4.42
C GLY A 92 -13.55 -7.43 5.85
N ASN A 93 -13.04 -8.63 6.09
CA ASN A 93 -13.11 -9.26 7.41
C ASN A 93 -12.41 -8.42 8.47
N GLU A 94 -11.37 -7.70 8.06
CA GLU A 94 -10.60 -6.90 9.00
C GLU A 94 -10.15 -5.57 8.39
N TYR A 95 -10.62 -5.30 7.20
CA TYR A 95 -10.29 -4.07 6.48
C TYR A 95 -11.50 -3.49 5.81
N GLU A 96 -11.36 -2.26 5.34
CA GLU A 96 -12.40 -1.60 4.63
C GLU A 96 -11.86 -1.15 3.28
N ARG A 97 -12.70 -1.18 2.25
CA ARG A 97 -12.28 -0.82 0.93
C ARG A 97 -12.43 0.67 0.75
N VAL A 98 -11.33 1.35 0.59
CA VAL A 98 -11.33 2.78 0.47
C VAL A 98 -10.62 3.22 -0.77
N THR A 99 -10.89 4.43 -1.17
CA THR A 99 -10.26 4.96 -2.36
C THR A 99 -9.09 5.84 -1.94
N VAL A 100 -7.98 5.71 -2.63
CA VAL A 100 -6.77 6.44 -2.33
C VAL A 100 -6.11 6.93 -3.59
N GLY A 101 -5.19 7.84 -3.44
CA GLY A 101 -4.44 8.34 -4.55
C GLY A 101 -3.03 7.81 -4.52
N ILE A 102 -2.65 7.11 -5.56
CA ILE A 102 -1.34 6.53 -5.65
C ILE A 102 -0.57 7.13 -6.81
N VAL A 103 0.72 7.15 -6.71
CA VAL A 103 1.54 7.74 -7.73
C VAL A 103 2.38 6.66 -8.40
N ARG A 104 2.36 6.67 -9.73
CA ARG A 104 3.14 5.75 -10.54
C ARG A 104 4.60 5.92 -10.23
N GLU A 105 5.26 4.83 -9.86
CA GLU A 105 6.69 4.86 -9.62
C GLU A 105 7.43 4.74 -10.94
N ASP A 106 6.67 4.80 -11.99
CA ASP A 106 7.19 4.79 -13.33
C ASP A 106 7.52 6.22 -13.67
N ASN A 107 6.47 7.05 -13.75
CA ASN A 107 6.64 8.42 -14.14
C ASN A 107 6.65 9.31 -12.89
N SER A 108 5.58 10.05 -12.73
CA SER A 108 5.27 10.89 -11.59
C SER A 108 3.75 11.12 -11.63
N GLU A 109 3.06 10.22 -12.36
CA GLU A 109 1.62 10.32 -12.56
C GLU A 109 0.88 9.85 -11.34
N LYS A 110 -0.21 10.48 -11.05
CA LYS A 110 -1.03 10.13 -9.91
C LYS A 110 -2.30 9.45 -10.40
N MET A 111 -2.80 8.52 -9.64
CA MET A 111 -3.99 7.77 -9.96
C MET A 111 -4.81 7.55 -8.75
N ALA A 112 -6.03 7.24 -8.96
CA ALA A 112 -6.94 6.95 -7.87
C ALA A 112 -7.33 5.49 -7.94
N VAL A 113 -7.04 4.76 -6.91
CA VAL A 113 -7.31 3.34 -6.87
C VAL A 113 -7.97 2.98 -5.56
N LYS A 114 -8.41 1.74 -5.44
CA LYS A 114 -8.93 1.26 -4.19
C LYS A 114 -7.85 0.54 -3.43
N THR A 115 -7.99 0.48 -2.16
CA THR A 115 -7.10 -0.27 -1.34
C THR A 115 -7.88 -0.61 -0.09
N TYR A 116 -7.31 -1.42 0.73
CA TYR A 116 -7.95 -1.81 1.94
C TYR A 116 -7.20 -1.23 3.09
N MET A 117 -7.88 -0.44 3.84
CA MET A 117 -7.29 0.31 4.91
C MET A 117 -7.67 -0.29 6.23
N TRP A 118 -6.75 -0.23 7.17
CA TRP A 118 -6.97 -0.73 8.49
C TRP A 118 -7.92 0.20 9.20
N ILE A 119 -8.97 -0.36 9.68
CA ILE A 119 -10.08 0.38 10.22
C ILE A 119 -9.73 0.99 11.57
N ASN A 120 -9.03 0.25 12.40
CA ASN A 120 -8.66 0.73 13.73
C ASN A 120 -7.43 1.63 13.64
N LYS A 121 -7.62 2.91 13.70
CA LYS A 121 -6.54 3.87 13.49
C LYS A 121 -5.59 3.95 14.68
N ALA A 122 -6.09 3.67 15.85
CA ALA A 122 -5.28 3.65 17.02
C ALA A 122 -5.09 2.22 17.46
N ASP A 123 -4.02 1.61 17.02
CA ASP A 123 -3.79 0.20 17.30
C ASP A 123 -2.33 -0.05 17.66
N PRO A 124 -2.08 -0.69 18.81
CA PRO A 124 -0.74 -0.97 19.28
C PRO A 124 -0.16 -2.30 18.75
N ASP A 125 -0.99 -3.13 18.11
CA ASP A 125 -0.54 -4.44 17.65
C ASP A 125 0.20 -4.33 16.37
N MET A 126 -0.23 -3.41 15.53
CA MET A 126 0.41 -3.23 14.23
C MET A 126 1.73 -2.49 14.35
N PHE A 127 1.99 -1.92 15.53
CA PHE A 127 3.16 -1.08 15.75
C PHE A 127 4.48 -1.81 15.47
N GLY A 128 5.08 -1.47 14.35
CA GLY A 128 6.34 -1.98 13.92
C GLY A 128 6.83 -1.12 12.80
N GLU A 129 8.12 -0.95 12.68
CA GLU A 129 8.66 -0.13 11.62
C GLU A 129 8.78 -0.93 10.35
N TRP A 130 8.22 -0.41 9.30
CA TRP A 130 8.24 -1.07 8.04
C TRP A 130 9.62 -0.93 7.38
N ASN A 131 9.95 -1.88 6.49
CA ASN A 131 11.26 -1.92 5.79
C ASN A 131 11.56 -0.57 5.18
N PHE A 132 10.56 -0.03 4.52
CA PHE A 132 10.67 1.25 3.83
C PHE A 132 10.92 2.40 4.76
N GLU A 133 10.41 2.35 5.99
CA GLU A 133 10.68 3.39 6.96
C GLU A 133 12.15 3.37 7.35
N GLU A 134 12.64 2.18 7.62
CA GLU A 134 14.03 1.98 7.99
C GLU A 134 14.92 2.38 6.81
N TRP A 135 14.52 1.97 5.63
CA TRP A 135 15.26 2.31 4.43
C TRP A 135 15.19 3.81 4.16
N LYS A 136 14.03 4.41 4.40
CA LYS A 136 13.80 5.86 4.21
C LYS A 136 14.82 6.68 5.00
N ARG A 137 15.23 6.13 6.11
CA ARG A 137 16.25 6.71 6.97
C ARG A 137 17.61 6.75 6.27
N LEU A 138 18.04 5.61 5.75
CA LEU A 138 19.34 5.51 5.08
C LEU A 138 19.25 6.07 3.67
N HIS A 139 18.04 6.13 3.17
CA HIS A 139 17.75 6.67 1.84
C HIS A 139 18.00 8.16 1.84
N LYS A 140 17.92 8.76 3.03
CA LYS A 140 18.24 10.17 3.21
C LYS A 140 19.68 10.42 2.81
N LYS A 141 20.55 9.50 3.20
CA LYS A 141 21.98 9.61 2.93
C LYS A 141 22.26 9.73 1.44
N LYS A 142 21.41 9.12 0.63
CA LYS A 142 21.57 9.18 -0.82
C LYS A 142 21.47 10.63 -1.30
N PHE A 143 20.58 11.40 -0.66
CA PHE A 143 20.44 12.82 -0.93
C PHE A 143 21.58 13.57 -0.26
N ILE A 144 21.92 13.12 0.93
CA ILE A 144 22.96 13.74 1.72
C ILE A 144 24.29 13.70 0.99
N GLU A 145 24.54 12.65 0.19
CA GLU A 145 25.77 12.51 -0.60
C GLU A 145 26.07 13.75 -1.47
N THR A 146 25.05 14.37 -2.05
CA THR A 146 25.29 15.54 -2.87
C THR A 146 25.59 16.74 -1.96
N PHE A 147 25.04 16.73 -0.75
CA PHE A 147 25.29 17.75 0.23
C PHE A 147 26.62 17.59 0.87
N LYS A 148 27.02 16.35 1.06
CA LYS A 148 28.29 16.02 1.68
C LYS A 148 29.46 16.67 0.97
N LYS A 149 29.34 16.87 -0.34
CA LYS A 149 30.41 17.54 -1.03
C LYS A 149 30.36 19.04 -0.71
N ILE A 150 29.15 19.57 -0.56
CA ILE A 150 28.88 21.01 -0.33
C ILE A 150 29.64 21.57 0.90
N MET A 151 29.89 20.72 1.91
CA MET A 151 30.67 21.13 3.10
C MET A 151 32.04 21.72 2.74
N GLU A 152 32.60 21.34 1.58
CA GLU A 152 33.91 21.85 1.12
C GLU A 152 33.89 23.38 1.03
N CYS A 153 32.79 23.91 0.54
CA CYS A 153 32.62 25.34 0.38
C CYS A 153 32.45 26.00 1.73
N LYS A 154 31.84 25.25 2.63
CA LYS A 154 31.51 25.76 3.94
C LYS A 154 32.74 25.84 4.83
N LYS A 155 33.58 24.80 4.80
CA LYS A 155 34.76 24.78 5.66
C LYS A 155 35.61 23.52 5.45
N LYS A 156 34.97 22.38 5.33
CA LYS A 156 35.70 21.14 5.31
C LYS A 156 35.11 20.16 4.30
N PRO A 157 35.90 19.79 3.27
CA PRO A 157 35.47 18.82 2.25
C PRO A 157 35.25 17.44 2.88
N GLN A 158 34.12 16.85 2.60
CA GLN A 158 33.79 15.55 3.18
C GLN A 158 33.34 14.56 2.11
N CYS A 10 -0.70 -9.27 -18.55
CA CYS A 10 -1.22 -8.51 -19.63
C CYS A 10 -2.33 -7.63 -19.13
N SER A 11 -2.58 -6.57 -19.84
CA SER A 11 -3.61 -5.68 -19.49
C SER A 11 -4.66 -5.70 -20.60
N SER A 12 -5.80 -6.29 -20.29
CA SER A 12 -6.88 -6.39 -21.24
C SER A 12 -7.52 -5.01 -21.48
N ASP A 13 -7.60 -4.21 -20.40
CA ASP A 13 -8.13 -2.84 -20.41
C ASP A 13 -9.57 -2.73 -20.85
N SER A 14 -10.41 -2.45 -19.89
CA SER A 14 -11.82 -2.27 -20.09
C SER A 14 -12.32 -1.38 -18.96
N LEU A 15 -13.41 -0.66 -19.17
CA LEU A 15 -13.90 0.28 -18.21
C LEU A 15 -14.49 -0.33 -16.96
N GLN A 16 -14.79 -1.61 -17.00
CA GLN A 16 -15.35 -2.29 -15.84
C GLN A 16 -14.25 -2.87 -14.96
N LEU A 17 -13.04 -2.62 -15.37
CA LEU A 17 -11.91 -3.12 -14.64
C LEU A 17 -11.46 -2.11 -13.61
N HIS A 18 -10.97 -2.61 -12.52
CA HIS A 18 -10.62 -1.80 -11.38
C HIS A 18 -9.15 -1.89 -11.09
N ASN A 19 -8.67 -0.93 -10.34
CA ASN A 19 -7.28 -0.89 -9.96
C ASN A 19 -7.20 -0.87 -8.43
N VAL A 20 -6.44 -1.78 -7.87
CA VAL A 20 -6.36 -1.90 -6.41
C VAL A 20 -4.89 -1.83 -5.96
N PHE A 21 -4.65 -1.11 -4.87
CA PHE A 21 -3.31 -1.03 -4.31
C PHE A 21 -3.21 -2.07 -3.22
N VAL A 22 -2.27 -2.94 -3.36
CA VAL A 22 -2.11 -4.03 -2.46
C VAL A 22 -0.87 -3.88 -1.61
N TYR A 23 -1.06 -3.90 -0.32
CA TYR A 23 0.00 -3.72 0.63
C TYR A 23 0.86 -4.96 0.82
N GLY A 24 0.25 -6.12 0.86
CA GLY A 24 1.04 -7.32 1.10
C GLY A 24 0.28 -8.59 0.82
N SER A 25 -0.97 -8.63 1.21
CA SER A 25 -1.81 -9.83 1.06
C SER A 25 -1.91 -10.30 -0.39
N PHE A 26 -1.79 -9.38 -1.34
CA PHE A 26 -1.95 -9.71 -2.75
C PHE A 26 -0.82 -9.08 -3.57
N GLN A 27 0.33 -8.88 -2.96
CA GLN A 27 1.43 -8.18 -3.66
C GLN A 27 2.17 -9.08 -4.67
N ASP A 28 2.03 -10.38 -4.51
CA ASP A 28 2.76 -11.32 -5.35
C ASP A 28 1.82 -11.95 -6.37
N PRO A 29 2.21 -11.98 -7.67
CA PRO A 29 1.35 -12.47 -8.75
C PRO A 29 0.97 -13.96 -8.63
N ASP A 30 1.79 -14.75 -7.95
CA ASP A 30 1.51 -16.19 -7.82
C ASP A 30 0.25 -16.41 -7.02
N VAL A 31 0.11 -15.66 -5.95
CA VAL A 31 -1.04 -15.80 -5.09
C VAL A 31 -2.28 -15.25 -5.78
N ILE A 32 -2.10 -14.28 -6.68
CA ILE A 32 -3.18 -13.63 -7.38
C ILE A 32 -3.96 -14.63 -8.25
N ASN A 33 -3.26 -15.37 -9.08
CA ASN A 33 -3.87 -16.38 -9.95
C ASN A 33 -4.61 -17.42 -9.15
N VAL A 34 -4.13 -17.69 -7.97
CA VAL A 34 -4.73 -18.68 -7.11
C VAL A 34 -5.93 -18.10 -6.33
N MET A 35 -5.77 -16.91 -5.81
CA MET A 35 -6.78 -16.32 -4.95
C MET A 35 -8.02 -15.93 -5.75
N LEU A 36 -7.82 -15.44 -6.96
CA LEU A 36 -8.95 -15.10 -7.80
C LEU A 36 -9.01 -15.97 -9.04
N ASP A 37 -8.05 -15.83 -9.95
CA ASP A 37 -8.04 -16.58 -11.23
C ASP A 37 -6.94 -16.05 -12.13
N ARG A 38 -6.90 -14.75 -12.30
CA ARG A 38 -5.93 -14.10 -13.18
C ARG A 38 -5.14 -13.09 -12.42
N THR A 39 -3.99 -12.71 -12.94
CA THR A 39 -3.19 -11.67 -12.35
C THR A 39 -3.26 -10.39 -13.21
N PRO A 40 -4.01 -9.38 -12.73
CA PRO A 40 -4.07 -8.05 -13.36
C PRO A 40 -2.68 -7.43 -13.43
N GLU A 41 -2.44 -6.56 -14.40
CA GLU A 41 -1.13 -5.93 -14.57
C GLU A 41 -0.74 -5.21 -13.29
N ILE A 42 0.44 -5.49 -12.83
CA ILE A 42 0.88 -4.95 -11.58
C ILE A 42 1.86 -3.82 -11.86
N VAL A 43 1.71 -2.75 -11.14
CA VAL A 43 2.56 -1.60 -11.31
C VAL A 43 3.10 -1.15 -9.94
N SER A 44 4.31 -0.64 -9.92
CA SER A 44 4.90 -0.10 -8.71
C SER A 44 4.27 1.25 -8.42
N ALA A 45 3.71 1.42 -7.25
CA ALA A 45 3.06 2.65 -6.90
C ALA A 45 3.32 3.04 -5.45
N THR A 46 3.15 4.30 -5.18
CA THR A 46 3.30 4.83 -3.87
C THR A 46 1.98 5.44 -3.41
N LEU A 47 1.58 5.10 -2.23
CA LEU A 47 0.40 5.63 -1.62
C LEU A 47 0.79 6.67 -0.57
N PRO A 48 0.68 7.96 -0.89
CA PRO A 48 1.00 9.03 0.03
C PRO A 48 -0.15 9.32 1.00
N GLY A 49 0.20 9.54 2.25
CA GLY A 49 -0.80 9.85 3.24
C GLY A 49 -1.19 8.62 4.04
N PHE A 50 -0.45 7.55 3.85
CA PHE A 50 -0.72 6.30 4.52
C PHE A 50 0.59 5.65 4.86
N GLN A 51 0.60 4.86 5.88
CA GLN A 51 1.79 4.19 6.29
C GLN A 51 1.45 2.78 6.70
N ARG A 52 2.36 1.87 6.47
CA ARG A 52 2.15 0.51 6.80
C ARG A 52 2.84 0.19 8.09
N PHE A 53 2.13 -0.44 8.97
CA PHE A 53 2.66 -0.84 10.24
C PHE A 53 2.83 -2.31 10.20
N ARG A 54 3.94 -2.78 10.66
CA ARG A 54 4.17 -4.18 10.61
C ARG A 54 4.28 -4.79 12.00
N LEU A 55 3.48 -5.79 12.20
CA LEU A 55 3.40 -6.55 13.41
C LEU A 55 2.49 -7.71 13.07
N LYS A 56 2.93 -8.92 13.30
CA LYS A 56 2.12 -10.05 12.95
C LYS A 56 1.81 -10.89 14.17
N GLY A 57 0.57 -10.89 14.55
CA GLY A 57 0.11 -11.67 15.65
C GLY A 57 -1.34 -11.98 15.47
N ARG A 58 -2.18 -11.16 16.05
CA ARG A 58 -3.62 -11.30 15.86
C ARG A 58 -4.02 -10.40 14.69
N LEU A 59 -3.10 -9.52 14.36
CA LEU A 59 -3.22 -8.60 13.28
C LEU A 59 -2.01 -8.76 12.37
N TYR A 60 -2.11 -8.22 11.20
CA TYR A 60 -1.13 -8.34 10.17
C TYR A 60 -0.57 -6.95 9.90
N PRO A 61 0.52 -6.81 9.11
CA PRO A 61 1.02 -5.51 8.72
C PRO A 61 0.02 -4.75 7.85
N CYS A 62 -0.77 -3.92 8.51
CA CYS A 62 -1.89 -3.21 7.93
C CYS A 62 -1.51 -1.77 7.53
N ILE A 63 -2.38 -1.14 6.75
CA ILE A 63 -2.19 0.23 6.27
C ILE A 63 -3.09 1.14 7.08
N VAL A 64 -2.61 2.30 7.44
CA VAL A 64 -3.43 3.30 8.09
C VAL A 64 -3.02 4.68 7.58
N PRO A 65 -3.93 5.66 7.59
CA PRO A 65 -3.61 7.03 7.18
C PRO A 65 -2.61 7.69 8.13
N SER A 66 -1.52 8.14 7.56
CA SER A 66 -0.46 8.78 8.28
C SER A 66 -0.19 10.14 7.65
N GLU A 67 0.10 11.13 8.46
CA GLU A 67 0.29 12.47 7.92
C GLU A 67 1.61 12.59 7.17
N LYS A 68 2.62 11.92 7.66
CA LYS A 68 3.95 12.02 7.06
C LYS A 68 4.34 10.75 6.35
N GLY A 69 3.44 9.80 6.32
CA GLY A 69 3.77 8.52 5.77
C GLY A 69 3.39 8.34 4.34
N GLU A 70 4.06 7.42 3.70
CA GLU A 70 3.81 7.00 2.36
C GLU A 70 4.11 5.49 2.26
N VAL A 71 3.32 4.78 1.51
CA VAL A 71 3.50 3.35 1.36
C VAL A 71 3.90 3.04 -0.05
N HIS A 72 4.90 2.23 -0.22
CA HIS A 72 5.29 1.81 -1.53
C HIS A 72 4.87 0.39 -1.72
N GLY A 73 4.01 0.17 -2.66
CA GLY A 73 3.49 -1.13 -2.89
C GLY A 73 3.16 -1.34 -4.32
N LYS A 74 2.26 -2.23 -4.59
CA LYS A 74 1.88 -2.51 -5.94
C LYS A 74 0.44 -2.33 -6.20
N VAL A 75 0.16 -1.99 -7.41
CA VAL A 75 -1.20 -1.84 -7.88
C VAL A 75 -1.55 -2.94 -8.87
N LEU A 76 -2.66 -3.57 -8.62
CA LEU A 76 -3.22 -4.57 -9.50
C LEU A 76 -4.24 -3.87 -10.37
N MET A 77 -3.93 -3.71 -11.61
CA MET A 77 -4.86 -3.05 -12.51
C MET A 77 -5.39 -3.98 -13.55
N GLY A 78 -6.69 -4.00 -13.65
CA GLY A 78 -7.36 -4.87 -14.56
C GLY A 78 -8.12 -5.96 -13.84
N VAL A 79 -8.56 -5.65 -12.63
CA VAL A 79 -9.31 -6.62 -11.85
C VAL A 79 -10.82 -6.42 -12.12
N THR A 80 -11.51 -7.50 -12.36
CA THR A 80 -12.91 -7.46 -12.66
C THR A 80 -13.72 -7.16 -11.37
N SER A 81 -14.95 -6.66 -11.51
CA SER A 81 -15.78 -6.27 -10.35
C SER A 81 -16.08 -7.46 -9.43
N ASP A 82 -16.27 -8.63 -10.02
CA ASP A 82 -16.56 -9.84 -9.23
C ASP A 82 -15.37 -10.21 -8.35
N GLU A 83 -14.19 -9.98 -8.89
CA GLU A 83 -12.95 -10.27 -8.20
C GLU A 83 -12.70 -9.14 -7.18
N LEU A 84 -13.18 -7.94 -7.50
CA LEU A 84 -13.09 -6.81 -6.58
C LEU A 84 -13.94 -7.11 -5.36
N GLU A 85 -15.11 -7.69 -5.60
CA GLU A 85 -16.00 -8.12 -4.52
C GLU A 85 -15.37 -9.26 -3.75
N ASN A 86 -14.57 -10.03 -4.44
CA ASN A 86 -13.83 -11.14 -3.85
C ASN A 86 -12.68 -10.63 -2.95
N LEU A 87 -11.97 -9.62 -3.41
CA LEU A 87 -10.92 -8.97 -2.61
C LEU A 87 -11.59 -8.38 -1.37
N ASP A 88 -12.74 -7.77 -1.62
CA ASP A 88 -13.57 -7.15 -0.61
C ASP A 88 -14.12 -8.19 0.36
N ALA A 89 -14.32 -9.38 -0.13
CA ALA A 89 -14.80 -10.49 0.67
C ALA A 89 -13.68 -11.04 1.53
N VAL A 90 -12.49 -11.14 0.95
CA VAL A 90 -11.34 -11.68 1.65
C VAL A 90 -10.77 -10.70 2.72
N GLU A 91 -10.38 -9.50 2.32
CA GLU A 91 -9.77 -8.53 3.26
C GLU A 91 -10.84 -7.83 4.11
N GLY A 92 -12.04 -7.82 3.58
CA GLY A 92 -13.19 -7.14 4.18
C GLY A 92 -13.54 -7.59 5.59
N ASN A 93 -13.02 -8.73 6.01
CA ASN A 93 -13.30 -9.27 7.34
C ASN A 93 -12.93 -8.28 8.43
N GLU A 94 -11.78 -7.62 8.29
CA GLU A 94 -11.35 -6.65 9.30
C GLU A 94 -10.89 -5.32 8.70
N TYR A 95 -10.93 -5.23 7.39
CA TYR A 95 -10.53 -4.02 6.69
C TYR A 95 -11.69 -3.56 5.86
N GLU A 96 -11.61 -2.35 5.36
CA GLU A 96 -12.64 -1.85 4.49
C GLU A 96 -11.99 -1.34 3.23
N ARG A 97 -12.72 -1.37 2.14
CA ARG A 97 -12.20 -0.93 0.89
C ARG A 97 -12.43 0.55 0.76
N VAL A 98 -11.37 1.30 0.76
CA VAL A 98 -11.44 2.72 0.64
C VAL A 98 -10.77 3.17 -0.64
N THR A 99 -11.12 4.32 -1.12
CA THR A 99 -10.55 4.82 -2.35
C THR A 99 -9.38 5.74 -2.03
N VAL A 100 -8.29 5.53 -2.72
CA VAL A 100 -7.06 6.27 -2.48
C VAL A 100 -6.38 6.70 -3.78
N GLY A 101 -5.43 7.59 -3.65
CA GLY A 101 -4.68 8.05 -4.78
C GLY A 101 -3.23 7.63 -4.66
N ILE A 102 -2.73 7.00 -5.68
CA ILE A 102 -1.38 6.49 -5.70
C ILE A 102 -0.58 7.11 -6.83
N VAL A 103 0.72 7.00 -6.75
CA VAL A 103 1.57 7.50 -7.79
C VAL A 103 2.38 6.36 -8.35
N ARG A 104 2.31 6.19 -9.65
CA ARG A 104 3.02 5.15 -10.33
C ARG A 104 4.50 5.47 -10.39
N GLU A 105 5.29 4.64 -9.74
CA GLU A 105 6.74 4.78 -9.77
C GLU A 105 7.26 4.23 -11.09
N ASP A 106 6.32 3.74 -11.85
CA ASP A 106 6.50 3.28 -13.22
C ASP A 106 6.85 4.47 -14.11
N ASN A 107 6.33 5.64 -13.74
CA ASN A 107 6.65 6.86 -14.45
C ASN A 107 6.89 7.97 -13.43
N SER A 108 5.85 8.75 -13.17
CA SER A 108 5.80 9.87 -12.21
C SER A 108 4.35 10.36 -12.22
N GLU A 109 3.46 9.43 -12.53
CA GLU A 109 2.06 9.76 -12.78
C GLU A 109 1.16 9.23 -11.69
N LYS A 110 0.15 9.99 -11.38
CA LYS A 110 -0.77 9.66 -10.29
C LYS A 110 -2.02 8.94 -10.80
N MET A 111 -2.56 8.08 -9.98
CA MET A 111 -3.77 7.32 -10.27
C MET A 111 -4.62 7.15 -9.07
N ALA A 112 -5.84 6.84 -9.31
CA ALA A 112 -6.78 6.57 -8.26
C ALA A 112 -7.04 5.09 -8.22
N VAL A 113 -6.94 4.52 -7.04
CA VAL A 113 -7.12 3.10 -6.85
C VAL A 113 -7.81 2.87 -5.51
N LYS A 114 -8.14 1.66 -5.21
CA LYS A 114 -8.71 1.37 -3.92
C LYS A 114 -7.78 0.49 -3.13
N THR A 115 -7.85 0.56 -1.84
CA THR A 115 -6.99 -0.24 -1.00
C THR A 115 -7.71 -0.57 0.31
N TYR A 116 -7.11 -1.41 1.10
CA TYR A 116 -7.68 -1.87 2.34
C TYR A 116 -6.80 -1.44 3.50
N MET A 117 -7.30 -0.50 4.27
CA MET A 117 -6.58 0.03 5.42
C MET A 117 -7.28 -0.39 6.68
N TRP A 118 -6.55 -0.42 7.76
CA TRP A 118 -7.08 -0.75 9.05
C TRP A 118 -7.98 0.39 9.47
N ILE A 119 -9.23 0.09 9.61
CA ILE A 119 -10.24 1.10 9.82
C ILE A 119 -10.21 1.68 11.22
N ASN A 120 -10.01 0.83 12.21
CA ASN A 120 -9.95 1.29 13.61
C ASN A 120 -8.77 2.24 13.77
N LYS A 121 -7.70 1.93 13.02
CA LYS A 121 -6.41 2.68 12.92
C LYS A 121 -5.64 2.90 14.24
N ALA A 122 -6.34 3.12 15.30
CA ALA A 122 -5.72 3.33 16.58
C ALA A 122 -5.64 2.03 17.36
N ASP A 123 -4.59 1.30 17.10
CA ASP A 123 -4.29 0.08 17.81
C ASP A 123 -2.87 0.06 18.24
N PRO A 124 -2.62 0.26 19.54
CA PRO A 124 -1.26 0.20 20.11
C PRO A 124 -0.66 -1.19 19.93
N ASP A 125 -1.54 -2.15 19.66
CA ASP A 125 -1.17 -3.53 19.45
C ASP A 125 -0.23 -3.67 18.25
N MET A 126 -0.46 -2.87 17.22
CA MET A 126 0.41 -2.90 16.06
C MET A 126 1.27 -1.66 16.00
N PHE A 127 2.53 -1.87 15.69
CA PHE A 127 3.49 -0.80 15.53
C PHE A 127 4.79 -1.38 14.99
N GLY A 128 5.27 -0.80 13.94
CA GLY A 128 6.49 -1.23 13.33
C GLY A 128 6.63 -0.59 12.01
N GLU A 129 7.82 -0.14 11.70
CA GLU A 129 8.07 0.56 10.46
C GLU A 129 8.32 -0.46 9.39
N TRP A 130 7.65 -0.32 8.28
CA TRP A 130 7.88 -1.24 7.21
C TRP A 130 9.17 -0.85 6.49
N ASN A 131 9.80 -1.79 5.81
CA ASN A 131 11.06 -1.50 5.16
C ASN A 131 10.87 -0.76 3.85
N PHE A 132 10.64 0.53 3.97
CA PHE A 132 10.52 1.41 2.84
C PHE A 132 11.89 1.62 2.24
N GLU A 133 12.90 1.61 3.12
CA GLU A 133 14.27 1.72 2.79
C GLU A 133 14.67 0.58 1.84
N GLU A 134 14.11 -0.60 2.08
CA GLU A 134 14.42 -1.76 1.28
C GLU A 134 13.90 -1.55 -0.14
N TRP A 135 12.73 -0.98 -0.28
CA TRP A 135 12.22 -0.69 -1.59
C TRP A 135 12.98 0.47 -2.20
N LYS A 136 13.34 1.45 -1.37
CA LYS A 136 14.11 2.62 -1.84
C LYS A 136 15.45 2.15 -2.44
N ARG A 137 15.95 1.06 -1.89
CA ARG A 137 17.16 0.42 -2.37
C ARG A 137 16.98 -0.08 -3.80
N LEU A 138 15.92 -0.84 -3.97
CA LEU A 138 15.55 -1.45 -5.24
C LEU A 138 14.98 -0.42 -6.19
N HIS A 139 14.62 0.69 -5.63
CA HIS A 139 14.01 1.80 -6.34
C HIS A 139 15.00 2.47 -7.30
N LYS A 140 16.26 2.03 -7.24
CA LYS A 140 17.28 2.45 -8.21
C LYS A 140 16.79 2.13 -9.60
N LYS A 141 16.08 1.01 -9.71
CA LYS A 141 15.60 0.54 -10.97
C LYS A 141 14.69 1.56 -11.66
N LYS A 142 13.88 2.31 -10.89
CA LYS A 142 13.02 3.37 -11.49
C LYS A 142 13.90 4.32 -12.25
N PHE A 143 14.95 4.71 -11.58
CA PHE A 143 15.87 5.67 -12.04
C PHE A 143 16.60 5.12 -13.26
N ILE A 144 16.94 3.84 -13.20
CA ILE A 144 17.64 3.21 -14.30
C ILE A 144 16.70 3.02 -15.47
N GLU A 145 15.46 2.61 -15.22
CA GLU A 145 14.47 2.41 -16.29
C GLU A 145 14.22 3.72 -17.01
N THR A 146 14.28 4.80 -16.26
CA THR A 146 14.13 6.11 -16.82
C THR A 146 15.32 6.39 -17.75
N PHE A 147 16.53 6.13 -17.28
CA PHE A 147 17.73 6.33 -18.07
C PHE A 147 17.87 5.32 -19.17
N LYS A 148 17.35 4.13 -18.95
CA LYS A 148 17.30 3.09 -19.93
C LYS A 148 16.59 3.65 -21.16
N LYS A 149 15.47 4.32 -20.89
CA LYS A 149 14.60 4.90 -21.89
C LYS A 149 15.28 6.11 -22.54
N ILE A 150 16.04 6.85 -21.74
CA ILE A 150 16.77 8.02 -22.23
C ILE A 150 17.88 7.57 -23.19
N MET A 151 18.51 6.44 -22.89
CA MET A 151 19.53 5.90 -23.78
C MET A 151 18.91 5.45 -25.10
N GLU A 152 17.66 4.99 -25.03
CA GLU A 152 16.93 4.60 -26.23
C GLU A 152 16.50 5.83 -27.01
N CYS A 153 16.27 6.91 -26.29
CA CYS A 153 15.89 8.18 -26.88
C CYS A 153 17.08 8.77 -27.64
N LYS A 154 18.28 8.49 -27.15
CA LYS A 154 19.50 8.93 -27.83
C LYS A 154 19.72 8.08 -29.05
N LYS A 155 19.44 6.79 -28.91
CA LYS A 155 19.54 5.79 -29.97
C LYS A 155 18.64 6.19 -31.14
N LYS A 156 17.35 6.29 -30.84
CA LYS A 156 16.33 6.62 -31.82
C LYS A 156 16.39 8.10 -32.18
N PRO A 157 16.78 8.41 -33.43
CA PRO A 157 17.02 9.78 -33.87
C PRO A 157 15.76 10.62 -34.09
N GLN A 158 15.46 11.42 -33.10
CA GLN A 158 14.41 12.43 -33.16
C GLN A 158 14.83 13.59 -32.29
N CYS A 10 -12.67 12.06 -17.61
CA CYS A 10 -13.31 12.20 -16.35
C CYS A 10 -13.77 10.83 -15.89
N SER A 11 -13.80 10.63 -14.60
CA SER A 11 -14.21 9.37 -14.05
C SER A 11 -15.70 9.17 -14.23
N SER A 12 -16.05 8.39 -15.22
CA SER A 12 -17.42 8.11 -15.56
C SER A 12 -18.09 7.30 -14.46
N ASP A 13 -17.28 6.49 -13.76
CA ASP A 13 -17.74 5.64 -12.66
C ASP A 13 -18.84 4.69 -13.12
N SER A 14 -18.41 3.56 -13.60
CA SER A 14 -19.29 2.57 -14.16
C SER A 14 -18.53 1.26 -14.18
N LEU A 15 -19.11 0.22 -14.75
CA LEU A 15 -18.51 -1.06 -14.81
C LEU A 15 -17.39 -1.04 -15.83
N GLN A 16 -16.20 -1.05 -15.32
CA GLN A 16 -14.99 -1.02 -16.08
C GLN A 16 -14.02 -1.97 -15.38
N LEU A 17 -12.78 -2.00 -15.78
CA LEU A 17 -11.82 -2.77 -15.06
C LEU A 17 -11.29 -1.93 -13.93
N HIS A 18 -10.84 -2.56 -12.90
CA HIS A 18 -10.51 -1.85 -11.70
C HIS A 18 -9.05 -1.93 -11.39
N ASN A 19 -8.61 -1.01 -10.58
CA ASN A 19 -7.28 -0.98 -10.07
C ASN A 19 -7.29 -0.76 -8.56
N VAL A 20 -6.64 -1.66 -7.87
CA VAL A 20 -6.63 -1.67 -6.41
C VAL A 20 -5.20 -1.68 -5.89
N PHE A 21 -4.96 -0.94 -4.83
CA PHE A 21 -3.65 -0.89 -4.20
C PHE A 21 -3.61 -1.90 -3.07
N VAL A 22 -2.69 -2.80 -3.13
CA VAL A 22 -2.54 -3.80 -2.12
C VAL A 22 -1.42 -3.42 -1.19
N TYR A 23 -1.59 -3.73 0.07
CA TYR A 23 -0.64 -3.35 1.10
C TYR A 23 0.52 -4.34 1.21
N GLY A 24 0.50 -5.35 0.39
CA GLY A 24 1.56 -6.32 0.44
C GLY A 24 1.03 -7.72 0.46
N SER A 25 -0.21 -7.88 0.91
CA SER A 25 -0.85 -9.19 1.02
C SER A 25 -0.91 -9.90 -0.32
N PHE A 26 -1.12 -9.14 -1.37
CA PHE A 26 -1.27 -9.68 -2.69
C PHE A 26 -0.30 -9.02 -3.65
N GLN A 27 0.90 -8.69 -3.16
CA GLN A 27 1.91 -8.05 -4.01
C GLN A 27 2.58 -9.07 -4.93
N ASP A 28 2.39 -10.34 -4.62
CA ASP A 28 2.96 -11.43 -5.38
C ASP A 28 1.95 -11.92 -6.40
N PRO A 29 2.31 -11.87 -7.69
CA PRO A 29 1.39 -12.25 -8.77
C PRO A 29 0.97 -13.72 -8.76
N ASP A 30 1.82 -14.59 -8.24
CA ASP A 30 1.49 -16.01 -8.18
C ASP A 30 0.37 -16.24 -7.18
N VAL A 31 0.43 -15.49 -6.08
CA VAL A 31 -0.62 -15.50 -5.06
C VAL A 31 -1.94 -15.07 -5.70
N ILE A 32 -1.86 -14.10 -6.58
CA ILE A 32 -3.00 -13.57 -7.28
C ILE A 32 -3.72 -14.68 -8.07
N ASN A 33 -2.96 -15.41 -8.88
CA ASN A 33 -3.49 -16.55 -9.65
C ASN A 33 -4.19 -17.56 -8.78
N VAL A 34 -3.69 -17.72 -7.58
CA VAL A 34 -4.26 -18.68 -6.67
C VAL A 34 -5.50 -18.13 -5.98
N MET A 35 -5.41 -16.89 -5.50
CA MET A 35 -6.48 -16.30 -4.70
C MET A 35 -7.72 -16.10 -5.57
N LEU A 36 -7.55 -15.71 -6.83
CA LEU A 36 -8.68 -15.57 -7.69
C LEU A 36 -8.66 -16.54 -8.84
N ASP A 37 -7.71 -16.37 -9.77
CA ASP A 37 -7.65 -17.21 -10.98
C ASP A 37 -6.56 -16.75 -11.93
N ARG A 38 -6.53 -15.46 -12.20
CA ARG A 38 -5.56 -14.87 -13.15
C ARG A 38 -4.91 -13.68 -12.51
N THR A 39 -3.79 -13.25 -13.07
CA THR A 39 -3.08 -12.12 -12.55
C THR A 39 -3.32 -10.88 -13.41
N PRO A 40 -4.01 -9.86 -12.88
CA PRO A 40 -4.13 -8.53 -13.50
C PRO A 40 -2.77 -7.84 -13.48
N GLU A 41 -2.54 -6.96 -14.41
CA GLU A 41 -1.27 -6.23 -14.51
C GLU A 41 -0.99 -5.48 -13.20
N ILE A 42 0.20 -5.65 -12.68
CA ILE A 42 0.56 -5.08 -11.42
C ILE A 42 1.64 -4.02 -11.61
N VAL A 43 1.51 -2.95 -10.92
CA VAL A 43 2.51 -1.91 -10.91
C VAL A 43 2.83 -1.54 -9.48
N SER A 44 4.05 -1.19 -9.22
CA SER A 44 4.42 -0.70 -7.93
C SER A 44 3.94 0.76 -7.85
N ALA A 45 3.31 1.12 -6.75
CA ALA A 45 2.77 2.45 -6.58
C ALA A 45 3.00 2.96 -5.17
N THR A 46 2.93 4.25 -5.02
CA THR A 46 3.10 4.92 -3.77
C THR A 46 1.78 5.51 -3.29
N LEU A 47 1.40 5.15 -2.09
CA LEU A 47 0.25 5.67 -1.44
C LEU A 47 0.68 6.70 -0.40
N PRO A 48 0.53 7.99 -0.70
CA PRO A 48 0.89 9.06 0.22
C PRO A 48 -0.22 9.30 1.26
N GLY A 49 0.19 9.58 2.47
CA GLY A 49 -0.74 9.86 3.52
C GLY A 49 -1.07 8.64 4.35
N PHE A 50 -0.39 7.55 4.09
CA PHE A 50 -0.64 6.31 4.82
C PHE A 50 0.65 5.60 5.07
N GLN A 51 0.68 4.78 6.08
CA GLN A 51 1.84 4.00 6.38
C GLN A 51 1.43 2.62 6.81
N ARG A 52 2.25 1.64 6.48
CA ARG A 52 1.96 0.29 6.84
C ARG A 52 2.76 -0.14 8.05
N PHE A 53 2.08 -0.70 8.99
CA PHE A 53 2.67 -1.22 10.19
C PHE A 53 2.60 -2.70 10.11
N ARG A 54 3.49 -3.37 10.77
CA ARG A 54 3.65 -4.77 10.53
C ARG A 54 3.94 -5.57 11.76
N LEU A 55 3.79 -6.86 11.59
CA LEU A 55 4.24 -7.87 12.52
C LEU A 55 4.75 -9.01 11.67
N LYS A 56 3.82 -9.73 11.02
CA LYS A 56 4.07 -10.78 10.00
C LYS A 56 2.85 -11.66 9.83
N GLY A 57 2.57 -12.46 10.83
CA GLY A 57 1.46 -13.39 10.76
C GLY A 57 0.39 -13.08 11.75
N ARG A 58 0.77 -12.50 12.88
CA ARG A 58 -0.17 -12.12 13.91
C ARG A 58 -0.94 -11.00 13.30
N LEU A 59 -0.25 -9.99 12.91
CA LEU A 59 -0.86 -8.94 12.21
C LEU A 59 -0.09 -8.70 10.93
N TYR A 60 -0.69 -8.02 10.02
CA TYR A 60 -0.18 -7.89 8.68
C TYR A 60 0.21 -6.45 8.48
N PRO A 61 0.78 -6.06 7.31
CA PRO A 61 1.09 -4.67 7.03
C PRO A 61 -0.19 -3.84 6.91
N CYS A 62 -0.60 -3.32 8.01
CA CYS A 62 -1.82 -2.61 8.10
C CYS A 62 -1.66 -1.17 7.65
N ILE A 63 -2.52 -0.76 6.74
CA ILE A 63 -2.49 0.58 6.20
C ILE A 63 -3.24 1.51 7.11
N VAL A 64 -2.54 2.38 7.74
CA VAL A 64 -3.16 3.37 8.57
C VAL A 64 -2.75 4.75 8.12
N PRO A 65 -3.66 5.72 8.21
CA PRO A 65 -3.38 7.09 7.82
C PRO A 65 -2.26 7.73 8.65
N SER A 66 -1.28 8.23 7.95
CA SER A 66 -0.17 8.93 8.53
C SER A 66 -0.13 10.27 7.86
N GLU A 67 -0.22 11.34 8.63
CA GLU A 67 -0.26 12.68 8.05
C GLU A 67 0.96 12.98 7.18
N LYS A 68 2.08 12.37 7.54
CA LYS A 68 3.27 12.41 6.71
C LYS A 68 3.92 11.03 6.65
N GLY A 69 3.33 10.18 5.85
CA GLY A 69 3.87 8.87 5.62
C GLY A 69 3.48 8.41 4.25
N GLU A 70 4.09 7.37 3.75
CA GLU A 70 3.80 6.87 2.44
C GLU A 70 4.06 5.37 2.35
N VAL A 71 3.20 4.67 1.64
CA VAL A 71 3.35 3.23 1.47
C VAL A 71 3.66 2.95 0.04
N HIS A 72 4.65 2.15 -0.21
CA HIS A 72 4.94 1.75 -1.56
C HIS A 72 4.53 0.32 -1.70
N GLY A 73 3.57 0.09 -2.52
CA GLY A 73 3.04 -1.22 -2.68
C GLY A 73 2.71 -1.48 -4.10
N LYS A 74 1.69 -2.25 -4.34
CA LYS A 74 1.33 -2.65 -5.68
C LYS A 74 -0.09 -2.34 -6.02
N VAL A 75 -0.30 -2.00 -7.25
CA VAL A 75 -1.59 -1.78 -7.81
C VAL A 75 -1.92 -2.89 -8.80
N LEU A 76 -3.05 -3.52 -8.56
CA LEU A 76 -3.57 -4.55 -9.42
C LEU A 76 -4.57 -3.90 -10.35
N MET A 77 -4.24 -3.81 -11.61
CA MET A 77 -5.14 -3.21 -12.57
C MET A 77 -5.56 -4.18 -13.61
N GLY A 78 -6.79 -4.08 -14.01
CA GLY A 78 -7.32 -4.97 -15.01
C GLY A 78 -8.16 -6.05 -14.37
N VAL A 79 -8.52 -5.85 -13.11
CA VAL A 79 -9.33 -6.80 -12.39
C VAL A 79 -10.82 -6.50 -12.68
N THR A 80 -11.64 -7.54 -12.82
CA THR A 80 -13.03 -7.32 -13.17
C THR A 80 -13.87 -6.99 -11.93
N SER A 81 -15.14 -6.67 -12.14
CA SER A 81 -16.04 -6.28 -11.08
C SER A 81 -16.27 -7.39 -10.01
N ASP A 82 -16.49 -8.63 -10.45
CA ASP A 82 -16.73 -9.75 -9.51
C ASP A 82 -15.51 -9.99 -8.63
N GLU A 83 -14.38 -9.82 -9.20
CA GLU A 83 -13.12 -10.01 -8.52
C GLU A 83 -12.83 -8.78 -7.64
N LEU A 84 -13.33 -7.63 -8.06
CA LEU A 84 -13.21 -6.39 -7.30
C LEU A 84 -14.04 -6.49 -6.01
N GLU A 85 -15.22 -7.07 -6.12
CA GLU A 85 -16.06 -7.29 -4.95
C GLU A 85 -15.49 -8.46 -4.12
N ASN A 86 -14.83 -9.39 -4.82
CA ASN A 86 -14.13 -10.54 -4.19
C ASN A 86 -13.11 -10.04 -3.20
N LEU A 87 -12.32 -9.07 -3.63
CA LEU A 87 -11.28 -8.49 -2.81
C LEU A 87 -11.87 -7.85 -1.55
N ASP A 88 -13.06 -7.31 -1.67
CA ASP A 88 -13.76 -6.71 -0.53
C ASP A 88 -14.26 -7.81 0.38
N ALA A 89 -14.68 -8.89 -0.21
CA ALA A 89 -15.16 -10.02 0.53
C ALA A 89 -14.01 -10.68 1.30
N VAL A 90 -12.90 -10.89 0.64
CA VAL A 90 -11.74 -11.55 1.25
C VAL A 90 -11.00 -10.64 2.29
N GLU A 91 -10.56 -9.45 1.88
CA GLU A 91 -9.80 -8.56 2.77
C GLU A 91 -10.73 -7.83 3.75
N GLY A 92 -11.99 -7.72 3.37
CA GLY A 92 -12.99 -6.99 4.15
C GLY A 92 -13.20 -7.50 5.56
N ASN A 93 -12.78 -8.72 5.84
CA ASN A 93 -12.94 -9.26 7.19
C ASN A 93 -12.02 -8.55 8.18
N GLU A 94 -10.82 -8.24 7.75
CA GLU A 94 -9.86 -7.58 8.61
C GLU A 94 -9.73 -6.07 8.28
N TYR A 95 -9.97 -5.73 7.03
CA TYR A 95 -9.78 -4.38 6.51
C TYR A 95 -11.04 -3.83 5.89
N GLU A 96 -11.04 -2.56 5.58
CA GLU A 96 -12.17 -1.92 4.95
C GLU A 96 -11.71 -1.28 3.64
N ARG A 97 -12.62 -1.17 2.67
CA ARG A 97 -12.25 -0.65 1.35
C ARG A 97 -12.35 0.86 1.37
N VAL A 98 -11.27 1.51 1.12
CA VAL A 98 -11.25 2.96 1.06
C VAL A 98 -10.71 3.44 -0.24
N THR A 99 -10.99 4.67 -0.52
CA THR A 99 -10.61 5.24 -1.78
C THR A 99 -9.39 6.17 -1.56
N VAL A 100 -8.35 5.98 -2.36
CA VAL A 100 -7.10 6.71 -2.17
C VAL A 100 -6.47 7.11 -3.51
N GLY A 101 -5.44 7.92 -3.43
CA GLY A 101 -4.70 8.29 -4.59
C GLY A 101 -3.29 7.76 -4.50
N ILE A 102 -2.77 7.27 -5.61
CA ILE A 102 -1.44 6.68 -5.64
C ILE A 102 -0.65 7.19 -6.83
N VAL A 103 0.65 6.99 -6.80
CA VAL A 103 1.53 7.38 -7.89
C VAL A 103 2.36 6.16 -8.25
N ARG A 104 2.44 5.84 -9.52
CA ARG A 104 3.14 4.64 -9.95
C ARG A 104 4.66 4.84 -9.85
N GLU A 105 5.35 3.79 -9.52
CA GLU A 105 6.80 3.81 -9.37
C GLU A 105 7.50 3.53 -10.69
N ASP A 106 6.74 3.13 -11.68
CA ASP A 106 7.31 2.78 -12.97
C ASP A 106 7.64 4.01 -13.79
N ASN A 107 6.69 4.93 -13.89
CA ASN A 107 6.94 6.20 -14.62
C ASN A 107 6.19 7.38 -14.02
N SER A 108 5.84 7.25 -12.73
CA SER A 108 5.30 8.36 -11.92
C SER A 108 3.91 8.89 -12.33
N GLU A 109 3.08 8.07 -12.94
CA GLU A 109 1.71 8.51 -13.22
C GLU A 109 0.90 8.44 -11.96
N LYS A 110 0.05 9.40 -11.75
CA LYS A 110 -0.78 9.42 -10.56
C LYS A 110 -2.16 8.87 -10.90
N MET A 111 -2.69 8.09 -10.00
CA MET A 111 -3.98 7.43 -10.20
C MET A 111 -4.76 7.39 -8.96
N ALA A 112 -5.98 7.13 -9.13
CA ALA A 112 -6.91 7.01 -8.05
C ALA A 112 -7.35 5.57 -7.96
N VAL A 113 -7.15 4.97 -6.82
CA VAL A 113 -7.44 3.56 -6.66
C VAL A 113 -8.12 3.30 -5.32
N LYS A 114 -8.53 2.08 -5.14
CA LYS A 114 -9.10 1.66 -3.88
C LYS A 114 -8.07 0.84 -3.16
N THR A 115 -8.12 0.84 -1.86
CA THR A 115 -7.21 0.06 -1.09
C THR A 115 -7.91 -0.41 0.17
N TYR A 116 -7.28 -1.25 0.91
CA TYR A 116 -7.83 -1.77 2.11
C TYR A 116 -7.08 -1.25 3.30
N MET A 117 -7.73 -0.44 4.05
CA MET A 117 -7.14 0.27 5.15
C MET A 117 -7.56 -0.33 6.47
N TRP A 118 -6.66 -0.27 7.43
CA TRP A 118 -6.83 -0.87 8.72
C TRP A 118 -7.83 -0.09 9.53
N ILE A 119 -8.91 -0.77 9.83
CA ILE A 119 -10.07 -0.22 10.47
C ILE A 119 -9.76 0.43 11.82
N ASN A 120 -8.92 -0.19 12.61
CA ASN A 120 -8.56 0.39 13.88
C ASN A 120 -7.37 1.29 13.73
N LYS A 121 -7.64 2.55 13.48
CA LYS A 121 -6.59 3.55 13.30
C LYS A 121 -5.77 3.70 14.56
N ALA A 122 -6.41 3.49 15.69
CA ALA A 122 -5.75 3.49 16.95
C ALA A 122 -5.66 2.05 17.46
N ASP A 123 -4.63 1.38 17.03
CA ASP A 123 -4.40 0.00 17.41
C ASP A 123 -3.06 -0.10 18.08
N PRO A 124 -3.03 -0.58 19.32
CA PRO A 124 -1.80 -0.64 20.12
C PRO A 124 -0.94 -1.88 19.85
N ASP A 125 -1.37 -2.73 18.95
CA ASP A 125 -0.65 -3.97 18.73
C ASP A 125 0.10 -3.98 17.41
N MET A 126 -0.34 -3.17 16.47
CA MET A 126 0.32 -3.11 15.16
C MET A 126 1.63 -2.30 15.22
N PHE A 127 2.00 -1.81 16.40
CA PHE A 127 3.20 -1.02 16.54
C PHE A 127 4.47 -1.78 16.15
N GLY A 128 5.05 -1.29 15.12
CA GLY A 128 6.18 -1.87 14.50
C GLY A 128 6.06 -1.56 13.06
N GLU A 129 6.75 -0.56 12.64
CA GLU A 129 6.57 -0.03 11.32
C GLU A 129 7.48 -0.76 10.37
N TRP A 130 7.04 -0.94 9.15
CA TRP A 130 7.83 -1.64 8.17
C TRP A 130 9.04 -0.80 7.84
N ASN A 131 10.21 -1.42 7.78
CA ASN A 131 11.48 -0.72 7.51
C ASN A 131 11.52 -0.11 6.13
N PHE A 132 11.01 1.09 6.07
CA PHE A 132 10.85 1.84 4.91
C PHE A 132 12.16 2.37 4.37
N GLU A 133 13.08 2.73 5.27
CA GLU A 133 14.34 3.35 4.86
C GLU A 133 15.16 2.40 3.99
N GLU A 134 15.03 1.10 4.24
CA GLU A 134 15.70 0.11 3.43
C GLU A 134 15.13 0.08 2.00
N TRP A 135 13.84 0.28 1.88
CA TRP A 135 13.24 0.32 0.55
C TRP A 135 13.62 1.62 -0.12
N LYS A 136 13.67 2.67 0.67
CA LYS A 136 14.07 3.99 0.22
C LYS A 136 15.51 3.94 -0.34
N ARG A 137 16.31 3.05 0.23
CA ARG A 137 17.67 2.76 -0.23
C ARG A 137 17.69 2.36 -1.72
N LEU A 138 16.86 1.41 -2.10
CA LEU A 138 16.80 0.96 -3.49
C LEU A 138 15.91 1.86 -4.31
N HIS A 139 15.10 2.64 -3.62
CA HIS A 139 14.14 3.56 -4.24
C HIS A 139 14.85 4.67 -5.04
N LYS A 140 16.15 4.86 -4.78
CA LYS A 140 16.96 5.86 -5.51
C LYS A 140 16.85 5.62 -7.00
N LYS A 141 16.77 4.34 -7.36
CA LYS A 141 16.76 3.87 -8.74
C LYS A 141 15.66 4.59 -9.56
N LYS A 142 14.52 4.87 -8.92
CA LYS A 142 13.39 5.53 -9.59
C LYS A 142 13.80 6.95 -10.04
N PHE A 143 14.51 7.66 -9.17
CA PHE A 143 14.95 9.02 -9.47
C PHE A 143 16.08 8.97 -10.46
N ILE A 144 16.86 7.90 -10.38
CA ILE A 144 17.97 7.68 -11.27
C ILE A 144 17.49 7.63 -12.72
N GLU A 145 16.28 7.12 -12.94
CA GLU A 145 15.70 7.11 -14.29
C GLU A 145 15.52 8.53 -14.82
N THR A 146 15.18 9.44 -13.94
CA THR A 146 15.02 10.82 -14.29
C THR A 146 16.41 11.43 -14.53
N PHE A 147 17.31 11.17 -13.60
CA PHE A 147 18.68 11.66 -13.70
C PHE A 147 19.45 11.06 -14.84
N LYS A 148 19.11 9.85 -15.20
CA LYS A 148 19.73 9.13 -16.30
C LYS A 148 19.70 9.98 -17.56
N LYS A 149 18.56 10.55 -17.84
CA LYS A 149 18.37 11.35 -19.02
C LYS A 149 19.14 12.66 -18.84
N ILE A 150 19.10 13.20 -17.66
CA ILE A 150 19.76 14.46 -17.35
C ILE A 150 21.31 14.35 -17.42
N MET A 151 21.85 13.37 -16.71
CA MET A 151 23.30 13.22 -16.60
C MET A 151 23.95 12.63 -17.84
N GLU A 152 23.33 11.63 -18.46
CA GLU A 152 23.92 11.00 -19.66
C GLU A 152 24.06 11.97 -20.80
N CYS A 153 23.17 12.93 -20.88
CA CYS A 153 23.23 13.93 -21.92
C CYS A 153 24.39 14.91 -21.70
N LYS A 154 24.77 15.14 -20.46
CA LYS A 154 25.92 15.97 -20.15
C LYS A 154 27.19 15.16 -20.40
N LYS A 155 27.10 13.91 -20.01
CA LYS A 155 28.16 12.91 -20.15
C LYS A 155 28.46 12.66 -21.64
N LYS A 156 27.41 12.46 -22.42
CA LYS A 156 27.50 12.30 -23.85
C LYS A 156 26.42 13.17 -24.49
N PRO A 157 26.81 14.35 -25.01
CA PRO A 157 25.88 15.35 -25.56
C PRO A 157 24.95 14.80 -26.64
N GLN A 158 25.46 13.93 -27.47
CA GLN A 158 24.67 13.34 -28.51
C GLN A 158 23.81 12.21 -27.96
N CYS A 10 -24.70 8.77 -14.87
CA CYS A 10 -24.41 7.79 -13.87
C CYS A 10 -23.04 7.13 -14.02
N SER A 11 -22.11 7.63 -13.25
CA SER A 11 -20.76 7.10 -13.16
C SER A 11 -20.30 7.17 -11.71
N SER A 12 -21.28 7.31 -10.83
CA SER A 12 -21.07 7.47 -9.42
C SER A 12 -20.59 6.18 -8.75
N ASP A 13 -20.81 5.06 -9.40
CA ASP A 13 -20.34 3.77 -8.90
C ASP A 13 -18.98 3.47 -9.47
N SER A 14 -18.44 2.35 -9.13
CA SER A 14 -17.16 1.97 -9.64
C SER A 14 -17.36 1.05 -10.85
N LEU A 15 -17.31 1.62 -12.03
CA LEU A 15 -17.46 0.89 -13.24
C LEU A 15 -16.12 0.61 -13.86
N GLN A 16 -16.15 -0.09 -15.01
CA GLN A 16 -14.96 -0.45 -15.80
C GLN A 16 -14.11 -1.44 -15.01
N LEU A 17 -12.90 -1.66 -15.45
CA LEU A 17 -12.01 -2.51 -14.73
C LEU A 17 -11.41 -1.72 -13.59
N HIS A 18 -11.03 -2.38 -12.56
CA HIS A 18 -10.64 -1.72 -11.35
C HIS A 18 -9.19 -1.95 -11.10
N ASN A 19 -8.62 -1.11 -10.31
CA ASN A 19 -7.26 -1.22 -9.92
C ASN A 19 -7.13 -1.10 -8.41
N VAL A 20 -6.37 -1.99 -7.84
CA VAL A 20 -6.24 -2.10 -6.40
C VAL A 20 -4.77 -2.09 -6.00
N PHE A 21 -4.47 -1.41 -4.93
CA PHE A 21 -3.14 -1.34 -4.40
C PHE A 21 -3.00 -2.41 -3.33
N VAL A 22 -2.04 -3.30 -3.50
CA VAL A 22 -1.82 -4.37 -2.55
C VAL A 22 -0.90 -3.93 -1.45
N TYR A 23 -1.17 -4.40 -0.25
CA TYR A 23 -0.53 -3.87 0.91
C TYR A 23 0.24 -4.90 1.74
N GLY A 24 0.21 -6.15 1.36
CA GLY A 24 0.92 -7.16 2.13
C GLY A 24 0.44 -8.55 1.84
N SER A 25 -0.78 -8.84 2.21
CA SER A 25 -1.39 -10.15 2.04
C SER A 25 -1.40 -10.59 0.57
N PHE A 26 -1.57 -9.63 -0.31
CA PHE A 26 -1.58 -9.89 -1.73
C PHE A 26 -0.46 -9.14 -2.41
N GLN A 27 0.61 -8.85 -1.68
CA GLN A 27 1.75 -8.08 -2.19
C GLN A 27 2.68 -8.96 -3.08
N ASP A 28 2.15 -10.10 -3.47
CA ASP A 28 2.84 -11.03 -4.32
C ASP A 28 1.85 -11.55 -5.37
N PRO A 29 2.20 -11.50 -6.66
CA PRO A 29 1.31 -11.91 -7.75
C PRO A 29 0.88 -13.37 -7.71
N ASP A 30 1.74 -14.24 -7.20
CA ASP A 30 1.43 -15.68 -7.15
C ASP A 30 0.31 -15.92 -6.17
N VAL A 31 0.33 -15.18 -5.08
CA VAL A 31 -0.70 -15.25 -4.07
C VAL A 31 -2.04 -14.78 -4.67
N ILE A 32 -1.96 -13.74 -5.50
CA ILE A 32 -3.11 -13.21 -6.21
C ILE A 32 -3.67 -14.26 -7.14
N ASN A 33 -2.79 -14.79 -7.88
CA ASN A 33 -3.05 -15.71 -8.94
C ASN A 33 -3.87 -16.91 -8.46
N VAL A 34 -3.50 -17.42 -7.31
CA VAL A 34 -4.19 -18.56 -6.74
C VAL A 34 -5.48 -18.14 -5.99
N MET A 35 -5.47 -16.94 -5.40
CA MET A 35 -6.59 -16.52 -4.56
C MET A 35 -7.84 -16.23 -5.41
N LEU A 36 -7.65 -15.66 -6.59
CA LEU A 36 -8.79 -15.39 -7.45
C LEU A 36 -8.85 -16.26 -8.67
N ASP A 37 -7.95 -16.04 -9.63
CA ASP A 37 -7.99 -16.76 -10.93
C ASP A 37 -6.90 -16.22 -11.83
N ARG A 38 -6.82 -14.91 -11.88
CA ARG A 38 -5.86 -14.25 -12.74
C ARG A 38 -4.94 -13.40 -11.91
N THR A 39 -3.97 -12.80 -12.54
CA THR A 39 -3.16 -11.81 -11.93
C THR A 39 -3.27 -10.55 -12.79
N PRO A 40 -4.09 -9.58 -12.35
CA PRO A 40 -4.28 -8.32 -13.09
C PRO A 40 -2.96 -7.57 -13.26
N GLU A 41 -2.87 -6.78 -14.33
CA GLU A 41 -1.65 -6.08 -14.71
C GLU A 41 -1.14 -5.18 -13.58
N ILE A 42 0.07 -5.43 -13.19
CA ILE A 42 0.64 -4.76 -12.04
C ILE A 42 1.49 -3.58 -12.48
N VAL A 43 1.38 -2.54 -11.73
CA VAL A 43 2.21 -1.39 -11.90
C VAL A 43 2.78 -1.03 -10.53
N SER A 44 3.97 -0.54 -10.51
CA SER A 44 4.59 -0.14 -9.31
C SER A 44 4.09 1.25 -8.93
N ALA A 45 3.55 1.38 -7.75
CA ALA A 45 2.99 2.64 -7.31
C ALA A 45 3.23 2.88 -5.85
N THR A 46 3.16 4.11 -5.47
CA THR A 46 3.34 4.53 -4.12
C THR A 46 2.06 5.18 -3.60
N LEU A 47 1.67 4.78 -2.42
CA LEU A 47 0.53 5.34 -1.75
C LEU A 47 1.00 6.31 -0.66
N PRO A 48 0.95 7.61 -0.93
CA PRO A 48 1.36 8.62 0.02
C PRO A 48 0.22 8.99 0.96
N GLY A 49 0.57 9.28 2.20
CA GLY A 49 -0.43 9.66 3.17
C GLY A 49 -0.91 8.47 3.94
N PHE A 50 -0.22 7.37 3.79
CA PHE A 50 -0.55 6.11 4.44
C PHE A 50 0.72 5.40 4.79
N GLN A 51 0.69 4.53 5.74
CA GLN A 51 1.90 3.86 6.16
C GLN A 51 1.60 2.40 6.40
N ARG A 52 2.58 1.58 6.10
CA ARG A 52 2.46 0.17 6.23
C ARG A 52 2.88 -0.32 7.59
N PHE A 53 2.02 -1.06 8.21
CA PHE A 53 2.29 -1.70 9.47
C PHE A 53 2.38 -3.17 9.20
N ARG A 54 3.36 -3.83 9.75
CA ARG A 54 3.58 -5.25 9.50
C ARG A 54 3.17 -6.10 10.66
N LEU A 55 3.07 -7.40 10.42
CA LEU A 55 2.75 -8.32 11.48
C LEU A 55 4.01 -8.52 12.30
N LYS A 56 4.21 -7.62 13.21
CA LYS A 56 5.34 -7.63 14.09
C LYS A 56 4.82 -7.63 15.54
N GLY A 57 3.51 -7.52 15.63
CA GLY A 57 2.80 -7.60 16.87
C GLY A 57 1.77 -8.69 16.76
N ARG A 58 0.57 -8.46 17.24
CA ARG A 58 -0.48 -9.46 17.09
C ARG A 58 -1.44 -9.14 15.94
N LEU A 59 -1.14 -8.10 15.19
CA LEU A 59 -2.01 -7.70 14.12
C LEU A 59 -1.35 -7.94 12.78
N TYR A 60 -2.17 -7.94 11.74
CA TYR A 60 -1.76 -8.28 10.38
C TYR A 60 -0.97 -7.12 9.77
N PRO A 61 -0.32 -7.33 8.59
CA PRO A 61 0.34 -6.26 7.90
C PRO A 61 -0.69 -5.34 7.24
N CYS A 62 -1.16 -4.38 7.98
CA CYS A 62 -2.20 -3.48 7.55
C CYS A 62 -1.63 -2.14 7.03
N ILE A 63 -2.53 -1.25 6.64
CA ILE A 63 -2.22 0.10 6.15
C ILE A 63 -3.13 1.05 6.88
N VAL A 64 -2.65 2.21 7.24
CA VAL A 64 -3.49 3.23 7.86
C VAL A 64 -3.01 4.60 7.38
N PRO A 65 -3.90 5.62 7.39
CA PRO A 65 -3.53 7.00 7.02
C PRO A 65 -2.45 7.57 7.95
N SER A 66 -1.40 8.09 7.36
CA SER A 66 -0.32 8.65 8.11
C SER A 66 -0.05 10.08 7.65
N GLU A 67 0.34 10.93 8.58
CA GLU A 67 0.74 12.28 8.25
C GLU A 67 2.10 12.23 7.58
N LYS A 68 2.91 11.30 8.04
CA LYS A 68 4.23 11.11 7.51
C LYS A 68 4.46 9.67 7.16
N GLY A 69 3.90 9.29 6.05
CA GLY A 69 4.09 7.97 5.56
C GLY A 69 3.68 7.85 4.12
N GLU A 70 4.32 6.95 3.45
CA GLU A 70 4.03 6.60 2.10
C GLU A 70 4.42 5.15 1.88
N VAL A 71 3.61 4.42 1.18
CA VAL A 71 3.82 3.00 1.00
C VAL A 71 4.11 2.69 -0.45
N HIS A 72 5.26 2.14 -0.71
CA HIS A 72 5.62 1.74 -2.06
C HIS A 72 5.21 0.30 -2.25
N GLY A 73 4.29 0.07 -3.17
CA GLY A 73 3.78 -1.25 -3.39
C GLY A 73 3.40 -1.48 -4.82
N LYS A 74 2.38 -2.29 -5.02
CA LYS A 74 1.97 -2.66 -6.36
C LYS A 74 0.49 -2.40 -6.57
N VAL A 75 0.15 -1.94 -7.74
CA VAL A 75 -1.23 -1.76 -8.14
C VAL A 75 -1.58 -2.75 -9.22
N LEU A 76 -2.66 -3.44 -9.01
CA LEU A 76 -3.15 -4.38 -9.96
C LEU A 76 -4.36 -3.85 -10.66
N MET A 77 -4.18 -3.64 -11.93
CA MET A 77 -5.16 -3.09 -12.80
C MET A 77 -5.78 -4.15 -13.66
N GLY A 78 -7.04 -4.02 -13.94
CA GLY A 78 -7.70 -4.98 -14.77
C GLY A 78 -8.61 -5.87 -13.98
N VAL A 79 -8.81 -5.53 -12.74
CA VAL A 79 -9.67 -6.29 -11.85
C VAL A 79 -11.10 -6.14 -12.31
N THR A 80 -11.77 -7.23 -12.50
CA THR A 80 -13.15 -7.18 -12.87
C THR A 80 -13.98 -6.98 -11.61
N SER A 81 -15.25 -6.66 -11.76
CA SER A 81 -16.12 -6.44 -10.61
C SER A 81 -16.12 -7.65 -9.68
N ASP A 82 -16.24 -8.84 -10.26
CA ASP A 82 -16.32 -10.09 -9.49
C ASP A 82 -15.11 -10.28 -8.59
N GLU A 83 -13.95 -9.99 -9.11
CA GLU A 83 -12.68 -10.12 -8.38
C GLU A 83 -12.57 -8.98 -7.34
N LEU A 84 -12.99 -7.77 -7.73
CA LEU A 84 -13.03 -6.62 -6.80
C LEU A 84 -13.89 -6.97 -5.58
N GLU A 85 -15.08 -7.47 -5.86
CA GLU A 85 -16.04 -7.86 -4.83
C GLU A 85 -15.49 -9.04 -4.03
N ASN A 86 -14.67 -9.85 -4.68
CA ASN A 86 -13.99 -10.99 -4.07
C ASN A 86 -12.88 -10.54 -3.11
N LEU A 87 -12.08 -9.58 -3.52
CA LEU A 87 -11.05 -9.02 -2.67
C LEU A 87 -11.72 -8.37 -1.47
N ASP A 88 -12.82 -7.70 -1.76
CA ASP A 88 -13.65 -7.05 -0.75
C ASP A 88 -14.30 -8.08 0.17
N ALA A 89 -14.54 -9.25 -0.35
CA ALA A 89 -15.12 -10.31 0.44
C ALA A 89 -14.09 -10.90 1.38
N VAL A 90 -12.91 -11.15 0.85
CA VAL A 90 -11.84 -11.76 1.61
C VAL A 90 -11.24 -10.79 2.66
N GLU A 91 -10.74 -9.64 2.21
CA GLU A 91 -10.11 -8.66 3.10
C GLU A 91 -11.12 -7.81 3.85
N GLY A 92 -12.30 -7.68 3.28
CA GLY A 92 -13.35 -6.83 3.82
C GLY A 92 -13.87 -7.27 5.18
N ASN A 93 -13.58 -8.48 5.56
CA ASN A 93 -14.03 -9.01 6.84
C ASN A 93 -13.36 -8.28 8.03
N GLU A 94 -12.12 -7.82 7.84
CA GLU A 94 -11.44 -7.04 8.91
C GLU A 94 -10.91 -5.68 8.38
N TYR A 95 -11.13 -5.43 7.11
CA TYR A 95 -10.68 -4.19 6.44
C TYR A 95 -11.81 -3.58 5.64
N GLU A 96 -11.63 -2.36 5.19
CA GLU A 96 -12.60 -1.73 4.33
C GLU A 96 -11.94 -1.27 3.07
N ARG A 97 -12.69 -1.27 2.00
CA ARG A 97 -12.17 -0.90 0.73
C ARG A 97 -12.32 0.59 0.57
N VAL A 98 -11.23 1.28 0.52
CA VAL A 98 -11.24 2.70 0.33
C VAL A 98 -10.60 3.08 -0.93
N THR A 99 -10.89 4.26 -1.37
CA THR A 99 -10.38 4.72 -2.61
C THR A 99 -9.31 5.77 -2.33
N VAL A 100 -8.14 5.55 -2.85
CA VAL A 100 -6.99 6.38 -2.55
C VAL A 100 -6.29 6.83 -3.83
N GLY A 101 -5.37 7.73 -3.68
CA GLY A 101 -4.60 8.19 -4.79
C GLY A 101 -3.17 7.74 -4.68
N ILE A 102 -2.73 6.99 -5.63
CA ILE A 102 -1.38 6.47 -5.64
C ILE A 102 -0.59 7.12 -6.75
N VAL A 103 0.69 6.98 -6.71
CA VAL A 103 1.55 7.58 -7.69
C VAL A 103 2.38 6.50 -8.35
N ARG A 104 2.29 6.46 -9.64
CA ARG A 104 2.97 5.49 -10.46
C ARG A 104 4.47 5.77 -10.52
N GLU A 105 5.26 4.80 -10.08
CA GLU A 105 6.73 4.91 -10.00
C GLU A 105 7.36 5.15 -11.38
N ASP A 106 6.64 4.75 -12.42
CA ASP A 106 7.14 4.90 -13.79
C ASP A 106 7.30 6.35 -14.18
N ASN A 107 6.23 7.10 -14.11
CA ASN A 107 6.22 8.46 -14.68
C ASN A 107 5.78 9.52 -13.68
N SER A 108 5.62 9.12 -12.43
CA SER A 108 5.28 10.01 -11.31
C SER A 108 3.83 10.53 -11.39
N GLU A 109 3.03 9.92 -12.25
CA GLU A 109 1.63 10.31 -12.36
C GLU A 109 0.80 9.65 -11.30
N LYS A 110 -0.20 10.34 -10.87
CA LYS A 110 -1.07 9.86 -9.84
C LYS A 110 -2.25 9.13 -10.46
N MET A 111 -2.71 8.14 -9.77
CA MET A 111 -3.86 7.35 -10.19
C MET A 111 -4.75 7.12 -9.03
N ALA A 112 -5.94 6.79 -9.30
CA ALA A 112 -6.91 6.55 -8.28
C ALA A 112 -7.22 5.09 -8.21
N VAL A 113 -6.91 4.48 -7.09
CA VAL A 113 -7.10 3.06 -6.93
C VAL A 113 -7.82 2.78 -5.62
N LYS A 114 -8.16 1.53 -5.42
CA LYS A 114 -8.77 1.10 -4.18
C LYS A 114 -7.75 0.32 -3.38
N THR A 115 -7.86 0.37 -2.08
CA THR A 115 -6.95 -0.36 -1.22
C THR A 115 -7.65 -0.67 0.11
N TYR A 116 -7.02 -1.46 0.94
CA TYR A 116 -7.60 -1.90 2.18
C TYR A 116 -6.76 -1.44 3.36
N MET A 117 -7.31 -0.50 4.09
CA MET A 117 -6.64 0.04 5.27
C MET A 117 -7.34 -0.48 6.50
N TRP A 118 -6.64 -0.48 7.60
CA TRP A 118 -7.15 -0.94 8.85
C TRP A 118 -8.25 0.03 9.33
N ILE A 119 -9.28 -0.51 9.95
CA ILE A 119 -10.48 0.26 10.27
C ILE A 119 -10.27 1.26 11.42
N ASN A 120 -9.58 0.85 12.45
CA ASN A 120 -9.50 1.67 13.65
C ASN A 120 -8.35 2.66 13.64
N LYS A 121 -7.19 2.23 13.17
CA LYS A 121 -5.95 3.07 13.07
C LYS A 121 -5.42 3.72 14.37
N ALA A 122 -6.08 3.49 15.48
CA ALA A 122 -5.62 4.01 16.76
C ALA A 122 -5.06 2.87 17.60
N ASP A 123 -4.92 1.74 16.95
CA ASP A 123 -4.49 0.47 17.55
C ASP A 123 -3.05 0.54 17.99
N PRO A 124 -2.78 0.28 19.27
CA PRO A 124 -1.42 0.27 19.81
C PRO A 124 -0.71 -1.06 19.57
N ASP A 125 -1.46 -2.03 19.07
CA ASP A 125 -0.96 -3.39 18.86
C ASP A 125 -0.39 -3.61 17.47
N MET A 126 -0.46 -2.61 16.63
CA MET A 126 0.15 -2.72 15.32
C MET A 126 1.44 -1.95 15.32
N PHE A 127 2.44 -2.47 14.64
CA PHE A 127 3.73 -1.83 14.64
C PHE A 127 4.23 -1.70 13.22
N GLY A 128 4.71 -0.53 12.89
CA GLY A 128 5.24 -0.29 11.57
C GLY A 128 6.66 -0.77 11.46
N GLU A 129 6.87 -2.01 11.81
CA GLU A 129 8.19 -2.56 11.82
C GLU A 129 8.26 -3.79 10.96
N TRP A 130 9.17 -3.75 10.09
CA TRP A 130 9.53 -4.78 9.19
C TRP A 130 11.03 -4.85 9.36
N ASN A 131 11.69 -5.93 9.05
CA ASN A 131 13.17 -6.02 9.25
C ASN A 131 13.89 -4.82 8.60
N PHE A 132 13.49 -4.47 7.38
CA PHE A 132 14.06 -3.32 6.68
C PHE A 132 13.55 -1.99 7.25
N GLU A 133 12.26 -1.95 7.61
CA GLU A 133 11.65 -0.75 8.21
C GLU A 133 12.27 -0.44 9.56
N GLU A 134 12.76 -1.46 10.23
CA GLU A 134 13.44 -1.30 11.50
C GLU A 134 14.72 -0.48 11.30
N TRP A 135 15.39 -0.70 10.19
CA TRP A 135 16.57 0.08 9.90
C TRP A 135 16.17 1.49 9.48
N LYS A 136 15.02 1.57 8.79
CA LYS A 136 14.42 2.87 8.41
C LYS A 136 14.18 3.68 9.69
N ARG A 137 13.64 3.00 10.69
CA ARG A 137 13.42 3.51 12.02
C ARG A 137 14.68 4.10 12.63
N LEU A 138 15.73 3.34 12.60
CA LEU A 138 16.98 3.73 13.24
C LEU A 138 17.75 4.75 12.40
N HIS A 139 17.51 4.71 11.12
CA HIS A 139 18.05 5.73 10.21
C HIS A 139 17.35 7.05 10.50
N LYS A 140 16.06 6.98 10.77
CA LYS A 140 15.28 8.13 11.14
C LYS A 140 15.69 8.61 12.52
N LYS A 141 15.99 7.66 13.40
CA LYS A 141 16.37 7.91 14.80
C LYS A 141 17.52 8.92 14.92
N LYS A 142 18.42 8.93 13.93
CA LYS A 142 19.53 9.89 13.95
C LYS A 142 18.98 11.29 13.79
N PHE A 143 18.01 11.41 12.93
CA PHE A 143 17.40 12.65 12.61
C PHE A 143 16.47 13.05 13.76
N ILE A 144 15.90 12.03 14.37
CA ILE A 144 15.03 12.19 15.51
C ILE A 144 15.71 12.91 16.67
N GLU A 145 17.02 12.73 16.83
CA GLU A 145 17.75 13.42 17.91
C GLU A 145 17.48 14.95 17.90
N THR A 146 17.54 15.56 16.72
CA THR A 146 17.27 16.99 16.63
C THR A 146 15.75 17.24 16.65
N PHE A 147 15.02 16.27 16.15
CA PHE A 147 13.60 16.41 15.99
C PHE A 147 12.88 16.28 17.32
N LYS A 148 13.47 15.52 18.21
CA LYS A 148 12.98 15.29 19.56
C LYS A 148 12.87 16.63 20.30
N LYS A 149 13.82 17.52 20.05
CA LYS A 149 13.80 18.84 20.65
C LYS A 149 12.74 19.71 19.99
N ILE A 150 12.60 19.56 18.68
CA ILE A 150 11.58 20.27 17.91
C ILE A 150 10.20 19.82 18.36
N MET A 151 10.08 18.53 18.62
CA MET A 151 8.86 17.90 19.03
C MET A 151 8.34 18.48 20.34
N GLU A 152 9.24 18.92 21.20
CA GLU A 152 8.85 19.54 22.48
C GLU A 152 8.11 20.83 22.22
N CYS A 153 8.55 21.53 21.21
CA CYS A 153 7.95 22.78 20.80
C CYS A 153 6.58 22.51 20.14
N LYS A 154 6.49 21.40 19.43
CA LYS A 154 5.28 21.05 18.69
C LYS A 154 4.22 20.42 19.59
N LYS A 155 4.64 19.51 20.43
CA LYS A 155 3.76 18.76 21.28
C LYS A 155 4.50 18.39 22.55
N LYS A 156 4.24 19.13 23.59
CA LYS A 156 4.88 18.91 24.87
C LYS A 156 4.39 17.58 25.46
N PRO A 157 5.24 16.86 26.20
CA PRO A 157 4.86 15.60 26.85
C PRO A 157 3.73 15.80 27.85
N GLN A 158 2.54 15.51 27.41
CA GLN A 158 1.33 15.63 28.19
C GLN A 158 0.44 14.46 27.87
N CYS A 10 -20.07 6.45 -26.00
CA CYS A 10 -19.40 6.32 -24.76
C CYS A 10 -20.26 5.44 -23.89
N SER A 11 -19.89 4.19 -23.73
CA SER A 11 -20.66 3.27 -22.96
C SER A 11 -19.82 2.10 -22.44
N SER A 12 -19.16 2.32 -21.33
CA SER A 12 -18.48 1.25 -20.62
C SER A 12 -19.51 0.65 -19.65
N ASP A 13 -20.38 1.54 -19.18
CA ASP A 13 -21.52 1.26 -18.32
C ASP A 13 -21.14 0.63 -16.98
N SER A 14 -21.04 -0.68 -16.95
CA SER A 14 -20.69 -1.36 -15.72
C SER A 14 -19.53 -2.32 -16.00
N LEU A 15 -19.07 -2.31 -17.23
CA LEU A 15 -17.99 -3.10 -17.63
C LEU A 15 -16.73 -2.28 -17.69
N GLN A 16 -16.03 -2.23 -16.59
CA GLN A 16 -14.76 -1.54 -16.49
C GLN A 16 -13.89 -2.30 -15.56
N LEU A 17 -12.63 -2.32 -15.84
CA LEU A 17 -11.71 -2.93 -14.95
C LEU A 17 -11.36 -1.99 -13.85
N HIS A 18 -10.97 -2.54 -12.76
CA HIS A 18 -10.72 -1.78 -11.57
C HIS A 18 -9.28 -1.86 -11.22
N ASN A 19 -8.84 -0.93 -10.41
CA ASN A 19 -7.49 -0.93 -9.94
C ASN A 19 -7.45 -0.75 -8.42
N VAL A 20 -6.79 -1.67 -7.78
CA VAL A 20 -6.74 -1.74 -6.32
C VAL A 20 -5.30 -1.75 -5.84
N PHE A 21 -5.03 -1.09 -4.76
CA PHE A 21 -3.71 -1.05 -4.18
C PHE A 21 -3.62 -2.12 -3.10
N VAL A 22 -2.66 -3.00 -3.25
CA VAL A 22 -2.47 -4.05 -2.29
C VAL A 22 -1.29 -3.70 -1.39
N TYR A 23 -1.45 -3.94 -0.12
CA TYR A 23 -0.44 -3.58 0.86
C TYR A 23 0.62 -4.66 1.05
N GLY A 24 0.27 -5.91 0.85
CA GLY A 24 1.25 -6.96 1.06
C GLY A 24 0.62 -8.33 1.20
N SER A 25 -0.64 -8.35 1.55
CA SER A 25 -1.39 -9.59 1.70
C SER A 25 -1.49 -10.36 0.36
N PHE A 26 -1.46 -9.62 -0.72
CA PHE A 26 -1.54 -10.17 -2.07
C PHE A 26 -0.57 -9.41 -2.97
N GLN A 27 0.68 -9.38 -2.59
CA GLN A 27 1.66 -8.61 -3.34
C GLN A 27 2.30 -9.41 -4.47
N ASP A 28 2.24 -10.71 -4.36
CA ASP A 28 2.83 -11.56 -5.37
C ASP A 28 1.79 -11.99 -6.39
N PRO A 29 2.07 -11.83 -7.69
CA PRO A 29 1.12 -12.15 -8.76
C PRO A 29 0.80 -13.64 -8.85
N ASP A 30 1.69 -14.49 -8.39
CA ASP A 30 1.48 -15.91 -8.52
C ASP A 30 0.41 -16.39 -7.55
N VAL A 31 0.28 -15.73 -6.41
CA VAL A 31 -0.80 -16.05 -5.48
C VAL A 31 -2.12 -15.56 -6.05
N ILE A 32 -2.04 -14.50 -6.85
CA ILE A 32 -3.20 -13.91 -7.47
C ILE A 32 -3.86 -14.89 -8.45
N ASN A 33 -3.04 -15.63 -9.21
CA ASN A 33 -3.55 -16.66 -10.11
C ASN A 33 -4.29 -17.74 -9.34
N VAL A 34 -3.87 -17.96 -8.13
CA VAL A 34 -4.44 -19.00 -7.30
C VAL A 34 -5.74 -18.50 -6.65
N MET A 35 -5.65 -17.34 -6.03
CA MET A 35 -6.76 -16.78 -5.28
C MET A 35 -7.89 -16.40 -6.24
N LEU A 36 -7.53 -15.91 -7.43
CA LEU A 36 -8.53 -15.53 -8.42
C LEU A 36 -8.61 -16.58 -9.48
N ASP A 37 -7.61 -16.54 -10.37
CA ASP A 37 -7.51 -17.36 -11.57
C ASP A 37 -6.49 -16.71 -12.48
N ARG A 38 -6.41 -15.39 -12.35
CA ARG A 38 -5.60 -14.58 -13.23
C ARG A 38 -5.05 -13.42 -12.47
N THR A 39 -4.00 -12.85 -12.97
CA THR A 39 -3.40 -11.73 -12.35
C THR A 39 -3.66 -10.45 -13.14
N PRO A 40 -4.31 -9.47 -12.53
CA PRO A 40 -4.48 -8.15 -13.12
C PRO A 40 -3.12 -7.48 -13.24
N GLU A 41 -2.99 -6.61 -14.20
CA GLU A 41 -1.74 -5.92 -14.40
C GLU A 41 -1.35 -5.09 -13.23
N ILE A 42 -0.16 -5.27 -12.85
CA ILE A 42 0.35 -4.64 -11.67
C ILE A 42 1.24 -3.48 -12.03
N VAL A 43 1.11 -2.42 -11.29
CA VAL A 43 1.99 -1.31 -11.41
C VAL A 43 2.55 -1.00 -10.03
N SER A 44 3.77 -0.55 -9.98
CA SER A 44 4.39 -0.19 -8.74
C SER A 44 3.80 1.14 -8.34
N ALA A 45 3.26 1.24 -7.17
CA ALA A 45 2.64 2.48 -6.78
C ALA A 45 2.92 2.85 -5.35
N THR A 46 2.91 4.12 -5.11
CA THR A 46 3.14 4.68 -3.83
C THR A 46 1.87 5.38 -3.35
N LEU A 47 1.43 5.02 -2.19
CA LEU A 47 0.27 5.60 -1.57
C LEU A 47 0.71 6.66 -0.56
N PRO A 48 0.61 7.95 -0.89
CA PRO A 48 0.98 9.02 0.01
C PRO A 48 -0.12 9.33 1.02
N GLY A 49 0.29 9.61 2.24
CA GLY A 49 -0.66 9.94 3.27
C GLY A 49 -1.05 8.75 4.10
N PHE A 50 -0.33 7.67 3.93
CA PHE A 50 -0.56 6.44 4.65
C PHE A 50 0.75 5.83 5.02
N GLN A 51 0.76 4.93 5.93
CA GLN A 51 1.98 4.34 6.38
C GLN A 51 1.81 2.87 6.56
N ARG A 52 2.84 2.15 6.23
CA ARG A 52 2.82 0.75 6.24
C ARG A 52 3.28 0.31 7.63
N PHE A 53 2.47 -0.48 8.27
CA PHE A 53 2.81 -1.02 9.56
C PHE A 53 3.07 -2.46 9.43
N ARG A 54 3.96 -2.96 10.23
CA ARG A 54 4.34 -4.32 10.14
C ARG A 54 4.37 -4.90 11.53
N LEU A 55 3.69 -5.99 11.72
CA LEU A 55 3.54 -6.57 13.01
C LEU A 55 3.55 -8.08 12.85
N LYS A 56 4.06 -8.79 13.83
CA LYS A 56 4.16 -10.24 13.74
C LYS A 56 3.50 -10.91 14.94
N GLY A 57 2.70 -10.15 15.65
CA GLY A 57 2.06 -10.65 16.83
C GLY A 57 0.67 -11.19 16.56
N ARG A 58 -0.26 -10.86 17.43
CA ARG A 58 -1.63 -11.34 17.30
C ARG A 58 -2.46 -10.46 16.37
N LEU A 59 -1.89 -9.36 15.97
CA LEU A 59 -2.53 -8.46 15.04
C LEU A 59 -1.74 -8.44 13.73
N TYR A 60 -2.35 -7.92 12.69
CA TYR A 60 -1.82 -8.02 11.34
C TYR A 60 -1.03 -6.76 10.99
N PRO A 61 -0.16 -6.85 9.96
CA PRO A 61 0.53 -5.69 9.42
C PRO A 61 -0.47 -4.80 8.67
N CYS A 62 -0.96 -3.78 9.33
CA CYS A 62 -2.01 -2.94 8.80
C CYS A 62 -1.48 -1.70 8.04
N ILE A 63 -2.43 -0.89 7.54
CA ILE A 63 -2.16 0.35 6.83
C ILE A 63 -3.03 1.45 7.41
N VAL A 64 -2.41 2.49 7.90
CA VAL A 64 -3.15 3.59 8.48
C VAL A 64 -2.64 4.91 7.92
N PRO A 65 -3.52 5.92 7.83
CA PRO A 65 -3.17 7.25 7.33
C PRO A 65 -2.13 7.98 8.20
N SER A 66 -0.99 8.30 7.61
CA SER A 66 0.06 9.01 8.27
C SER A 66 0.42 10.24 7.44
N GLU A 67 0.50 11.39 8.07
CA GLU A 67 0.82 12.64 7.38
C GLU A 67 2.24 12.60 6.84
N LYS A 68 3.11 11.95 7.58
CA LYS A 68 4.51 11.88 7.25
C LYS A 68 4.88 10.54 6.63
N GLY A 69 3.91 9.86 6.05
CA GLY A 69 4.20 8.56 5.51
C GLY A 69 3.70 8.35 4.09
N GLU A 70 4.20 7.31 3.48
CA GLU A 70 3.79 6.85 2.18
C GLU A 70 4.04 5.34 2.11
N VAL A 71 3.19 4.64 1.41
CA VAL A 71 3.31 3.20 1.31
C VAL A 71 3.66 2.81 -0.11
N HIS A 72 4.71 2.08 -0.28
CA HIS A 72 5.07 1.58 -1.58
C HIS A 72 4.54 0.18 -1.72
N GLY A 73 3.63 0.00 -2.64
CA GLY A 73 3.02 -1.27 -2.83
C GLY A 73 2.73 -1.51 -4.27
N LYS A 74 1.74 -2.29 -4.55
CA LYS A 74 1.44 -2.64 -5.90
C LYS A 74 -0.03 -2.40 -6.19
N VAL A 75 -0.32 -1.97 -7.39
CA VAL A 75 -1.68 -1.78 -7.82
C VAL A 75 -2.07 -2.81 -8.84
N LEU A 76 -3.17 -3.47 -8.57
CA LEU A 76 -3.73 -4.46 -9.45
C LEU A 76 -4.79 -3.79 -10.29
N MET A 77 -4.47 -3.54 -11.54
CA MET A 77 -5.40 -2.92 -12.47
C MET A 77 -5.76 -3.90 -13.54
N GLY A 78 -6.95 -3.82 -14.04
CA GLY A 78 -7.39 -4.81 -14.95
C GLY A 78 -8.14 -5.89 -14.21
N VAL A 79 -8.48 -5.61 -12.95
CA VAL A 79 -9.20 -6.55 -12.14
C VAL A 79 -10.70 -6.38 -12.39
N THR A 80 -11.38 -7.46 -12.62
CA THR A 80 -12.75 -7.45 -12.89
C THR A 80 -13.52 -7.17 -11.60
N SER A 81 -14.73 -6.72 -11.73
CA SER A 81 -15.60 -6.43 -10.62
C SER A 81 -15.79 -7.67 -9.70
N ASP A 82 -15.83 -8.86 -10.31
CA ASP A 82 -15.98 -10.11 -9.55
C ASP A 82 -14.76 -10.38 -8.67
N GLU A 83 -13.58 -10.22 -9.20
CA GLU A 83 -12.37 -10.37 -8.39
C GLU A 83 -12.25 -9.19 -7.42
N LEU A 84 -12.77 -8.02 -7.81
CA LEU A 84 -12.78 -6.83 -6.93
C LEU A 84 -13.57 -7.14 -5.66
N GLU A 85 -14.78 -7.65 -5.84
CA GLU A 85 -15.64 -8.01 -4.74
C GLU A 85 -15.06 -9.21 -4.00
N ASN A 86 -14.34 -10.04 -4.74
CA ASN A 86 -13.68 -11.22 -4.20
C ASN A 86 -12.58 -10.77 -3.23
N LEU A 87 -11.78 -9.81 -3.66
CA LEU A 87 -10.72 -9.22 -2.83
C LEU A 87 -11.34 -8.59 -1.61
N ASP A 88 -12.40 -7.84 -1.85
CA ASP A 88 -13.15 -7.15 -0.82
C ASP A 88 -13.78 -8.13 0.16
N ALA A 89 -14.09 -9.31 -0.32
CA ALA A 89 -14.65 -10.37 0.50
C ALA A 89 -13.57 -10.99 1.38
N VAL A 90 -12.39 -11.19 0.82
CA VAL A 90 -11.28 -11.82 1.54
C VAL A 90 -10.67 -10.89 2.62
N GLU A 91 -10.36 -9.67 2.25
CA GLU A 91 -9.80 -8.68 3.18
C GLU A 91 -10.88 -8.00 4.09
N GLY A 92 -12.10 -7.95 3.56
CA GLY A 92 -13.21 -7.14 4.14
C GLY A 92 -13.64 -7.38 5.59
N ASN A 93 -13.36 -8.51 6.17
CA ASN A 93 -13.81 -8.74 7.55
C ASN A 93 -13.04 -7.93 8.57
N GLU A 94 -11.77 -7.72 8.35
CA GLU A 94 -11.00 -6.95 9.30
C GLU A 94 -10.37 -5.69 8.69
N TYR A 95 -10.61 -5.49 7.40
CA TYR A 95 -10.13 -4.31 6.69
C TYR A 95 -11.27 -3.67 5.92
N GLU A 96 -11.13 -2.40 5.59
CA GLU A 96 -12.14 -1.69 4.85
C GLU A 96 -11.57 -1.11 3.57
N ARG A 97 -12.34 -1.23 2.50
CA ARG A 97 -11.92 -0.77 1.20
C ARG A 97 -12.30 0.69 1.01
N VAL A 98 -11.29 1.53 0.90
CA VAL A 98 -11.48 2.95 0.76
C VAL A 98 -10.87 3.48 -0.51
N THR A 99 -11.29 4.64 -0.90
CA THR A 99 -10.87 5.27 -2.13
C THR A 99 -9.66 6.18 -1.88
N VAL A 100 -8.57 5.93 -2.59
CA VAL A 100 -7.31 6.68 -2.36
C VAL A 100 -6.59 7.03 -3.68
N GLY A 101 -5.54 7.83 -3.56
CA GLY A 101 -4.72 8.19 -4.69
C GLY A 101 -3.30 7.67 -4.54
N ILE A 102 -2.75 7.12 -5.60
CA ILE A 102 -1.42 6.54 -5.60
C ILE A 102 -0.57 7.12 -6.71
N VAL A 103 0.72 6.98 -6.60
CA VAL A 103 1.62 7.45 -7.63
C VAL A 103 2.38 6.27 -8.22
N ARG A 104 2.39 6.17 -9.52
CA ARG A 104 3.04 5.08 -10.22
C ARG A 104 4.55 5.26 -10.17
N GLU A 105 5.20 4.32 -9.53
CA GLU A 105 6.64 4.32 -9.39
C GLU A 105 7.29 3.95 -10.70
N ASP A 106 6.52 3.31 -11.58
CA ASP A 106 7.05 2.87 -12.86
C ASP A 106 7.23 4.03 -13.83
N ASN A 107 6.59 5.16 -13.54
CA ASN A 107 6.83 6.34 -14.34
C ASN A 107 6.94 7.59 -13.46
N SER A 108 5.80 8.18 -13.08
CA SER A 108 5.72 9.44 -12.26
C SER A 108 4.25 9.86 -12.06
N GLU A 109 3.34 9.28 -12.82
CA GLU A 109 1.95 9.71 -12.80
C GLU A 109 1.19 9.21 -11.61
N LYS A 110 0.23 9.97 -11.18
CA LYS A 110 -0.59 9.62 -10.05
C LYS A 110 -1.95 9.14 -10.53
N MET A 111 -2.50 8.22 -9.79
CA MET A 111 -3.76 7.57 -10.14
C MET A 111 -4.63 7.38 -8.97
N ALA A 112 -5.86 7.15 -9.25
CA ALA A 112 -6.86 6.89 -8.25
C ALA A 112 -7.11 5.39 -8.16
N VAL A 113 -7.09 4.87 -6.97
CA VAL A 113 -7.27 3.45 -6.71
C VAL A 113 -8.05 3.25 -5.44
N LYS A 114 -8.36 2.03 -5.13
CA LYS A 114 -8.96 1.74 -3.86
C LYS A 114 -8.00 0.86 -3.09
N THR A 115 -7.96 1.03 -1.79
CA THR A 115 -7.06 0.23 -0.97
C THR A 115 -7.79 -0.24 0.27
N TYR A 116 -7.16 -1.08 1.02
CA TYR A 116 -7.72 -1.59 2.24
C TYR A 116 -7.04 -0.91 3.41
N MET A 117 -7.84 -0.22 4.16
CA MET A 117 -7.39 0.53 5.29
C MET A 117 -7.91 -0.10 6.57
N TRP A 118 -7.14 0.02 7.62
CA TRP A 118 -7.50 -0.49 8.92
C TRP A 118 -8.60 0.42 9.49
N ILE A 119 -9.70 -0.17 9.96
CA ILE A 119 -10.85 0.65 10.36
C ILE A 119 -10.59 1.38 11.67
N ASN A 120 -10.02 0.69 12.63
CA ASN A 120 -9.70 1.29 13.91
C ASN A 120 -8.27 1.78 13.85
N LYS A 121 -8.09 2.78 13.03
CA LYS A 121 -6.79 3.30 12.64
C LYS A 121 -6.17 4.26 13.64
N ALA A 122 -6.67 4.25 14.85
CA ALA A 122 -6.09 5.02 15.92
C ALA A 122 -5.69 4.08 17.07
N ASP A 123 -5.54 2.80 16.73
CA ASP A 123 -5.14 1.77 17.71
C ASP A 123 -3.71 2.03 18.20
N PRO A 124 -3.50 2.08 19.52
CA PRO A 124 -2.19 2.35 20.10
C PRO A 124 -1.37 1.07 20.42
N ASP A 125 -1.76 -0.04 19.85
CA ASP A 125 -1.09 -1.31 20.13
C ASP A 125 -0.39 -1.84 18.87
N MET A 126 -0.99 -1.56 17.72
CA MET A 126 -0.50 -2.03 16.40
C MET A 126 0.83 -1.36 15.95
N PHE A 127 1.50 -0.66 16.85
CA PHE A 127 2.77 -0.03 16.52
C PHE A 127 3.86 -1.07 16.27
N GLY A 128 4.00 -1.44 15.04
CA GLY A 128 5.04 -2.30 14.62
C GLY A 128 5.79 -1.65 13.52
N GLU A 129 7.08 -1.68 13.59
CA GLU A 129 7.88 -0.94 12.66
C GLU A 129 8.49 -1.78 11.59
N TRP A 130 8.50 -1.24 10.42
CA TRP A 130 9.04 -1.87 9.29
C TRP A 130 10.22 -1.01 8.92
N ASN A 131 11.35 -1.60 8.58
CA ASN A 131 12.62 -0.86 8.38
C ASN A 131 12.60 0.16 7.23
N PHE A 132 11.47 0.28 6.57
CA PHE A 132 11.26 1.24 5.57
C PHE A 132 11.20 2.64 6.20
N GLU A 133 10.68 2.73 7.43
CA GLU A 133 10.63 4.01 8.12
C GLU A 133 12.01 4.45 8.58
N GLU A 134 12.80 3.47 8.92
CA GLU A 134 14.22 3.66 9.23
C GLU A 134 14.94 4.15 8.00
N TRP A 135 14.57 3.59 6.85
CA TRP A 135 15.17 4.01 5.63
C TRP A 135 14.78 5.42 5.30
N LYS A 136 13.53 5.76 5.52
CA LYS A 136 13.06 7.11 5.27
C LYS A 136 13.79 8.09 6.18
N ARG A 137 14.10 7.64 7.38
CA ARG A 137 14.89 8.40 8.33
C ARG A 137 16.28 8.73 7.75
N LEU A 138 16.94 7.72 7.26
CA LEU A 138 18.29 7.86 6.72
C LEU A 138 18.27 8.58 5.36
N HIS A 139 17.17 8.45 4.69
CA HIS A 139 16.94 9.05 3.38
C HIS A 139 16.49 10.51 3.53
N LYS A 140 15.98 10.82 4.70
CA LYS A 140 15.47 12.13 5.05
C LYS A 140 16.59 13.16 4.98
N LYS A 141 17.79 12.72 5.34
CA LYS A 141 18.97 13.58 5.44
C LYS A 141 19.28 14.39 4.19
N LYS A 142 18.95 13.86 3.00
CA LYS A 142 19.17 14.60 1.75
C LYS A 142 18.41 15.91 1.81
N PHE A 143 17.19 15.80 2.24
CA PHE A 143 16.31 16.92 2.29
C PHE A 143 16.67 17.79 3.49
N ILE A 144 17.11 17.14 4.55
CA ILE A 144 17.48 17.82 5.79
C ILE A 144 18.65 18.77 5.60
N GLU A 145 19.60 18.44 4.73
CA GLU A 145 20.74 19.36 4.47
C GLU A 145 20.23 20.74 4.01
N THR A 146 19.14 20.71 3.27
CA THR A 146 18.48 21.92 2.84
C THR A 146 17.60 22.48 3.95
N PHE A 147 16.82 21.60 4.55
CA PHE A 147 15.81 22.01 5.49
C PHE A 147 16.40 22.51 6.80
N LYS A 148 17.55 22.00 7.18
CA LYS A 148 18.26 22.41 8.40
C LYS A 148 18.55 23.89 8.36
N LYS A 149 18.93 24.38 7.18
CA LYS A 149 19.24 25.80 6.99
C LYS A 149 17.98 26.62 7.22
N ILE A 150 16.88 26.08 6.76
CA ILE A 150 15.57 26.68 6.91
C ILE A 150 15.15 26.67 8.39
N MET A 151 15.48 25.59 9.08
CA MET A 151 15.20 25.45 10.52
C MET A 151 15.98 26.51 11.29
N GLU A 152 17.22 26.71 10.90
CA GLU A 152 18.07 27.70 11.53
C GLU A 152 17.61 29.11 11.18
N CYS A 153 17.09 29.26 9.98
CA CYS A 153 16.52 30.52 9.50
C CYS A 153 15.31 30.91 10.37
N LYS A 154 14.40 29.96 10.57
CA LYS A 154 13.23 30.18 11.41
C LYS A 154 13.64 30.26 12.87
N LYS A 155 14.78 29.66 13.14
CA LYS A 155 15.37 29.54 14.46
C LYS A 155 14.50 28.65 15.32
N LYS A 156 14.63 27.36 15.08
CA LYS A 156 13.93 26.33 15.82
C LYS A 156 14.87 25.15 16.04
N PRO A 157 15.52 25.08 17.21
CA PRO A 157 16.41 23.96 17.55
C PRO A 157 15.59 22.69 17.77
N GLN A 158 16.21 21.55 17.55
CA GLN A 158 15.52 20.28 17.71
C GLN A 158 16.08 19.50 18.86
N CYS A 10 -26.35 2.61 -21.83
CA CYS A 10 -25.52 1.61 -21.23
C CYS A 10 -26.17 1.11 -19.96
N SER A 11 -26.05 -0.17 -19.69
CA SER A 11 -26.58 -0.76 -18.50
C SER A 11 -25.91 -0.18 -17.24
N SER A 12 -26.63 -0.22 -16.13
CA SER A 12 -26.12 0.29 -14.88
C SER A 12 -24.90 -0.52 -14.47
N ASP A 13 -25.03 -1.83 -14.53
CA ASP A 13 -23.91 -2.72 -14.25
C ASP A 13 -23.25 -3.11 -15.53
N SER A 14 -22.21 -2.39 -15.86
CA SER A 14 -21.44 -2.65 -17.03
C SER A 14 -20.16 -3.32 -16.59
N LEU A 15 -19.67 -4.24 -17.38
CA LEU A 15 -18.44 -4.89 -17.08
C LEU A 15 -17.30 -3.92 -17.27
N GLN A 16 -16.69 -3.53 -16.19
CA GLN A 16 -15.60 -2.61 -16.21
C GLN A 16 -14.47 -3.12 -15.35
N LEU A 17 -13.28 -2.68 -15.64
CA LEU A 17 -12.14 -3.11 -14.91
C LEU A 17 -11.77 -2.06 -13.87
N HIS A 18 -11.13 -2.50 -12.83
CA HIS A 18 -10.84 -1.66 -11.68
C HIS A 18 -9.39 -1.72 -11.31
N ASN A 19 -8.95 -0.74 -10.55
CA ASN A 19 -7.61 -0.69 -9.99
C ASN A 19 -7.62 -0.65 -8.47
N VAL A 20 -6.86 -1.56 -7.88
CA VAL A 20 -6.80 -1.72 -6.44
C VAL A 20 -5.34 -1.77 -6.01
N PHE A 21 -5.03 -1.15 -4.91
CA PHE A 21 -3.69 -1.16 -4.39
C PHE A 21 -3.59 -2.21 -3.30
N VAL A 22 -2.70 -3.15 -3.50
CA VAL A 22 -2.47 -4.18 -2.53
C VAL A 22 -1.35 -3.78 -1.60
N TYR A 23 -1.39 -4.28 -0.42
CA TYR A 23 -0.52 -3.81 0.61
C TYR A 23 0.41 -4.84 1.23
N GLY A 24 -0.12 -5.97 1.69
CA GLY A 24 0.76 -6.94 2.31
C GLY A 24 0.61 -8.35 1.78
N SER A 25 -0.47 -9.01 2.18
CA SER A 25 -0.71 -10.41 1.86
C SER A 25 -0.76 -10.67 0.34
N PHE A 26 -1.30 -9.74 -0.41
CA PHE A 26 -1.45 -9.92 -1.84
C PHE A 26 -0.51 -9.02 -2.62
N GLN A 27 0.63 -8.71 -2.02
CA GLN A 27 1.64 -7.83 -2.62
C GLN A 27 2.38 -8.60 -3.75
N ASP A 28 2.08 -9.87 -3.83
CA ASP A 28 2.70 -10.80 -4.74
C ASP A 28 1.68 -11.31 -5.77
N PRO A 29 2.04 -11.36 -7.06
CA PRO A 29 1.15 -11.85 -8.12
C PRO A 29 0.96 -13.37 -8.08
N ASP A 30 1.92 -14.09 -7.52
CA ASP A 30 1.83 -15.54 -7.44
C ASP A 30 0.66 -15.95 -6.58
N VAL A 31 0.50 -15.27 -5.45
CA VAL A 31 -0.61 -15.57 -4.57
C VAL A 31 -1.93 -15.14 -5.21
N ILE A 32 -1.88 -14.11 -6.06
CA ILE A 32 -3.06 -13.66 -6.76
C ILE A 32 -3.54 -14.73 -7.74
N ASN A 33 -2.63 -15.30 -8.54
CA ASN A 33 -2.99 -16.39 -9.45
C ASN A 33 -3.63 -17.56 -8.70
N VAL A 34 -3.21 -17.77 -7.47
CA VAL A 34 -3.74 -18.84 -6.66
C VAL A 34 -5.08 -18.44 -6.02
N MET A 35 -5.20 -17.18 -5.60
CA MET A 35 -6.40 -16.71 -4.93
C MET A 35 -7.60 -16.79 -5.88
N LEU A 36 -7.36 -16.52 -7.15
CA LEU A 36 -8.41 -16.64 -8.14
C LEU A 36 -8.02 -17.56 -9.29
N ASP A 37 -7.19 -17.05 -10.20
CA ASP A 37 -6.87 -17.69 -11.48
C ASP A 37 -5.73 -16.97 -12.13
N ARG A 38 -5.94 -15.69 -12.30
CA ARG A 38 -5.00 -14.82 -12.99
C ARG A 38 -4.57 -13.70 -12.07
N THR A 39 -3.77 -12.82 -12.59
CA THR A 39 -3.32 -11.65 -11.89
C THR A 39 -3.43 -10.43 -12.81
N PRO A 40 -4.22 -9.42 -12.41
CA PRO A 40 -4.33 -8.17 -13.15
C PRO A 40 -2.98 -7.49 -13.30
N GLU A 41 -2.81 -6.74 -14.37
CA GLU A 41 -1.55 -6.06 -14.68
C GLU A 41 -1.15 -5.15 -13.51
N ILE A 42 -0.04 -5.45 -12.92
CA ILE A 42 0.40 -4.75 -11.73
C ILE A 42 1.39 -3.67 -12.08
N VAL A 43 1.28 -2.57 -11.39
CA VAL A 43 2.23 -1.50 -11.50
C VAL A 43 2.71 -1.15 -10.08
N SER A 44 3.97 -0.78 -9.97
CA SER A 44 4.50 -0.37 -8.70
C SER A 44 4.04 1.04 -8.41
N ALA A 45 3.39 1.20 -7.29
CA ALA A 45 2.86 2.48 -6.91
C ALA A 45 3.17 2.80 -5.48
N THR A 46 3.17 4.05 -5.21
CA THR A 46 3.41 4.59 -3.92
C THR A 46 2.15 5.23 -3.42
N LEU A 47 1.75 4.88 -2.25
CA LEU A 47 0.60 5.44 -1.62
C LEU A 47 1.07 6.44 -0.56
N PRO A 48 1.05 7.73 -0.87
CA PRO A 48 1.46 8.75 0.08
C PRO A 48 0.31 9.14 1.00
N GLY A 49 0.63 9.48 2.22
CA GLY A 49 -0.39 9.89 3.16
C GLY A 49 -0.95 8.72 3.91
N PHE A 50 -0.33 7.59 3.76
CA PHE A 50 -0.74 6.38 4.41
C PHE A 50 0.49 5.61 4.75
N GLN A 51 0.41 4.72 5.67
CA GLN A 51 1.58 3.98 6.05
C GLN A 51 1.21 2.55 6.28
N ARG A 52 2.08 1.70 5.83
CA ARG A 52 1.94 0.29 6.00
C ARG A 52 2.81 -0.13 7.15
N PHE A 53 2.28 -0.94 7.98
CA PHE A 53 2.99 -1.47 9.10
C PHE A 53 3.28 -2.94 8.86
N ARG A 54 4.12 -3.53 9.68
CA ARG A 54 4.56 -4.91 9.44
C ARG A 54 3.83 -5.94 10.24
N LEU A 55 4.03 -7.17 9.82
CA LEU A 55 3.52 -8.33 10.47
C LEU A 55 4.59 -8.89 11.38
N LYS A 56 4.25 -9.09 12.62
CA LYS A 56 5.19 -9.65 13.58
C LYS A 56 4.57 -10.79 14.36
N GLY A 57 3.50 -11.36 13.83
CA GLY A 57 2.94 -12.51 14.47
C GLY A 57 1.44 -12.49 14.57
N ARG A 58 0.91 -11.47 15.17
CA ARG A 58 -0.50 -11.43 15.42
C ARG A 58 -1.22 -10.74 14.28
N LEU A 59 -0.71 -9.62 13.86
CA LEU A 59 -1.37 -8.91 12.81
C LEU A 59 -0.50 -8.88 11.55
N TYR A 60 -1.13 -8.55 10.45
CA TYR A 60 -0.52 -8.55 9.14
C TYR A 60 -0.23 -7.11 8.71
N PRO A 61 0.49 -6.89 7.57
CA PRO A 61 0.80 -5.55 7.12
C PRO A 61 -0.45 -4.85 6.64
N CYS A 62 -0.85 -3.83 7.35
CA CYS A 62 -2.04 -3.10 7.03
C CYS A 62 -1.72 -1.64 6.70
N ILE A 63 -2.65 -0.99 6.01
CA ILE A 63 -2.52 0.42 5.63
C ILE A 63 -3.28 1.24 6.65
N VAL A 64 -2.76 2.39 6.99
CA VAL A 64 -3.46 3.33 7.85
C VAL A 64 -3.10 4.74 7.38
N PRO A 65 -3.97 5.73 7.55
CA PRO A 65 -3.65 7.13 7.18
C PRO A 65 -2.53 7.71 8.04
N SER A 66 -1.50 8.21 7.38
CA SER A 66 -0.34 8.77 8.02
C SER A 66 -0.11 10.19 7.51
N GLU A 67 0.36 11.06 8.36
CA GLU A 67 0.56 12.44 7.97
C GLU A 67 1.80 12.62 7.06
N LYS A 68 2.85 11.86 7.32
CA LYS A 68 4.08 11.98 6.53
C LYS A 68 4.61 10.63 6.06
N GLY A 69 3.78 9.62 6.14
CA GLY A 69 4.19 8.29 5.71
C GLY A 69 3.78 7.99 4.28
N GLU A 70 4.24 6.86 3.77
CA GLU A 70 3.93 6.43 2.43
C GLU A 70 4.07 4.90 2.37
N VAL A 71 3.39 4.30 1.43
CA VAL A 71 3.44 2.88 1.26
C VAL A 71 3.87 2.56 -0.15
N HIS A 72 4.72 1.62 -0.31
CA HIS A 72 5.07 1.17 -1.63
C HIS A 72 4.47 -0.16 -1.85
N GLY A 73 3.58 -0.22 -2.79
CA GLY A 73 2.90 -1.42 -3.03
C GLY A 73 2.69 -1.67 -4.47
N LYS A 74 1.63 -2.34 -4.76
CA LYS A 74 1.35 -2.77 -6.11
C LYS A 74 -0.09 -2.39 -6.44
N VAL A 75 -0.33 -1.96 -7.64
CA VAL A 75 -1.67 -1.70 -8.11
C VAL A 75 -2.09 -2.72 -9.14
N LEU A 76 -3.27 -3.28 -8.94
CA LEU A 76 -3.83 -4.27 -9.82
C LEU A 76 -4.75 -3.59 -10.83
N MET A 77 -4.30 -3.48 -12.05
CA MET A 77 -5.08 -2.93 -13.10
C MET A 77 -5.70 -3.98 -13.94
N GLY A 78 -6.97 -3.88 -14.05
CA GLY A 78 -7.71 -4.82 -14.85
C GLY A 78 -8.43 -5.83 -14.01
N VAL A 79 -8.77 -5.49 -12.78
CA VAL A 79 -9.51 -6.41 -11.94
C VAL A 79 -11.01 -6.20 -12.20
N THR A 80 -11.71 -7.25 -12.55
CA THR A 80 -13.10 -7.16 -12.88
C THR A 80 -13.92 -6.94 -11.59
N SER A 81 -15.17 -6.52 -11.73
CA SER A 81 -16.01 -6.19 -10.60
C SER A 81 -16.20 -7.39 -9.64
N ASP A 82 -16.30 -8.59 -10.17
CA ASP A 82 -16.49 -9.80 -9.34
C ASP A 82 -15.25 -10.04 -8.47
N GLU A 83 -14.07 -9.93 -9.09
CA GLU A 83 -12.80 -10.06 -8.37
C GLU A 83 -12.60 -8.86 -7.42
N LEU A 84 -13.14 -7.71 -7.80
CA LEU A 84 -13.11 -6.52 -6.92
C LEU A 84 -13.85 -6.86 -5.65
N GLU A 85 -15.05 -7.40 -5.83
CA GLU A 85 -15.88 -7.82 -4.74
C GLU A 85 -15.25 -8.99 -4.00
N ASN A 86 -14.46 -9.76 -4.70
CA ASN A 86 -13.68 -10.86 -4.12
C ASN A 86 -12.70 -10.32 -3.12
N LEU A 87 -11.96 -9.32 -3.51
CA LEU A 87 -10.99 -8.66 -2.64
C LEU A 87 -11.70 -8.02 -1.48
N ASP A 88 -12.83 -7.45 -1.80
CA ASP A 88 -13.70 -6.80 -0.82
C ASP A 88 -14.24 -7.81 0.18
N ALA A 89 -14.50 -9.00 -0.29
CA ALA A 89 -14.96 -10.09 0.55
C ALA A 89 -13.80 -10.65 1.36
N VAL A 90 -12.71 -10.91 0.66
CA VAL A 90 -11.50 -11.48 1.22
C VAL A 90 -10.82 -10.56 2.29
N GLU A 91 -10.50 -9.33 1.94
CA GLU A 91 -9.90 -8.39 2.91
C GLU A 91 -10.96 -7.74 3.82
N GLY A 92 -12.17 -7.71 3.33
CA GLY A 92 -13.29 -7.04 4.01
C GLY A 92 -13.60 -7.54 5.41
N ASN A 93 -13.09 -8.70 5.79
CA ASN A 93 -13.38 -9.29 7.10
C ASN A 93 -12.96 -8.36 8.25
N GLU A 94 -11.85 -7.66 8.09
CA GLU A 94 -11.38 -6.73 9.14
C GLU A 94 -10.88 -5.41 8.55
N TYR A 95 -11.15 -5.22 7.27
CA TYR A 95 -10.72 -4.02 6.57
C TYR A 95 -11.91 -3.48 5.77
N GLU A 96 -11.77 -2.27 5.27
CA GLU A 96 -12.80 -1.66 4.46
C GLU A 96 -12.15 -1.08 3.22
N ARG A 97 -12.88 -1.02 2.14
CA ARG A 97 -12.38 -0.57 0.88
C ARG A 97 -12.54 0.94 0.80
N VAL A 98 -11.44 1.64 0.76
CA VAL A 98 -11.48 3.07 0.66
C VAL A 98 -10.75 3.55 -0.58
N THR A 99 -11.04 4.75 -0.99
CA THR A 99 -10.42 5.32 -2.17
C THR A 99 -9.17 6.10 -1.76
N VAL A 100 -8.10 5.90 -2.48
CA VAL A 100 -6.84 6.56 -2.18
C VAL A 100 -6.14 6.99 -3.46
N GLY A 101 -5.22 7.92 -3.33
CA GLY A 101 -4.45 8.36 -4.45
C GLY A 101 -3.06 7.78 -4.39
N ILE A 102 -2.67 7.10 -5.44
CA ILE A 102 -1.36 6.48 -5.51
C ILE A 102 -0.55 7.10 -6.61
N VAL A 103 0.74 6.96 -6.53
CA VAL A 103 1.62 7.49 -7.53
C VAL A 103 2.43 6.35 -8.10
N ARG A 104 2.36 6.20 -9.38
CA ARG A 104 3.07 5.15 -10.06
C ARG A 104 4.56 5.41 -10.03
N GLU A 105 5.30 4.47 -9.48
CA GLU A 105 6.75 4.57 -9.45
C GLU A 105 7.30 4.34 -10.85
N ASP A 106 6.46 3.70 -11.62
CA ASP A 106 6.69 3.39 -13.02
C ASP A 106 6.94 4.64 -13.88
N ASN A 107 6.22 5.72 -13.62
CA ASN A 107 6.36 6.93 -14.45
C ASN A 107 6.14 8.24 -13.67
N SER A 108 5.98 8.14 -12.34
CA SER A 108 5.82 9.29 -11.42
C SER A 108 4.42 9.96 -11.54
N GLU A 109 3.51 9.30 -12.22
CA GLU A 109 2.17 9.84 -12.38
C GLU A 109 1.21 9.28 -11.35
N LYS A 110 0.24 10.07 -10.98
CA LYS A 110 -0.70 9.71 -9.94
C LYS A 110 -1.98 9.12 -10.49
N MET A 111 -2.55 8.27 -9.73
CA MET A 111 -3.79 7.58 -10.05
C MET A 111 -4.62 7.41 -8.82
N ALA A 112 -5.87 7.19 -9.03
CA ALA A 112 -6.79 6.96 -7.94
C ALA A 112 -7.16 5.49 -7.92
N VAL A 113 -7.08 4.87 -6.78
CA VAL A 113 -7.37 3.45 -6.64
C VAL A 113 -8.09 3.16 -5.34
N LYS A 114 -8.51 1.93 -5.17
CA LYS A 114 -9.12 1.50 -3.94
C LYS A 114 -8.10 0.68 -3.16
N THR A 115 -8.15 0.74 -1.86
CA THR A 115 -7.27 -0.06 -1.04
C THR A 115 -7.97 -0.37 0.28
N TYR A 116 -7.37 -1.22 1.07
CA TYR A 116 -7.95 -1.66 2.31
C TYR A 116 -7.06 -1.24 3.47
N MET A 117 -7.58 -0.37 4.29
CA MET A 117 -6.83 0.12 5.45
C MET A 117 -7.42 -0.42 6.72
N TRP A 118 -6.61 -0.47 7.74
CA TRP A 118 -7.00 -0.94 9.05
C TRP A 118 -7.99 0.07 9.62
N ILE A 119 -9.11 -0.41 10.07
CA ILE A 119 -10.22 0.47 10.46
C ILE A 119 -9.96 1.22 11.75
N ASN A 120 -9.35 0.56 12.68
CA ASN A 120 -9.09 1.16 13.97
C ASN A 120 -7.92 2.15 13.90
N LYS A 121 -6.91 1.79 13.10
CA LYS A 121 -5.64 2.51 13.00
C LYS A 121 -5.13 3.07 14.33
N ALA A 122 -4.81 2.17 15.24
CA ALA A 122 -4.36 2.56 16.57
C ALA A 122 -3.69 1.41 17.29
N ASP A 123 -4.08 0.18 16.92
CA ASP A 123 -3.53 -1.05 17.52
C ASP A 123 -2.02 -1.08 17.48
N PRO A 124 -1.39 -1.49 18.59
CA PRO A 124 0.06 -1.64 18.66
C PRO A 124 0.51 -2.95 18.02
N ASP A 125 -0.48 -3.74 17.57
CA ASP A 125 -0.22 -5.00 16.91
C ASP A 125 0.52 -4.80 15.62
N MET A 126 0.08 -3.83 14.85
CA MET A 126 0.69 -3.57 13.54
C MET A 126 2.02 -2.83 13.72
N PHE A 127 2.21 -2.25 14.88
CA PHE A 127 3.38 -1.45 15.17
C PHE A 127 4.64 -2.30 15.07
N GLY A 128 5.40 -2.06 14.03
CA GLY A 128 6.60 -2.77 13.82
C GLY A 128 7.19 -2.42 12.48
N GLU A 129 8.47 -2.19 12.47
CA GLU A 129 9.18 -1.86 11.26
C GLU A 129 10.21 -2.92 10.92
N TRP A 130 10.37 -3.16 9.64
CA TRP A 130 11.35 -4.09 9.14
C TRP A 130 12.53 -3.35 8.56
N ASN A 131 13.66 -4.03 8.51
CA ASN A 131 14.93 -3.46 8.04
C ASN A 131 14.85 -2.93 6.61
N PHE A 132 14.00 -3.54 5.80
CA PHE A 132 13.81 -3.12 4.41
C PHE A 132 13.25 -1.69 4.34
N GLU A 133 12.23 -1.43 5.14
CA GLU A 133 11.61 -0.10 5.21
C GLU A 133 12.51 0.85 5.99
N GLU A 134 13.24 0.29 6.96
CA GLU A 134 14.18 1.05 7.76
C GLU A 134 15.23 1.68 6.88
N TRP A 135 15.89 0.88 6.06
CA TRP A 135 16.90 1.42 5.18
C TRP A 135 16.28 2.33 4.15
N LYS A 136 15.13 1.95 3.62
CA LYS A 136 14.42 2.79 2.65
C LYS A 136 14.17 4.18 3.25
N ARG A 137 13.79 4.19 4.51
CA ARG A 137 13.55 5.41 5.24
C ARG A 137 14.81 6.28 5.32
N LEU A 138 15.91 5.70 5.76
CA LEU A 138 17.16 6.44 5.89
C LEU A 138 17.76 6.78 4.52
N HIS A 139 17.35 6.05 3.52
CA HIS A 139 17.79 6.29 2.17
C HIS A 139 16.99 7.44 1.57
N LYS A 140 15.70 7.46 1.85
CA LYS A 140 14.84 8.54 1.41
C LYS A 140 15.19 9.80 2.15
N LYS A 141 15.46 9.65 3.43
CA LYS A 141 15.77 10.74 4.34
C LYS A 141 16.92 11.61 3.83
N LYS A 142 17.84 11.01 3.08
CA LYS A 142 18.96 11.73 2.53
C LYS A 142 18.44 12.76 1.48
N PHE A 143 17.45 12.36 0.70
CA PHE A 143 16.83 13.25 -0.29
C PHE A 143 15.90 14.23 0.41
N ILE A 144 15.31 13.75 1.48
CA ILE A 144 14.38 14.52 2.30
C ILE A 144 15.03 15.78 2.84
N GLU A 145 16.34 15.74 3.11
CA GLU A 145 17.05 16.90 3.65
C GLU A 145 16.78 18.18 2.86
N THR A 146 16.81 18.11 1.54
CA THR A 146 16.56 19.28 0.73
C THR A 146 15.09 19.71 0.85
N PHE A 147 14.18 18.73 0.85
CA PHE A 147 12.75 19.00 1.01
C PHE A 147 12.39 19.48 2.37
N LYS A 148 13.13 19.05 3.35
CA LYS A 148 12.96 19.50 4.71
C LYS A 148 13.19 21.01 4.75
N LYS A 149 14.20 21.46 4.03
CA LYS A 149 14.54 22.88 3.99
C LYS A 149 13.51 23.64 3.15
N ILE A 150 12.92 22.94 2.19
CA ILE A 150 11.88 23.50 1.35
C ILE A 150 10.56 23.65 2.15
N MET A 151 10.22 22.62 2.93
CA MET A 151 8.99 22.65 3.71
C MET A 151 9.08 23.65 4.87
N GLU A 152 10.29 23.85 5.39
CA GLU A 152 10.50 24.84 6.46
C GLU A 152 10.24 26.24 5.96
N CYS A 153 10.56 26.47 4.70
CA CYS A 153 10.32 27.75 4.09
C CYS A 153 8.81 27.96 3.85
N LYS A 154 8.12 26.87 3.56
CA LYS A 154 6.67 26.90 3.33
C LYS A 154 5.90 27.02 4.64
N LYS A 155 6.32 26.24 5.60
CA LYS A 155 5.74 26.21 6.90
C LYS A 155 6.61 26.96 7.86
N LYS A 156 6.39 28.23 7.89
CA LYS A 156 7.11 29.11 8.75
C LYS A 156 6.60 29.02 10.18
N PRO A 157 7.51 29.08 11.17
CA PRO A 157 7.12 29.21 12.57
C PRO A 157 6.43 30.55 12.77
N GLN A 158 5.27 30.51 13.35
CA GLN A 158 4.49 31.71 13.54
C GLN A 158 4.47 32.10 14.99
N CYS A 10 -20.43 -13.70 -16.62
CA CYS A 10 -20.45 -12.91 -17.78
C CYS A 10 -19.17 -12.13 -17.80
N SER A 11 -18.57 -12.00 -18.94
CA SER A 11 -17.39 -11.22 -19.05
C SER A 11 -17.74 -9.75 -18.89
N SER A 12 -16.81 -8.97 -18.43
CA SER A 12 -17.03 -7.58 -18.24
C SER A 12 -16.98 -6.88 -19.59
N ASP A 13 -15.96 -7.23 -20.39
CA ASP A 13 -15.75 -6.74 -21.79
C ASP A 13 -15.44 -5.25 -21.87
N SER A 14 -16.25 -4.46 -21.26
CA SER A 14 -16.10 -3.04 -21.23
C SER A 14 -14.96 -2.67 -20.27
N LEU A 15 -14.40 -1.49 -20.43
CA LEU A 15 -13.37 -1.04 -19.58
C LEU A 15 -13.94 -0.53 -18.28
N GLN A 16 -14.27 -1.47 -17.42
CA GLN A 16 -14.84 -1.21 -16.13
C GLN A 16 -13.98 -1.84 -15.06
N LEU A 17 -12.71 -1.99 -15.39
CA LEU A 17 -11.78 -2.65 -14.54
C LEU A 17 -11.37 -1.72 -13.46
N HIS A 18 -10.97 -2.29 -12.40
CA HIS A 18 -10.64 -1.56 -11.22
C HIS A 18 -9.18 -1.71 -10.94
N ASN A 19 -8.65 -0.83 -10.16
CA ASN A 19 -7.30 -0.93 -9.73
C ASN A 19 -7.19 -0.74 -8.23
N VAL A 20 -6.54 -1.68 -7.60
CA VAL A 20 -6.43 -1.74 -6.16
C VAL A 20 -4.98 -1.71 -5.72
N PHE A 21 -4.71 -1.01 -4.64
CA PHE A 21 -3.37 -0.95 -4.09
C PHE A 21 -3.25 -2.00 -3.01
N VAL A 22 -2.29 -2.85 -3.14
CA VAL A 22 -2.08 -3.92 -2.21
C VAL A 22 -0.84 -3.68 -1.36
N TYR A 23 -1.04 -3.73 -0.05
CA TYR A 23 0.01 -3.48 0.92
C TYR A 23 1.12 -4.52 0.92
N GLY A 24 0.76 -5.75 0.66
CA GLY A 24 1.77 -6.77 0.70
C GLY A 24 1.21 -8.16 0.64
N SER A 25 -0.01 -8.33 1.12
CA SER A 25 -0.65 -9.64 1.12
C SER A 25 -0.86 -10.15 -0.30
N PHE A 26 -1.18 -9.24 -1.20
CA PHE A 26 -1.47 -9.59 -2.56
C PHE A 26 -0.59 -8.82 -3.54
N GLN A 27 0.62 -8.46 -3.12
CA GLN A 27 1.55 -7.76 -4.02
C GLN A 27 2.35 -8.79 -4.81
N ASP A 28 1.92 -10.01 -4.69
CA ASP A 28 2.57 -11.15 -5.27
C ASP A 28 1.62 -11.80 -6.26
N PRO A 29 2.05 -12.07 -7.51
CA PRO A 29 1.19 -12.64 -8.53
C PRO A 29 0.84 -14.11 -8.25
N ASP A 30 1.74 -14.80 -7.58
CA ASP A 30 1.56 -16.23 -7.28
C ASP A 30 0.34 -16.44 -6.41
N VAL A 31 0.20 -15.61 -5.39
CA VAL A 31 -0.94 -15.69 -4.49
C VAL A 31 -2.21 -15.22 -5.22
N ILE A 32 -2.04 -14.32 -6.19
CA ILE A 32 -3.16 -13.84 -6.95
C ILE A 32 -3.75 -14.96 -7.80
N ASN A 33 -2.89 -15.78 -8.39
CA ASN A 33 -3.32 -16.92 -9.21
C ASN A 33 -4.27 -17.80 -8.41
N VAL A 34 -3.88 -18.08 -7.20
CA VAL A 34 -4.61 -19.01 -6.38
C VAL A 34 -5.82 -18.41 -5.67
N MET A 35 -5.71 -17.17 -5.23
CA MET A 35 -6.77 -16.55 -4.44
C MET A 35 -8.02 -16.34 -5.29
N LEU A 36 -7.85 -16.01 -6.54
CA LEU A 36 -8.99 -15.89 -7.41
C LEU A 36 -8.90 -16.86 -8.56
N ASP A 37 -7.99 -16.60 -9.51
CA ASP A 37 -7.82 -17.40 -10.75
C ASP A 37 -6.93 -16.66 -11.71
N ARG A 38 -7.22 -15.39 -11.90
CA ARG A 38 -6.48 -14.55 -12.82
C ARG A 38 -5.69 -13.52 -12.08
N THR A 39 -4.70 -12.97 -12.73
CA THR A 39 -3.86 -11.98 -12.12
C THR A 39 -3.92 -10.65 -12.88
N PRO A 40 -4.52 -9.63 -12.25
CA PRO A 40 -4.54 -8.28 -12.80
C PRO A 40 -3.13 -7.74 -12.96
N GLU A 41 -2.93 -6.86 -13.91
CA GLU A 41 -1.64 -6.29 -14.18
C GLU A 41 -1.16 -5.51 -12.97
N ILE A 42 -0.04 -5.91 -12.46
CA ILE A 42 0.49 -5.33 -11.25
C ILE A 42 1.54 -4.29 -11.61
N VAL A 43 1.41 -3.14 -11.01
CA VAL A 43 2.34 -2.05 -11.25
C VAL A 43 2.83 -1.47 -9.92
N SER A 44 4.05 -0.99 -9.89
CA SER A 44 4.61 -0.40 -8.69
C SER A 44 4.01 1.01 -8.47
N ALA A 45 3.44 1.22 -7.31
CA ALA A 45 2.83 2.49 -6.96
C ALA A 45 3.14 2.87 -5.53
N THR A 46 3.02 4.13 -5.25
CA THR A 46 3.24 4.67 -3.94
C THR A 46 1.98 5.29 -3.41
N LEU A 47 1.60 4.93 -2.22
CA LEU A 47 0.47 5.51 -1.57
C LEU A 47 0.94 6.48 -0.49
N PRO A 48 0.94 7.79 -0.80
CA PRO A 48 1.33 8.81 0.16
C PRO A 48 0.15 9.19 1.04
N GLY A 49 0.42 9.42 2.29
CA GLY A 49 -0.62 9.79 3.21
C GLY A 49 -1.08 8.59 4.02
N PHE A 50 -0.43 7.47 3.82
CA PHE A 50 -0.75 6.24 4.51
C PHE A 50 0.52 5.56 4.92
N GLN A 51 0.46 4.70 5.90
CA GLN A 51 1.65 4.07 6.41
C GLN A 51 1.36 2.60 6.69
N ARG A 52 2.38 1.79 6.52
CA ARG A 52 2.29 0.38 6.77
C ARG A 52 2.90 0.05 8.10
N PHE A 53 2.15 -0.63 8.91
CA PHE A 53 2.64 -1.10 10.16
C PHE A 53 2.77 -2.55 10.05
N ARG A 54 3.85 -3.07 10.50
CA ARG A 54 4.16 -4.42 10.19
C ARG A 54 4.50 -5.25 11.38
N LEU A 55 3.87 -6.36 11.40
CA LEU A 55 4.08 -7.44 12.31
C LEU A 55 3.42 -8.60 11.61
N LYS A 56 3.71 -9.79 11.99
CA LYS A 56 3.07 -10.90 11.36
C LYS A 56 2.84 -12.00 12.36
N GLY A 57 1.63 -12.02 12.88
CA GLY A 57 1.25 -12.98 13.86
C GLY A 57 -0.17 -12.78 14.27
N ARG A 58 -0.41 -11.83 15.16
CA ARG A 58 -1.75 -11.51 15.58
C ARG A 58 -2.36 -10.63 14.53
N LEU A 59 -1.64 -9.61 14.19
CA LEU A 59 -2.09 -8.67 13.23
C LEU A 59 -1.19 -8.73 12.00
N TYR A 60 -1.65 -8.14 10.93
CA TYR A 60 -1.01 -8.22 9.63
C TYR A 60 -0.28 -6.89 9.41
N PRO A 61 0.51 -6.75 8.34
CA PRO A 61 1.06 -5.46 7.97
C PRO A 61 -0.05 -4.58 7.37
N CYS A 62 -0.83 -3.98 8.24
CA CYS A 62 -1.98 -3.22 7.83
C CYS A 62 -1.62 -1.76 7.48
N ILE A 63 -2.48 -1.15 6.67
CA ILE A 63 -2.31 0.22 6.22
C ILE A 63 -3.25 1.12 6.99
N VAL A 64 -2.79 2.29 7.34
CA VAL A 64 -3.63 3.28 8.00
C VAL A 64 -3.20 4.67 7.50
N PRO A 65 -4.11 5.66 7.52
CA PRO A 65 -3.78 7.04 7.12
C PRO A 65 -2.78 7.71 8.08
N SER A 66 -1.60 7.98 7.57
CA SER A 66 -0.56 8.62 8.32
C SER A 66 -0.09 9.84 7.55
N GLU A 67 -0.09 10.98 8.20
CA GLU A 67 0.23 12.24 7.55
C GLU A 67 1.62 12.29 6.93
N LYS A 68 2.59 11.67 7.59
CA LYS A 68 3.97 11.69 7.13
C LYS A 68 4.39 10.35 6.56
N GLY A 69 3.43 9.55 6.20
CA GLY A 69 3.74 8.25 5.71
C GLY A 69 3.48 8.10 4.23
N GLU A 70 4.11 7.11 3.65
CA GLU A 70 3.91 6.76 2.26
C GLU A 70 4.32 5.32 2.09
N VAL A 71 3.48 4.55 1.45
CA VAL A 71 3.71 3.15 1.29
C VAL A 71 3.96 2.85 -0.16
N HIS A 72 5.07 2.25 -0.44
CA HIS A 72 5.37 1.88 -1.78
C HIS A 72 5.00 0.43 -1.93
N GLY A 73 4.05 0.19 -2.77
CA GLY A 73 3.56 -1.13 -2.95
C GLY A 73 3.18 -1.35 -4.37
N LYS A 74 2.23 -2.18 -4.59
CA LYS A 74 1.80 -2.50 -5.93
C LYS A 74 0.33 -2.31 -6.14
N VAL A 75 -0.01 -2.00 -7.35
CA VAL A 75 -1.39 -1.86 -7.79
C VAL A 75 -1.80 -2.97 -8.74
N LEU A 76 -2.94 -3.54 -8.46
CA LEU A 76 -3.57 -4.55 -9.29
C LEU A 76 -4.60 -3.87 -10.17
N MET A 77 -4.31 -3.74 -11.44
CA MET A 77 -5.26 -3.13 -12.39
C MET A 77 -5.73 -4.15 -13.39
N GLY A 78 -6.92 -3.98 -13.88
CA GLY A 78 -7.47 -4.97 -14.77
C GLY A 78 -8.28 -5.98 -14.03
N VAL A 79 -8.63 -5.66 -12.80
CA VAL A 79 -9.44 -6.55 -12.01
C VAL A 79 -10.92 -6.24 -12.30
N THR A 80 -11.66 -7.26 -12.67
CA THR A 80 -13.06 -7.09 -13.01
C THR A 80 -13.89 -6.89 -11.75
N SER A 81 -15.13 -6.56 -11.92
CA SER A 81 -16.05 -6.35 -10.82
C SER A 81 -16.19 -7.62 -9.94
N ASP A 82 -16.28 -8.79 -10.58
CA ASP A 82 -16.44 -10.08 -9.88
C ASP A 82 -15.22 -10.39 -9.03
N GLU A 83 -14.09 -10.03 -9.54
CA GLU A 83 -12.84 -10.25 -8.86
C GLU A 83 -12.66 -9.20 -7.75
N LEU A 84 -13.21 -8.00 -8.00
CA LEU A 84 -13.16 -6.91 -7.02
C LEU A 84 -13.97 -7.27 -5.79
N GLU A 85 -15.20 -7.76 -5.99
CA GLU A 85 -16.06 -8.15 -4.87
C GLU A 85 -15.40 -9.28 -4.09
N ASN A 86 -14.62 -10.08 -4.79
CA ASN A 86 -13.87 -11.18 -4.21
C ASN A 86 -12.78 -10.63 -3.28
N LEU A 87 -12.10 -9.60 -3.74
CA LEU A 87 -11.06 -8.92 -2.96
C LEU A 87 -11.67 -8.27 -1.73
N ASP A 88 -12.81 -7.64 -1.95
CA ASP A 88 -13.55 -6.95 -0.91
C ASP A 88 -14.07 -7.94 0.10
N ALA A 89 -14.28 -9.15 -0.33
CA ALA A 89 -14.72 -10.21 0.54
C ALA A 89 -13.54 -10.70 1.39
N VAL A 90 -12.41 -10.96 0.73
CA VAL A 90 -11.24 -11.52 1.39
C VAL A 90 -10.57 -10.51 2.35
N GLU A 91 -10.15 -9.37 1.83
CA GLU A 91 -9.50 -8.37 2.67
C GLU A 91 -10.51 -7.58 3.49
N GLY A 92 -11.68 -7.36 2.89
CA GLY A 92 -12.75 -6.58 3.52
C GLY A 92 -13.23 -7.18 4.84
N ASN A 93 -12.89 -8.43 5.07
CA ASN A 93 -13.24 -9.13 6.29
C ASN A 93 -12.69 -8.39 7.52
N GLU A 94 -11.49 -7.83 7.39
CA GLU A 94 -10.87 -7.10 8.50
C GLU A 94 -10.30 -5.74 8.05
N TYR A 95 -10.59 -5.36 6.83
CA TYR A 95 -10.12 -4.11 6.26
C TYR A 95 -11.25 -3.35 5.62
N GLU A 96 -10.99 -2.11 5.27
CA GLU A 96 -11.96 -1.28 4.60
C GLU A 96 -11.38 -0.81 3.30
N ARG A 97 -12.15 -0.98 2.26
CA ARG A 97 -11.76 -0.57 0.94
C ARG A 97 -12.13 0.87 0.78
N VAL A 98 -11.14 1.70 0.65
CA VAL A 98 -11.34 3.12 0.53
C VAL A 98 -10.68 3.67 -0.69
N THR A 99 -11.09 4.83 -1.06
CA THR A 99 -10.58 5.48 -2.24
C THR A 99 -9.31 6.25 -1.86
N VAL A 100 -8.25 5.95 -2.56
CA VAL A 100 -6.97 6.59 -2.30
C VAL A 100 -6.30 7.04 -3.58
N GLY A 101 -5.25 7.80 -3.44
CA GLY A 101 -4.51 8.28 -4.56
C GLY A 101 -3.09 7.82 -4.51
N ILE A 102 -2.67 7.10 -5.49
CA ILE A 102 -1.33 6.57 -5.52
C ILE A 102 -0.56 7.16 -6.66
N VAL A 103 0.73 7.03 -6.61
CA VAL A 103 1.56 7.53 -7.66
C VAL A 103 2.28 6.36 -8.26
N ARG A 104 2.16 6.21 -9.54
CA ARG A 104 2.72 5.09 -10.20
C ARG A 104 4.20 5.34 -10.39
N GLU A 105 5.02 4.48 -9.79
CA GLU A 105 6.48 4.62 -9.80
C GLU A 105 7.03 4.43 -11.20
N ASP A 106 6.16 4.04 -12.12
CA ASP A 106 6.44 3.94 -13.53
C ASP A 106 6.96 5.29 -14.02
N ASN A 107 6.26 6.37 -13.63
CA ASN A 107 6.79 7.71 -13.88
C ASN A 107 6.64 8.53 -12.59
N SER A 108 5.66 9.38 -12.61
CA SER A 108 5.24 10.18 -11.51
C SER A 108 3.77 10.44 -11.72
N GLU A 109 3.17 9.63 -12.61
CA GLU A 109 1.77 9.73 -12.92
C GLU A 109 1.01 9.18 -11.76
N LYS A 110 0.10 9.93 -11.32
CA LYS A 110 -0.66 9.58 -10.18
C LYS A 110 -1.99 9.02 -10.61
N MET A 111 -2.49 8.10 -9.85
CA MET A 111 -3.71 7.43 -10.17
C MET A 111 -4.57 7.30 -8.97
N ALA A 112 -5.77 7.03 -9.22
CA ALA A 112 -6.75 6.89 -8.18
C ALA A 112 -7.12 5.44 -8.08
N VAL A 113 -6.87 4.87 -6.94
CA VAL A 113 -7.10 3.46 -6.74
C VAL A 113 -7.81 3.26 -5.43
N LYS A 114 -8.18 2.05 -5.14
CA LYS A 114 -8.76 1.76 -3.88
C LYS A 114 -7.82 0.85 -3.10
N THR A 115 -7.78 0.99 -1.80
CA THR A 115 -6.91 0.18 -1.00
C THR A 115 -7.66 -0.31 0.23
N TYR A 116 -7.04 -1.20 0.96
CA TYR A 116 -7.60 -1.73 2.17
C TYR A 116 -6.78 -1.28 3.39
N MET A 117 -7.39 -0.46 4.21
CA MET A 117 -6.76 0.07 5.42
C MET A 117 -7.46 -0.49 6.65
N TRP A 118 -6.77 -0.50 7.77
CA TRP A 118 -7.30 -1.02 9.02
C TRP A 118 -8.45 -0.11 9.50
N ILE A 119 -9.52 -0.72 10.02
CA ILE A 119 -10.73 0.05 10.34
C ILE A 119 -10.50 0.91 11.57
N ASN A 120 -9.89 0.33 12.57
CA ASN A 120 -9.64 1.03 13.83
C ASN A 120 -8.57 2.07 13.63
N LYS A 121 -7.62 1.73 12.76
CA LYS A 121 -6.48 2.56 12.30
C LYS A 121 -5.57 3.13 13.42
N ALA A 122 -5.91 2.90 14.67
CA ALA A 122 -5.14 3.37 15.79
C ALA A 122 -4.82 2.21 16.72
N ASP A 123 -4.78 1.03 16.13
CA ASP A 123 -4.49 -0.20 16.86
C ASP A 123 -3.06 -0.13 17.43
N PRO A 124 -2.90 -0.32 18.74
CA PRO A 124 -1.58 -0.22 19.41
C PRO A 124 -0.69 -1.44 19.18
N ASP A 125 -1.28 -2.51 18.69
CA ASP A 125 -0.57 -3.76 18.49
C ASP A 125 0.06 -3.80 17.09
N MET A 126 -0.50 -3.02 16.15
CA MET A 126 0.07 -2.95 14.78
C MET A 126 1.48 -2.34 14.79
N PHE A 127 1.80 -1.59 15.83
CA PHE A 127 3.10 -1.00 15.94
C PHE A 127 4.10 -2.09 16.25
N GLY A 128 4.89 -2.43 15.27
CA GLY A 128 5.80 -3.52 15.42
C GLY A 128 7.12 -3.24 14.80
N GLU A 129 7.94 -4.27 14.71
CA GLU A 129 9.24 -4.16 14.14
C GLU A 129 9.17 -4.44 12.65
N TRP A 130 9.69 -3.54 11.88
CA TRP A 130 9.77 -3.70 10.45
C TRP A 130 11.11 -4.19 10.11
N ASN A 131 11.24 -4.78 8.97
CA ASN A 131 12.54 -5.00 8.43
C ASN A 131 13.00 -3.59 8.05
N PHE A 132 13.76 -2.97 8.94
CA PHE A 132 14.03 -1.54 8.86
C PHE A 132 14.78 -1.14 7.60
N GLU A 133 15.70 -1.95 7.16
CA GLU A 133 16.47 -1.63 5.96
C GLU A 133 15.59 -1.79 4.72
N GLU A 134 14.63 -2.68 4.81
CA GLU A 134 13.64 -2.91 3.77
C GLU A 134 12.71 -1.70 3.74
N TRP A 135 12.25 -1.30 4.90
CA TRP A 135 11.33 -0.19 4.98
C TRP A 135 12.01 1.15 4.58
N LYS A 136 13.22 1.39 5.07
CA LYS A 136 13.96 2.62 4.71
C LYS A 136 14.19 2.69 3.21
N ARG A 137 14.35 1.54 2.60
CA ARG A 137 14.57 1.42 1.19
C ARG A 137 13.37 1.90 0.38
N LEU A 138 12.22 1.37 0.70
CA LEU A 138 11.01 1.72 -0.01
C LEU A 138 10.52 3.09 0.34
N HIS A 139 10.73 3.47 1.56
CA HIS A 139 10.23 4.75 2.08
C HIS A 139 11.18 5.91 1.74
N LYS A 140 12.30 5.55 1.11
CA LYS A 140 13.41 6.47 0.76
C LYS A 140 12.92 7.78 0.10
N LYS A 141 11.96 7.67 -0.84
CA LYS A 141 11.50 8.84 -1.63
C LYS A 141 11.07 10.02 -0.74
N LYS A 142 10.48 9.72 0.41
CA LYS A 142 10.00 10.74 1.34
C LYS A 142 11.18 11.62 1.77
N PHE A 143 12.29 10.98 2.05
CA PHE A 143 13.48 11.68 2.51
C PHE A 143 14.17 12.36 1.33
N ILE A 144 14.07 11.73 0.18
CA ILE A 144 14.67 12.25 -1.04
C ILE A 144 14.04 13.58 -1.42
N GLU A 145 12.75 13.73 -1.13
CA GLU A 145 12.00 14.97 -1.41
C GLU A 145 12.69 16.23 -0.87
N THR A 146 13.27 16.15 0.31
CA THR A 146 13.96 17.31 0.86
C THR A 146 15.38 17.43 0.23
N PHE A 147 16.05 16.30 0.04
CA PHE A 147 17.39 16.28 -0.54
C PHE A 147 17.39 16.69 -1.99
N LYS A 148 16.29 16.42 -2.64
CA LYS A 148 16.04 16.84 -4.01
C LYS A 148 16.24 18.36 -4.12
N LYS A 149 15.74 19.07 -3.12
CA LYS A 149 15.87 20.51 -3.06
C LYS A 149 17.30 20.90 -2.66
N ILE A 150 17.83 20.17 -1.69
CA ILE A 150 19.19 20.40 -1.19
C ILE A 150 20.24 20.20 -2.29
N MET A 151 20.05 19.19 -3.12
CA MET A 151 20.93 18.89 -4.21
C MET A 151 20.97 20.07 -5.18
N GLU A 152 19.80 20.58 -5.53
CA GLU A 152 19.70 21.73 -6.42
C GLU A 152 20.29 22.97 -5.75
N CYS A 153 20.20 23.04 -4.44
CA CYS A 153 20.73 24.14 -3.65
C CYS A 153 22.27 24.13 -3.67
N LYS A 154 22.86 22.94 -3.72
CA LYS A 154 24.31 22.80 -3.80
C LYS A 154 24.77 23.09 -5.21
N LYS A 155 23.88 22.83 -6.14
CA LYS A 155 24.11 23.09 -7.56
C LYS A 155 24.20 24.60 -7.79
N LYS A 156 23.46 25.35 -6.98
CA LYS A 156 23.51 26.80 -6.98
C LYS A 156 24.91 27.25 -6.59
N PRO A 157 25.45 28.28 -7.24
CA PRO A 157 26.78 28.77 -6.95
C PRO A 157 26.85 29.52 -5.62
N GLN A 158 27.43 28.90 -4.63
CA GLN A 158 27.65 29.52 -3.36
C GLN A 158 29.14 29.83 -3.28
N CYS A 10 -26.77 -15.02 -20.50
CA CYS A 10 -27.03 -13.98 -19.57
C CYS A 10 -25.76 -13.60 -18.83
N SER A 11 -25.09 -12.61 -19.32
CA SER A 11 -23.90 -12.11 -18.71
C SER A 11 -24.27 -10.93 -17.83
N SER A 12 -23.51 -10.68 -16.81
CA SER A 12 -23.75 -9.56 -15.95
C SER A 12 -23.28 -8.29 -16.63
N ASP A 13 -22.31 -8.47 -17.56
CA ASP A 13 -21.66 -7.41 -18.33
C ASP A 13 -21.36 -6.20 -17.48
N SER A 14 -20.35 -6.36 -16.69
CA SER A 14 -19.90 -5.33 -15.80
C SER A 14 -18.41 -5.27 -15.90
N LEU A 15 -17.90 -5.54 -17.10
CA LEU A 15 -16.51 -5.57 -17.35
C LEU A 15 -15.90 -4.18 -17.35
N GLN A 16 -15.54 -3.77 -16.20
CA GLN A 16 -14.80 -2.58 -15.97
C GLN A 16 -13.68 -3.01 -15.08
N LEU A 17 -12.51 -2.63 -15.39
CA LEU A 17 -11.42 -3.04 -14.61
C LEU A 17 -11.16 -2.06 -13.53
N HIS A 18 -10.58 -2.56 -12.50
CA HIS A 18 -10.33 -1.80 -11.34
C HIS A 18 -8.89 -1.84 -11.03
N ASN A 19 -8.47 -0.90 -10.26
CA ASN A 19 -7.14 -0.84 -9.78
C ASN A 19 -7.13 -0.74 -8.25
N VAL A 20 -6.42 -1.64 -7.63
CA VAL A 20 -6.39 -1.73 -6.18
C VAL A 20 -4.94 -1.72 -5.72
N PHE A 21 -4.67 -1.02 -4.65
CA PHE A 21 -3.33 -0.99 -4.10
C PHE A 21 -3.27 -2.06 -3.04
N VAL A 22 -2.37 -2.97 -3.21
CA VAL A 22 -2.23 -4.07 -2.31
C VAL A 22 -1.05 -3.87 -1.39
N TYR A 23 -1.12 -4.50 -0.25
CA TYR A 23 -0.17 -4.24 0.81
C TYR A 23 0.27 -5.50 1.53
N GLY A 24 -0.59 -6.49 1.61
CA GLY A 24 -0.24 -7.66 2.37
C GLY A 24 -0.52 -8.95 1.65
N SER A 25 -1.70 -9.47 1.86
CA SER A 25 -2.10 -10.78 1.35
C SER A 25 -2.02 -10.88 -0.18
N PHE A 26 -2.25 -9.78 -0.87
CA PHE A 26 -2.31 -9.84 -2.32
C PHE A 26 -1.23 -9.01 -3.00
N GLN A 27 -0.15 -8.72 -2.30
CA GLN A 27 0.92 -7.96 -2.89
C GLN A 27 1.84 -8.88 -3.73
N ASP A 28 1.53 -10.15 -3.69
CA ASP A 28 2.29 -11.15 -4.42
C ASP A 28 1.43 -11.73 -5.55
N PRO A 29 1.91 -11.69 -6.80
CA PRO A 29 1.15 -12.18 -7.96
C PRO A 29 0.94 -13.69 -7.95
N ASP A 30 1.87 -14.43 -7.39
CA ASP A 30 1.83 -15.88 -7.40
C ASP A 30 0.61 -16.40 -6.64
N VAL A 31 0.28 -15.75 -5.55
CA VAL A 31 -0.89 -16.13 -4.76
C VAL A 31 -2.18 -15.73 -5.48
N ILE A 32 -2.11 -14.68 -6.30
CA ILE A 32 -3.26 -14.16 -7.02
C ILE A 32 -3.82 -15.23 -7.98
N ASN A 33 -2.91 -15.97 -8.61
CA ASN A 33 -3.28 -17.07 -9.50
C ASN A 33 -4.08 -18.11 -8.75
N VAL A 34 -3.75 -18.29 -7.51
CA VAL A 34 -4.39 -19.28 -6.68
C VAL A 34 -5.70 -18.76 -6.11
N MET A 35 -5.66 -17.58 -5.50
CA MET A 35 -6.82 -17.05 -4.82
C MET A 35 -7.96 -16.80 -5.79
N LEU A 36 -7.66 -16.36 -7.01
CA LEU A 36 -8.72 -16.13 -7.92
C LEU A 36 -8.62 -16.93 -9.21
N ASP A 37 -7.55 -16.75 -9.98
CA ASP A 37 -7.42 -17.44 -11.29
C ASP A 37 -6.19 -16.94 -12.06
N ARG A 38 -6.13 -15.64 -12.25
CA ARG A 38 -5.06 -15.00 -13.05
C ARG A 38 -4.60 -13.73 -12.39
N THR A 39 -3.42 -13.28 -12.70
CA THR A 39 -2.89 -12.11 -12.07
C THR A 39 -3.16 -10.83 -12.91
N PRO A 40 -3.86 -9.83 -12.30
CA PRO A 40 -4.08 -8.51 -12.90
C PRO A 40 -2.78 -7.78 -13.17
N GLU A 41 -2.78 -6.90 -14.15
CA GLU A 41 -1.61 -6.09 -14.44
C GLU A 41 -1.20 -5.30 -13.19
N ILE A 42 0.05 -5.34 -12.87
CA ILE A 42 0.53 -4.74 -11.66
C ILE A 42 1.45 -3.60 -12.00
N VAL A 43 1.26 -2.52 -11.33
CA VAL A 43 2.11 -1.40 -11.47
C VAL A 43 2.63 -1.01 -10.11
N SER A 44 3.85 -0.57 -10.05
CA SER A 44 4.40 -0.12 -8.82
C SER A 44 3.94 1.30 -8.56
N ALA A 45 3.40 1.53 -7.41
CA ALA A 45 2.90 2.82 -7.08
C ALA A 45 3.16 3.14 -5.63
N THR A 46 3.14 4.38 -5.33
CA THR A 46 3.38 4.87 -4.02
C THR A 46 2.13 5.50 -3.47
N LEU A 47 1.73 5.08 -2.32
CA LEU A 47 0.59 5.63 -1.64
C LEU A 47 1.07 6.60 -0.56
N PRO A 48 1.02 7.91 -0.85
CA PRO A 48 1.42 8.94 0.07
C PRO A 48 0.27 9.36 0.98
N GLY A 49 0.55 9.48 2.25
CA GLY A 49 -0.46 9.84 3.20
C GLY A 49 -0.96 8.64 3.95
N PHE A 50 -0.24 7.53 3.80
CA PHE A 50 -0.59 6.28 4.45
C PHE A 50 0.67 5.57 4.83
N GLN A 51 0.57 4.67 5.75
CA GLN A 51 1.72 3.94 6.19
C GLN A 51 1.36 2.49 6.39
N ARG A 52 2.28 1.64 6.08
CA ARG A 52 2.15 0.22 6.20
C ARG A 52 2.93 -0.21 7.40
N PHE A 53 2.32 -1.00 8.21
CA PHE A 53 2.95 -1.43 9.42
C PHE A 53 3.35 -2.86 9.39
N ARG A 54 4.10 -3.22 10.38
CA ARG A 54 4.70 -4.52 10.52
C ARG A 54 3.73 -5.43 11.24
N LEU A 55 3.73 -6.69 10.87
CA LEU A 55 2.95 -7.67 11.58
C LEU A 55 3.46 -7.82 13.01
N LYS A 56 2.78 -7.16 13.90
CA LYS A 56 3.22 -7.06 15.25
C LYS A 56 2.38 -7.97 16.14
N GLY A 57 2.93 -9.12 16.46
CA GLY A 57 2.32 -10.05 17.37
C GLY A 57 1.04 -10.69 16.86
N ARG A 58 -0.07 -10.03 17.10
CA ARG A 58 -1.39 -10.58 16.81
C ARG A 58 -2.01 -9.98 15.55
N LEU A 59 -1.30 -9.11 14.89
CA LEU A 59 -1.90 -8.40 13.79
C LEU A 59 -1.09 -8.53 12.49
N TYR A 60 -1.73 -8.21 11.38
CA TYR A 60 -1.17 -8.34 10.03
C TYR A 60 -0.46 -7.03 9.65
N PRO A 61 0.31 -7.02 8.53
CA PRO A 61 0.89 -5.79 8.02
C PRO A 61 -0.21 -4.98 7.32
N CYS A 62 -0.75 -4.02 8.03
CA CYS A 62 -1.89 -3.29 7.55
C CYS A 62 -1.53 -1.83 7.20
N ILE A 63 -2.45 -1.14 6.54
CA ILE A 63 -2.28 0.24 6.11
C ILE A 63 -3.16 1.15 6.96
N VAL A 64 -2.66 2.32 7.32
CA VAL A 64 -3.46 3.36 7.99
C VAL A 64 -2.98 4.74 7.50
N PRO A 65 -3.84 5.77 7.52
CA PRO A 65 -3.45 7.12 7.09
C PRO A 65 -2.37 7.78 7.98
N SER A 66 -1.23 8.04 7.38
CA SER A 66 -0.12 8.69 8.02
C SER A 66 0.29 9.88 7.16
N GLU A 67 0.10 11.07 7.66
CA GLU A 67 0.34 12.30 6.90
C GLU A 67 1.83 12.49 6.56
N LYS A 68 2.69 11.87 7.32
CA LYS A 68 4.12 11.98 7.10
C LYS A 68 4.71 10.69 6.57
N GLY A 69 3.84 9.80 6.10
CA GLY A 69 4.29 8.53 5.61
C GLY A 69 3.85 8.28 4.18
N GLU A 70 4.44 7.26 3.58
CA GLU A 70 4.14 6.84 2.24
C GLU A 70 4.51 5.37 2.07
N VAL A 71 3.73 4.65 1.31
CA VAL A 71 3.96 3.24 1.07
C VAL A 71 4.23 2.99 -0.39
N HIS A 72 5.39 2.47 -0.72
CA HIS A 72 5.64 2.08 -2.10
C HIS A 72 5.23 0.64 -2.24
N GLY A 73 4.24 0.38 -3.03
CA GLY A 73 3.73 -0.94 -3.14
C GLY A 73 3.31 -1.26 -4.55
N LYS A 74 2.34 -2.11 -4.69
CA LYS A 74 1.92 -2.55 -6.00
C LYS A 74 0.42 -2.33 -6.17
N VAL A 75 0.04 -1.93 -7.35
CA VAL A 75 -1.34 -1.76 -7.71
C VAL A 75 -1.76 -2.82 -8.73
N LEU A 76 -2.89 -3.46 -8.47
CA LEU A 76 -3.45 -4.45 -9.35
C LEU A 76 -4.50 -3.79 -10.23
N MET A 77 -4.16 -3.55 -11.47
CA MET A 77 -5.05 -2.99 -12.42
C MET A 77 -5.55 -4.09 -13.31
N GLY A 78 -6.64 -3.87 -13.99
CA GLY A 78 -7.14 -4.89 -14.87
C GLY A 78 -7.89 -5.98 -14.13
N VAL A 79 -8.28 -5.71 -12.90
CA VAL A 79 -9.03 -6.68 -12.11
C VAL A 79 -10.54 -6.42 -12.33
N THR A 80 -11.33 -7.46 -12.54
CA THR A 80 -12.74 -7.26 -12.83
C THR A 80 -13.55 -6.95 -11.56
N SER A 81 -14.77 -6.53 -11.75
CA SER A 81 -15.66 -6.21 -10.64
C SER A 81 -15.97 -7.45 -9.77
N ASP A 82 -16.03 -8.61 -10.41
CA ASP A 82 -16.28 -9.88 -9.70
C ASP A 82 -15.14 -10.19 -8.75
N GLU A 83 -13.97 -9.92 -9.20
CA GLU A 83 -12.77 -10.12 -8.42
C GLU A 83 -12.62 -8.98 -7.42
N LEU A 84 -13.16 -7.80 -7.74
CA LEU A 84 -13.15 -6.68 -6.80
C LEU A 84 -14.02 -7.00 -5.61
N GLU A 85 -15.26 -7.45 -5.88
CA GLU A 85 -16.18 -7.82 -4.80
C GLU A 85 -15.59 -8.98 -4.01
N ASN A 86 -14.80 -9.79 -4.71
CA ASN A 86 -14.08 -10.89 -4.12
C ASN A 86 -13.05 -10.40 -3.12
N LEU A 87 -12.25 -9.44 -3.54
CA LEU A 87 -11.24 -8.82 -2.68
C LEU A 87 -11.91 -8.09 -1.54
N ASP A 88 -13.01 -7.46 -1.87
CA ASP A 88 -13.83 -6.71 -0.93
C ASP A 88 -14.44 -7.66 0.10
N ALA A 89 -14.69 -8.87 -0.33
CA ALA A 89 -15.14 -9.93 0.52
C ALA A 89 -13.99 -10.51 1.36
N VAL A 90 -12.87 -10.82 0.72
CA VAL A 90 -11.78 -11.51 1.41
C VAL A 90 -11.00 -10.62 2.41
N GLU A 91 -10.41 -9.52 1.97
CA GLU A 91 -9.75 -8.62 2.94
C GLU A 91 -10.76 -7.72 3.61
N GLY A 92 -11.79 -7.39 2.87
CA GLY A 92 -12.84 -6.48 3.30
C GLY A 92 -13.57 -6.89 4.58
N ASN A 93 -13.46 -8.13 5.00
CA ASN A 93 -14.09 -8.54 6.25
C ASN A 93 -13.29 -8.06 7.45
N GLU A 94 -12.01 -7.84 7.26
CA GLU A 94 -11.12 -7.43 8.36
C GLU A 94 -10.65 -5.98 8.15
N TYR A 95 -10.92 -5.47 6.96
CA TYR A 95 -10.45 -4.17 6.53
C TYR A 95 -11.56 -3.39 5.87
N GLU A 96 -11.32 -2.13 5.59
CA GLU A 96 -12.30 -1.32 4.92
C GLU A 96 -11.69 -0.79 3.65
N ARG A 97 -12.46 -0.81 2.59
CA ARG A 97 -12.01 -0.41 1.29
C ARG A 97 -12.20 1.08 1.15
N VAL A 98 -11.13 1.78 0.96
CA VAL A 98 -11.21 3.20 0.77
C VAL A 98 -10.59 3.65 -0.52
N THR A 99 -10.95 4.82 -0.92
CA THR A 99 -10.46 5.40 -2.15
C THR A 99 -9.20 6.21 -1.85
N VAL A 100 -8.14 5.88 -2.51
CA VAL A 100 -6.87 6.53 -2.25
C VAL A 100 -6.17 6.93 -3.53
N GLY A 101 -5.27 7.86 -3.42
CA GLY A 101 -4.51 8.32 -4.55
C GLY A 101 -3.10 7.79 -4.49
N ILE A 102 -2.72 7.05 -5.49
CA ILE A 102 -1.39 6.47 -5.56
C ILE A 102 -0.61 7.09 -6.69
N VAL A 103 0.67 7.08 -6.60
CA VAL A 103 1.51 7.66 -7.61
C VAL A 103 2.40 6.60 -8.21
N ARG A 104 2.20 6.40 -9.48
CA ARG A 104 2.89 5.40 -10.26
C ARG A 104 4.39 5.69 -10.34
N GLU A 105 5.17 4.72 -9.95
CA GLU A 105 6.63 4.81 -9.90
C GLU A 105 7.22 5.05 -11.29
N ASP A 106 6.62 4.46 -12.29
CA ASP A 106 7.12 4.54 -13.68
C ASP A 106 7.19 5.94 -14.20
N ASN A 107 6.09 6.64 -14.10
CA ASN A 107 5.93 7.87 -14.80
C ASN A 107 5.46 9.03 -13.88
N SER A 108 5.47 8.79 -12.56
CA SER A 108 5.17 9.81 -11.53
C SER A 108 3.70 10.32 -11.62
N GLU A 109 2.88 9.62 -12.39
CA GLU A 109 1.50 10.00 -12.54
C GLU A 109 0.71 9.49 -11.36
N LYS A 110 -0.33 10.15 -11.03
CA LYS A 110 -1.13 9.73 -9.92
C LYS A 110 -2.41 9.08 -10.42
N MET A 111 -2.88 8.13 -9.67
CA MET A 111 -4.11 7.43 -9.98
C MET A 111 -4.90 7.24 -8.76
N ALA A 112 -6.10 6.95 -8.96
CA ALA A 112 -7.02 6.73 -7.87
C ALA A 112 -7.37 5.28 -7.83
N VAL A 113 -7.04 4.66 -6.75
CA VAL A 113 -7.26 3.25 -6.61
C VAL A 113 -8.01 2.96 -5.33
N LYS A 114 -8.39 1.74 -5.15
CA LYS A 114 -9.03 1.29 -3.95
C LYS A 114 -7.99 0.57 -3.12
N THR A 115 -8.11 0.61 -1.83
CA THR A 115 -7.20 -0.14 -0.98
C THR A 115 -7.91 -0.48 0.32
N TYR A 116 -7.30 -1.31 1.11
CA TYR A 116 -7.87 -1.74 2.34
C TYR A 116 -6.97 -1.30 3.48
N MET A 117 -7.49 -0.46 4.32
CA MET A 117 -6.73 0.02 5.46
C MET A 117 -7.33 -0.50 6.73
N TRP A 118 -6.52 -0.55 7.76
CA TRP A 118 -6.93 -1.04 9.03
C TRP A 118 -7.93 -0.06 9.62
N ILE A 119 -9.09 -0.57 9.96
CA ILE A 119 -10.21 0.23 10.39
C ILE A 119 -9.96 0.88 11.75
N ASN A 120 -9.37 0.14 12.67
CA ASN A 120 -9.05 0.73 13.96
C ASN A 120 -7.69 1.35 13.88
N LYS A 121 -7.64 2.47 13.24
CA LYS A 121 -6.40 3.16 12.97
C LYS A 121 -5.84 3.88 14.20
N ALA A 122 -6.55 3.78 15.30
CA ALA A 122 -6.11 4.33 16.56
C ALA A 122 -5.55 3.22 17.45
N ASP A 123 -5.40 2.04 16.87
CA ASP A 123 -4.85 0.87 17.57
C ASP A 123 -3.37 1.10 17.94
N PRO A 124 -2.94 0.71 19.14
CA PRO A 124 -1.55 0.87 19.54
C PRO A 124 -0.73 -0.43 19.40
N ASP A 125 -1.21 -1.39 18.63
CA ASP A 125 -0.56 -2.69 18.56
C ASP A 125 -0.04 -3.06 17.18
N MET A 126 -0.38 -2.29 16.14
CA MET A 126 0.20 -2.56 14.81
C MET A 126 1.53 -1.87 14.66
N PHE A 127 1.90 -1.12 15.68
CA PHE A 127 3.15 -0.43 15.66
C PHE A 127 4.32 -1.39 15.83
N GLY A 128 4.84 -1.80 14.71
CA GLY A 128 5.97 -2.67 14.64
C GLY A 128 6.98 -2.08 13.73
N GLU A 129 8.17 -2.62 13.74
CA GLU A 129 9.24 -2.06 12.98
C GLU A 129 9.26 -2.68 11.59
N TRP A 130 9.23 -1.86 10.55
CA TRP A 130 9.26 -2.38 9.21
C TRP A 130 10.35 -1.66 8.40
N ASN A 131 10.81 -2.27 7.33
CA ASN A 131 11.89 -1.75 6.44
C ASN A 131 11.66 -0.30 5.89
N PHE A 132 10.52 0.34 6.20
CA PHE A 132 10.34 1.74 5.80
C PHE A 132 11.29 2.59 6.59
N GLU A 133 11.53 2.18 7.82
CA GLU A 133 12.43 2.86 8.70
C GLU A 133 13.86 2.64 8.24
N GLU A 134 14.08 1.51 7.59
CA GLU A 134 15.35 1.19 6.98
C GLU A 134 15.66 2.21 5.89
N TRP A 135 14.64 2.57 5.13
CA TRP A 135 14.81 3.59 4.12
C TRP A 135 14.97 4.95 4.78
N LYS A 136 14.14 5.21 5.80
CA LYS A 136 14.23 6.44 6.58
C LYS A 136 15.64 6.61 7.17
N ARG A 137 16.30 5.49 7.46
CA ARG A 137 17.67 5.48 7.93
C ARG A 137 18.65 6.14 6.96
N LEU A 138 18.57 5.78 5.70
CA LEU A 138 19.48 6.36 4.70
C LEU A 138 18.98 7.73 4.27
N HIS A 139 17.71 7.94 4.48
CA HIS A 139 17.01 9.20 4.17
C HIS A 139 17.17 10.18 5.36
N LYS A 140 17.81 9.71 6.43
CA LYS A 140 17.91 10.39 7.72
C LYS A 140 18.34 11.85 7.62
N LYS A 141 19.30 12.14 6.75
CA LYS A 141 19.79 13.53 6.62
C LYS A 141 18.68 14.54 6.32
N LYS A 142 17.69 14.13 5.54
CA LYS A 142 16.58 15.02 5.18
C LYS A 142 15.77 15.32 6.43
N PHE A 143 15.68 14.31 7.24
CA PHE A 143 14.91 14.30 8.43
C PHE A 143 15.61 15.09 9.56
N ILE A 144 16.94 14.99 9.58
CA ILE A 144 17.78 15.63 10.61
C ILE A 144 17.65 17.15 10.62
N GLU A 145 17.44 17.77 9.46
CA GLU A 145 17.43 19.26 9.38
C GLU A 145 16.50 19.92 10.38
N THR A 146 15.32 19.36 10.58
CA THR A 146 14.40 19.95 11.50
C THR A 146 14.90 19.75 12.94
N PHE A 147 15.55 18.62 13.17
CA PHE A 147 16.15 18.33 14.45
C PHE A 147 17.35 19.18 14.71
N LYS A 148 18.06 19.54 13.64
CA LYS A 148 19.16 20.46 13.77
C LYS A 148 18.63 21.77 14.34
N LYS A 149 17.43 22.14 13.94
CA LYS A 149 16.76 23.31 14.46
C LYS A 149 16.23 23.09 15.86
N ILE A 150 15.75 21.90 16.13
CA ILE A 150 15.29 21.56 17.46
C ILE A 150 16.46 21.62 18.46
N MET A 151 17.62 21.12 18.04
CA MET A 151 18.83 21.18 18.86
C MET A 151 19.27 22.63 19.04
N GLU A 152 19.17 23.39 17.94
CA GLU A 152 19.51 24.79 17.88
C GLU A 152 18.60 25.58 18.85
N CYS A 153 17.36 25.14 18.98
CA CYS A 153 16.42 25.75 19.92
C CYS A 153 16.81 25.42 21.36
N LYS A 154 17.35 24.23 21.56
CA LYS A 154 17.77 23.81 22.90
C LYS A 154 19.05 24.55 23.28
N LYS A 155 19.97 24.61 22.34
CA LYS A 155 21.23 25.29 22.54
C LYS A 155 21.91 25.49 21.18
N LYS A 156 22.48 24.40 20.65
CA LYS A 156 23.15 24.39 19.34
C LYS A 156 23.28 22.96 18.81
N PRO A 157 23.22 22.79 17.48
CA PRO A 157 23.51 21.53 16.85
C PRO A 157 24.93 21.57 16.30
N GLN A 158 25.31 20.60 15.50
CA GLN A 158 26.57 20.68 14.83
C GLN A 158 26.38 21.54 13.60
N CYS A 10 -15.87 -16.60 -17.23
CA CYS A 10 -16.40 -16.42 -15.92
C CYS A 10 -17.25 -15.15 -15.92
N SER A 11 -18.49 -15.25 -15.45
CA SER A 11 -19.38 -14.13 -15.42
C SER A 11 -19.00 -13.16 -14.32
N SER A 12 -17.96 -12.42 -14.58
CA SER A 12 -17.45 -11.46 -13.67
C SER A 12 -18.24 -10.16 -13.78
N ASP A 13 -18.83 -9.96 -14.97
CA ASP A 13 -19.59 -8.74 -15.30
C ASP A 13 -18.72 -7.51 -15.14
N SER A 14 -17.83 -7.32 -16.09
CA SER A 14 -16.92 -6.22 -16.04
C SER A 14 -16.46 -5.83 -17.42
N LEU A 15 -16.97 -4.73 -17.90
CA LEU A 15 -16.53 -4.17 -19.10
C LEU A 15 -15.57 -3.01 -18.78
N GLN A 16 -15.45 -2.77 -17.49
CA GLN A 16 -14.55 -1.79 -16.96
C GLN A 16 -13.82 -2.44 -15.79
N LEU A 17 -12.53 -2.35 -15.81
CA LEU A 17 -11.70 -2.96 -14.83
C LEU A 17 -11.35 -2.01 -13.74
N HIS A 18 -11.02 -2.57 -12.61
CA HIS A 18 -10.77 -1.82 -11.42
C HIS A 18 -9.32 -1.97 -11.04
N ASN A 19 -8.85 -1.08 -10.22
CA ASN A 19 -7.50 -1.12 -9.73
C ASN A 19 -7.43 -1.03 -8.21
N VAL A 20 -6.61 -1.88 -7.62
CA VAL A 20 -6.49 -1.98 -6.18
C VAL A 20 -5.01 -1.98 -5.77
N PHE A 21 -4.69 -1.25 -4.71
CA PHE A 21 -3.34 -1.18 -4.17
C PHE A 21 -3.17 -2.19 -3.05
N VAL A 22 -2.20 -3.05 -3.19
CA VAL A 22 -1.92 -4.08 -2.21
C VAL A 22 -0.42 -4.20 -2.00
N TYR A 23 -0.01 -4.69 -0.84
CA TYR A 23 1.40 -4.90 -0.57
C TYR A 23 1.58 -6.09 0.39
N GLY A 24 0.49 -6.78 0.68
CA GLY A 24 0.56 -7.87 1.61
C GLY A 24 0.07 -9.17 1.05
N SER A 25 -1.21 -9.45 1.26
CA SER A 25 -1.82 -10.72 0.88
C SER A 25 -1.70 -11.01 -0.60
N PHE A 26 -1.79 -9.98 -1.41
CA PHE A 26 -1.80 -10.15 -2.87
C PHE A 26 -0.64 -9.42 -3.51
N GLN A 27 0.45 -9.32 -2.76
CA GLN A 27 1.68 -8.70 -3.20
C GLN A 27 2.29 -9.47 -4.39
N ASP A 28 2.06 -10.77 -4.40
CA ASP A 28 2.61 -11.64 -5.40
C ASP A 28 1.54 -12.13 -6.40
N PRO A 29 1.80 -12.00 -7.72
CA PRO A 29 0.84 -12.41 -8.78
C PRO A 29 0.56 -13.92 -8.83
N ASP A 30 1.48 -14.72 -8.35
CA ASP A 30 1.27 -16.17 -8.34
C ASP A 30 0.20 -16.55 -7.31
N VAL A 31 0.11 -15.73 -6.28
CA VAL A 31 -0.94 -15.87 -5.28
C VAL A 31 -2.29 -15.56 -5.92
N ILE A 32 -2.28 -14.57 -6.76
CA ILE A 32 -3.46 -14.17 -7.50
C ILE A 32 -3.93 -15.31 -8.43
N ASN A 33 -2.99 -15.92 -9.13
CA ASN A 33 -3.28 -17.07 -10.00
C ASN A 33 -4.02 -18.18 -9.29
N VAL A 34 -3.61 -18.48 -8.09
CA VAL A 34 -4.23 -19.56 -7.35
C VAL A 34 -5.54 -19.13 -6.68
N MET A 35 -5.58 -17.90 -6.18
CA MET A 35 -6.76 -17.42 -5.50
C MET A 35 -7.95 -17.31 -6.47
N LEU A 36 -7.69 -16.95 -7.74
CA LEU A 36 -8.75 -17.00 -8.73
C LEU A 36 -8.40 -17.93 -9.90
N ASP A 37 -7.51 -17.48 -10.77
CA ASP A 37 -7.15 -18.19 -12.01
C ASP A 37 -6.23 -17.32 -12.83
N ARG A 38 -6.64 -16.08 -12.99
CA ARG A 38 -5.92 -15.10 -13.80
C ARG A 38 -5.30 -14.07 -12.88
N THR A 39 -4.37 -13.30 -13.39
CA THR A 39 -3.78 -12.21 -12.66
C THR A 39 -3.93 -10.88 -13.43
N PRO A 40 -4.44 -9.84 -12.75
CA PRO A 40 -4.51 -8.48 -13.31
C PRO A 40 -3.10 -7.87 -13.48
N GLU A 41 -2.97 -6.97 -14.42
CA GLU A 41 -1.71 -6.28 -14.66
C GLU A 41 -1.34 -5.45 -13.42
N ILE A 42 -0.09 -5.45 -13.09
CA ILE A 42 0.37 -4.83 -11.86
C ILE A 42 1.34 -3.68 -12.17
N VAL A 43 1.25 -2.64 -11.41
CA VAL A 43 2.17 -1.52 -11.49
C VAL A 43 2.69 -1.19 -10.09
N SER A 44 3.91 -0.78 -10.03
CA SER A 44 4.52 -0.37 -8.79
C SER A 44 4.01 1.03 -8.44
N ALA A 45 3.45 1.17 -7.28
CA ALA A 45 2.91 2.42 -6.85
C ALA A 45 3.26 2.73 -5.41
N THR A 46 3.22 3.99 -5.12
CA THR A 46 3.47 4.49 -3.82
C THR A 46 2.19 5.15 -3.32
N LEU A 47 1.78 4.79 -2.16
CA LEU A 47 0.65 5.38 -1.53
C LEU A 47 1.13 6.37 -0.48
N PRO A 48 1.13 7.66 -0.82
CA PRO A 48 1.58 8.68 0.10
C PRO A 48 0.44 9.14 1.01
N GLY A 49 0.80 9.52 2.21
CA GLY A 49 -0.20 9.97 3.15
C GLY A 49 -0.79 8.81 3.91
N PHE A 50 -0.13 7.68 3.81
CA PHE A 50 -0.55 6.47 4.49
C PHE A 50 0.66 5.75 4.92
N GLN A 51 0.58 4.99 5.96
CA GLN A 51 1.74 4.31 6.45
C GLN A 51 1.36 2.92 6.87
N ARG A 52 2.26 1.99 6.61
CA ARG A 52 2.08 0.62 7.01
C ARG A 52 2.69 0.45 8.38
N PHE A 53 1.99 -0.22 9.25
CA PHE A 53 2.46 -0.44 10.58
C PHE A 53 2.67 -1.92 10.88
N ARG A 54 3.31 -2.24 12.01
CA ARG A 54 3.75 -3.59 12.26
C ARG A 54 3.55 -4.07 13.69
N LEU A 55 3.09 -5.30 13.80
CA LEU A 55 3.02 -6.07 15.04
C LEU A 55 2.48 -7.43 14.61
N LYS A 56 3.09 -7.97 13.55
CA LYS A 56 2.62 -9.18 12.93
C LYS A 56 2.81 -10.34 13.88
N GLY A 57 1.71 -10.92 14.26
CA GLY A 57 1.68 -11.95 15.25
C GLY A 57 0.47 -11.73 16.12
N ARG A 58 0.10 -10.47 16.21
CA ARG A 58 -1.08 -10.03 16.91
C ARG A 58 -1.92 -9.19 15.95
N LEU A 59 -1.26 -8.36 15.19
CA LEU A 59 -1.91 -7.51 14.24
C LEU A 59 -1.17 -7.60 12.90
N TYR A 60 -1.78 -7.16 11.85
CA TYR A 60 -1.24 -7.34 10.52
C TYR A 60 -0.61 -6.04 10.09
N PRO A 61 0.17 -6.04 8.99
CA PRO A 61 0.66 -4.80 8.41
C PRO A 61 -0.53 -4.01 7.87
N CYS A 62 -0.95 -3.04 8.62
CA CYS A 62 -2.13 -2.29 8.32
C CYS A 62 -1.83 -0.93 7.72
N ILE A 63 -2.78 -0.42 6.93
CA ILE A 63 -2.67 0.87 6.27
C ILE A 63 -3.56 1.89 6.94
N VAL A 64 -2.96 2.92 7.46
CA VAL A 64 -3.72 4.02 8.03
C VAL A 64 -3.18 5.33 7.50
N PRO A 65 -4.04 6.33 7.31
CA PRO A 65 -3.63 7.66 6.84
C PRO A 65 -2.70 8.37 7.82
N SER A 66 -1.46 8.48 7.45
CA SER A 66 -0.46 9.13 8.23
C SER A 66 0.17 10.21 7.37
N GLU A 67 0.11 11.45 7.84
CA GLU A 67 0.50 12.62 7.03
C GLU A 67 1.92 12.56 6.46
N LYS A 68 2.84 12.02 7.23
CA LYS A 68 4.24 11.97 6.79
C LYS A 68 4.64 10.54 6.44
N GLY A 69 3.67 9.71 6.19
CA GLY A 69 3.95 8.34 5.86
C GLY A 69 3.77 8.04 4.39
N GLU A 70 4.34 6.94 3.94
CA GLU A 70 4.17 6.50 2.57
C GLU A 70 4.29 4.98 2.53
N VAL A 71 3.54 4.36 1.66
CA VAL A 71 3.58 2.93 1.50
C VAL A 71 3.90 2.59 0.05
N HIS A 72 4.82 1.69 -0.16
CA HIS A 72 5.15 1.26 -1.50
C HIS A 72 4.60 -0.11 -1.70
N GLY A 73 3.84 -0.27 -2.72
CA GLY A 73 3.23 -1.53 -2.99
C GLY A 73 2.94 -1.68 -4.43
N LYS A 74 1.98 -2.49 -4.75
CA LYS A 74 1.65 -2.75 -6.11
C LYS A 74 0.17 -2.49 -6.34
N VAL A 75 -0.15 -2.07 -7.52
CA VAL A 75 -1.51 -1.87 -7.91
C VAL A 75 -1.94 -2.92 -8.91
N LEU A 76 -3.02 -3.58 -8.60
CA LEU A 76 -3.60 -4.59 -9.43
C LEU A 76 -4.68 -3.94 -10.27
N MET A 77 -4.43 -3.77 -11.52
CA MET A 77 -5.39 -3.18 -12.43
C MET A 77 -5.77 -4.17 -13.47
N GLY A 78 -7.01 -4.13 -13.88
CA GLY A 78 -7.50 -5.13 -14.76
C GLY A 78 -8.30 -6.15 -14.00
N VAL A 79 -8.52 -5.87 -12.72
CA VAL A 79 -9.29 -6.74 -11.86
C VAL A 79 -10.78 -6.49 -12.12
N THR A 80 -11.60 -7.52 -12.13
CA THR A 80 -12.99 -7.33 -12.46
C THR A 80 -13.78 -6.97 -11.22
N SER A 81 -15.03 -6.70 -11.42
CA SER A 81 -15.95 -6.41 -10.35
C SER A 81 -16.17 -7.67 -9.46
N ASP A 82 -16.00 -8.85 -10.05
CA ASP A 82 -16.21 -10.09 -9.29
C ASP A 82 -15.05 -10.34 -8.35
N GLU A 83 -13.82 -10.12 -8.82
CA GLU A 83 -12.68 -10.21 -7.90
C GLU A 83 -12.74 -9.02 -6.94
N LEU A 84 -13.32 -7.92 -7.37
CA LEU A 84 -13.49 -6.74 -6.53
C LEU A 84 -14.29 -7.10 -5.29
N GLU A 85 -15.47 -7.74 -5.49
CA GLU A 85 -16.29 -8.18 -4.35
C GLU A 85 -15.57 -9.26 -3.56
N ASN A 86 -14.76 -10.04 -4.27
CA ASN A 86 -13.96 -11.10 -3.69
C ASN A 86 -12.93 -10.53 -2.73
N LEU A 87 -12.22 -9.54 -3.17
CA LEU A 87 -11.18 -8.94 -2.38
C LEU A 87 -11.82 -8.16 -1.24
N ASP A 88 -12.97 -7.61 -1.54
CA ASP A 88 -13.78 -6.87 -0.58
C ASP A 88 -14.21 -7.81 0.53
N ALA A 89 -14.50 -9.03 0.16
CA ALA A 89 -14.83 -10.08 1.10
C ALA A 89 -13.57 -10.63 1.80
N VAL A 90 -12.57 -10.97 1.00
CA VAL A 90 -11.34 -11.62 1.47
C VAL A 90 -10.52 -10.73 2.44
N GLU A 91 -10.13 -9.54 2.01
CA GLU A 91 -9.39 -8.60 2.89
C GLU A 91 -10.33 -7.85 3.82
N GLY A 92 -11.57 -7.72 3.38
CA GLY A 92 -12.61 -6.95 4.06
C GLY A 92 -12.94 -7.39 5.46
N ASN A 93 -12.54 -8.59 5.84
CA ASN A 93 -12.86 -9.12 7.18
C ASN A 93 -12.36 -8.21 8.29
N GLU A 94 -11.22 -7.56 8.08
CA GLU A 94 -10.69 -6.66 9.10
C GLU A 94 -10.28 -5.31 8.52
N TYR A 95 -10.43 -5.14 7.23
CA TYR A 95 -10.08 -3.89 6.55
C TYR A 95 -11.28 -3.35 5.82
N GLU A 96 -11.19 -2.10 5.41
CA GLU A 96 -12.26 -1.49 4.65
C GLU A 96 -11.72 -1.01 3.32
N ARG A 97 -12.53 -1.14 2.30
CA ARG A 97 -12.14 -0.78 0.96
C ARG A 97 -12.42 0.70 0.71
N VAL A 98 -11.37 1.44 0.52
CA VAL A 98 -11.45 2.88 0.32
C VAL A 98 -10.70 3.29 -0.92
N THR A 99 -10.98 4.48 -1.41
CA THR A 99 -10.31 4.97 -2.59
C THR A 99 -9.22 5.95 -2.19
N VAL A 100 -8.05 5.77 -2.74
CA VAL A 100 -6.89 6.55 -2.37
C VAL A 100 -6.10 6.98 -3.60
N GLY A 101 -5.20 7.91 -3.41
CA GLY A 101 -4.37 8.37 -4.47
C GLY A 101 -2.98 7.78 -4.36
N ILE A 102 -2.59 7.04 -5.35
CA ILE A 102 -1.29 6.42 -5.38
C ILE A 102 -0.48 7.03 -6.49
N VAL A 103 0.79 6.95 -6.40
CA VAL A 103 1.66 7.51 -7.38
C VAL A 103 2.45 6.39 -7.99
N ARG A 104 2.44 6.28 -9.31
CA ARG A 104 3.19 5.21 -9.93
C ARG A 104 4.65 5.46 -9.81
N GLU A 105 5.38 4.42 -9.60
CA GLU A 105 6.79 4.51 -9.45
C GLU A 105 7.48 4.49 -10.81
N ASP A 106 6.68 4.53 -11.86
CA ASP A 106 7.19 4.58 -13.21
C ASP A 106 7.27 6.01 -13.68
N ASN A 107 6.39 6.83 -13.16
CA ASN A 107 6.35 8.21 -13.51
C ASN A 107 6.60 9.04 -12.26
N SER A 108 5.64 9.88 -11.96
CA SER A 108 5.61 10.81 -10.85
C SER A 108 4.18 11.32 -10.72
N GLU A 109 3.24 10.60 -11.32
CA GLU A 109 1.87 11.01 -11.37
C GLU A 109 1.01 10.20 -10.43
N LYS A 110 -0.12 10.74 -10.07
CA LYS A 110 -0.98 10.07 -9.14
C LYS A 110 -2.18 9.49 -9.84
N MET A 111 -2.65 8.40 -9.32
CA MET A 111 -3.82 7.72 -9.79
C MET A 111 -4.66 7.39 -8.64
N ALA A 112 -5.85 7.10 -8.91
CA ALA A 112 -6.80 6.78 -7.88
C ALA A 112 -7.10 5.33 -7.94
N VAL A 113 -6.96 4.66 -6.84
CA VAL A 113 -7.19 3.23 -6.78
C VAL A 113 -7.93 2.89 -5.50
N LYS A 114 -8.33 1.66 -5.38
CA LYS A 114 -8.95 1.18 -4.17
C LYS A 114 -7.90 0.49 -3.35
N THR A 115 -8.03 0.52 -2.08
CA THR A 115 -7.13 -0.18 -1.24
C THR A 115 -7.85 -0.54 0.04
N TYR A 116 -7.23 -1.32 0.86
CA TYR A 116 -7.79 -1.75 2.08
C TYR A 116 -7.13 -1.08 3.23
N MET A 117 -7.87 -0.23 3.85
CA MET A 117 -7.39 0.60 4.90
C MET A 117 -7.90 0.08 6.21
N TRP A 118 -7.10 0.23 7.21
CA TRP A 118 -7.42 -0.20 8.53
C TRP A 118 -8.43 0.79 9.08
N ILE A 119 -9.50 0.29 9.66
CA ILE A 119 -10.60 1.15 10.05
C ILE A 119 -10.23 2.01 11.26
N ASN A 120 -9.56 1.42 12.21
CA ASN A 120 -9.16 2.14 13.39
C ASN A 120 -7.81 2.78 13.18
N LYS A 121 -7.82 4.01 12.77
CA LYS A 121 -6.60 4.75 12.46
C LYS A 121 -5.96 5.32 13.73
N ALA A 122 -6.43 4.86 14.87
CA ALA A 122 -5.90 5.25 16.15
C ALA A 122 -5.50 4.02 16.95
N ASP A 123 -5.23 2.91 16.24
CA ASP A 123 -4.79 1.68 16.89
C ASP A 123 -3.40 1.87 17.49
N PRO A 124 -3.25 1.68 18.80
CA PRO A 124 -1.98 1.88 19.48
C PRO A 124 -1.03 0.68 19.43
N ASP A 125 -1.45 -0.40 18.80
CA ASP A 125 -0.66 -1.60 18.77
C ASP A 125 0.15 -1.71 17.51
N MET A 126 -0.42 -1.29 16.42
CA MET A 126 0.24 -1.36 15.12
C MET A 126 1.53 -0.50 15.06
N PHE A 127 1.59 0.50 15.92
CA PHE A 127 2.71 1.45 15.92
C PHE A 127 4.03 0.77 16.28
N GLY A 128 4.86 0.53 15.27
CA GLY A 128 6.14 -0.09 15.46
C GLY A 128 6.95 -0.01 14.19
N GLU A 129 8.23 -0.32 14.27
CA GLU A 129 9.07 -0.29 13.09
C GLU A 129 9.08 -1.61 12.33
N TRP A 130 8.95 -1.52 11.03
CA TRP A 130 8.94 -2.68 10.16
C TRP A 130 10.11 -2.48 9.20
N ASN A 131 10.66 -3.55 8.62
CA ASN A 131 11.91 -3.45 7.79
C ASN A 131 11.83 -2.37 6.69
N PHE A 132 10.65 -2.17 6.12
CA PHE A 132 10.41 -1.10 5.14
C PHE A 132 10.81 0.29 5.65
N GLU A 133 10.72 0.52 6.96
CA GLU A 133 11.04 1.85 7.53
C GLU A 133 12.48 2.24 7.28
N GLU A 134 13.31 1.25 7.17
CA GLU A 134 14.71 1.46 6.82
C GLU A 134 14.80 2.13 5.45
N TRP A 135 13.96 1.67 4.53
CA TRP A 135 13.90 2.27 3.21
C TRP A 135 13.21 3.64 3.29
N LYS A 136 12.27 3.77 4.24
CA LYS A 136 11.62 5.05 4.51
C LYS A 136 12.68 6.05 4.95
N ARG A 137 13.64 5.56 5.69
CA ARG A 137 14.78 6.32 6.15
C ARG A 137 15.64 6.80 4.98
N LEU A 138 16.01 5.91 4.11
CA LEU A 138 16.82 6.29 2.95
C LEU A 138 16.02 7.10 1.92
N HIS A 139 14.71 7.06 2.05
CA HIS A 139 13.84 7.81 1.13
C HIS A 139 13.46 9.17 1.70
N LYS A 140 13.40 9.26 3.03
CA LYS A 140 13.04 10.51 3.72
C LYS A 140 14.05 11.59 3.39
N LYS A 141 15.31 11.18 3.20
CA LYS A 141 16.45 12.07 2.97
C LYS A 141 16.12 13.11 1.85
N LYS A 142 15.42 12.67 0.81
CA LYS A 142 14.98 13.56 -0.27
C LYS A 142 14.12 14.71 0.29
N PHE A 143 13.22 14.37 1.17
CA PHE A 143 12.34 15.35 1.79
C PHE A 143 13.12 16.11 2.84
N ILE A 144 14.02 15.42 3.51
CA ILE A 144 14.84 16.00 4.54
C ILE A 144 15.70 17.12 3.99
N GLU A 145 16.11 17.00 2.73
CA GLU A 145 16.88 18.08 2.10
C GLU A 145 16.13 19.42 2.18
N THR A 146 14.83 19.41 1.89
CA THR A 146 14.07 20.63 1.99
C THR A 146 13.69 20.90 3.46
N PHE A 147 13.39 19.84 4.23
CA PHE A 147 13.04 20.02 5.65
C PHE A 147 14.20 20.50 6.50
N LYS A 148 15.41 20.14 6.14
CA LYS A 148 16.62 20.59 6.82
C LYS A 148 16.69 22.11 6.68
N LYS A 149 16.28 22.57 5.53
CA LYS A 149 16.24 23.98 5.19
C LYS A 149 15.09 24.66 5.93
N ILE A 150 13.97 23.94 6.04
CA ILE A 150 12.81 24.43 6.77
C ILE A 150 13.11 24.53 8.27
N MET A 151 13.95 23.63 8.76
CA MET A 151 14.40 23.68 10.15
C MET A 151 15.26 24.91 10.38
N GLU A 152 15.96 25.33 9.33
CA GLU A 152 16.75 26.55 9.37
C GLU A 152 15.82 27.77 9.36
N CYS A 153 14.66 27.63 8.73
CA CYS A 153 13.64 28.68 8.72
C CYS A 153 13.01 28.80 10.10
N LYS A 154 12.95 27.68 10.80
CA LYS A 154 12.46 27.63 12.17
C LYS A 154 13.56 28.08 13.11
N LYS A 155 14.77 28.02 12.60
CA LYS A 155 16.01 28.33 13.30
C LYS A 155 16.19 27.40 14.49
N LYS A 156 16.26 26.12 14.17
CA LYS A 156 16.43 25.08 15.15
C LYS A 156 17.37 24.02 14.62
N PRO A 157 18.56 23.91 15.22
CA PRO A 157 19.58 22.97 14.78
C PRO A 157 19.32 21.55 15.25
N GLN A 158 20.01 20.63 14.65
CA GLN A 158 19.94 19.24 15.03
C GLN A 158 21.27 18.81 15.64
N CYS A 10 -26.88 5.56 -23.53
CA CYS A 10 -27.08 4.16 -23.27
C CYS A 10 -26.64 3.87 -21.86
N SER A 11 -27.58 3.59 -21.00
CA SER A 11 -27.29 3.40 -19.63
C SER A 11 -26.86 1.98 -19.32
N SER A 12 -25.67 1.66 -19.77
CA SER A 12 -25.05 0.39 -19.51
C SER A 12 -24.24 0.47 -18.22
N ASP A 13 -24.10 1.71 -17.71
CA ASP A 13 -23.29 2.07 -16.54
C ASP A 13 -21.82 2.12 -16.95
N SER A 14 -20.94 2.44 -16.06
CA SER A 14 -19.54 2.55 -16.43
C SER A 14 -18.84 1.19 -16.28
N LEU A 15 -18.67 0.48 -17.38
CA LEU A 15 -17.98 -0.78 -17.38
C LEU A 15 -16.50 -0.52 -17.37
N GLN A 16 -15.92 -0.60 -16.22
CA GLN A 16 -14.53 -0.29 -16.08
C GLN A 16 -13.85 -1.25 -15.18
N LEU A 17 -12.60 -1.48 -15.47
CA LEU A 17 -11.77 -2.26 -14.66
C LEU A 17 -11.29 -1.41 -13.54
N HIS A 18 -10.93 -2.02 -12.49
CA HIS A 18 -10.59 -1.29 -11.32
C HIS A 18 -9.13 -1.44 -11.07
N ASN A 19 -8.58 -0.55 -10.33
CA ASN A 19 -7.19 -0.62 -9.99
C ASN A 19 -7.12 -0.78 -8.47
N VAL A 20 -6.44 -1.78 -8.02
CA VAL A 20 -6.35 -2.07 -6.59
C VAL A 20 -4.92 -2.00 -6.12
N PHE A 21 -4.70 -1.41 -4.97
CA PHE A 21 -3.39 -1.32 -4.40
C PHE A 21 -3.22 -2.47 -3.43
N VAL A 22 -2.22 -3.28 -3.65
CA VAL A 22 -1.96 -4.38 -2.78
C VAL A 22 -0.79 -4.09 -1.88
N TYR A 23 -1.13 -3.84 -0.64
CA TYR A 23 -0.19 -3.41 0.37
C TYR A 23 0.76 -4.51 0.85
N GLY A 24 0.42 -5.76 0.60
CA GLY A 24 1.30 -6.82 1.03
C GLY A 24 0.64 -8.16 1.03
N SER A 25 -0.62 -8.20 1.47
CA SER A 25 -1.38 -9.44 1.59
C SER A 25 -1.50 -10.18 0.25
N PHE A 26 -1.62 -9.43 -0.82
CA PHE A 26 -1.82 -9.99 -2.15
C PHE A 26 -0.91 -9.29 -3.13
N GLN A 27 0.27 -8.96 -2.68
CA GLN A 27 1.20 -8.20 -3.46
C GLN A 27 2.04 -9.13 -4.38
N ASP A 28 1.84 -10.41 -4.23
CA ASP A 28 2.55 -11.38 -5.04
C ASP A 28 1.59 -11.97 -6.07
N PRO A 29 1.89 -11.83 -7.39
CA PRO A 29 1.02 -12.30 -8.47
C PRO A 29 0.70 -13.80 -8.40
N ASP A 30 1.62 -14.59 -7.88
CA ASP A 30 1.40 -16.04 -7.79
C ASP A 30 0.30 -16.33 -6.78
N VAL A 31 0.25 -15.51 -5.76
CA VAL A 31 -0.80 -15.58 -4.75
C VAL A 31 -2.12 -15.19 -5.39
N ILE A 32 -2.06 -14.20 -6.25
CA ILE A 32 -3.20 -13.70 -6.98
C ILE A 32 -3.78 -14.82 -7.89
N ASN A 33 -2.90 -15.62 -8.48
CA ASN A 33 -3.31 -16.76 -9.32
C ASN A 33 -4.27 -17.66 -8.56
N VAL A 34 -3.85 -18.01 -7.37
CA VAL A 34 -4.58 -18.98 -6.57
C VAL A 34 -5.77 -18.39 -5.79
N MET A 35 -5.55 -17.25 -5.16
CA MET A 35 -6.54 -16.65 -4.26
C MET A 35 -7.82 -16.29 -5.03
N LEU A 36 -7.67 -15.86 -6.25
CA LEU A 36 -8.81 -15.54 -7.05
C LEU A 36 -8.90 -16.43 -8.27
N ASP A 37 -8.07 -16.17 -9.26
CA ASP A 37 -8.13 -16.90 -10.55
C ASP A 37 -7.18 -16.32 -11.55
N ARG A 38 -7.21 -15.02 -11.67
CA ARG A 38 -6.45 -14.33 -12.69
C ARG A 38 -5.61 -13.26 -12.05
N THR A 39 -4.63 -12.76 -12.76
CA THR A 39 -3.75 -11.75 -12.23
C THR A 39 -3.74 -10.51 -13.12
N PRO A 40 -4.33 -9.41 -12.63
CA PRO A 40 -4.37 -8.13 -13.33
C PRO A 40 -2.97 -7.54 -13.51
N GLU A 41 -2.80 -6.75 -14.56
CA GLU A 41 -1.52 -6.11 -14.87
C GLU A 41 -1.07 -5.27 -13.67
N ILE A 42 0.20 -5.34 -13.36
CA ILE A 42 0.69 -4.76 -12.14
C ILE A 42 1.67 -3.62 -12.44
N VAL A 43 1.53 -2.56 -11.70
CA VAL A 43 2.45 -1.44 -11.79
C VAL A 43 2.91 -1.05 -10.38
N SER A 44 4.12 -0.60 -10.26
CA SER A 44 4.65 -0.15 -9.00
C SER A 44 4.09 1.24 -8.70
N ALA A 45 3.51 1.42 -7.53
CA ALA A 45 2.93 2.69 -7.13
C ALA A 45 3.13 2.97 -5.65
N THR A 46 3.03 4.21 -5.29
CA THR A 46 3.18 4.63 -3.94
C THR A 46 1.91 5.31 -3.45
N LEU A 47 1.47 4.91 -2.29
CA LEU A 47 0.35 5.49 -1.63
C LEU A 47 0.82 6.44 -0.54
N PRO A 48 0.76 7.75 -0.78
CA PRO A 48 1.18 8.73 0.20
C PRO A 48 0.03 9.08 1.15
N GLY A 49 0.36 9.30 2.40
CA GLY A 49 -0.65 9.64 3.38
C GLY A 49 -1.15 8.42 4.09
N PHE A 50 -0.50 7.30 3.85
CA PHE A 50 -0.81 6.05 4.47
C PHE A 50 0.46 5.33 4.67
N GLN A 51 0.58 4.62 5.74
CA GLN A 51 1.81 3.98 6.05
C GLN A 51 1.48 2.65 6.68
N ARG A 52 2.25 1.64 6.39
CA ARG A 52 1.99 0.34 6.92
C ARG A 52 2.73 0.17 8.22
N PHE A 53 1.99 -0.18 9.23
CA PHE A 53 2.53 -0.35 10.55
C PHE A 53 2.55 -1.81 10.87
N ARG A 54 3.63 -2.24 11.41
CA ARG A 54 3.84 -3.62 11.69
C ARG A 54 3.79 -3.93 13.16
N LEU A 55 3.67 -5.19 13.44
CA LEU A 55 3.64 -5.73 14.77
C LEU A 55 4.13 -7.15 14.70
N LYS A 56 3.53 -7.89 13.77
CA LYS A 56 3.84 -9.27 13.52
C LYS A 56 3.54 -10.06 14.79
N GLY A 57 2.25 -10.25 15.05
CA GLY A 57 1.83 -10.92 16.24
C GLY A 57 0.34 -11.14 16.23
N ARG A 58 -0.38 -10.49 17.15
CA ARG A 58 -1.83 -10.66 17.21
C ARG A 58 -2.46 -9.84 16.09
N LEU A 59 -1.76 -8.80 15.70
CA LEU A 59 -2.19 -7.92 14.66
C LEU A 59 -1.21 -8.00 13.49
N TYR A 60 -1.63 -7.54 12.35
CA TYR A 60 -0.90 -7.70 11.12
C TYR A 60 -0.30 -6.36 10.76
N PRO A 61 0.59 -6.30 9.75
CA PRO A 61 1.07 -5.05 9.24
C PRO A 61 -0.06 -4.38 8.44
N CYS A 62 -0.73 -3.45 9.07
CA CYS A 62 -1.91 -2.86 8.51
C CYS A 62 -1.66 -1.46 7.96
N ILE A 63 -2.53 -1.01 7.08
CA ILE A 63 -2.45 0.30 6.48
C ILE A 63 -3.29 1.28 7.25
N VAL A 64 -2.68 2.35 7.69
CA VAL A 64 -3.38 3.40 8.39
C VAL A 64 -2.99 4.75 7.81
N PRO A 65 -3.93 5.72 7.79
CA PRO A 65 -3.64 7.09 7.33
C PRO A 65 -2.56 7.77 8.18
N SER A 66 -1.38 7.87 7.63
CA SER A 66 -0.26 8.52 8.25
C SER A 66 0.25 9.57 7.29
N GLU A 67 0.02 10.83 7.61
CA GLU A 67 0.42 11.94 6.73
C GLU A 67 1.94 11.98 6.52
N LYS A 68 2.67 11.47 7.49
CA LYS A 68 4.10 11.45 7.42
C LYS A 68 4.61 10.17 6.77
N GLY A 69 3.72 9.36 6.23
CA GLY A 69 4.13 8.12 5.64
C GLY A 69 3.61 7.89 4.25
N GLU A 70 4.11 6.86 3.63
CA GLU A 70 3.78 6.46 2.29
C GLU A 70 4.11 4.98 2.11
N VAL A 71 3.29 4.29 1.37
CA VAL A 71 3.49 2.87 1.15
C VAL A 71 3.81 2.63 -0.31
N HIS A 72 4.93 2.02 -0.56
CA HIS A 72 5.32 1.68 -1.92
C HIS A 72 4.90 0.27 -2.18
N GLY A 73 4.01 0.09 -3.10
CA GLY A 73 3.52 -1.21 -3.38
C GLY A 73 3.16 -1.36 -4.81
N LYS A 74 2.28 -2.27 -5.08
CA LYS A 74 1.89 -2.53 -6.42
C LYS A 74 0.42 -2.37 -6.63
N VAL A 75 0.09 -1.98 -7.81
CA VAL A 75 -1.28 -1.81 -8.24
C VAL A 75 -1.68 -2.87 -9.26
N LEU A 76 -2.80 -3.50 -8.99
CA LEU A 76 -3.40 -4.46 -9.87
C LEU A 76 -4.45 -3.72 -10.68
N MET A 77 -4.18 -3.53 -11.93
CA MET A 77 -5.11 -2.82 -12.79
C MET A 77 -5.71 -3.73 -13.80
N GLY A 78 -6.94 -3.46 -14.17
CA GLY A 78 -7.61 -4.31 -15.07
C GLY A 78 -8.36 -5.40 -14.36
N VAL A 79 -8.59 -5.20 -13.07
CA VAL A 79 -9.30 -6.18 -12.29
C VAL A 79 -10.80 -5.99 -12.52
N THR A 80 -11.49 -7.08 -12.78
CA THR A 80 -12.88 -7.06 -13.04
C THR A 80 -13.63 -6.85 -11.70
N SER A 81 -14.86 -6.41 -11.77
CA SER A 81 -15.65 -6.15 -10.58
C SER A 81 -15.84 -7.41 -9.70
N ASP A 82 -15.78 -8.59 -10.31
CA ASP A 82 -15.95 -9.86 -9.59
C ASP A 82 -14.75 -10.15 -8.70
N GLU A 83 -13.57 -10.00 -9.24
CA GLU A 83 -12.35 -10.17 -8.45
C GLU A 83 -12.25 -9.01 -7.44
N LEU A 84 -12.81 -7.85 -7.79
CA LEU A 84 -12.83 -6.71 -6.89
C LEU A 84 -13.63 -7.04 -5.64
N GLU A 85 -14.86 -7.55 -5.83
CA GLU A 85 -15.72 -7.92 -4.70
C GLU A 85 -15.10 -9.07 -3.94
N ASN A 86 -14.36 -9.90 -4.65
CA ASN A 86 -13.61 -11.00 -4.08
C ASN A 86 -12.63 -10.49 -3.06
N LEU A 87 -11.90 -9.46 -3.45
CA LEU A 87 -10.93 -8.83 -2.59
C LEU A 87 -11.59 -8.19 -1.39
N ASP A 88 -12.76 -7.61 -1.59
CA ASP A 88 -13.50 -6.99 -0.48
C ASP A 88 -14.09 -8.07 0.41
N ALA A 89 -14.42 -9.20 -0.17
CA ALA A 89 -14.94 -10.32 0.57
C ALA A 89 -13.85 -10.94 1.43
N VAL A 90 -12.70 -11.14 0.83
CA VAL A 90 -11.57 -11.75 1.52
C VAL A 90 -10.93 -10.78 2.57
N GLU A 91 -10.61 -9.54 2.16
CA GLU A 91 -9.98 -8.55 3.08
C GLU A 91 -11.00 -7.92 4.03
N GLY A 92 -12.23 -7.79 3.57
CA GLY A 92 -13.31 -7.11 4.31
C GLY A 92 -13.58 -7.67 5.68
N ASN A 93 -13.10 -8.87 5.93
CA ASN A 93 -13.25 -9.51 7.23
C ASN A 93 -12.57 -8.68 8.31
N GLU A 94 -11.43 -8.07 7.98
CA GLU A 94 -10.66 -7.32 8.97
C GLU A 94 -10.24 -5.91 8.45
N TYR A 95 -10.44 -5.67 7.18
CA TYR A 95 -10.08 -4.38 6.56
C TYR A 95 -11.26 -3.77 5.83
N GLU A 96 -11.14 -2.51 5.47
CA GLU A 96 -12.18 -1.81 4.74
C GLU A 96 -11.60 -1.26 3.43
N ARG A 97 -12.42 -1.22 2.39
CA ARG A 97 -11.99 -0.73 1.10
C ARG A 97 -12.25 0.77 0.99
N VAL A 98 -11.23 1.49 0.60
CA VAL A 98 -11.33 2.90 0.32
C VAL A 98 -10.67 3.25 -0.95
N THR A 99 -11.01 4.38 -1.44
CA THR A 99 -10.47 4.83 -2.69
C THR A 99 -9.40 5.90 -2.39
N VAL A 100 -8.21 5.67 -2.88
CA VAL A 100 -7.08 6.52 -2.56
C VAL A 100 -6.31 6.91 -3.82
N GLY A 101 -5.47 7.90 -3.69
CA GLY A 101 -4.68 8.35 -4.79
C GLY A 101 -3.26 7.86 -4.65
N ILE A 102 -2.79 7.15 -5.64
CA ILE A 102 -1.45 6.63 -5.64
C ILE A 102 -0.64 7.23 -6.77
N VAL A 103 0.65 7.08 -6.72
CA VAL A 103 1.51 7.61 -7.75
C VAL A 103 2.43 6.52 -8.26
N ARG A 104 2.42 6.32 -9.55
CA ARG A 104 3.20 5.30 -10.24
C ARG A 104 4.70 5.57 -10.12
N GLU A 105 5.43 4.55 -9.69
CA GLU A 105 6.89 4.63 -9.50
C GLU A 105 7.61 4.69 -10.84
N ASP A 106 6.93 4.29 -11.89
CA ASP A 106 7.53 4.17 -13.21
C ASP A 106 7.68 5.54 -13.90
N ASN A 107 6.67 6.39 -13.80
CA ASN A 107 6.76 7.72 -14.46
C ASN A 107 6.10 8.84 -13.65
N SER A 108 5.85 8.57 -12.37
CA SER A 108 5.32 9.56 -11.41
C SER A 108 3.87 9.99 -11.71
N GLU A 109 3.15 9.26 -12.55
CA GLU A 109 1.76 9.56 -12.82
C GLU A 109 0.87 9.14 -11.67
N LYS A 110 -0.15 9.88 -11.43
CA LYS A 110 -1.06 9.62 -10.34
C LYS A 110 -2.25 8.82 -10.82
N MET A 111 -2.77 7.99 -9.98
CA MET A 111 -3.94 7.19 -10.29
C MET A 111 -4.77 7.01 -9.08
N ALA A 112 -5.97 6.62 -9.31
CA ALA A 112 -6.93 6.41 -8.27
C ALA A 112 -7.17 4.92 -8.14
N VAL A 113 -6.95 4.40 -6.96
CA VAL A 113 -7.07 2.99 -6.75
C VAL A 113 -7.89 2.68 -5.52
N LYS A 114 -8.22 1.43 -5.36
CA LYS A 114 -8.92 0.96 -4.21
C LYS A 114 -7.92 0.24 -3.32
N THR A 115 -7.95 0.50 -2.05
CA THR A 115 -7.05 -0.15 -1.14
C THR A 115 -7.84 -0.56 0.10
N TYR A 116 -7.21 -1.33 0.95
CA TYR A 116 -7.82 -1.79 2.16
C TYR A 116 -6.97 -1.33 3.34
N MET A 117 -7.59 -0.65 4.27
CA MET A 117 -6.89 -0.09 5.41
C MET A 117 -7.60 -0.47 6.71
N TRP A 118 -6.87 -0.43 7.81
CA TRP A 118 -7.38 -0.84 9.12
C TRP A 118 -8.46 0.15 9.59
N ILE A 119 -9.61 -0.39 10.03
CA ILE A 119 -10.77 0.44 10.36
C ILE A 119 -10.58 1.22 11.65
N ASN A 120 -10.08 0.55 12.69
CA ASN A 120 -9.91 1.22 13.98
C ASN A 120 -8.85 2.29 13.87
N LYS A 121 -7.77 1.92 13.19
CA LYS A 121 -6.60 2.78 12.88
C LYS A 121 -6.00 3.50 14.11
N ALA A 122 -6.33 3.03 15.30
CA ALA A 122 -5.85 3.65 16.52
C ALA A 122 -5.19 2.65 17.48
N ASP A 123 -5.11 1.38 17.06
CA ASP A 123 -4.49 0.33 17.91
C ASP A 123 -3.05 0.65 18.24
N PRO A 124 -2.72 0.74 19.55
CA PRO A 124 -1.35 1.02 20.01
C PRO A 124 -0.40 -0.12 19.68
N ASP A 125 -0.99 -1.29 19.40
CA ASP A 125 -0.27 -2.49 19.02
C ASP A 125 0.60 -2.23 17.82
N MET A 126 0.07 -1.49 16.88
CA MET A 126 0.78 -1.20 15.69
C MET A 126 1.48 0.15 15.72
N PHE A 127 2.64 0.14 16.30
CA PHE A 127 3.47 1.30 16.32
C PHE A 127 4.87 0.88 15.98
N GLY A 128 5.13 0.89 14.72
CA GLY A 128 6.37 0.47 14.18
C GLY A 128 6.18 0.41 12.71
N GLU A 129 7.07 0.97 11.99
CA GLU A 129 6.89 1.07 10.57
C GLU A 129 7.56 -0.06 9.89
N TRP A 130 7.03 -0.45 8.78
CA TRP A 130 7.63 -1.48 7.98
C TRP A 130 8.76 -0.77 7.21
N ASN A 131 9.77 -1.52 6.76
CA ASN A 131 11.01 -0.95 6.12
C ASN A 131 10.82 0.00 4.90
N PHE A 132 9.60 0.41 4.60
CA PHE A 132 9.32 1.38 3.53
C PHE A 132 10.08 2.68 3.74
N GLU A 133 10.32 3.00 5.01
CA GLU A 133 11.03 4.21 5.44
C GLU A 133 12.36 4.39 4.72
N GLU A 134 13.01 3.28 4.42
CA GLU A 134 14.30 3.34 3.78
C GLU A 134 14.16 3.78 2.32
N TRP A 135 13.21 3.20 1.61
CA TRP A 135 13.00 3.58 0.24
C TRP A 135 12.33 4.95 0.15
N LYS A 136 11.53 5.28 1.16
CA LYS A 136 10.89 6.58 1.30
C LYS A 136 11.97 7.67 1.33
N ARG A 137 13.05 7.35 2.02
CA ARG A 137 14.23 8.22 2.11
C ARG A 137 14.78 8.56 0.72
N LEU A 138 14.98 7.54 -0.10
CA LEU A 138 15.51 7.72 -1.44
C LEU A 138 14.47 8.28 -2.39
N HIS A 139 13.22 8.13 -2.02
CA HIS A 139 12.12 8.68 -2.83
C HIS A 139 12.14 10.20 -2.76
N LYS A 140 12.54 10.71 -1.60
CA LYS A 140 12.69 12.15 -1.37
C LYS A 140 13.77 12.70 -2.29
N LYS A 141 14.80 11.89 -2.54
CA LYS A 141 15.94 12.27 -3.36
C LYS A 141 15.58 12.76 -4.74
N LYS A 142 14.61 12.13 -5.40
CA LYS A 142 14.20 12.54 -6.77
C LYS A 142 13.84 14.01 -6.77
N PHE A 143 13.11 14.36 -5.76
CA PHE A 143 12.58 15.67 -5.62
C PHE A 143 13.69 16.62 -5.22
N ILE A 144 14.62 16.13 -4.42
CA ILE A 144 15.73 16.93 -3.96
C ILE A 144 16.71 17.20 -5.07
N GLU A 145 16.95 16.22 -5.93
CA GLU A 145 17.87 16.39 -7.06
C GLU A 145 17.40 17.51 -7.97
N THR A 146 16.10 17.66 -8.05
CA THR A 146 15.48 18.69 -8.82
C THR A 146 15.74 20.06 -8.13
N PHE A 147 15.53 20.10 -6.82
CA PHE A 147 15.77 21.29 -6.01
C PHE A 147 17.23 21.63 -5.81
N LYS A 148 18.07 20.62 -5.83
CA LYS A 148 19.49 20.76 -5.71
C LYS A 148 19.99 21.71 -6.82
N LYS A 149 19.38 21.56 -8.00
CA LYS A 149 19.72 22.39 -9.16
C LYS A 149 19.20 23.81 -8.96
N ILE A 150 18.13 23.93 -8.21
CA ILE A 150 17.55 25.21 -7.89
C ILE A 150 18.46 25.95 -6.88
N MET A 151 19.13 25.17 -6.04
CA MET A 151 20.14 25.72 -5.11
C MET A 151 21.28 26.32 -5.91
N GLU A 152 21.65 25.61 -6.99
CA GLU A 152 22.70 26.05 -7.92
C GLU A 152 22.29 27.37 -8.58
N CYS A 153 21.00 27.50 -8.85
CA CYS A 153 20.43 28.69 -9.48
C CYS A 153 20.52 29.90 -8.57
N LYS A 154 20.45 29.67 -7.27
CA LYS A 154 20.57 30.74 -6.29
C LYS A 154 22.01 31.22 -6.27
N LYS A 155 22.90 30.28 -6.63
CA LYS A 155 24.32 30.47 -6.81
C LYS A 155 25.06 30.65 -5.50
N LYS A 156 24.84 31.80 -4.88
CA LYS A 156 25.52 32.21 -3.63
C LYS A 156 27.04 32.41 -3.85
N PRO A 157 27.72 33.13 -2.95
CA PRO A 157 29.16 33.24 -2.99
C PRO A 157 29.80 31.95 -2.48
N GLN A 158 30.13 31.08 -3.40
CA GLN A 158 30.70 29.78 -3.12
C GLN A 158 31.20 29.16 -4.40
N CYS A 10 -25.42 -0.53 -17.78
CA CYS A 10 -24.03 -0.22 -17.86
C CYS A 10 -23.77 1.21 -17.40
N SER A 11 -22.57 1.45 -16.93
CA SER A 11 -22.12 2.77 -16.55
C SER A 11 -21.46 3.41 -17.80
N SER A 12 -20.68 4.47 -17.61
CA SER A 12 -19.98 5.09 -18.72
C SER A 12 -19.01 4.07 -19.32
N ASP A 13 -18.40 3.31 -18.43
CA ASP A 13 -17.52 2.23 -18.77
C ASP A 13 -18.34 1.02 -19.08
N SER A 14 -17.86 0.20 -19.95
CA SER A 14 -18.55 -1.01 -20.24
C SER A 14 -17.86 -2.09 -19.42
N LEU A 15 -18.13 -2.03 -18.11
CA LEU A 15 -17.50 -2.81 -17.11
C LEU A 15 -16.00 -2.58 -17.11
N GLN A 16 -15.58 -1.55 -16.41
CA GLN A 16 -14.17 -1.20 -16.31
C GLN A 16 -13.43 -2.13 -15.38
N LEU A 17 -12.16 -2.27 -15.60
CA LEU A 17 -11.32 -2.99 -14.74
C LEU A 17 -10.93 -2.10 -13.60
N HIS A 18 -10.61 -2.70 -12.52
CA HIS A 18 -10.35 -1.94 -11.33
C HIS A 18 -8.91 -2.09 -10.95
N ASN A 19 -8.47 -1.16 -10.16
CA ASN A 19 -7.13 -1.11 -9.71
C ASN A 19 -7.06 -0.94 -8.20
N VAL A 20 -6.31 -1.80 -7.58
CA VAL A 20 -6.20 -1.87 -6.14
C VAL A 20 -4.74 -1.83 -5.75
N PHE A 21 -4.44 -1.16 -4.66
CA PHE A 21 -3.10 -1.10 -4.15
C PHE A 21 -2.94 -2.21 -3.12
N VAL A 22 -1.97 -3.06 -3.32
CA VAL A 22 -1.80 -4.18 -2.44
C VAL A 22 -0.75 -3.89 -1.37
N TYR A 23 -1.07 -4.29 -0.17
CA TYR A 23 -0.25 -4.00 0.97
C TYR A 23 0.47 -5.23 1.54
N GLY A 24 -0.24 -6.33 1.79
CA GLY A 24 0.41 -7.44 2.44
C GLY A 24 -0.16 -8.80 2.11
N SER A 25 -1.48 -8.96 2.22
CA SER A 25 -2.11 -10.27 2.04
C SER A 25 -1.82 -10.85 0.66
N PHE A 26 -1.78 -9.99 -0.32
CA PHE A 26 -1.59 -10.41 -1.69
C PHE A 26 -0.34 -9.79 -2.26
N GLN A 27 0.68 -9.68 -1.44
CA GLN A 27 1.97 -9.08 -1.82
C GLN A 27 2.77 -10.03 -2.78
N ASP A 28 2.07 -10.91 -3.45
CA ASP A 28 2.65 -11.90 -4.32
C ASP A 28 1.66 -12.22 -5.44
N PRO A 29 2.09 -12.20 -6.70
CA PRO A 29 1.20 -12.47 -7.83
C PRO A 29 0.84 -13.95 -7.96
N ASP A 30 1.68 -14.83 -7.45
CA ASP A 30 1.46 -16.26 -7.55
C ASP A 30 0.24 -16.69 -6.73
N VAL A 31 0.08 -16.08 -5.56
CA VAL A 31 -1.10 -16.35 -4.74
C VAL A 31 -2.37 -15.77 -5.42
N ILE A 32 -2.17 -14.68 -6.20
CA ILE A 32 -3.24 -14.03 -6.93
C ILE A 32 -3.91 -15.01 -7.90
N ASN A 33 -3.07 -15.88 -8.50
CA ASN A 33 -3.54 -16.89 -9.47
C ASN A 33 -4.64 -17.73 -8.85
N VAL A 34 -4.41 -18.12 -7.63
CA VAL A 34 -5.29 -19.02 -6.91
C VAL A 34 -6.49 -18.32 -6.28
N MET A 35 -6.27 -17.14 -5.69
CA MET A 35 -7.32 -16.49 -4.91
C MET A 35 -8.50 -16.07 -5.81
N LEU A 36 -8.20 -15.61 -7.01
CA LEU A 36 -9.27 -15.26 -7.92
C LEU A 36 -9.25 -16.14 -9.15
N ASP A 37 -8.20 -15.99 -9.97
CA ASP A 37 -8.07 -16.73 -11.23
C ASP A 37 -6.96 -16.13 -12.04
N ARG A 38 -7.04 -14.84 -12.23
CA ARG A 38 -6.12 -14.13 -13.09
C ARG A 38 -5.19 -13.30 -12.26
N THR A 39 -4.11 -12.85 -12.85
CA THR A 39 -3.21 -11.98 -12.18
C THR A 39 -3.24 -10.63 -12.89
N PRO A 40 -3.87 -9.63 -12.27
CA PRO A 40 -3.93 -8.26 -12.79
C PRO A 40 -2.53 -7.70 -13.07
N GLU A 41 -2.46 -6.80 -14.02
CA GLU A 41 -1.23 -6.13 -14.36
C GLU A 41 -0.79 -5.29 -13.16
N ILE A 42 0.43 -5.45 -12.76
CA ILE A 42 0.90 -4.85 -11.55
C ILE A 42 1.88 -3.74 -11.87
N VAL A 43 1.75 -2.65 -11.19
CA VAL A 43 2.65 -1.52 -11.34
C VAL A 43 3.12 -1.05 -9.97
N SER A 44 4.35 -0.58 -9.89
CA SER A 44 4.87 -0.05 -8.67
C SER A 44 4.28 1.35 -8.45
N ALA A 45 3.69 1.56 -7.30
CA ALA A 45 3.08 2.81 -6.98
C ALA A 45 3.33 3.18 -5.54
N THR A 46 3.27 4.44 -5.28
CA THR A 46 3.47 4.96 -3.98
C THR A 46 2.16 5.55 -3.48
N LEU A 47 1.75 5.13 -2.33
CA LEU A 47 0.56 5.63 -1.70
C LEU A 47 0.94 6.65 -0.63
N PRO A 48 0.81 7.95 -0.94
CA PRO A 48 1.14 8.99 0.01
C PRO A 48 -0.05 9.34 0.91
N GLY A 49 0.23 9.66 2.16
CA GLY A 49 -0.83 10.00 3.08
C GLY A 49 -1.27 8.80 3.88
N PHE A 50 -0.56 7.71 3.69
CA PHE A 50 -0.86 6.46 4.31
C PHE A 50 0.43 5.79 4.60
N GLN A 51 0.46 4.99 5.59
CA GLN A 51 1.66 4.33 5.98
C GLN A 51 1.33 2.92 6.35
N ARG A 52 2.24 2.04 6.06
CA ARG A 52 2.05 0.67 6.36
C ARG A 52 2.61 0.40 7.72
N PHE A 53 1.85 -0.26 8.50
CA PHE A 53 2.27 -0.64 9.78
C PHE A 53 2.53 -2.09 9.76
N ARG A 54 3.62 -2.43 10.30
CA ARG A 54 4.18 -3.73 10.15
C ARG A 54 4.33 -4.47 11.45
N LEU A 55 4.54 -5.77 11.31
CA LEU A 55 4.56 -6.71 12.39
C LEU A 55 5.63 -6.51 13.45
N LYS A 56 5.16 -6.49 14.66
CA LYS A 56 5.97 -6.53 15.84
C LYS A 56 5.12 -7.28 16.87
N GLY A 57 4.21 -8.06 16.30
CA GLY A 57 3.25 -8.85 17.03
C GLY A 57 2.64 -9.89 16.10
N ARG A 58 1.34 -10.13 16.22
CA ARG A 58 0.69 -11.14 15.37
C ARG A 58 -0.12 -10.55 14.20
N LEU A 59 0.13 -9.30 13.86
CA LEU A 59 -0.64 -8.68 12.79
C LEU A 59 0.25 -8.45 11.58
N TYR A 60 -0.37 -8.28 10.44
CA TYR A 60 0.33 -8.19 9.18
C TYR A 60 0.53 -6.73 8.81
N PRO A 61 1.38 -6.44 7.78
CA PRO A 61 1.57 -5.08 7.29
C PRO A 61 0.26 -4.51 6.76
N CYS A 62 -0.33 -3.65 7.54
CA CYS A 62 -1.60 -3.07 7.25
C CYS A 62 -1.45 -1.58 6.94
N ILE A 63 -2.34 -1.05 6.13
CA ILE A 63 -2.28 0.35 5.75
C ILE A 63 -3.17 1.16 6.68
N VAL A 64 -2.70 2.31 7.09
CA VAL A 64 -3.53 3.25 7.84
C VAL A 64 -3.18 4.67 7.37
N PRO A 65 -4.11 5.61 7.45
CA PRO A 65 -3.87 6.99 7.07
C PRO A 65 -2.88 7.68 8.00
N SER A 66 -1.69 7.86 7.51
CA SER A 66 -0.65 8.54 8.19
C SER A 66 -0.18 9.62 7.25
N GLU A 67 -0.61 10.84 7.50
CA GLU A 67 -0.35 11.99 6.62
C GLU A 67 1.14 12.18 6.33
N LYS A 68 1.95 11.87 7.30
CA LYS A 68 3.38 12.03 7.19
C LYS A 68 4.05 10.79 6.61
N GLY A 69 3.27 9.83 6.19
CA GLY A 69 3.83 8.63 5.63
C GLY A 69 3.43 8.39 4.18
N GLU A 70 4.05 7.41 3.60
CA GLU A 70 3.82 6.99 2.24
C GLU A 70 4.23 5.53 2.13
N VAL A 71 3.58 4.79 1.27
CA VAL A 71 3.87 3.39 1.11
C VAL A 71 4.24 3.09 -0.32
N HIS A 72 5.38 2.51 -0.54
CA HIS A 72 5.72 2.08 -1.86
C HIS A 72 5.29 0.65 -2.01
N GLY A 73 4.36 0.42 -2.87
CA GLY A 73 3.83 -0.88 -3.05
C GLY A 73 3.45 -1.06 -4.47
N LYS A 74 2.54 -1.94 -4.72
CA LYS A 74 2.12 -2.21 -6.06
C LYS A 74 0.64 -2.11 -6.22
N VAL A 75 0.27 -1.79 -7.41
CA VAL A 75 -1.10 -1.69 -7.81
C VAL A 75 -1.47 -2.80 -8.79
N LEU A 76 -2.53 -3.47 -8.45
CA LEU A 76 -3.10 -4.53 -9.25
C LEU A 76 -4.22 -3.93 -10.09
N MET A 77 -4.01 -3.83 -11.37
CA MET A 77 -5.03 -3.29 -12.25
C MET A 77 -5.42 -4.28 -13.32
N GLY A 78 -6.63 -4.20 -13.79
CA GLY A 78 -7.10 -5.16 -14.73
C GLY A 78 -7.95 -6.22 -14.06
N VAL A 79 -8.36 -5.96 -12.84
CA VAL A 79 -9.20 -6.90 -12.12
C VAL A 79 -10.68 -6.65 -12.50
N THR A 80 -11.43 -7.70 -12.75
CA THR A 80 -12.79 -7.60 -13.16
C THR A 80 -13.66 -7.18 -11.94
N SER A 81 -14.84 -6.63 -12.19
CA SER A 81 -15.73 -6.17 -11.12
C SER A 81 -16.11 -7.30 -10.15
N ASP A 82 -16.33 -8.49 -10.67
CA ASP A 82 -16.69 -9.68 -9.86
C ASP A 82 -15.57 -9.98 -8.87
N GLU A 83 -14.36 -10.01 -9.39
CA GLU A 83 -13.15 -10.28 -8.61
C GLU A 83 -12.87 -9.09 -7.66
N LEU A 84 -13.26 -7.89 -8.10
CA LEU A 84 -13.14 -6.68 -7.28
C LEU A 84 -14.00 -6.81 -6.03
N GLU A 85 -15.19 -7.38 -6.20
CA GLU A 85 -16.07 -7.63 -5.08
C GLU A 85 -15.54 -8.79 -4.25
N ASN A 86 -14.84 -9.69 -4.91
CA ASN A 86 -14.20 -10.82 -4.25
C ASN A 86 -13.05 -10.35 -3.36
N LEU A 87 -12.27 -9.40 -3.86
CA LEU A 87 -11.22 -8.77 -3.07
C LEU A 87 -11.82 -8.08 -1.87
N ASP A 88 -12.93 -7.39 -2.12
CA ASP A 88 -13.67 -6.68 -1.08
C ASP A 88 -14.25 -7.67 -0.08
N ALA A 89 -14.63 -8.82 -0.56
CA ALA A 89 -15.17 -9.88 0.27
C ALA A 89 -14.10 -10.48 1.16
N VAL A 90 -12.94 -10.73 0.58
CA VAL A 90 -11.83 -11.34 1.29
C VAL A 90 -11.15 -10.38 2.29
N GLU A 91 -10.69 -9.24 1.81
CA GLU A 91 -9.96 -8.27 2.64
C GLU A 91 -10.91 -7.46 3.51
N GLY A 92 -12.16 -7.40 3.07
CA GLY A 92 -13.19 -6.63 3.73
C GLY A 92 -13.53 -7.08 5.15
N ASN A 93 -13.11 -8.28 5.52
CA ASN A 93 -13.44 -8.81 6.84
C ASN A 93 -12.75 -8.05 7.96
N GLU A 94 -11.48 -7.79 7.79
CA GLU A 94 -10.71 -7.12 8.83
C GLU A 94 -10.24 -5.75 8.39
N TYR A 95 -10.38 -5.48 7.12
CA TYR A 95 -9.97 -4.21 6.55
C TYR A 95 -11.15 -3.61 5.82
N GLU A 96 -11.06 -2.36 5.45
CA GLU A 96 -12.13 -1.74 4.70
C GLU A 96 -11.57 -1.19 3.40
N ARG A 97 -12.37 -1.25 2.36
CA ARG A 97 -11.95 -0.78 1.07
C ARG A 97 -12.23 0.70 0.96
N VAL A 98 -11.21 1.46 0.86
CA VAL A 98 -11.34 2.88 0.70
C VAL A 98 -10.68 3.31 -0.57
N THR A 99 -11.05 4.45 -1.04
CA THR A 99 -10.52 4.91 -2.30
C THR A 99 -9.40 5.92 -2.01
N VAL A 100 -8.25 5.68 -2.60
CA VAL A 100 -7.06 6.45 -2.31
C VAL A 100 -6.34 6.87 -3.57
N GLY A 101 -5.35 7.70 -3.43
CA GLY A 101 -4.58 8.15 -4.53
C GLY A 101 -3.16 7.68 -4.44
N ILE A 102 -2.68 7.07 -5.49
CA ILE A 102 -1.32 6.57 -5.56
C ILE A 102 -0.56 7.27 -6.66
N VAL A 103 0.72 7.19 -6.62
CA VAL A 103 1.55 7.77 -7.63
C VAL A 103 2.37 6.67 -8.21
N ARG A 104 2.30 6.48 -9.51
CA ARG A 104 3.01 5.36 -10.08
C ARG A 104 4.46 5.69 -10.23
N GLU A 105 5.29 4.75 -9.86
CA GLU A 105 6.74 4.85 -9.98
C GLU A 105 7.13 4.45 -11.41
N ASP A 106 6.11 4.37 -12.22
CA ASP A 106 6.14 4.04 -13.63
C ASP A 106 6.32 5.29 -14.49
N ASN A 107 5.47 6.27 -14.28
CA ASN A 107 5.47 7.47 -15.11
C ASN A 107 5.28 8.74 -14.28
N SER A 108 5.29 8.58 -12.97
CA SER A 108 5.21 9.67 -12.00
C SER A 108 3.80 10.29 -11.95
N GLU A 109 2.83 9.68 -12.61
CA GLU A 109 1.48 10.17 -12.58
C GLU A 109 0.76 9.62 -11.38
N LYS A 110 -0.15 10.40 -10.88
CA LYS A 110 -0.90 9.99 -9.77
C LYS A 110 -2.24 9.46 -10.22
N MET A 111 -2.67 8.43 -9.60
CA MET A 111 -3.89 7.74 -9.95
C MET A 111 -4.70 7.43 -8.75
N ALA A 112 -5.91 7.17 -8.99
CA ALA A 112 -6.82 6.80 -7.95
C ALA A 112 -7.05 5.31 -8.02
N VAL A 113 -6.91 4.67 -6.88
CA VAL A 113 -7.08 3.22 -6.76
C VAL A 113 -7.77 2.94 -5.43
N LYS A 114 -8.12 1.72 -5.20
CA LYS A 114 -8.71 1.36 -3.92
C LYS A 114 -7.70 0.59 -3.11
N THR A 115 -7.78 0.70 -1.82
CA THR A 115 -6.91 -0.06 -0.95
C THR A 115 -7.71 -0.45 0.27
N TYR A 116 -7.13 -1.28 1.07
CA TYR A 116 -7.75 -1.72 2.28
C TYR A 116 -6.90 -1.29 3.44
N MET A 117 -7.47 -0.52 4.31
CA MET A 117 -6.75 -0.02 5.45
C MET A 117 -7.33 -0.57 6.73
N TRP A 118 -6.50 -0.61 7.75
CA TRP A 118 -6.86 -1.13 9.04
C TRP A 118 -7.78 -0.13 9.73
N ILE A 119 -8.94 -0.59 10.15
CA ILE A 119 -9.96 0.31 10.68
C ILE A 119 -9.62 0.83 12.09
N ASN A 120 -9.11 -0.06 12.94
CA ASN A 120 -8.84 0.31 14.34
C ASN A 120 -7.66 1.29 14.45
N LYS A 121 -6.63 1.05 13.65
CA LYS A 121 -5.42 1.93 13.56
C LYS A 121 -4.53 1.92 14.83
N ALA A 122 -4.92 1.23 15.91
CA ALA A 122 -4.18 1.36 17.17
C ALA A 122 -3.76 0.03 17.82
N ASP A 123 -3.87 -1.07 17.09
CA ASP A 123 -3.49 -2.39 17.64
C ASP A 123 -1.99 -2.48 17.89
N PRO A 124 -1.58 -2.93 19.10
CA PRO A 124 -0.16 -3.02 19.49
C PRO A 124 0.60 -4.18 18.83
N ASP A 125 0.02 -4.77 17.81
CA ASP A 125 0.71 -5.81 17.06
C ASP A 125 1.49 -5.22 15.93
N MET A 126 1.25 -3.96 15.69
CA MET A 126 1.95 -3.23 14.68
C MET A 126 2.24 -1.84 15.19
N PHE A 127 3.38 -1.31 14.84
CA PHE A 127 3.75 0.04 15.29
C PHE A 127 4.35 0.82 14.16
N GLY A 128 4.53 0.14 13.05
CA GLY A 128 5.24 0.76 11.95
C GLY A 128 6.69 0.36 12.00
N GLU A 129 6.96 -0.62 12.82
CA GLU A 129 8.27 -1.15 13.04
C GLU A 129 8.26 -2.55 12.58
N TRP A 130 9.34 -2.99 12.03
CA TRP A 130 9.41 -4.33 11.57
C TRP A 130 10.15 -5.10 12.64
N ASN A 131 9.77 -6.33 12.88
CA ASN A 131 10.46 -7.13 13.86
C ASN A 131 11.74 -7.69 13.27
N PHE A 132 12.70 -6.78 13.13
CA PHE A 132 13.97 -6.99 12.55
C PHE A 132 14.75 -8.07 13.27
N GLU A 133 14.72 -8.03 14.60
CA GLU A 133 15.50 -8.95 15.43
C GLU A 133 15.18 -10.41 15.16
N GLU A 134 13.92 -10.70 14.92
CA GLU A 134 13.50 -12.07 14.65
C GLU A 134 14.10 -12.54 13.33
N TRP A 135 13.99 -11.72 12.30
CA TRP A 135 14.55 -12.07 11.01
C TRP A 135 16.07 -12.09 11.05
N LYS A 136 16.65 -11.14 11.75
CA LYS A 136 18.10 -11.04 11.91
C LYS A 136 18.62 -12.33 12.55
N ARG A 137 17.81 -12.89 13.43
CA ARG A 137 18.07 -14.16 14.08
C ARG A 137 18.13 -15.30 13.07
N LEU A 138 17.14 -15.38 12.20
CA LEU A 138 17.10 -16.43 11.18
C LEU A 138 18.20 -16.20 10.16
N HIS A 139 18.53 -14.96 9.96
CA HIS A 139 19.60 -14.59 9.04
C HIS A 139 20.93 -15.06 9.63
N LYS A 140 21.05 -14.90 10.94
CA LYS A 140 22.21 -15.34 11.70
C LYS A 140 22.28 -16.87 11.68
N LYS A 141 21.12 -17.47 11.91
CA LYS A 141 20.92 -18.93 11.99
C LYS A 141 21.55 -19.65 10.80
N LYS A 142 21.44 -19.04 9.63
CA LYS A 142 21.99 -19.60 8.42
C LYS A 142 23.52 -19.67 8.49
N PHE A 143 24.14 -18.65 9.05
CA PHE A 143 25.59 -18.61 9.19
C PHE A 143 26.00 -19.51 10.33
N ILE A 144 25.14 -19.59 11.34
CA ILE A 144 25.38 -20.41 12.52
C ILE A 144 25.64 -21.87 12.17
N GLU A 145 25.03 -22.39 11.11
CA GLU A 145 25.33 -23.77 10.65
C GLU A 145 26.82 -23.95 10.32
N THR A 146 27.44 -22.90 9.88
CA THR A 146 28.85 -22.91 9.60
C THR A 146 29.63 -22.72 10.93
N PHE A 147 29.13 -21.80 11.75
CA PHE A 147 29.76 -21.48 13.03
C PHE A 147 29.64 -22.55 14.08
N LYS A 148 28.59 -23.33 14.07
CA LYS A 148 28.43 -24.44 15.02
C LYS A 148 29.61 -25.36 14.95
N LYS A 149 30.10 -25.59 13.76
CA LYS A 149 31.25 -26.47 13.53
C LYS A 149 32.49 -25.85 14.13
N ILE A 150 32.59 -24.55 14.00
CA ILE A 150 33.69 -23.77 14.51
C ILE A 150 33.61 -23.74 16.06
N MET A 151 32.41 -23.58 16.58
CA MET A 151 32.17 -23.55 18.01
C MET A 151 32.42 -24.92 18.63
N GLU A 152 31.86 -25.97 18.02
CA GLU A 152 32.01 -27.33 18.52
C GLU A 152 33.46 -27.77 18.52
N CYS A 153 34.23 -27.26 17.59
CA CYS A 153 35.63 -27.59 17.48
C CYS A 153 36.37 -27.14 18.76
N LYS A 154 36.05 -25.96 19.25
CA LYS A 154 36.68 -25.45 20.46
C LYS A 154 36.01 -26.00 21.70
N LYS A 155 34.68 -25.99 21.69
CA LYS A 155 33.85 -26.45 22.81
C LYS A 155 32.39 -26.26 22.41
N LYS A 156 31.69 -27.34 22.20
CA LYS A 156 30.30 -27.28 21.77
C LYS A 156 29.38 -26.84 22.89
N PRO A 157 28.25 -26.19 22.55
CA PRO A 157 27.20 -25.92 23.51
C PRO A 157 26.62 -27.23 24.00
N GLN A 158 26.04 -27.24 25.18
CA GLN A 158 25.49 -28.45 25.73
C GLN A 158 24.35 -28.98 24.89
N CYS A 10 -21.50 -16.80 -24.18
CA CYS A 10 -20.93 -15.57 -23.74
C CYS A 10 -21.25 -15.35 -22.28
N SER A 11 -20.26 -14.92 -21.55
CA SER A 11 -20.42 -14.57 -20.17
C SER A 11 -20.89 -13.12 -20.09
N SER A 12 -21.10 -12.62 -18.89
CA SER A 12 -21.53 -11.25 -18.75
C SER A 12 -20.32 -10.34 -18.94
N ASP A 13 -19.29 -10.57 -18.13
CA ASP A 13 -18.02 -9.81 -18.16
C ASP A 13 -18.19 -8.29 -17.91
N SER A 14 -17.46 -7.79 -16.95
CA SER A 14 -17.52 -6.40 -16.60
C SER A 14 -16.52 -5.61 -17.44
N LEU A 15 -17.03 -4.65 -18.19
CA LEU A 15 -16.20 -3.80 -19.00
C LEU A 15 -15.55 -2.74 -18.16
N GLN A 16 -16.19 -2.42 -17.08
CA GLN A 16 -15.65 -1.47 -16.16
C GLN A 16 -14.65 -2.08 -15.25
N LEU A 17 -13.45 -1.88 -15.61
CA LEU A 17 -12.32 -2.41 -14.92
C LEU A 17 -11.94 -1.51 -13.78
N HIS A 18 -11.33 -2.09 -12.79
CA HIS A 18 -11.01 -1.39 -11.56
C HIS A 18 -9.53 -1.52 -11.32
N ASN A 19 -9.00 -0.67 -10.49
CA ASN A 19 -7.62 -0.80 -10.06
C ASN A 19 -7.51 -0.75 -8.55
N VAL A 20 -6.72 -1.65 -8.01
CA VAL A 20 -6.58 -1.82 -6.57
C VAL A 20 -5.11 -1.77 -6.18
N PHE A 21 -4.81 -1.18 -5.05
CA PHE A 21 -3.45 -1.15 -4.54
C PHE A 21 -3.29 -2.30 -3.57
N VAL A 22 -2.34 -3.15 -3.85
CA VAL A 22 -2.09 -4.26 -3.00
C VAL A 22 -1.03 -3.90 -1.99
N TYR A 23 -1.42 -4.00 -0.76
CA TYR A 23 -0.60 -3.56 0.31
C TYR A 23 0.35 -4.63 0.85
N GLY A 24 -0.13 -5.53 1.65
CA GLY A 24 0.74 -6.52 2.22
C GLY A 24 0.24 -7.91 1.98
N SER A 25 -1.04 -8.09 2.18
CA SER A 25 -1.67 -9.38 2.00
C SER A 25 -1.59 -9.88 0.54
N PHE A 26 -1.68 -8.96 -0.40
CA PHE A 26 -1.66 -9.34 -1.81
C PHE A 26 -0.58 -8.62 -2.59
N GLN A 27 0.50 -8.22 -1.91
CA GLN A 27 1.59 -7.44 -2.55
C GLN A 27 2.41 -8.27 -3.56
N ASP A 28 2.05 -9.51 -3.73
CA ASP A 28 2.75 -10.40 -4.62
C ASP A 28 1.74 -11.07 -5.54
N PRO A 29 2.05 -11.23 -6.82
CA PRO A 29 1.12 -11.82 -7.78
C PRO A 29 0.71 -13.26 -7.45
N ASP A 30 1.61 -14.02 -6.85
CA ASP A 30 1.32 -15.44 -6.58
C ASP A 30 0.22 -15.60 -5.53
N VAL A 31 0.18 -14.71 -4.56
CA VAL A 31 -0.87 -14.80 -3.55
C VAL A 31 -2.23 -14.40 -4.18
N ILE A 32 -2.20 -13.53 -5.19
CA ILE A 32 -3.40 -13.18 -5.93
C ILE A 32 -3.82 -14.36 -6.79
N ASN A 33 -2.82 -14.92 -7.39
CA ASN A 33 -2.89 -16.02 -8.30
C ASN A 33 -3.64 -17.18 -7.68
N VAL A 34 -3.22 -17.56 -6.51
CA VAL A 34 -3.79 -18.69 -5.81
C VAL A 34 -5.13 -18.34 -5.15
N MET A 35 -5.25 -17.11 -4.66
CA MET A 35 -6.44 -16.72 -3.94
C MET A 35 -7.65 -16.66 -4.87
N LEU A 36 -7.46 -16.22 -6.11
CA LEU A 36 -8.60 -16.14 -6.99
C LEU A 36 -8.55 -17.06 -8.19
N ASP A 37 -7.49 -16.97 -9.01
CA ASP A 37 -7.30 -17.81 -10.24
C ASP A 37 -6.26 -17.18 -11.13
N ARG A 38 -6.49 -15.92 -11.42
CA ARG A 38 -5.66 -15.16 -12.34
C ARG A 38 -4.80 -14.18 -11.55
N THR A 39 -4.18 -13.26 -12.27
CA THR A 39 -3.43 -12.20 -11.68
C THR A 39 -3.50 -10.98 -12.59
N PRO A 40 -4.23 -9.93 -12.17
CA PRO A 40 -4.34 -8.68 -12.94
C PRO A 40 -2.99 -8.02 -13.16
N GLU A 41 -2.86 -7.29 -14.25
CA GLU A 41 -1.62 -6.62 -14.62
C GLU A 41 -1.21 -5.61 -13.54
N ILE A 42 -0.04 -5.78 -13.03
CA ILE A 42 0.43 -5.02 -11.90
C ILE A 42 1.30 -3.85 -12.37
N VAL A 43 1.18 -2.75 -11.68
CA VAL A 43 2.00 -1.58 -11.90
C VAL A 43 2.60 -1.14 -10.56
N SER A 44 3.79 -0.60 -10.60
CA SER A 44 4.46 -0.12 -9.42
C SER A 44 3.86 1.22 -9.01
N ALA A 45 3.38 1.33 -7.80
CA ALA A 45 2.81 2.57 -7.32
C ALA A 45 3.19 2.87 -5.88
N THR A 46 3.12 4.11 -5.54
CA THR A 46 3.41 4.59 -4.23
C THR A 46 2.16 5.27 -3.66
N LEU A 47 1.76 4.85 -2.51
CA LEU A 47 0.63 5.43 -1.82
C LEU A 47 1.11 6.43 -0.78
N PRO A 48 0.96 7.73 -1.06
CA PRO A 48 1.39 8.78 -0.16
C PRO A 48 0.34 9.09 0.92
N GLY A 49 0.81 9.28 2.14
CA GLY A 49 -0.07 9.63 3.22
C GLY A 49 -0.54 8.43 4.00
N PHE A 50 0.08 7.30 3.77
CA PHE A 50 -0.30 6.06 4.43
C PHE A 50 0.93 5.28 4.76
N GLN A 51 0.83 4.35 5.66
CA GLN A 51 1.97 3.57 6.06
C GLN A 51 1.56 2.13 6.23
N ARG A 52 2.47 1.22 5.91
CA ARG A 52 2.21 -0.18 6.10
C ARG A 52 2.94 -0.63 7.34
N PHE A 53 2.34 -1.48 8.06
CA PHE A 53 2.95 -2.05 9.20
C PHE A 53 3.15 -3.51 8.93
N ARG A 54 4.31 -4.03 9.25
CA ARG A 54 4.57 -5.42 8.96
C ARG A 54 4.25 -6.28 10.15
N LEU A 55 3.44 -7.27 9.94
CA LEU A 55 3.04 -8.14 11.00
C LEU A 55 2.47 -9.38 10.34
N LYS A 56 2.90 -10.53 10.76
CA LYS A 56 2.36 -11.76 10.24
C LYS A 56 2.19 -12.76 11.37
N GLY A 57 1.15 -13.53 11.27
CA GLY A 57 0.83 -14.49 12.28
C GLY A 57 -0.66 -14.50 12.52
N ARG A 58 -1.10 -13.57 13.35
CA ARG A 58 -2.51 -13.42 13.65
C ARG A 58 -3.08 -12.26 12.84
N LEU A 59 -2.32 -11.21 12.71
CA LEU A 59 -2.73 -10.05 11.96
C LEU A 59 -1.87 -9.92 10.70
N TYR A 60 -2.31 -9.13 9.77
CA TYR A 60 -1.70 -9.03 8.47
C TYR A 60 -0.97 -7.69 8.38
N PRO A 61 -0.02 -7.54 7.43
CA PRO A 61 0.62 -6.26 7.19
C PRO A 61 -0.40 -5.29 6.58
N CYS A 62 -0.97 -4.47 7.43
CA CYS A 62 -2.04 -3.59 7.06
C CYS A 62 -1.58 -2.14 6.82
N ILE A 63 -2.48 -1.37 6.22
CA ILE A 63 -2.25 0.03 5.89
C ILE A 63 -3.08 0.90 6.78
N VAL A 64 -2.56 2.02 7.17
CA VAL A 64 -3.31 3.04 7.89
C VAL A 64 -2.81 4.40 7.43
N PRO A 65 -3.66 5.43 7.47
CA PRO A 65 -3.25 6.79 7.12
C PRO A 65 -2.14 7.29 8.04
N SER A 66 -1.12 7.87 7.47
CA SER A 66 0.02 8.34 8.20
C SER A 66 0.25 9.82 7.92
N GLU A 67 0.69 10.55 8.93
CA GLU A 67 1.01 11.96 8.75
C GLU A 67 2.31 12.11 7.98
N LYS A 68 3.23 11.19 8.20
CA LYS A 68 4.46 11.16 7.44
C LYS A 68 4.74 9.75 7.02
N GLY A 69 4.10 9.32 5.98
CA GLY A 69 4.36 8.01 5.48
C GLY A 69 3.94 7.85 4.05
N GLU A 70 4.58 6.95 3.37
CA GLU A 70 4.25 6.59 2.02
C GLU A 70 4.56 5.13 1.81
N VAL A 71 3.70 4.45 1.10
CA VAL A 71 3.83 3.03 0.91
C VAL A 71 4.11 2.71 -0.53
N HIS A 72 5.22 2.09 -0.78
CA HIS A 72 5.51 1.64 -2.12
C HIS A 72 4.95 0.25 -2.26
N GLY A 73 4.00 0.11 -3.14
CA GLY A 73 3.38 -1.16 -3.34
C GLY A 73 3.09 -1.39 -4.78
N LYS A 74 2.07 -2.15 -5.05
CA LYS A 74 1.75 -2.49 -6.40
C LYS A 74 0.27 -2.28 -6.65
N VAL A 75 -0.09 -1.90 -7.84
CA VAL A 75 -1.47 -1.75 -8.23
C VAL A 75 -1.87 -2.80 -9.25
N LEU A 76 -3.07 -3.35 -9.08
CA LEU A 76 -3.64 -4.31 -9.99
C LEU A 76 -4.54 -3.57 -10.97
N MET A 77 -4.13 -3.54 -12.21
CA MET A 77 -4.86 -2.91 -13.26
C MET A 77 -5.75 -3.89 -13.97
N GLY A 78 -6.79 -3.36 -14.56
CA GLY A 78 -7.71 -4.16 -15.33
C GLY A 78 -8.43 -5.21 -14.51
N VAL A 79 -8.74 -4.90 -13.27
CA VAL A 79 -9.43 -5.83 -12.41
C VAL A 79 -10.88 -5.89 -12.81
N THR A 80 -11.39 -7.06 -13.05
CA THR A 80 -12.77 -7.19 -13.38
C THR A 80 -13.60 -7.08 -12.12
N SER A 81 -14.90 -6.98 -12.27
CA SER A 81 -15.80 -6.86 -11.14
C SER A 81 -15.59 -8.02 -10.17
N ASP A 82 -15.55 -9.24 -10.70
CA ASP A 82 -15.47 -10.50 -9.92
C ASP A 82 -14.26 -10.55 -9.02
N GLU A 83 -13.17 -10.05 -9.52
CA GLU A 83 -11.92 -10.10 -8.80
C GLU A 83 -11.91 -9.06 -7.68
N LEU A 84 -12.33 -7.82 -7.98
CA LEU A 84 -12.37 -6.79 -6.94
C LEU A 84 -13.44 -7.06 -5.90
N GLU A 85 -14.63 -7.51 -6.34
CA GLU A 85 -15.72 -7.79 -5.40
C GLU A 85 -15.31 -8.92 -4.45
N ASN A 86 -14.45 -9.78 -4.95
CA ASN A 86 -13.92 -10.88 -4.19
C ASN A 86 -12.87 -10.35 -3.22
N LEU A 87 -12.02 -9.44 -3.69
CA LEU A 87 -11.00 -8.81 -2.86
C LEU A 87 -11.66 -8.06 -1.71
N ASP A 88 -12.73 -7.38 -2.05
CA ASP A 88 -13.56 -6.66 -1.09
C ASP A 88 -14.15 -7.61 -0.10
N ALA A 89 -14.51 -8.79 -0.58
CA ALA A 89 -15.10 -9.82 0.24
C ALA A 89 -14.07 -10.51 1.14
N VAL A 90 -12.95 -10.91 0.56
CA VAL A 90 -11.91 -11.66 1.28
C VAL A 90 -11.30 -10.82 2.43
N GLU A 91 -10.92 -9.57 2.13
CA GLU A 91 -10.34 -8.64 3.11
C GLU A 91 -11.44 -8.02 4.00
N GLY A 92 -12.65 -8.09 3.50
CA GLY A 92 -13.83 -7.45 4.11
C GLY A 92 -14.14 -7.80 5.55
N ASN A 93 -13.56 -8.86 6.07
CA ASN A 93 -13.83 -9.27 7.45
C ASN A 93 -13.47 -8.18 8.46
N GLU A 94 -12.31 -7.55 8.30
CA GLU A 94 -11.91 -6.46 9.19
C GLU A 94 -11.39 -5.21 8.45
N TYR A 95 -11.34 -5.26 7.15
CA TYR A 95 -10.87 -4.11 6.37
C TYR A 95 -12.03 -3.55 5.56
N GLU A 96 -11.94 -2.30 5.18
CA GLU A 96 -12.96 -1.71 4.35
C GLU A 96 -12.26 -1.16 3.12
N ARG A 97 -12.99 -1.05 2.05
CA ARG A 97 -12.45 -0.61 0.79
C ARG A 97 -12.50 0.89 0.76
N VAL A 98 -11.38 1.51 0.73
CA VAL A 98 -11.32 2.94 0.66
C VAL A 98 -10.64 3.37 -0.62
N THR A 99 -10.97 4.54 -1.08
CA THR A 99 -10.39 5.05 -2.29
C THR A 99 -9.20 5.95 -1.93
N VAL A 100 -8.10 5.74 -2.61
CA VAL A 100 -6.90 6.48 -2.34
C VAL A 100 -6.20 6.89 -3.62
N GLY A 101 -5.32 7.85 -3.50
CA GLY A 101 -4.55 8.30 -4.61
C GLY A 101 -3.16 7.75 -4.56
N ILE A 102 -2.79 7.01 -5.57
CA ILE A 102 -1.47 6.42 -5.63
C ILE A 102 -0.68 7.05 -6.74
N VAL A 103 0.60 6.97 -6.66
CA VAL A 103 1.46 7.56 -7.65
C VAL A 103 2.32 6.50 -8.29
N ARG A 104 2.19 6.35 -9.59
CA ARG A 104 2.95 5.36 -10.35
C ARG A 104 4.42 5.62 -10.25
N GLU A 105 5.18 4.57 -10.07
CA GLU A 105 6.62 4.68 -9.96
C GLU A 105 7.24 4.72 -11.37
N ASP A 106 6.39 4.56 -12.36
CA ASP A 106 6.73 4.63 -13.77
C ASP A 106 7.27 6.01 -14.12
N ASN A 107 6.37 6.96 -14.06
CA ASN A 107 6.63 8.33 -14.49
C ASN A 107 6.24 9.33 -13.42
N SER A 108 5.75 8.82 -12.31
CA SER A 108 5.26 9.62 -11.21
C SER A 108 4.02 10.45 -11.59
N GLU A 109 2.89 9.78 -11.56
CA GLU A 109 1.61 10.39 -11.79
C GLU A 109 0.65 9.81 -10.79
N LYS A 110 -0.35 10.56 -10.43
CA LYS A 110 -1.29 10.09 -9.46
C LYS A 110 -2.44 9.37 -10.17
N MET A 111 -2.97 8.38 -9.53
CA MET A 111 -4.09 7.65 -10.03
C MET A 111 -4.95 7.29 -8.83
N ALA A 112 -6.21 6.99 -9.06
CA ALA A 112 -7.12 6.72 -7.96
C ALA A 112 -7.47 5.26 -7.92
N VAL A 113 -7.12 4.62 -6.86
CA VAL A 113 -7.35 3.20 -6.74
C VAL A 113 -8.06 2.90 -5.44
N LYS A 114 -8.44 1.67 -5.28
CA LYS A 114 -9.04 1.21 -4.05
C LYS A 114 -8.00 0.46 -3.26
N THR A 115 -8.01 0.59 -1.98
CA THR A 115 -7.13 -0.15 -1.14
C THR A 115 -7.88 -0.52 0.13
N TYR A 116 -7.27 -1.34 0.93
CA TYR A 116 -7.88 -1.79 2.14
C TYR A 116 -6.99 -1.41 3.27
N MET A 117 -7.50 -0.59 4.14
CA MET A 117 -6.73 -0.14 5.28
C MET A 117 -7.38 -0.57 6.57
N TRP A 118 -6.58 -0.64 7.60
CA TRP A 118 -6.99 -1.06 8.91
C TRP A 118 -7.91 0.01 9.49
N ILE A 119 -9.13 -0.36 9.78
CA ILE A 119 -10.16 0.60 10.14
C ILE A 119 -9.97 1.17 11.53
N ASN A 120 -9.63 0.33 12.49
CA ASN A 120 -9.46 0.81 13.87
C ASN A 120 -8.24 1.73 13.97
N LYS A 121 -7.27 1.48 13.09
CA LYS A 121 -6.04 2.28 12.85
C LYS A 121 -5.10 2.54 14.06
N ALA A 122 -5.58 2.38 15.25
CA ALA A 122 -4.76 2.54 16.42
C ALA A 122 -4.67 1.24 17.17
N ASP A 123 -3.76 0.41 16.74
CA ASP A 123 -3.53 -0.88 17.35
C ASP A 123 -2.05 -1.16 17.43
N PRO A 124 -1.49 -1.29 18.62
CA PRO A 124 -0.07 -1.64 18.80
C PRO A 124 0.22 -3.06 18.30
N ASP A 125 -0.85 -3.80 18.08
CA ASP A 125 -0.80 -5.19 17.61
C ASP A 125 -0.13 -5.29 16.26
N MET A 126 -0.33 -4.30 15.41
CA MET A 126 0.23 -4.33 14.06
C MET A 126 1.57 -3.64 13.98
N PHE A 127 2.14 -3.28 15.13
CA PHE A 127 3.37 -2.53 15.11
C PHE A 127 4.53 -3.33 14.54
N GLY A 128 4.89 -2.98 13.35
CA GLY A 128 6.00 -3.57 12.68
C GLY A 128 6.63 -2.54 11.80
N GLU A 129 7.90 -2.34 11.95
CA GLU A 129 8.60 -1.33 11.22
C GLU A 129 9.23 -1.91 9.98
N TRP A 130 8.95 -1.33 8.86
CA TRP A 130 9.28 -1.93 7.60
C TRP A 130 10.06 -0.96 6.71
N ASN A 131 11.08 -1.49 6.00
CA ASN A 131 11.94 -0.75 5.00
C ASN A 131 12.78 0.33 5.63
N PHE A 132 12.14 1.21 6.34
CA PHE A 132 12.72 2.34 7.01
C PHE A 132 13.90 1.97 7.92
N GLU A 133 13.88 0.75 8.47
CA GLU A 133 14.97 0.23 9.29
C GLU A 133 16.30 0.27 8.51
N GLU A 134 16.20 0.09 7.20
CA GLU A 134 17.33 0.06 6.30
C GLU A 134 18.02 1.41 6.29
N TRP A 135 17.25 2.48 6.14
CA TRP A 135 17.82 3.80 6.17
C TRP A 135 18.41 4.10 7.52
N LYS A 136 17.77 3.62 8.58
CA LYS A 136 18.28 3.82 9.94
C LYS A 136 19.68 3.20 10.08
N ARG A 137 19.91 2.13 9.35
CA ARG A 137 21.21 1.49 9.32
C ARG A 137 22.25 2.36 8.64
N LEU A 138 21.93 2.82 7.44
CA LEU A 138 22.88 3.63 6.68
C LEU A 138 23.07 4.99 7.31
N HIS A 139 22.09 5.44 8.06
CA HIS A 139 22.18 6.70 8.76
C HIS A 139 23.09 6.52 9.98
N LYS A 140 22.96 5.36 10.63
CA LYS A 140 23.77 4.99 11.78
C LYS A 140 25.23 4.84 11.37
N LYS A 141 25.42 4.36 10.16
CA LYS A 141 26.76 4.14 9.58
C LYS A 141 27.64 5.41 9.69
N LYS A 142 27.02 6.59 9.63
CA LYS A 142 27.73 7.87 9.78
C LYS A 142 28.24 7.99 11.21
N PHE A 143 27.36 7.64 12.11
CA PHE A 143 27.55 7.78 13.53
C PHE A 143 28.56 6.76 14.02
N ILE A 144 28.52 5.59 13.42
CA ILE A 144 29.41 4.49 13.76
C ILE A 144 30.87 4.91 13.65
N GLU A 145 31.18 5.81 12.74
CA GLU A 145 32.54 6.27 12.55
C GLU A 145 33.18 6.85 13.83
N THR A 146 32.40 7.58 14.62
CA THR A 146 32.94 8.13 15.84
C THR A 146 33.02 7.02 16.89
N PHE A 147 32.06 6.11 16.82
CA PHE A 147 31.91 5.09 17.80
C PHE A 147 32.94 4.00 17.61
N LYS A 148 33.28 3.76 16.36
CA LYS A 148 34.28 2.80 15.98
C LYS A 148 35.60 3.11 16.64
N LYS A 149 35.93 4.40 16.68
CA LYS A 149 37.18 4.87 17.27
C LYS A 149 37.17 4.63 18.78
N ILE A 150 36.00 4.70 19.35
CA ILE A 150 35.79 4.46 20.76
C ILE A 150 35.94 2.97 21.06
N MET A 151 35.28 2.17 20.24
CA MET A 151 35.28 0.75 20.37
C MET A 151 36.69 0.19 20.13
N GLU A 152 37.40 0.75 19.15
CA GLU A 152 38.77 0.35 18.88
C GLU A 152 39.70 0.65 20.03
N CYS A 153 39.39 1.68 20.78
CA CYS A 153 40.19 2.04 21.94
C CYS A 153 39.98 1.00 23.05
N LYS A 154 38.79 0.44 23.10
CA LYS A 154 38.44 -0.53 24.12
C LYS A 154 38.91 -1.94 23.77
N LYS A 155 38.67 -2.34 22.55
CA LYS A 155 38.95 -3.71 22.11
C LYS A 155 40.33 -3.84 21.46
N LYS A 156 40.79 -2.75 20.88
CA LYS A 156 42.07 -2.66 20.14
C LYS A 156 42.31 -3.78 19.11
N PRO A 157 41.98 -3.51 17.83
CA PRO A 157 42.21 -4.46 16.74
C PRO A 157 43.71 -4.68 16.50
N GLN A 158 44.03 -5.66 15.67
CA GLN A 158 45.41 -6.02 15.36
C GLN A 158 46.09 -4.89 14.59
N CYS A 10 -31.39 1.51 -19.60
CA CYS A 10 -31.10 0.44 -18.70
C CYS A 10 -29.69 -0.09 -18.93
N SER A 11 -28.81 0.29 -18.04
CA SER A 11 -27.44 -0.05 -18.16
C SER A 11 -26.76 0.02 -16.80
N SER A 12 -25.73 -0.76 -16.61
CA SER A 12 -24.94 -0.69 -15.39
C SER A 12 -24.05 0.54 -15.49
N ASP A 13 -23.90 1.00 -16.73
CA ASP A 13 -23.23 2.25 -17.11
C ASP A 13 -21.72 2.18 -17.02
N SER A 14 -21.22 1.99 -15.84
CA SER A 14 -19.81 2.00 -15.64
C SER A 14 -19.24 0.63 -15.36
N LEU A 15 -18.81 -0.04 -16.40
CA LEU A 15 -18.11 -1.26 -16.29
C LEU A 15 -16.67 -0.95 -16.54
N GLN A 16 -15.89 -1.01 -15.52
CA GLN A 16 -14.51 -0.65 -15.60
C GLN A 16 -13.67 -1.70 -14.96
N LEU A 17 -12.43 -1.76 -15.34
CA LEU A 17 -11.50 -2.57 -14.64
C LEU A 17 -10.95 -1.71 -13.54
N HIS A 18 -10.59 -2.30 -12.49
CA HIS A 18 -10.20 -1.57 -11.32
C HIS A 18 -8.79 -1.86 -11.02
N ASN A 19 -8.21 -1.03 -10.28
CA ASN A 19 -6.90 -1.21 -9.85
C ASN A 19 -6.82 -1.00 -8.36
N VAL A 20 -6.23 -1.94 -7.70
CA VAL A 20 -6.18 -1.98 -6.25
C VAL A 20 -4.75 -1.95 -5.76
N PHE A 21 -4.51 -1.21 -4.72
CA PHE A 21 -3.20 -1.14 -4.12
C PHE A 21 -3.15 -2.17 -3.02
N VAL A 22 -2.22 -3.07 -3.11
CA VAL A 22 -2.12 -4.13 -2.16
C VAL A 22 -0.99 -3.90 -1.20
N TYR A 23 -1.30 -4.03 0.07
CA TYR A 23 -0.36 -3.77 1.14
C TYR A 23 0.66 -4.88 1.32
N GLY A 24 0.34 -6.08 0.86
CA GLY A 24 1.28 -7.17 1.02
C GLY A 24 0.62 -8.52 0.86
N SER A 25 -0.61 -8.61 1.30
CA SER A 25 -1.37 -9.86 1.29
C SER A 25 -1.51 -10.44 -0.12
N PHE A 26 -1.65 -9.56 -1.09
CA PHE A 26 -1.78 -9.95 -2.46
C PHE A 26 -0.79 -9.19 -3.32
N GLN A 27 0.37 -8.91 -2.73
CA GLN A 27 1.43 -8.17 -3.43
C GLN A 27 2.28 -9.14 -4.29
N ASP A 28 1.70 -10.28 -4.56
CA ASP A 28 2.31 -11.32 -5.34
C ASP A 28 1.28 -11.82 -6.34
N PRO A 29 1.61 -11.89 -7.62
CA PRO A 29 0.66 -12.30 -8.64
C PRO A 29 0.24 -13.76 -8.51
N ASP A 30 1.15 -14.59 -8.04
CA ASP A 30 0.89 -16.00 -7.94
C ASP A 30 -0.08 -16.32 -6.81
N VAL A 31 -0.01 -15.56 -5.72
CA VAL A 31 -0.97 -15.75 -4.63
C VAL A 31 -2.37 -15.36 -5.11
N ILE A 32 -2.43 -14.41 -6.06
CA ILE A 32 -3.69 -14.00 -6.69
C ILE A 32 -4.15 -15.09 -7.62
N ASN A 33 -3.19 -15.62 -8.32
CA ASN A 33 -3.35 -16.63 -9.33
C ASN A 33 -4.03 -17.87 -8.74
N VAL A 34 -3.64 -18.20 -7.52
CA VAL A 34 -4.20 -19.33 -6.81
C VAL A 34 -5.55 -18.96 -6.15
N MET A 35 -5.72 -17.70 -5.77
CA MET A 35 -6.91 -17.26 -5.07
C MET A 35 -8.12 -17.31 -6.00
N LEU A 36 -7.89 -17.05 -7.27
CA LEU A 36 -8.93 -17.22 -8.25
C LEU A 36 -8.47 -18.06 -9.44
N ASP A 37 -7.59 -17.51 -10.28
CA ASP A 37 -7.12 -18.16 -11.54
C ASP A 37 -6.32 -17.16 -12.34
N ARG A 38 -6.89 -15.99 -12.47
CA ARG A 38 -6.31 -14.93 -13.26
C ARG A 38 -5.47 -14.05 -12.37
N THR A 39 -4.83 -13.09 -12.97
CA THR A 39 -4.01 -12.16 -12.25
C THR A 39 -4.01 -10.79 -12.94
N PRO A 40 -4.39 -9.72 -12.23
CA PRO A 40 -4.31 -8.35 -12.75
C PRO A 40 -2.87 -7.93 -12.96
N GLU A 41 -2.64 -7.05 -13.89
CA GLU A 41 -1.31 -6.56 -14.19
C GLU A 41 -0.82 -5.69 -13.03
N ILE A 42 0.40 -5.87 -12.62
CA ILE A 42 0.89 -5.20 -11.42
C ILE A 42 1.81 -4.03 -11.77
N VAL A 43 1.67 -2.96 -11.06
CA VAL A 43 2.55 -1.83 -11.20
C VAL A 43 3.03 -1.37 -9.81
N SER A 44 4.26 -0.88 -9.73
CA SER A 44 4.77 -0.31 -8.51
C SER A 44 4.20 1.11 -8.33
N ALA A 45 3.54 1.34 -7.22
CA ALA A 45 2.94 2.61 -6.95
C ALA A 45 3.22 3.04 -5.53
N THR A 46 3.13 4.31 -5.32
CA THR A 46 3.34 4.89 -4.04
C THR A 46 2.04 5.41 -3.49
N LEU A 47 1.71 5.01 -2.29
CA LEU A 47 0.55 5.50 -1.62
C LEU A 47 0.98 6.52 -0.57
N PRO A 48 0.91 7.81 -0.88
CA PRO A 48 1.27 8.85 0.05
C PRO A 48 0.12 9.18 0.99
N GLY A 49 0.44 9.48 2.22
CA GLY A 49 -0.56 9.82 3.17
C GLY A 49 -1.03 8.61 3.94
N PHE A 50 -0.32 7.51 3.80
CA PHE A 50 -0.66 6.25 4.48
C PHE A 50 0.59 5.55 4.93
N GLN A 51 0.46 4.64 5.86
CA GLN A 51 1.59 3.92 6.40
C GLN A 51 1.25 2.46 6.63
N ARG A 52 2.25 1.59 6.49
CA ARG A 52 2.11 0.20 6.83
C ARG A 52 2.87 -0.08 8.11
N PHE A 53 2.23 -0.73 9.01
CA PHE A 53 2.83 -1.09 10.26
C PHE A 53 3.05 -2.57 10.24
N ARG A 54 4.20 -3.03 10.66
CA ARG A 54 4.43 -4.43 10.57
C ARG A 54 4.55 -5.07 11.94
N LEU A 55 3.74 -6.07 12.13
CA LEU A 55 3.67 -6.84 13.36
C LEU A 55 3.44 -8.27 12.91
N LYS A 56 4.15 -8.60 11.84
CA LYS A 56 4.03 -9.85 11.11
C LYS A 56 4.16 -11.07 12.03
N GLY A 57 3.04 -11.72 12.22
CA GLY A 57 2.96 -12.85 13.09
C GLY A 57 1.70 -12.78 13.91
N ARG A 58 1.50 -11.64 14.54
CA ARG A 58 0.30 -11.41 15.30
C ARG A 58 -0.70 -10.67 14.43
N LEU A 59 -0.23 -9.67 13.74
CA LEU A 59 -1.07 -8.87 12.91
C LEU A 59 -0.38 -8.65 11.57
N TYR A 60 -1.10 -8.21 10.61
CA TYR A 60 -0.59 -8.09 9.28
C TYR A 60 -0.02 -6.70 9.07
N PRO A 61 0.70 -6.43 7.96
CA PRO A 61 1.16 -5.09 7.65
C PRO A 61 -0.01 -4.25 7.17
N CYS A 62 -0.79 -3.79 8.11
CA CYS A 62 -1.99 -3.06 7.83
C CYS A 62 -1.69 -1.61 7.47
N ILE A 63 -2.55 -1.03 6.66
CA ILE A 63 -2.41 0.33 6.18
C ILE A 63 -3.37 1.24 6.92
N VAL A 64 -2.93 2.41 7.28
CA VAL A 64 -3.80 3.45 7.85
C VAL A 64 -3.27 4.80 7.38
N PRO A 65 -4.11 5.84 7.34
CA PRO A 65 -3.69 7.18 6.95
C PRO A 65 -2.62 7.74 7.89
N SER A 66 -1.53 8.15 7.31
CA SER A 66 -0.41 8.71 8.03
C SER A 66 -0.13 10.07 7.45
N GLU A 67 -0.06 11.06 8.28
CA GLU A 67 0.04 12.43 7.83
C GLU A 67 1.44 12.75 7.27
N LYS A 68 2.41 11.90 7.57
CA LYS A 68 3.78 12.11 7.09
C LYS A 68 4.35 10.84 6.45
N GLY A 69 3.52 9.87 6.15
CA GLY A 69 4.02 8.61 5.63
C GLY A 69 3.65 8.35 4.18
N GLU A 70 4.26 7.33 3.60
CA GLU A 70 3.98 6.89 2.26
C GLU A 70 4.35 5.42 2.14
N VAL A 71 3.52 4.67 1.47
CA VAL A 71 3.75 3.25 1.30
C VAL A 71 4.01 2.96 -0.15
N HIS A 72 5.13 2.38 -0.43
CA HIS A 72 5.44 1.99 -1.79
C HIS A 72 5.08 0.55 -1.92
N GLY A 73 4.14 0.28 -2.76
CA GLY A 73 3.67 -1.05 -2.91
C GLY A 73 3.27 -1.31 -4.33
N LYS A 74 2.40 -2.23 -4.51
CA LYS A 74 2.01 -2.65 -5.84
C LYS A 74 0.53 -2.50 -6.05
N VAL A 75 0.20 -2.16 -7.25
CA VAL A 75 -1.16 -2.03 -7.69
C VAL A 75 -1.53 -3.13 -8.69
N LEU A 76 -2.65 -3.77 -8.46
CA LEU A 76 -3.19 -4.78 -9.33
C LEU A 76 -4.22 -4.12 -10.24
N MET A 77 -3.84 -3.92 -11.49
CA MET A 77 -4.70 -3.29 -12.45
C MET A 77 -5.36 -4.32 -13.34
N GLY A 78 -6.61 -4.11 -13.62
CA GLY A 78 -7.33 -5.04 -14.46
C GLY A 78 -8.29 -5.88 -13.67
N VAL A 79 -8.59 -5.41 -12.49
CA VAL A 79 -9.51 -6.07 -11.60
C VAL A 79 -10.92 -5.96 -12.15
N THR A 80 -11.59 -7.05 -12.27
CA THR A 80 -12.94 -7.04 -12.74
C THR A 80 -13.86 -6.58 -11.61
N SER A 81 -15.09 -6.27 -11.91
CA SER A 81 -16.01 -5.85 -10.87
C SER A 81 -16.25 -7.01 -9.88
N ASP A 82 -16.22 -8.23 -10.40
CA ASP A 82 -16.37 -9.42 -9.58
C ASP A 82 -15.17 -9.58 -8.68
N GLU A 83 -13.99 -9.52 -9.26
CA GLU A 83 -12.74 -9.68 -8.56
C GLU A 83 -12.60 -8.59 -7.47
N LEU A 84 -13.02 -7.36 -7.80
CA LEU A 84 -13.03 -6.25 -6.84
C LEU A 84 -13.87 -6.61 -5.61
N GLU A 85 -15.09 -7.07 -5.86
CA GLU A 85 -16.01 -7.46 -4.79
C GLU A 85 -15.52 -8.72 -4.09
N ASN A 86 -14.81 -9.55 -4.83
CA ASN A 86 -14.22 -10.78 -4.31
C ASN A 86 -13.17 -10.42 -3.27
N LEU A 87 -12.32 -9.46 -3.63
CA LEU A 87 -11.27 -8.97 -2.76
C LEU A 87 -11.86 -8.30 -1.54
N ASP A 88 -12.93 -7.53 -1.78
CA ASP A 88 -13.67 -6.85 -0.70
C ASP A 88 -14.27 -7.87 0.25
N ALA A 89 -14.64 -9.01 -0.27
CA ALA A 89 -15.19 -10.09 0.52
C ALA A 89 -14.10 -10.76 1.36
N VAL A 90 -12.94 -10.99 0.73
CA VAL A 90 -11.81 -11.66 1.38
C VAL A 90 -11.10 -10.77 2.43
N GLU A 91 -10.66 -9.59 2.00
CA GLU A 91 -9.93 -8.66 2.87
C GLU A 91 -10.87 -7.90 3.81
N GLY A 92 -12.13 -7.81 3.40
CA GLY A 92 -13.15 -7.03 4.12
C GLY A 92 -13.40 -7.46 5.55
N ASN A 93 -12.97 -8.65 5.93
CA ASN A 93 -13.18 -9.12 7.30
C ASN A 93 -12.48 -8.24 8.32
N GLU A 94 -11.23 -7.90 8.03
CA GLU A 94 -10.42 -7.11 8.96
C GLU A 94 -10.12 -5.71 8.41
N TYR A 95 -10.45 -5.48 7.14
CA TYR A 95 -10.12 -4.22 6.48
C TYR A 95 -11.33 -3.64 5.79
N GLU A 96 -11.22 -2.40 5.38
CA GLU A 96 -12.26 -1.75 4.63
C GLU A 96 -11.68 -1.25 3.31
N ARG A 97 -12.48 -1.32 2.27
CA ARG A 97 -12.08 -0.93 0.95
C ARG A 97 -12.35 0.55 0.78
N VAL A 98 -11.30 1.30 0.64
CA VAL A 98 -11.43 2.72 0.45
C VAL A 98 -10.67 3.16 -0.77
N THR A 99 -11.01 4.32 -1.27
CA THR A 99 -10.37 4.85 -2.44
C THR A 99 -9.24 5.78 -2.03
N VAL A 100 -8.09 5.59 -2.64
CA VAL A 100 -6.92 6.34 -2.30
C VAL A 100 -6.16 6.75 -3.54
N GLY A 101 -5.25 7.66 -3.39
CA GLY A 101 -4.46 8.13 -4.48
C GLY A 101 -3.08 7.55 -4.42
N ILE A 102 -2.69 6.89 -5.48
CA ILE A 102 -1.37 6.31 -5.58
C ILE A 102 -0.65 6.93 -6.75
N VAL A 103 0.64 6.97 -6.69
CA VAL A 103 1.42 7.55 -7.74
C VAL A 103 2.23 6.46 -8.40
N ARG A 104 2.18 6.43 -9.71
CA ARG A 104 2.92 5.43 -10.47
C ARG A 104 4.39 5.69 -10.38
N GLU A 105 5.14 4.68 -9.96
CA GLU A 105 6.58 4.83 -9.85
C GLU A 105 7.27 4.72 -11.21
N ASP A 106 6.47 4.43 -12.23
CA ASP A 106 6.95 4.41 -13.62
C ASP A 106 7.42 5.79 -13.98
N ASN A 107 6.50 6.71 -13.90
CA ASN A 107 6.72 8.07 -14.26
C ASN A 107 6.53 9.01 -13.06
N SER A 108 5.35 9.57 -12.90
CA SER A 108 5.07 10.48 -11.80
C SER A 108 3.61 10.87 -11.74
N GLU A 109 2.76 10.15 -12.46
CA GLU A 109 1.36 10.49 -12.51
C GLU A 109 0.62 9.88 -11.34
N LYS A 110 -0.34 10.58 -10.87
CA LYS A 110 -1.15 10.12 -9.78
C LYS A 110 -2.39 9.41 -10.29
N MET A 111 -2.75 8.41 -9.59
CA MET A 111 -3.84 7.53 -9.91
C MET A 111 -4.72 7.34 -8.75
N ALA A 112 -5.88 6.88 -9.02
CA ALA A 112 -6.85 6.61 -7.97
C ALA A 112 -7.16 5.14 -7.96
N VAL A 113 -7.04 4.55 -6.82
CA VAL A 113 -7.25 3.12 -6.68
C VAL A 113 -7.97 2.83 -5.39
N LYS A 114 -8.33 1.60 -5.20
CA LYS A 114 -8.86 1.20 -3.93
C LYS A 114 -7.81 0.42 -3.18
N THR A 115 -7.87 0.47 -1.88
CA THR A 115 -6.97 -0.28 -1.07
C THR A 115 -7.73 -0.68 0.19
N TYR A 116 -7.12 -1.51 0.98
CA TYR A 116 -7.73 -1.99 2.18
C TYR A 116 -6.93 -1.54 3.38
N MET A 117 -7.49 -0.62 4.11
CA MET A 117 -6.84 -0.08 5.27
C MET A 117 -7.49 -0.59 6.52
N TRP A 118 -6.74 -0.56 7.58
CA TRP A 118 -7.18 -0.99 8.87
C TRP A 118 -8.22 0.01 9.32
N ILE A 119 -9.33 -0.46 9.84
CA ILE A 119 -10.41 0.48 10.18
C ILE A 119 -9.99 1.38 11.35
N ASN A 120 -9.34 0.78 12.33
CA ASN A 120 -8.85 1.51 13.46
C ASN A 120 -7.51 2.15 13.11
N LYS A 121 -7.55 3.43 12.90
CA LYS A 121 -6.42 4.19 12.40
C LYS A 121 -5.38 4.44 13.48
N ALA A 122 -5.76 4.17 14.70
CA ALA A 122 -4.88 4.25 15.81
C ALA A 122 -5.01 2.99 16.63
N ASP A 123 -4.42 1.94 16.12
CA ASP A 123 -4.48 0.64 16.76
C ASP A 123 -3.26 0.48 17.66
N PRO A 124 -3.45 0.07 18.91
CA PRO A 124 -2.38 -0.06 19.88
C PRO A 124 -1.57 -1.37 19.74
N ASP A 125 -1.93 -2.22 18.81
CA ASP A 125 -1.17 -3.44 18.59
C ASP A 125 -0.15 -3.25 17.52
N MET A 126 -0.57 -2.75 16.38
CA MET A 126 0.38 -2.54 15.31
C MET A 126 1.23 -1.31 15.58
N PHE A 127 2.42 -1.54 16.00
CA PHE A 127 3.37 -0.50 16.19
C PHE A 127 4.62 -0.93 15.54
N GLY A 128 5.20 -0.09 14.78
CA GLY A 128 6.35 -0.46 14.07
C GLY A 128 6.15 -0.24 12.63
N GLU A 129 6.50 0.92 12.21
CA GLU A 129 6.33 1.31 10.87
C GLU A 129 7.46 0.67 10.10
N TRP A 130 7.23 0.32 8.87
CA TRP A 130 8.21 -0.45 8.12
C TRP A 130 9.44 0.41 7.86
N ASN A 131 10.63 -0.16 8.12
CA ASN A 131 11.97 0.56 8.11
C ASN A 131 12.29 1.34 6.83
N PHE A 132 11.46 1.26 5.84
CA PHE A 132 11.64 1.99 4.66
C PHE A 132 11.29 3.47 4.92
N GLU A 133 10.28 3.69 5.76
CA GLU A 133 9.84 5.03 6.11
C GLU A 133 10.84 5.69 7.01
N GLU A 134 11.55 4.86 7.72
CA GLU A 134 12.56 5.27 8.65
C GLU A 134 13.58 6.13 7.95
N TRP A 135 14.11 5.67 6.83
CA TRP A 135 15.08 6.47 6.11
C TRP A 135 14.42 7.76 5.57
N LYS A 136 13.15 7.68 5.21
CA LYS A 136 12.42 8.84 4.70
C LYS A 136 12.44 9.96 5.77
N ARG A 137 12.04 9.62 6.98
CA ARG A 137 12.03 10.59 8.07
C ARG A 137 13.42 10.98 8.52
N LEU A 138 14.37 10.07 8.43
CA LEU A 138 15.75 10.39 8.81
C LEU A 138 16.36 11.34 7.80
N HIS A 139 15.97 11.20 6.55
CA HIS A 139 16.45 12.07 5.50
C HIS A 139 15.73 13.43 5.62
N LYS A 140 14.44 13.37 5.94
CA LYS A 140 13.63 14.56 6.16
C LYS A 140 14.15 15.34 7.36
N LYS A 141 14.63 14.61 8.37
CA LYS A 141 15.14 15.18 9.61
C LYS A 141 16.20 16.24 9.36
N LYS A 142 17.02 16.05 8.34
CA LYS A 142 18.08 17.01 7.99
C LYS A 142 17.46 18.38 7.64
N PHE A 143 16.29 18.35 7.00
CA PHE A 143 15.56 19.56 6.65
C PHE A 143 14.89 20.09 7.90
N ILE A 144 14.29 19.16 8.65
CA ILE A 144 13.52 19.48 9.86
C ILE A 144 14.38 20.20 10.89
N GLU A 145 15.66 19.88 10.97
CA GLU A 145 16.59 20.57 11.89
C GLU A 145 16.56 22.10 11.68
N THR A 146 16.31 22.51 10.45
CA THR A 146 16.15 23.89 10.13
C THR A 146 14.73 24.38 10.46
N PHE A 147 13.76 23.60 10.04
CA PHE A 147 12.39 24.04 10.08
C PHE A 147 11.76 23.96 11.47
N LYS A 148 12.22 23.02 12.27
CA LYS A 148 11.71 22.82 13.63
C LYS A 148 11.85 24.10 14.45
N LYS A 149 12.95 24.79 14.27
CA LYS A 149 13.22 26.02 14.98
C LYS A 149 12.30 27.13 14.47
N ILE A 150 12.01 27.08 13.18
CA ILE A 150 11.12 28.03 12.54
C ILE A 150 9.69 27.81 13.03
N MET A 151 9.33 26.55 13.20
CA MET A 151 8.03 26.17 13.68
C MET A 151 7.84 26.66 15.12
N GLU A 152 8.89 26.60 15.90
CA GLU A 152 8.87 27.10 17.27
C GLU A 152 8.83 28.63 17.28
N CYS A 153 9.43 29.24 16.27
CA CYS A 153 9.45 30.69 16.13
C CYS A 153 8.04 31.21 15.80
N LYS A 154 7.27 30.42 15.05
CA LYS A 154 5.89 30.76 14.69
C LYS A 154 4.95 30.56 15.85
N LYS A 155 5.41 29.79 16.80
CA LYS A 155 4.67 29.47 18.00
C LYS A 155 4.59 30.68 18.92
N LYS A 156 3.75 31.57 18.53
CA LYS A 156 3.44 32.80 19.23
C LYS A 156 1.94 33.00 19.09
N PRO A 157 1.32 33.96 19.83
CA PRO A 157 -0.08 34.27 19.68
C PRO A 157 -0.37 34.90 18.30
N GLN A 158 -0.62 34.05 17.33
CA GLN A 158 -0.93 34.47 15.96
C GLN A 158 -2.03 33.60 15.37
N CYS A 10 -25.88 3.83 -18.85
CA CYS A 10 -25.81 2.65 -19.65
C CYS A 10 -26.47 1.48 -18.93
N SER A 11 -27.57 1.01 -19.47
CA SER A 11 -28.30 -0.11 -18.91
C SER A 11 -27.47 -1.41 -18.99
N SER A 12 -26.50 -1.40 -19.88
CA SER A 12 -25.57 -2.50 -20.03
C SER A 12 -24.44 -2.37 -19.01
N ASP A 13 -24.39 -1.18 -18.36
CA ASP A 13 -23.36 -0.78 -17.37
C ASP A 13 -22.04 -0.50 -18.07
N SER A 14 -21.34 0.53 -17.64
CA SER A 14 -20.08 0.86 -18.26
C SER A 14 -19.00 -0.10 -17.79
N LEU A 15 -18.65 -1.04 -18.65
CA LEU A 15 -17.66 -2.04 -18.34
C LEU A 15 -16.34 -1.37 -18.07
N GLN A 16 -15.85 -1.50 -16.87
CA GLN A 16 -14.60 -0.90 -16.52
C GLN A 16 -13.83 -1.79 -15.59
N LEU A 17 -12.56 -1.86 -15.81
CA LEU A 17 -11.67 -2.54 -14.94
C LEU A 17 -11.30 -1.65 -13.82
N HIS A 18 -10.94 -2.22 -12.74
CA HIS A 18 -10.69 -1.48 -11.55
C HIS A 18 -9.23 -1.57 -11.25
N ASN A 19 -8.75 -0.65 -10.47
CA ASN A 19 -7.37 -0.66 -10.07
C ASN A 19 -7.34 -0.69 -8.56
N VAL A 20 -6.62 -1.64 -8.00
CA VAL A 20 -6.58 -1.82 -6.56
C VAL A 20 -5.13 -1.86 -6.07
N PHE A 21 -4.87 -1.20 -4.98
CA PHE A 21 -3.53 -1.19 -4.42
C PHE A 21 -3.44 -2.27 -3.36
N VAL A 22 -2.52 -3.17 -3.54
CA VAL A 22 -2.32 -4.25 -2.59
C VAL A 22 -1.22 -3.92 -1.63
N TYR A 23 -1.58 -3.89 -0.39
CA TYR A 23 -0.72 -3.45 0.68
C TYR A 23 0.36 -4.43 1.09
N GLY A 24 0.08 -5.70 1.03
CA GLY A 24 1.09 -6.65 1.43
C GLY A 24 0.64 -8.08 1.32
N SER A 25 -0.52 -8.36 1.88
CA SER A 25 -1.07 -9.71 1.92
C SER A 25 -1.22 -10.31 0.52
N PHE A 26 -1.58 -9.49 -0.43
CA PHE A 26 -1.73 -9.94 -1.80
C PHE A 26 -0.83 -9.15 -2.73
N GLN A 27 0.28 -8.67 -2.20
CA GLN A 27 1.19 -7.84 -2.97
C GLN A 27 2.18 -8.74 -3.78
N ASP A 28 1.68 -9.89 -4.16
CA ASP A 28 2.42 -10.88 -4.90
C ASP A 28 1.47 -11.52 -5.91
N PRO A 29 1.83 -11.60 -7.19
CA PRO A 29 0.94 -12.15 -8.23
C PRO A 29 0.69 -13.65 -8.05
N ASP A 30 1.67 -14.35 -7.54
CA ASP A 30 1.56 -15.80 -7.36
C ASP A 30 0.39 -16.14 -6.43
N VAL A 31 0.24 -15.36 -5.38
CA VAL A 31 -0.83 -15.60 -4.44
C VAL A 31 -2.18 -15.16 -5.04
N ILE A 32 -2.14 -14.18 -5.93
CA ILE A 32 -3.35 -13.69 -6.59
C ILE A 32 -3.93 -14.81 -7.48
N ASN A 33 -3.05 -15.46 -8.26
CA ASN A 33 -3.44 -16.59 -9.11
C ASN A 33 -4.09 -17.70 -8.30
N VAL A 34 -3.58 -17.90 -7.10
CA VAL A 34 -4.08 -18.95 -6.24
C VAL A 34 -5.38 -18.53 -5.53
N MET A 35 -5.42 -17.29 -5.04
CA MET A 35 -6.55 -16.81 -4.30
C MET A 35 -7.77 -16.62 -5.21
N LEU A 36 -7.57 -16.18 -6.45
CA LEU A 36 -8.71 -16.04 -7.35
C LEU A 36 -8.65 -16.89 -8.62
N ASP A 37 -7.60 -16.73 -9.43
CA ASP A 37 -7.48 -17.47 -10.70
C ASP A 37 -6.24 -17.02 -11.45
N ARG A 38 -6.17 -15.73 -11.69
CA ARG A 38 -5.08 -15.11 -12.43
C ARG A 38 -4.66 -13.86 -11.72
N THR A 39 -3.91 -13.00 -12.37
CA THR A 39 -3.51 -11.78 -11.75
C THR A 39 -3.61 -10.62 -12.71
N PRO A 40 -4.35 -9.56 -12.33
CA PRO A 40 -4.41 -8.31 -13.08
C PRO A 40 -3.03 -7.66 -13.10
N GLU A 41 -2.73 -6.92 -14.15
CA GLU A 41 -1.39 -6.33 -14.31
C GLU A 41 -0.98 -5.45 -13.18
N ILE A 42 0.24 -5.64 -12.80
CA ILE A 42 0.78 -5.00 -11.62
C ILE A 42 1.77 -3.91 -11.98
N VAL A 43 1.64 -2.80 -11.32
CA VAL A 43 2.58 -1.71 -11.44
C VAL A 43 2.99 -1.24 -10.05
N SER A 44 4.21 -0.80 -9.89
CA SER A 44 4.65 -0.26 -8.64
C SER A 44 4.11 1.16 -8.47
N ALA A 45 3.48 1.40 -7.37
CA ALA A 45 2.91 2.70 -7.08
C ALA A 45 3.09 3.05 -5.63
N THR A 46 3.04 4.31 -5.37
CA THR A 46 3.22 4.84 -4.06
C THR A 46 1.93 5.46 -3.55
N LEU A 47 1.51 5.03 -2.40
CA LEU A 47 0.36 5.56 -1.75
C LEU A 47 0.80 6.53 -0.64
N PRO A 48 0.70 7.84 -0.90
CA PRO A 48 1.10 8.85 0.07
C PRO A 48 0.00 9.16 1.09
N GLY A 49 0.41 9.36 2.33
CA GLY A 49 -0.52 9.66 3.38
C GLY A 49 -0.94 8.42 4.12
N PHE A 50 -0.35 7.30 3.77
CA PHE A 50 -0.69 6.02 4.38
C PHE A 50 0.56 5.32 4.77
N GLN A 51 0.45 4.35 5.63
CA GLN A 51 1.59 3.70 6.16
C GLN A 51 1.39 2.24 6.27
N ARG A 52 2.44 1.51 5.95
CA ARG A 52 2.44 0.10 6.04
C ARG A 52 3.02 -0.25 7.37
N PHE A 53 2.50 -1.24 7.97
CA PHE A 53 2.99 -1.70 9.21
C PHE A 53 3.74 -2.97 9.04
N ARG A 54 4.42 -3.38 10.05
CA ARG A 54 5.24 -4.54 9.99
C ARG A 54 4.77 -5.49 11.07
N LEU A 55 5.05 -6.77 10.92
CA LEU A 55 4.65 -7.74 11.90
C LEU A 55 5.76 -7.97 12.93
N LYS A 56 5.38 -7.91 14.19
CA LYS A 56 6.27 -8.13 15.31
C LYS A 56 5.42 -8.40 16.55
N GLY A 57 4.42 -7.54 16.75
CA GLY A 57 3.52 -7.68 17.87
C GLY A 57 2.33 -8.59 17.57
N ARG A 58 1.17 -7.99 17.37
CA ARG A 58 -0.06 -8.75 17.13
C ARG A 58 -0.40 -8.91 15.67
N LEU A 59 -0.30 -7.86 14.93
CA LEU A 59 -1.00 -7.80 13.67
C LEU A 59 -0.07 -7.81 12.48
N TYR A 60 -0.64 -8.16 11.35
CA TYR A 60 0.06 -8.28 10.08
C TYR A 60 0.32 -6.89 9.53
N PRO A 61 1.14 -6.76 8.47
CA PRO A 61 1.37 -5.49 7.80
C PRO A 61 0.06 -4.90 7.26
N CYS A 62 -0.53 -4.02 8.02
CA CYS A 62 -1.75 -3.37 7.66
C CYS A 62 -1.47 -1.95 7.14
N ILE A 63 -2.51 -1.25 6.72
CA ILE A 63 -2.38 0.11 6.21
C ILE A 63 -3.29 1.02 6.99
N VAL A 64 -2.78 2.10 7.44
CA VAL A 64 -3.58 3.15 8.04
C VAL A 64 -2.99 4.48 7.60
N PRO A 65 -3.80 5.55 7.55
CA PRO A 65 -3.30 6.88 7.20
C PRO A 65 -2.23 7.36 8.19
N SER A 66 -1.19 7.94 7.67
CA SER A 66 -0.10 8.41 8.48
C SER A 66 0.14 9.86 8.22
N GLU A 67 0.58 10.58 9.23
CA GLU A 67 0.88 11.99 9.08
C GLU A 67 2.11 12.14 8.21
N LYS A 68 3.04 11.22 8.37
CA LYS A 68 4.22 11.17 7.57
C LYS A 68 4.45 9.75 7.13
N GLY A 69 3.73 9.35 6.13
CA GLY A 69 3.90 8.04 5.61
C GLY A 69 3.54 7.91 4.16
N GLU A 70 4.14 6.95 3.51
CA GLU A 70 3.87 6.63 2.14
C GLU A 70 4.22 5.18 1.93
N VAL A 71 3.40 4.49 1.21
CA VAL A 71 3.61 3.09 0.97
C VAL A 71 3.90 2.85 -0.48
N HIS A 72 5.04 2.33 -0.76
CA HIS A 72 5.38 1.95 -2.10
C HIS A 72 4.97 0.51 -2.22
N GLY A 73 4.02 0.24 -3.06
CA GLY A 73 3.52 -1.08 -3.19
C GLY A 73 3.19 -1.40 -4.60
N LYS A 74 2.17 -2.17 -4.78
CA LYS A 74 1.80 -2.64 -6.08
C LYS A 74 0.33 -2.41 -6.35
N VAL A 75 0.03 -2.04 -7.57
CA VAL A 75 -1.33 -1.86 -8.02
C VAL A 75 -1.73 -2.94 -9.01
N LEU A 76 -2.86 -3.55 -8.74
CA LEU A 76 -3.45 -4.52 -9.61
C LEU A 76 -4.47 -3.80 -10.47
N MET A 77 -4.21 -3.67 -11.72
CA MET A 77 -5.10 -3.01 -12.63
C MET A 77 -5.59 -3.96 -13.67
N GLY A 78 -6.79 -3.75 -14.15
CA GLY A 78 -7.37 -4.66 -15.07
C GLY A 78 -8.14 -5.73 -14.34
N VAL A 79 -8.44 -5.47 -13.07
CA VAL A 79 -9.20 -6.40 -12.26
C VAL A 79 -10.68 -6.19 -12.53
N THR A 80 -11.42 -7.25 -12.70
CA THR A 80 -12.82 -7.13 -12.98
C THR A 80 -13.62 -6.92 -11.70
N SER A 81 -14.86 -6.53 -11.85
CA SER A 81 -15.74 -6.29 -10.72
C SER A 81 -15.95 -7.56 -9.85
N ASP A 82 -15.95 -8.73 -10.48
CA ASP A 82 -16.14 -10.00 -9.76
C ASP A 82 -14.96 -10.28 -8.86
N GLU A 83 -13.79 -9.93 -9.34
CA GLU A 83 -12.56 -10.10 -8.61
C GLU A 83 -12.45 -8.97 -7.57
N LEU A 84 -13.06 -7.83 -7.87
CA LEU A 84 -13.12 -6.69 -6.95
C LEU A 84 -13.96 -7.07 -5.73
N GLU A 85 -15.18 -7.58 -5.97
CA GLU A 85 -16.07 -8.02 -4.89
C GLU A 85 -15.44 -9.17 -4.12
N ASN A 86 -14.62 -9.94 -4.82
CA ASN A 86 -13.82 -11.00 -4.23
C ASN A 86 -12.90 -10.43 -3.18
N LEU A 87 -12.21 -9.37 -3.54
CA LEU A 87 -11.28 -8.69 -2.67
C LEU A 87 -12.00 -8.03 -1.53
N ASP A 88 -13.16 -7.47 -1.83
CA ASP A 88 -14.00 -6.87 -0.80
C ASP A 88 -14.38 -7.93 0.20
N ALA A 89 -14.78 -9.06 -0.30
CA ALA A 89 -15.19 -10.16 0.52
C ALA A 89 -14.05 -10.71 1.36
N VAL A 90 -12.90 -10.92 0.75
CA VAL A 90 -11.75 -11.48 1.44
C VAL A 90 -11.10 -10.49 2.46
N GLU A 91 -10.68 -9.34 1.99
CA GLU A 91 -9.99 -8.35 2.84
C GLU A 91 -10.96 -7.58 3.72
N GLY A 92 -12.16 -7.39 3.22
CA GLY A 92 -13.19 -6.60 3.92
C GLY A 92 -13.57 -7.14 5.28
N ASN A 93 -13.24 -8.39 5.53
CA ASN A 93 -13.52 -9.02 6.81
C ASN A 93 -12.84 -8.27 7.97
N GLU A 94 -11.66 -7.70 7.71
CA GLU A 94 -10.97 -6.94 8.75
C GLU A 94 -10.49 -5.57 8.24
N TYR A 95 -10.59 -5.34 6.95
CA TYR A 95 -10.13 -4.09 6.35
C TYR A 95 -11.29 -3.38 5.63
N GLU A 96 -11.11 -2.13 5.28
CA GLU A 96 -12.15 -1.39 4.62
C GLU A 96 -11.64 -0.84 3.30
N ARG A 97 -12.52 -0.84 2.31
CA ARG A 97 -12.18 -0.39 0.99
C ARG A 97 -12.39 1.11 0.89
N VAL A 98 -11.33 1.81 0.72
CA VAL A 98 -11.40 3.24 0.59
C VAL A 98 -10.80 3.70 -0.71
N THR A 99 -11.15 4.89 -1.11
CA THR A 99 -10.70 5.45 -2.32
C THR A 99 -9.41 6.22 -2.09
N VAL A 100 -8.37 5.84 -2.80
CA VAL A 100 -7.06 6.45 -2.58
C VAL A 100 -6.38 6.82 -3.90
N GLY A 101 -5.43 7.70 -3.82
CA GLY A 101 -4.68 8.09 -4.97
C GLY A 101 -3.25 7.61 -4.88
N ILE A 102 -2.81 6.88 -5.86
CA ILE A 102 -1.47 6.36 -5.87
C ILE A 102 -0.66 7.01 -6.93
N VAL A 103 0.61 7.04 -6.77
CA VAL A 103 1.48 7.63 -7.73
C VAL A 103 2.36 6.55 -8.26
N ARG A 104 2.27 6.29 -9.54
CA ARG A 104 3.04 5.22 -10.10
C ARG A 104 4.48 5.56 -10.12
N GLU A 105 5.28 4.58 -9.77
CA GLU A 105 6.72 4.69 -9.81
C GLU A 105 7.17 4.59 -11.27
N ASP A 106 6.19 4.33 -12.13
CA ASP A 106 6.35 4.19 -13.56
C ASP A 106 6.60 5.54 -14.21
N ASN A 107 5.65 6.46 -14.02
CA ASN A 107 5.69 7.75 -14.70
C ASN A 107 5.58 8.94 -13.74
N SER A 108 5.57 8.65 -12.44
CA SER A 108 5.52 9.68 -11.39
C SER A 108 4.15 10.41 -11.36
N GLU A 109 3.17 9.85 -12.03
CA GLU A 109 1.86 10.46 -12.06
C GLU A 109 0.88 9.73 -11.17
N LYS A 110 -0.15 10.41 -10.74
CA LYS A 110 -1.10 9.84 -9.83
C LYS A 110 -2.21 9.14 -10.57
N MET A 111 -2.71 8.12 -9.96
CA MET A 111 -3.83 7.37 -10.43
C MET A 111 -4.74 7.08 -9.30
N ALA A 112 -5.92 6.79 -9.63
CA ALA A 112 -6.92 6.48 -8.63
C ALA A 112 -7.08 5.00 -8.51
N VAL A 113 -7.04 4.52 -7.30
CA VAL A 113 -7.20 3.11 -7.01
C VAL A 113 -7.93 2.98 -5.69
N LYS A 114 -8.26 1.79 -5.35
CA LYS A 114 -8.87 1.56 -4.08
C LYS A 114 -7.99 0.64 -3.28
N THR A 115 -8.03 0.75 -1.99
CA THR A 115 -7.20 -0.11 -1.19
C THR A 115 -7.95 -0.45 0.09
N TYR A 116 -7.40 -1.35 0.84
CA TYR A 116 -8.01 -1.82 2.05
C TYR A 116 -7.14 -1.45 3.22
N MET A 117 -7.60 -0.51 4.01
CA MET A 117 -6.86 -0.06 5.16
C MET A 117 -7.54 -0.56 6.42
N TRP A 118 -6.76 -0.66 7.45
CA TRP A 118 -7.21 -1.13 8.74
C TRP A 118 -8.15 -0.07 9.33
N ILE A 119 -9.31 -0.50 9.79
CA ILE A 119 -10.31 0.47 10.23
C ILE A 119 -9.92 1.11 11.57
N ASN A 120 -9.45 0.30 12.50
CA ASN A 120 -9.11 0.79 13.83
C ASN A 120 -7.70 1.38 13.83
N LYS A 121 -7.64 2.66 13.63
CA LYS A 121 -6.41 3.36 13.39
C LYS A 121 -5.62 3.62 14.67
N ALA A 122 -6.20 3.31 15.79
CA ALA A 122 -5.51 3.45 17.05
C ALA A 122 -5.41 2.10 17.74
N ASP A 123 -4.41 1.34 17.39
CA ASP A 123 -4.16 0.04 17.99
C ASP A 123 -2.69 -0.08 18.35
N PRO A 124 -2.40 -0.30 19.63
CA PRO A 124 -1.03 -0.39 20.12
C PRO A 124 -0.36 -1.72 19.78
N ASP A 125 -1.13 -2.69 19.33
CA ASP A 125 -0.59 -4.00 19.05
C ASP A 125 -0.10 -4.17 17.63
N MET A 126 -0.57 -3.33 16.73
CA MET A 126 0.01 -3.34 15.42
C MET A 126 1.29 -2.54 15.46
N PHE A 127 2.34 -3.21 15.78
CA PHE A 127 3.61 -2.62 15.89
C PHE A 127 4.63 -3.55 15.34
N GLY A 128 5.34 -3.08 14.40
CA GLY A 128 6.43 -3.82 13.83
C GLY A 128 7.48 -2.87 13.42
N GLU A 129 8.64 -3.36 13.10
CA GLU A 129 9.69 -2.45 12.73
C GLU A 129 9.95 -2.54 11.26
N TRP A 130 9.88 -1.41 10.62
CA TRP A 130 9.95 -1.29 9.20
C TRP A 130 11.09 -0.32 8.91
N ASN A 131 11.68 -0.39 7.74
CA ASN A 131 12.88 0.43 7.42
C ASN A 131 12.58 1.92 7.51
N PHE A 132 11.41 2.29 7.05
CA PHE A 132 10.90 3.61 7.11
C PHE A 132 10.78 4.06 8.59
N GLU A 133 10.35 3.14 9.43
CA GLU A 133 10.19 3.36 10.85
C GLU A 133 11.54 3.46 11.56
N GLU A 134 12.57 2.83 10.98
CA GLU A 134 13.90 2.87 11.58
C GLU A 134 14.41 4.29 11.74
N TRP A 135 14.19 5.13 10.74
CA TRP A 135 14.60 6.50 10.88
C TRP A 135 13.82 7.20 11.98
N LYS A 136 12.54 6.90 12.08
CA LYS A 136 11.71 7.49 13.10
C LYS A 136 12.17 7.12 14.49
N ARG A 137 12.52 5.85 14.69
CA ARG A 137 13.00 5.41 15.98
C ARG A 137 14.35 6.03 16.31
N LEU A 138 15.19 6.22 15.29
CA LEU A 138 16.51 6.84 15.50
C LEU A 138 16.34 8.31 15.83
N HIS A 139 15.36 8.92 15.21
CA HIS A 139 15.07 10.33 15.44
C HIS A 139 14.47 10.51 16.84
N LYS A 140 13.62 9.56 17.21
CA LYS A 140 12.98 9.51 18.52
C LYS A 140 14.00 9.17 19.60
N LYS A 141 14.96 8.32 19.23
CA LYS A 141 15.99 7.76 20.11
C LYS A 141 16.70 8.83 20.91
N LYS A 142 16.82 10.02 20.34
CA LYS A 142 17.44 11.17 20.98
C LYS A 142 16.77 11.45 22.35
N PHE A 143 15.46 11.43 22.36
CA PHE A 143 14.68 11.65 23.56
C PHE A 143 14.67 10.38 24.41
N ILE A 144 14.69 9.25 23.72
CA ILE A 144 14.63 7.94 24.34
C ILE A 144 15.85 7.67 25.21
N GLU A 145 17.01 8.19 24.82
CA GLU A 145 18.23 8.04 25.64
C GLU A 145 18.00 8.57 27.06
N THR A 146 17.20 9.62 27.17
CA THR A 146 16.84 10.20 28.44
C THR A 146 15.83 9.29 29.16
N PHE A 147 14.82 8.84 28.42
CA PHE A 147 13.78 7.97 28.95
C PHE A 147 14.25 6.59 29.31
N LYS A 148 15.25 6.11 28.62
CA LYS A 148 15.83 4.80 28.86
C LYS A 148 16.25 4.67 30.32
N LYS A 149 16.82 5.75 30.85
CA LYS A 149 17.26 5.80 32.25
C LYS A 149 16.04 5.71 33.16
N ILE A 150 14.97 6.33 32.73
CA ILE A 150 13.71 6.37 33.46
C ILE A 150 13.02 5.00 33.41
N MET A 151 13.11 4.35 32.27
CA MET A 151 12.53 3.02 32.07
C MET A 151 13.27 1.99 32.93
N GLU A 152 14.59 2.12 33.00
CA GLU A 152 15.40 1.24 33.85
C GLU A 152 15.06 1.49 35.31
N CYS A 153 14.70 2.73 35.62
CA CYS A 153 14.32 3.12 36.95
C CYS A 153 12.95 2.55 37.34
N LYS A 154 12.00 2.63 36.42
CA LYS A 154 10.65 2.14 36.69
C LYS A 154 10.55 0.64 36.68
N LYS A 155 11.14 0.03 35.70
CA LYS A 155 11.00 -1.40 35.54
C LYS A 155 12.19 -2.17 36.10
N LYS A 156 13.30 -2.15 35.39
CA LYS A 156 14.48 -2.88 35.82
C LYS A 156 15.69 -2.41 35.03
N PRO A 157 16.90 -2.47 35.63
CA PRO A 157 18.15 -2.06 34.98
C PRO A 157 18.56 -3.00 33.85
N GLN A 158 17.96 -4.17 33.81
CA GLN A 158 18.26 -5.13 32.77
C GLN A 158 17.30 -4.98 31.62
N CYS A 10 -15.27 -0.72 -24.40
CA CYS A 10 -16.62 -1.20 -24.54
C CYS A 10 -17.40 -0.97 -23.26
N SER A 11 -18.68 -0.77 -23.38
CA SER A 11 -19.53 -0.70 -22.22
C SER A 11 -19.73 -2.14 -21.77
N SER A 12 -19.00 -2.54 -20.75
CA SER A 12 -18.94 -3.91 -20.31
C SER A 12 -20.14 -4.29 -19.43
N ASP A 13 -20.95 -3.29 -19.03
CA ASP A 13 -22.07 -3.46 -18.07
C ASP A 13 -21.53 -3.54 -16.68
N SER A 14 -20.59 -4.43 -16.49
CA SER A 14 -19.82 -4.49 -15.30
C SER A 14 -19.02 -3.19 -15.28
N LEU A 15 -18.95 -2.54 -14.15
CA LEU A 15 -18.38 -1.24 -14.11
C LEU A 15 -16.87 -1.21 -14.18
N GLN A 16 -16.36 -1.23 -15.41
CA GLN A 16 -14.95 -1.00 -15.75
C GLN A 16 -14.01 -2.03 -15.09
N LEU A 17 -12.72 -1.88 -15.39
CA LEU A 17 -11.73 -2.57 -14.66
C LEU A 17 -11.37 -1.71 -13.51
N HIS A 18 -10.90 -2.31 -12.48
CA HIS A 18 -10.60 -1.59 -11.28
C HIS A 18 -9.17 -1.73 -10.97
N ASN A 19 -8.67 -0.82 -10.21
CA ASN A 19 -7.33 -0.88 -9.72
C ASN A 19 -7.30 -0.74 -8.22
N VAL A 20 -6.65 -1.71 -7.61
CA VAL A 20 -6.60 -1.83 -6.16
C VAL A 20 -5.17 -1.82 -5.69
N PHE A 21 -4.90 -1.12 -4.62
CA PHE A 21 -3.58 -1.04 -4.05
C PHE A 21 -3.50 -2.02 -2.89
N VAL A 22 -2.56 -2.91 -2.97
CA VAL A 22 -2.41 -3.94 -1.96
C VAL A 22 -1.25 -3.64 -1.01
N TYR A 23 -1.49 -3.89 0.27
CA TYR A 23 -0.53 -3.57 1.31
C TYR A 23 0.59 -4.57 1.50
N GLY A 24 0.44 -5.75 0.95
CA GLY A 24 1.48 -6.74 1.12
C GLY A 24 1.01 -8.13 0.88
N SER A 25 -0.11 -8.49 1.47
CA SER A 25 -0.64 -9.86 1.40
C SER A 25 -0.88 -10.32 -0.04
N PHE A 26 -1.22 -9.40 -0.92
CA PHE A 26 -1.54 -9.76 -2.29
C PHE A 26 -0.66 -8.99 -3.27
N GLN A 27 0.56 -8.68 -2.88
CA GLN A 27 1.44 -7.94 -3.80
C GLN A 27 2.30 -8.87 -4.65
N ASP A 28 2.15 -10.16 -4.40
CA ASP A 28 2.85 -11.18 -5.15
C ASP A 28 1.93 -11.76 -6.19
N PRO A 29 2.33 -11.72 -7.48
CA PRO A 29 1.49 -12.18 -8.58
C PRO A 29 1.18 -13.68 -8.51
N ASP A 30 2.09 -14.46 -7.97
CA ASP A 30 1.87 -15.89 -7.87
C ASP A 30 0.74 -16.16 -6.88
N VAL A 31 0.73 -15.39 -5.79
CA VAL A 31 -0.35 -15.45 -4.79
C VAL A 31 -1.67 -15.10 -5.45
N ILE A 32 -1.62 -14.15 -6.37
CA ILE A 32 -2.79 -13.69 -7.06
C ILE A 32 -3.41 -14.83 -7.90
N ASN A 33 -2.57 -15.58 -8.60
CA ASN A 33 -3.05 -16.75 -9.36
C ASN A 33 -3.72 -17.75 -8.45
N VAL A 34 -3.19 -17.89 -7.26
CA VAL A 34 -3.70 -18.87 -6.32
C VAL A 34 -4.96 -18.38 -5.60
N MET A 35 -5.03 -17.10 -5.29
CA MET A 35 -6.17 -16.59 -4.55
C MET A 35 -7.39 -16.50 -5.47
N LEU A 36 -7.20 -16.14 -6.73
CA LEU A 36 -8.33 -16.05 -7.62
C LEU A 36 -8.25 -16.97 -8.84
N ASP A 37 -7.25 -16.78 -9.69
CA ASP A 37 -7.16 -17.54 -10.96
C ASP A 37 -5.96 -17.11 -11.77
N ARG A 38 -5.88 -15.84 -12.05
CA ARG A 38 -4.81 -15.28 -12.86
C ARG A 38 -4.31 -14.02 -12.21
N THR A 39 -3.42 -13.33 -12.86
CA THR A 39 -2.89 -12.12 -12.32
C THR A 39 -3.21 -10.91 -13.21
N PRO A 40 -4.06 -10.00 -12.73
CA PRO A 40 -4.28 -8.70 -13.38
C PRO A 40 -2.96 -7.92 -13.40
N GLU A 41 -2.80 -7.05 -14.38
CA GLU A 41 -1.56 -6.28 -14.50
C GLU A 41 -1.26 -5.47 -13.26
N ILE A 42 -0.16 -5.77 -12.65
CA ILE A 42 0.26 -5.13 -11.44
C ILE A 42 1.29 -4.06 -11.76
N VAL A 43 1.16 -2.94 -11.12
CA VAL A 43 2.11 -1.87 -11.26
C VAL A 43 2.53 -1.38 -9.88
N SER A 44 3.75 -0.96 -9.76
CA SER A 44 4.24 -0.42 -8.54
C SER A 44 3.73 1.03 -8.37
N ALA A 45 3.18 1.33 -7.21
CA ALA A 45 2.67 2.67 -6.92
C ALA A 45 2.97 3.10 -5.48
N THR A 46 2.94 4.40 -5.27
CA THR A 46 3.17 5.01 -3.98
C THR A 46 1.84 5.54 -3.42
N LEU A 47 1.56 5.24 -2.18
CA LEU A 47 0.45 5.80 -1.48
C LEU A 47 0.97 6.72 -0.38
N PRO A 48 1.05 8.02 -0.64
CA PRO A 48 1.59 8.98 0.31
C PRO A 48 0.56 9.43 1.35
N GLY A 49 1.00 9.60 2.59
CA GLY A 49 0.11 10.00 3.64
C GLY A 49 -0.46 8.83 4.38
N PHE A 50 0.07 7.68 4.10
CA PHE A 50 -0.35 6.44 4.70
C PHE A 50 0.88 5.65 4.99
N GLN A 51 0.81 4.71 5.87
CA GLN A 51 1.99 3.95 6.21
C GLN A 51 1.63 2.50 6.38
N ARG A 52 2.51 1.62 5.93
CA ARG A 52 2.31 0.22 6.11
C ARG A 52 3.18 -0.26 7.23
N PHE A 53 2.55 -0.92 8.16
CA PHE A 53 3.23 -1.40 9.31
C PHE A 53 3.33 -2.88 9.21
N ARG A 54 4.21 -3.50 9.98
CA ARG A 54 4.32 -4.94 9.98
C ARG A 54 4.03 -5.52 11.31
N LEU A 55 3.12 -6.43 11.30
CA LEU A 55 2.71 -7.15 12.44
C LEU A 55 2.30 -8.51 11.88
N LYS A 56 2.73 -9.58 12.49
CA LYS A 56 2.52 -10.89 11.92
C LYS A 56 1.40 -11.68 12.59
N GLY A 57 1.27 -11.60 13.88
CA GLY A 57 0.28 -12.42 14.56
C GLY A 57 -0.81 -11.62 15.22
N ARG A 58 -2.06 -11.93 14.87
CA ARG A 58 -3.27 -11.34 15.45
C ARG A 58 -3.62 -10.03 14.76
N LEU A 59 -2.63 -9.45 14.17
CA LEU A 59 -2.81 -8.28 13.40
C LEU A 59 -1.96 -8.44 12.15
N TYR A 60 -2.23 -7.65 11.14
CA TYR A 60 -1.65 -7.85 9.84
C TYR A 60 -0.81 -6.63 9.44
N PRO A 61 -0.06 -6.73 8.32
CA PRO A 61 0.72 -5.60 7.74
C PRO A 61 -0.18 -4.45 7.16
N CYS A 62 -1.17 -4.05 7.95
CA CYS A 62 -2.21 -3.09 7.58
C CYS A 62 -1.70 -1.68 7.22
N ILE A 63 -2.57 -0.92 6.56
CA ILE A 63 -2.34 0.47 6.13
C ILE A 63 -3.20 1.38 6.96
N VAL A 64 -2.69 2.53 7.32
CA VAL A 64 -3.47 3.59 7.97
C VAL A 64 -2.88 4.93 7.54
N PRO A 65 -3.68 6.00 7.55
CA PRO A 65 -3.18 7.33 7.25
C PRO A 65 -2.18 7.84 8.30
N SER A 66 -0.94 7.96 7.92
CA SER A 66 0.10 8.43 8.78
C SER A 66 0.80 9.62 8.15
N GLU A 67 1.04 10.63 8.92
CA GLU A 67 1.65 11.87 8.43
C GLU A 67 3.13 11.65 8.14
N LYS A 68 3.69 10.62 8.76
CA LYS A 68 5.13 10.37 8.67
C LYS A 68 5.47 9.27 7.66
N GLY A 69 4.49 8.78 6.94
CA GLY A 69 4.77 7.67 6.07
C GLY A 69 4.25 7.81 4.67
N GLU A 70 4.58 6.82 3.89
CA GLU A 70 4.19 6.67 2.52
C GLU A 70 4.29 5.18 2.26
N VAL A 71 3.42 4.65 1.48
CA VAL A 71 3.42 3.23 1.26
C VAL A 71 3.77 2.94 -0.16
N HIS A 72 4.83 2.22 -0.37
CA HIS A 72 5.13 1.79 -1.70
C HIS A 72 4.67 0.39 -1.86
N GLY A 73 3.72 0.20 -2.72
CA GLY A 73 3.16 -1.09 -2.91
C GLY A 73 2.79 -1.31 -4.32
N LYS A 74 1.91 -2.21 -4.54
CA LYS A 74 1.49 -2.52 -5.87
C LYS A 74 0.03 -2.36 -6.09
N VAL A 75 -0.28 -2.00 -7.28
CA VAL A 75 -1.62 -1.82 -7.74
C VAL A 75 -2.01 -2.89 -8.75
N LEU A 76 -3.16 -3.48 -8.55
CA LEU A 76 -3.71 -4.47 -9.44
C LEU A 76 -4.66 -3.79 -10.40
N MET A 77 -4.27 -3.66 -11.65
CA MET A 77 -5.09 -3.06 -12.65
C MET A 77 -5.69 -4.14 -13.53
N GLY A 78 -6.80 -3.85 -14.15
CA GLY A 78 -7.44 -4.83 -15.01
C GLY A 78 -8.30 -5.76 -14.21
N VAL A 79 -8.62 -5.35 -13.00
CA VAL A 79 -9.48 -6.11 -12.13
C VAL A 79 -10.90 -6.03 -12.63
N THR A 80 -11.47 -7.15 -12.93
CA THR A 80 -12.83 -7.17 -13.34
C THR A 80 -13.71 -6.96 -12.11
N SER A 81 -14.95 -6.63 -12.32
CA SER A 81 -15.88 -6.39 -11.22
C SER A 81 -15.97 -7.58 -10.25
N ASP A 82 -15.89 -8.78 -10.80
CA ASP A 82 -15.94 -10.03 -10.02
C ASP A 82 -14.81 -10.09 -9.02
N GLU A 83 -13.61 -9.87 -9.49
CA GLU A 83 -12.39 -9.90 -8.68
C GLU A 83 -12.40 -8.72 -7.70
N LEU A 84 -12.93 -7.60 -8.14
CA LEU A 84 -13.11 -6.43 -7.28
C LEU A 84 -13.97 -6.80 -6.07
N GLU A 85 -15.10 -7.45 -6.33
CA GLU A 85 -15.97 -7.90 -5.26
C GLU A 85 -15.30 -9.01 -4.47
N ASN A 86 -14.51 -9.81 -5.17
CA ASN A 86 -13.76 -10.93 -4.62
C ASN A 86 -12.79 -10.40 -3.54
N LEU A 87 -12.05 -9.37 -3.90
CA LEU A 87 -11.08 -8.77 -2.99
C LEU A 87 -11.78 -8.10 -1.82
N ASP A 88 -12.86 -7.42 -2.13
CA ASP A 88 -13.68 -6.72 -1.13
C ASP A 88 -14.30 -7.71 -0.16
N ALA A 89 -14.59 -8.89 -0.66
CA ALA A 89 -15.12 -9.97 0.14
C ALA A 89 -14.05 -10.57 1.04
N VAL A 90 -12.87 -10.82 0.47
CA VAL A 90 -11.76 -11.42 1.23
C VAL A 90 -11.27 -10.49 2.35
N GLU A 91 -10.88 -9.28 1.99
CA GLU A 91 -10.34 -8.34 2.98
C GLU A 91 -11.43 -7.68 3.82
N GLY A 92 -12.64 -7.66 3.29
CA GLY A 92 -13.76 -7.02 3.96
C GLY A 92 -14.10 -7.59 5.33
N ASN A 93 -13.61 -8.79 5.61
CA ASN A 93 -13.87 -9.44 6.88
C ASN A 93 -13.33 -8.64 8.07
N GLU A 94 -12.27 -7.85 7.86
CA GLU A 94 -11.71 -7.11 8.94
C GLU A 94 -11.17 -5.72 8.47
N TYR A 95 -11.29 -5.44 7.19
CA TYR A 95 -10.87 -4.16 6.62
C TYR A 95 -12.03 -3.49 5.93
N GLU A 96 -11.85 -2.22 5.60
CA GLU A 96 -12.86 -1.48 4.92
C GLU A 96 -12.23 -0.96 3.64
N ARG A 97 -12.98 -1.00 2.57
CA ARG A 97 -12.49 -0.60 1.28
C ARG A 97 -12.68 0.88 1.10
N VAL A 98 -11.59 1.56 1.02
CA VAL A 98 -11.61 2.98 0.83
C VAL A 98 -10.92 3.33 -0.46
N THR A 99 -11.19 4.48 -0.97
CA THR A 99 -10.60 4.89 -2.21
C THR A 99 -9.54 5.95 -1.94
N VAL A 100 -8.39 5.79 -2.54
CA VAL A 100 -7.26 6.66 -2.31
C VAL A 100 -6.56 7.00 -3.61
N GLY A 101 -5.63 7.92 -3.53
CA GLY A 101 -4.89 8.30 -4.69
C GLY A 101 -3.45 7.83 -4.58
N ILE A 102 -3.00 7.09 -5.55
CA ILE A 102 -1.65 6.58 -5.57
C ILE A 102 -0.89 7.12 -6.74
N VAL A 103 0.40 6.99 -6.73
CA VAL A 103 1.22 7.47 -7.79
C VAL A 103 2.05 6.33 -8.34
N ARG A 104 1.86 6.04 -9.59
CA ARG A 104 2.53 4.98 -10.29
C ARG A 104 4.03 5.26 -10.41
N GLU A 105 4.85 4.40 -9.78
CA GLU A 105 6.33 4.52 -9.75
C GLU A 105 6.84 4.61 -11.18
N ASP A 106 6.34 3.69 -11.97
CA ASP A 106 6.74 3.43 -13.34
C ASP A 106 6.83 4.67 -14.26
N ASN A 107 5.88 5.58 -14.18
CA ASN A 107 5.94 6.74 -15.10
C ASN A 107 5.56 8.05 -14.40
N SER A 108 5.38 7.97 -13.10
CA SER A 108 5.00 9.10 -12.27
C SER A 108 3.64 9.69 -12.70
N GLU A 109 2.59 8.94 -12.46
CA GLU A 109 1.23 9.34 -12.75
C GLU A 109 0.39 9.09 -11.54
N LYS A 110 -0.57 9.91 -11.33
CA LYS A 110 -1.43 9.83 -10.18
C LYS A 110 -2.70 9.11 -10.56
N MET A 111 -3.00 8.10 -9.84
CA MET A 111 -4.16 7.25 -10.10
C MET A 111 -5.03 7.16 -8.89
N ALA A 112 -6.22 6.77 -9.12
CA ALA A 112 -7.19 6.61 -8.05
C ALA A 112 -7.53 5.16 -7.90
N VAL A 113 -7.23 4.62 -6.76
CA VAL A 113 -7.40 3.21 -6.55
C VAL A 113 -8.15 2.96 -5.26
N LYS A 114 -8.48 1.73 -5.02
CA LYS A 114 -9.11 1.33 -3.80
C LYS A 114 -8.12 0.54 -2.99
N THR A 115 -8.19 0.65 -1.71
CA THR A 115 -7.29 -0.07 -0.85
C THR A 115 -8.00 -0.41 0.45
N TYR A 116 -7.36 -1.20 1.27
CA TYR A 116 -7.94 -1.65 2.50
C TYR A 116 -7.06 -1.21 3.64
N MET A 117 -7.54 -0.25 4.39
CA MET A 117 -6.79 0.29 5.51
C MET A 117 -7.47 -0.09 6.80
N TRP A 118 -6.70 -0.11 7.85
CA TRP A 118 -7.18 -0.44 9.16
C TRP A 118 -8.12 0.65 9.62
N ILE A 119 -9.35 0.28 9.96
CA ILE A 119 -10.41 1.25 10.25
C ILE A 119 -10.09 2.05 11.50
N ASN A 120 -9.55 1.37 12.50
CA ASN A 120 -9.22 1.99 13.79
C ASN A 120 -8.21 3.13 13.60
N LYS A 121 -7.37 3.02 12.55
CA LYS A 121 -6.33 4.00 12.13
C LYS A 121 -5.26 4.33 13.20
N ALA A 122 -5.68 4.69 14.37
CA ALA A 122 -4.79 4.89 15.47
C ALA A 122 -4.84 3.66 16.33
N ASP A 123 -4.08 2.67 15.93
CA ASP A 123 -4.09 1.39 16.60
C ASP A 123 -2.76 1.19 17.27
N PRO A 124 -2.75 0.88 18.56
CA PRO A 124 -1.54 0.72 19.35
C PRO A 124 -0.79 -0.58 19.06
N ASP A 125 -1.44 -1.55 18.46
CA ASP A 125 -0.81 -2.84 18.24
C ASP A 125 0.09 -2.85 17.05
N MET A 126 -0.21 -2.04 16.08
CA MET A 126 0.62 -1.98 14.92
C MET A 126 1.70 -0.93 15.04
N PHE A 127 2.84 -1.29 14.53
CA PHE A 127 4.00 -0.46 14.46
C PHE A 127 4.98 -1.20 13.61
N GLY A 128 5.75 -0.51 12.83
CA GLY A 128 6.71 -1.18 12.01
C GLY A 128 6.82 -0.57 10.65
N GLU A 129 7.89 -0.88 10.02
CA GLU A 129 8.22 -0.44 8.69
C GLU A 129 8.56 -1.67 7.93
N TRP A 130 8.36 -1.68 6.66
CA TRP A 130 8.81 -2.84 5.94
C TRP A 130 10.23 -2.57 5.51
N ASN A 131 11.00 -3.61 5.27
CA ASN A 131 12.43 -3.51 4.92
C ASN A 131 12.73 -2.38 3.94
N PHE A 132 12.04 -2.40 2.81
CA PHE A 132 12.23 -1.38 1.79
C PHE A 132 11.77 -0.01 2.27
N GLU A 133 10.68 0.04 3.03
CA GLU A 133 10.09 1.31 3.48
C GLU A 133 10.96 1.99 4.52
N GLU A 134 11.69 1.20 5.26
CA GLU A 134 12.58 1.73 6.25
C GLU A 134 13.72 2.45 5.54
N TRP A 135 14.37 1.76 4.62
CA TRP A 135 15.45 2.32 3.82
C TRP A 135 14.91 3.48 2.96
N LYS A 136 13.66 3.37 2.59
CA LYS A 136 12.94 4.35 1.81
C LYS A 136 12.99 5.70 2.53
N ARG A 137 12.65 5.73 3.83
CA ARG A 137 12.68 7.00 4.55
C ARG A 137 14.10 7.52 4.77
N LEU A 138 15.04 6.60 4.90
CA LEU A 138 16.46 6.99 5.05
C LEU A 138 16.97 7.61 3.76
N HIS A 139 16.43 7.17 2.64
CA HIS A 139 16.74 7.78 1.35
C HIS A 139 15.93 9.07 1.20
N LYS A 140 14.74 9.06 1.74
CA LYS A 140 13.84 10.21 1.72
C LYS A 140 14.43 11.41 2.42
N LYS A 141 15.22 11.18 3.47
CA LYS A 141 15.89 12.26 4.23
C LYS A 141 16.61 13.27 3.31
N LYS A 142 17.13 12.77 2.18
CA LYS A 142 17.77 13.59 1.15
C LYS A 142 16.78 14.63 0.63
N PHE A 143 15.62 14.14 0.32
CA PHE A 143 14.55 14.88 -0.29
C PHE A 143 13.88 15.78 0.76
N ILE A 144 13.88 15.28 1.99
CA ILE A 144 13.31 15.96 3.14
C ILE A 144 13.99 17.29 3.43
N GLU A 145 15.30 17.40 3.17
CA GLU A 145 16.03 18.65 3.44
C GLU A 145 15.33 19.86 2.82
N THR A 146 14.84 19.68 1.60
CA THR A 146 14.14 20.71 0.88
C THR A 146 12.75 20.93 1.52
N PHE A 147 12.04 19.84 1.78
CA PHE A 147 10.71 19.92 2.34
C PHE A 147 10.64 20.37 3.77
N LYS A 148 11.66 20.10 4.54
CA LYS A 148 11.74 20.56 5.92
C LYS A 148 11.69 22.08 5.91
N LYS A 149 12.41 22.67 4.97
CA LYS A 149 12.47 24.12 4.82
C LYS A 149 11.09 24.64 4.43
N ILE A 150 10.42 23.91 3.57
CA ILE A 150 9.10 24.25 3.09
C ILE A 150 8.06 24.12 4.24
N MET A 151 8.19 23.06 5.02
CA MET A 151 7.30 22.84 6.16
C MET A 151 7.48 23.93 7.20
N GLU A 152 8.72 24.30 7.47
CA GLU A 152 9.02 25.38 8.40
C GLU A 152 8.54 26.72 7.85
N CYS A 153 8.56 26.83 6.52
CA CYS A 153 8.09 28.03 5.82
C CYS A 153 6.59 28.20 6.03
N LYS A 154 5.87 27.08 6.04
CA LYS A 154 4.44 27.10 6.28
C LYS A 154 4.17 27.24 7.76
N LYS A 155 5.01 26.57 8.55
CA LYS A 155 4.98 26.58 10.00
C LYS A 155 3.74 25.90 10.56
N LYS A 156 3.89 24.65 10.87
CA LYS A 156 2.82 23.89 11.46
C LYS A 156 3.13 23.71 12.96
N PRO A 157 2.07 23.60 13.81
CA PRO A 157 2.24 23.43 15.27
C PRO A 157 3.13 22.24 15.62
N GLN A 158 4.04 22.46 16.54
CA GLN A 158 4.98 21.45 16.97
C GLN A 158 5.29 21.65 18.45
N CYS A 10 -23.04 -14.58 -15.25
CA CYS A 10 -22.98 -14.52 -16.67
C CYS A 10 -22.16 -13.31 -17.04
N SER A 11 -21.00 -13.56 -17.58
CA SER A 11 -20.08 -12.51 -17.88
C SER A 11 -20.60 -11.69 -19.06
N SER A 12 -21.04 -10.51 -18.75
CA SER A 12 -21.52 -9.59 -19.72
C SER A 12 -20.36 -8.80 -20.27
N ASP A 13 -19.29 -8.74 -19.49
CA ASP A 13 -18.08 -8.02 -19.81
C ASP A 13 -18.31 -6.55 -19.99
N SER A 14 -18.34 -5.88 -18.89
CA SER A 14 -18.48 -4.47 -18.82
C SER A 14 -17.07 -3.92 -18.76
N LEU A 15 -16.67 -3.18 -19.78
CA LEU A 15 -15.34 -2.68 -19.86
C LEU A 15 -15.09 -1.52 -18.91
N GLN A 16 -15.03 -1.88 -17.66
CA GLN A 16 -14.71 -1.03 -16.57
C GLN A 16 -13.88 -1.81 -15.63
N LEU A 17 -12.64 -1.64 -15.74
CA LEU A 17 -11.74 -2.36 -14.92
C LEU A 17 -11.30 -1.52 -13.76
N HIS A 18 -10.94 -2.17 -12.72
CA HIS A 18 -10.61 -1.54 -11.48
C HIS A 18 -9.18 -1.76 -11.15
N ASN A 19 -8.68 -0.92 -10.29
CA ASN A 19 -7.34 -1.01 -9.82
C ASN A 19 -7.28 -0.87 -8.30
N VAL A 20 -6.45 -1.68 -7.69
CA VAL A 20 -6.34 -1.75 -6.25
C VAL A 20 -4.88 -1.71 -5.85
N PHE A 21 -4.58 -1.00 -4.80
CA PHE A 21 -3.23 -0.92 -4.27
C PHE A 21 -3.12 -1.95 -3.18
N VAL A 22 -2.17 -2.83 -3.33
CA VAL A 22 -2.02 -3.94 -2.43
C VAL A 22 -0.90 -3.73 -1.45
N TYR A 23 -0.89 -4.58 -0.45
CA TYR A 23 0.03 -4.43 0.66
C TYR A 23 0.33 -5.78 1.34
N GLY A 24 -0.72 -6.59 1.58
CA GLY A 24 -0.52 -7.83 2.28
C GLY A 24 -0.96 -9.05 1.49
N SER A 25 -2.20 -9.47 1.70
CA SER A 25 -2.75 -10.72 1.14
C SER A 25 -2.70 -10.79 -0.40
N PHE A 26 -2.52 -9.66 -1.05
CA PHE A 26 -2.53 -9.62 -2.50
C PHE A 26 -1.23 -9.02 -3.03
N GLN A 27 -0.19 -9.01 -2.23
CA GLN A 27 1.08 -8.38 -2.64
C GLN A 27 1.82 -9.22 -3.67
N ASP A 28 1.48 -10.48 -3.74
CA ASP A 28 2.19 -11.41 -4.58
C ASP A 28 1.31 -11.98 -5.69
N PRO A 29 1.79 -11.91 -6.95
CA PRO A 29 1.04 -12.39 -8.12
C PRO A 29 0.83 -13.92 -8.10
N ASP A 30 1.78 -14.64 -7.55
CA ASP A 30 1.68 -16.09 -7.46
C ASP A 30 0.50 -16.47 -6.59
N VAL A 31 0.30 -15.69 -5.53
CA VAL A 31 -0.85 -15.84 -4.65
C VAL A 31 -2.12 -15.51 -5.40
N ILE A 32 -2.07 -14.45 -6.18
CA ILE A 32 -3.22 -13.97 -6.93
C ILE A 32 -3.73 -15.02 -7.92
N ASN A 33 -2.82 -15.67 -8.64
CA ASN A 33 -3.20 -16.75 -9.55
C ASN A 33 -3.98 -17.83 -8.82
N VAL A 34 -3.63 -18.09 -7.60
CA VAL A 34 -4.28 -19.11 -6.81
C VAL A 34 -5.58 -18.58 -6.18
N MET A 35 -5.56 -17.33 -5.76
CA MET A 35 -6.69 -16.73 -5.04
C MET A 35 -7.91 -16.70 -5.96
N LEU A 36 -7.66 -16.46 -7.25
CA LEU A 36 -8.72 -16.55 -8.23
C LEU A 36 -8.34 -17.47 -9.40
N ASP A 37 -7.47 -16.98 -10.28
CA ASP A 37 -7.10 -17.65 -11.54
C ASP A 37 -5.88 -16.96 -12.12
N ARG A 38 -6.04 -15.68 -12.34
CA ARG A 38 -5.03 -14.87 -13.00
C ARG A 38 -4.76 -13.58 -12.24
N THR A 39 -3.68 -12.94 -12.59
CA THR A 39 -3.22 -11.78 -11.88
C THR A 39 -3.35 -10.50 -12.74
N PRO A 40 -3.98 -9.45 -12.19
CA PRO A 40 -4.05 -8.14 -12.83
C PRO A 40 -2.67 -7.53 -13.03
N GLU A 41 -2.53 -6.68 -14.02
CA GLU A 41 -1.29 -5.99 -14.33
C GLU A 41 -0.82 -5.22 -13.08
N ILE A 42 0.38 -5.49 -12.64
CA ILE A 42 0.91 -4.89 -11.42
C ILE A 42 1.90 -3.80 -11.74
N VAL A 43 1.79 -2.71 -11.06
CA VAL A 43 2.72 -1.62 -11.21
C VAL A 43 3.20 -1.16 -9.84
N SER A 44 4.41 -0.69 -9.76
CA SER A 44 4.93 -0.16 -8.53
C SER A 44 4.34 1.23 -8.32
N ALA A 45 3.75 1.45 -7.18
CA ALA A 45 3.13 2.72 -6.88
C ALA A 45 3.40 3.15 -5.47
N THR A 46 3.29 4.42 -5.27
CA THR A 46 3.48 5.03 -4.01
C THR A 46 2.16 5.62 -3.56
N LEU A 47 1.73 5.25 -2.39
CA LEU A 47 0.54 5.77 -1.80
C LEU A 47 0.92 6.85 -0.77
N PRO A 48 0.78 8.12 -1.13
CA PRO A 48 1.12 9.22 -0.24
C PRO A 48 0.00 9.50 0.77
N GLY A 49 0.38 9.80 1.99
CA GLY A 49 -0.58 10.12 3.02
C GLY A 49 -1.00 8.90 3.80
N PHE A 50 -0.27 7.82 3.65
CA PHE A 50 -0.58 6.58 4.32
C PHE A 50 0.69 5.93 4.79
N GLN A 51 0.57 5.01 5.68
CA GLN A 51 1.70 4.32 6.23
C GLN A 51 1.35 2.86 6.40
N ARG A 52 2.35 2.07 6.62
CA ARG A 52 2.20 0.64 6.66
C ARG A 52 2.80 0.06 7.93
N PHE A 53 2.02 -0.71 8.59
CA PHE A 53 2.42 -1.35 9.81
C PHE A 53 2.60 -2.82 9.58
N ARG A 54 3.26 -3.47 10.51
CA ARG A 54 3.72 -4.83 10.35
C ARG A 54 3.73 -5.50 11.67
N LEU A 55 3.58 -6.79 11.67
CA LEU A 55 3.60 -7.54 12.88
C LEU A 55 3.92 -8.97 12.45
N LYS A 56 4.69 -9.68 13.23
CA LYS A 56 4.98 -11.04 12.89
C LYS A 56 4.39 -12.01 13.91
N GLY A 57 3.12 -12.29 13.74
CA GLY A 57 2.42 -13.17 14.64
C GLY A 57 0.93 -13.20 14.37
N ARG A 58 0.16 -12.49 15.18
CA ARG A 58 -1.30 -12.47 15.06
C ARG A 58 -1.71 -11.52 13.95
N LEU A 59 -1.01 -10.46 13.83
CA LEU A 59 -1.34 -9.48 12.83
C LEU A 59 -0.26 -9.45 11.78
N TYR A 60 -0.57 -8.85 10.70
CA TYR A 60 0.18 -8.84 9.50
C TYR A 60 0.11 -7.44 8.89
N PRO A 61 0.95 -7.13 7.86
CA PRO A 61 0.99 -5.82 7.17
C PRO A 61 -0.39 -5.16 6.99
N CYS A 62 -0.52 -3.99 7.55
CA CYS A 62 -1.72 -3.22 7.50
C CYS A 62 -1.41 -1.78 7.04
N ILE A 63 -2.37 -1.15 6.38
CA ILE A 63 -2.21 0.22 5.91
C ILE A 63 -3.11 1.13 6.71
N VAL A 64 -2.65 2.31 7.05
CA VAL A 64 -3.46 3.33 7.74
C VAL A 64 -3.04 4.71 7.28
N PRO A 65 -3.96 5.68 7.27
CA PRO A 65 -3.65 7.08 6.90
C PRO A 65 -2.56 7.69 7.82
N SER A 66 -1.61 8.35 7.22
CA SER A 66 -0.52 8.94 7.94
C SER A 66 -0.41 10.41 7.61
N GLU A 67 -0.09 11.22 8.60
CA GLU A 67 0.18 12.61 8.36
C GLU A 67 1.55 12.76 7.72
N LYS A 68 2.46 11.88 8.10
CA LYS A 68 3.81 11.88 7.58
C LYS A 68 4.29 10.51 7.10
N GLY A 69 3.77 10.07 5.99
CA GLY A 69 4.20 8.80 5.47
C GLY A 69 3.74 8.56 4.07
N GLU A 70 4.30 7.54 3.47
CA GLU A 70 3.96 7.09 2.16
C GLU A 70 4.14 5.59 2.11
N VAL A 71 3.34 4.92 1.35
CA VAL A 71 3.44 3.49 1.24
C VAL A 71 3.86 3.11 -0.16
N HIS A 72 4.98 2.46 -0.29
CA HIS A 72 5.38 1.97 -1.58
C HIS A 72 4.94 0.54 -1.71
N GLY A 73 4.07 0.30 -2.64
CA GLY A 73 3.54 -1.00 -2.82
C GLY A 73 3.32 -1.29 -4.26
N LYS A 74 2.28 -2.03 -4.54
CA LYS A 74 1.98 -2.46 -5.88
C LYS A 74 0.51 -2.23 -6.17
N VAL A 75 0.20 -1.88 -7.39
CA VAL A 75 -1.17 -1.74 -7.82
C VAL A 75 -1.55 -2.84 -8.80
N LEU A 76 -2.66 -3.48 -8.51
CA LEU A 76 -3.24 -4.47 -9.38
C LEU A 76 -4.29 -3.78 -10.21
N MET A 77 -4.06 -3.64 -11.48
CA MET A 77 -5.02 -2.99 -12.34
C MET A 77 -5.50 -3.90 -13.43
N GLY A 78 -6.76 -3.77 -13.75
CA GLY A 78 -7.36 -4.60 -14.75
C GLY A 78 -8.24 -5.66 -14.13
N VAL A 79 -8.74 -5.40 -12.93
CA VAL A 79 -9.59 -6.35 -12.25
C VAL A 79 -11.07 -6.01 -12.52
N THR A 80 -11.88 -7.01 -12.75
CA THR A 80 -13.27 -6.82 -13.04
C THR A 80 -14.03 -6.54 -11.71
N SER A 81 -15.23 -5.99 -11.82
CA SER A 81 -16.05 -5.65 -10.66
C SER A 81 -16.36 -6.89 -9.77
N ASP A 82 -16.49 -8.07 -10.38
CA ASP A 82 -16.77 -9.30 -9.62
C ASP A 82 -15.63 -9.68 -8.70
N GLU A 83 -14.41 -9.71 -9.22
CA GLU A 83 -13.25 -10.03 -8.40
C GLU A 83 -13.05 -8.93 -7.36
N LEU A 84 -13.46 -7.70 -7.69
CA LEU A 84 -13.37 -6.57 -6.76
C LEU A 84 -14.21 -6.85 -5.50
N GLU A 85 -15.39 -7.45 -5.71
CA GLU A 85 -16.26 -7.83 -4.61
C GLU A 85 -15.62 -8.97 -3.84
N ASN A 86 -14.98 -9.85 -4.58
CA ASN A 86 -14.28 -11.00 -4.02
C ASN A 86 -13.12 -10.53 -3.12
N LEU A 87 -12.38 -9.54 -3.59
CA LEU A 87 -11.25 -8.96 -2.83
C LEU A 87 -11.79 -8.37 -1.54
N ASP A 88 -12.91 -7.68 -1.67
CA ASP A 88 -13.62 -7.05 -0.57
C ASP A 88 -14.08 -8.09 0.45
N ALA A 89 -14.38 -9.27 -0.03
CA ALA A 89 -14.78 -10.38 0.81
C ALA A 89 -13.56 -10.96 1.55
N VAL A 90 -12.46 -11.09 0.83
CA VAL A 90 -11.22 -11.66 1.36
C VAL A 90 -10.57 -10.77 2.45
N GLU A 91 -10.35 -9.50 2.14
CA GLU A 91 -9.76 -8.54 3.09
C GLU A 91 -10.78 -8.04 4.12
N GLY A 92 -12.04 -8.18 3.77
CA GLY A 92 -13.16 -7.64 4.55
C GLY A 92 -13.24 -8.08 6.01
N ASN A 93 -12.56 -9.15 6.39
CA ASN A 93 -12.64 -9.61 7.77
C ASN A 93 -12.01 -8.64 8.76
N GLU A 94 -11.00 -7.87 8.33
CA GLU A 94 -10.41 -6.85 9.21
C GLU A 94 -10.15 -5.51 8.51
N TYR A 95 -10.44 -5.42 7.23
CA TYR A 95 -10.15 -4.19 6.49
C TYR A 95 -11.35 -3.65 5.75
N GLU A 96 -11.24 -2.41 5.32
CA GLU A 96 -12.27 -1.73 4.59
C GLU A 96 -11.69 -1.22 3.27
N ARG A 97 -12.50 -1.22 2.25
CA ARG A 97 -12.06 -0.80 0.94
C ARG A 97 -12.36 0.68 0.76
N VAL A 98 -11.34 1.47 0.65
CA VAL A 98 -11.49 2.90 0.50
C VAL A 98 -10.76 3.41 -0.70
N THR A 99 -11.14 4.59 -1.11
CA THR A 99 -10.57 5.19 -2.30
C THR A 99 -9.32 5.99 -1.93
N VAL A 100 -8.27 5.77 -2.66
CA VAL A 100 -7.00 6.44 -2.40
C VAL A 100 -6.32 6.88 -3.70
N GLY A 101 -5.34 7.75 -3.57
CA GLY A 101 -4.61 8.21 -4.72
C GLY A 101 -3.19 7.75 -4.65
N ILE A 102 -2.75 7.08 -5.68
CA ILE A 102 -1.40 6.56 -5.72
C ILE A 102 -0.62 7.20 -6.83
N VAL A 103 0.66 7.12 -6.74
CA VAL A 103 1.53 7.65 -7.74
C VAL A 103 2.35 6.51 -8.26
N ARG A 104 2.15 6.17 -9.52
CA ARG A 104 2.88 5.07 -10.08
C ARG A 104 4.31 5.43 -10.22
N GLU A 105 5.16 4.54 -9.84
CA GLU A 105 6.58 4.70 -10.02
C GLU A 105 6.95 4.32 -11.45
N ASP A 106 5.90 4.05 -12.24
CA ASP A 106 5.98 3.76 -13.66
C ASP A 106 6.66 4.91 -14.37
N ASN A 107 6.03 6.07 -14.30
CA ASN A 107 6.61 7.30 -14.88
C ASN A 107 6.39 8.45 -13.92
N SER A 108 6.00 8.10 -12.71
CA SER A 108 5.63 9.03 -11.68
C SER A 108 4.41 9.84 -12.09
N GLU A 109 3.25 9.22 -11.98
CA GLU A 109 2.00 9.82 -12.31
C GLU A 109 1.02 9.47 -11.24
N LYS A 110 0.06 10.31 -11.01
CA LYS A 110 -0.91 10.06 -9.98
C LYS A 110 -2.14 9.36 -10.57
N MET A 111 -2.65 8.44 -9.83
CA MET A 111 -3.81 7.66 -10.22
C MET A 111 -4.68 7.42 -9.06
N ALA A 112 -5.88 7.08 -9.33
CA ALA A 112 -6.81 6.79 -8.28
C ALA A 112 -7.09 5.31 -8.24
N VAL A 113 -6.98 4.73 -7.08
CA VAL A 113 -7.16 3.31 -6.88
C VAL A 113 -7.85 3.09 -5.56
N LYS A 114 -8.19 1.89 -5.24
CA LYS A 114 -8.73 1.60 -3.94
C LYS A 114 -7.76 0.71 -3.18
N THR A 115 -7.86 0.72 -1.89
CA THR A 115 -7.00 -0.10 -1.09
C THR A 115 -7.74 -0.47 0.19
N TYR A 116 -7.16 -1.33 0.95
CA TYR A 116 -7.74 -1.80 2.17
C TYR A 116 -6.89 -1.33 3.34
N MET A 117 -7.45 -0.50 4.16
CA MET A 117 -6.75 0.02 5.30
C MET A 117 -7.35 -0.46 6.60
N TRP A 118 -6.54 -0.47 7.63
CA TRP A 118 -6.90 -0.98 8.94
C TRP A 118 -7.96 -0.09 9.53
N ILE A 119 -9.11 -0.68 9.76
CA ILE A 119 -10.31 0.04 10.18
C ILE A 119 -10.14 0.82 11.49
N ASN A 120 -9.37 0.26 12.39
CA ASN A 120 -9.12 0.91 13.68
C ASN A 120 -8.22 2.15 13.51
N LYS A 121 -7.33 2.07 12.51
CA LYS A 121 -6.39 3.15 12.13
C LYS A 121 -5.31 3.41 13.18
N ALA A 122 -5.70 3.77 14.36
CA ALA A 122 -4.77 4.06 15.42
C ALA A 122 -4.63 2.88 16.34
N ASP A 123 -3.56 2.15 16.18
CA ASP A 123 -3.31 0.96 16.98
C ASP A 123 -1.82 0.84 17.32
N PRO A 124 -1.48 0.77 18.62
CA PRO A 124 -0.09 0.67 19.06
C PRO A 124 0.44 -0.78 19.12
N ASP A 125 -0.37 -1.72 18.72
CA ASP A 125 0.01 -3.14 18.79
C ASP A 125 0.58 -3.61 17.46
N MET A 126 0.10 -3.04 16.36
CA MET A 126 0.55 -3.40 15.00
C MET A 126 1.90 -2.74 14.64
N PHE A 127 2.63 -2.27 15.62
CA PHE A 127 3.90 -1.62 15.35
C PHE A 127 4.99 -2.68 15.12
N GLY A 128 5.55 -2.67 13.93
CA GLY A 128 6.58 -3.62 13.59
C GLY A 128 7.29 -3.23 12.34
N GLU A 129 8.40 -3.88 12.11
CA GLU A 129 9.19 -3.67 10.94
C GLU A 129 9.20 -4.96 10.14
N TRP A 130 9.35 -4.84 8.88
CA TRP A 130 9.45 -5.98 8.02
C TRP A 130 10.92 -6.35 7.99
N ASN A 131 11.25 -7.59 7.75
CA ASN A 131 12.66 -8.01 7.73
C ASN A 131 13.44 -7.28 6.65
N PHE A 132 12.78 -6.99 5.54
CA PHE A 132 13.34 -6.25 4.47
C PHE A 132 13.44 -4.76 4.85
N GLU A 133 12.49 -4.29 5.64
CA GLU A 133 12.44 -2.89 6.05
C GLU A 133 13.59 -2.50 6.93
N GLU A 134 14.04 -3.42 7.75
CA GLU A 134 15.18 -3.16 8.60
C GLU A 134 16.40 -2.93 7.70
N TRP A 135 16.50 -3.75 6.68
CA TRP A 135 17.60 -3.67 5.75
C TRP A 135 17.54 -2.42 4.87
N LYS A 136 16.34 -1.90 4.55
CA LYS A 136 16.30 -0.73 3.69
C LYS A 136 17.00 0.48 4.30
N ARG A 137 16.89 0.64 5.62
CA ARG A 137 17.61 1.72 6.28
C ARG A 137 19.09 1.39 6.43
N LEU A 138 19.40 0.12 6.54
CA LEU A 138 20.79 -0.33 6.61
C LEU A 138 21.46 -0.16 5.25
N HIS A 139 20.66 -0.21 4.21
CA HIS A 139 21.12 0.11 2.86
C HIS A 139 21.34 1.62 2.76
N LYS A 140 20.44 2.34 3.38
CA LYS A 140 20.49 3.79 3.48
C LYS A 140 21.74 4.23 4.24
N LYS A 141 22.19 3.40 5.18
CA LYS A 141 23.34 3.67 6.06
C LYS A 141 24.58 4.21 5.30
N LYS A 142 24.85 3.70 4.11
CA LYS A 142 25.98 4.18 3.29
C LYS A 142 25.80 5.67 2.98
N PHE A 143 24.58 6.01 2.69
CA PHE A 143 24.19 7.34 2.32
C PHE A 143 24.15 8.20 3.61
N ILE A 144 23.78 7.53 4.70
CA ILE A 144 23.69 8.13 6.03
C ILE A 144 25.07 8.54 6.54
N GLU A 145 26.11 7.80 6.18
CA GLU A 145 27.48 8.15 6.58
C GLU A 145 27.80 9.59 6.16
N THR A 146 27.23 10.00 5.06
CA THR A 146 27.36 11.35 4.59
C THR A 146 26.38 12.26 5.37
N PHE A 147 25.14 11.82 5.47
CA PHE A 147 24.10 12.58 6.16
C PHE A 147 24.31 12.81 7.63
N LYS A 148 24.96 11.90 8.32
CA LYS A 148 25.28 12.12 9.73
C LYS A 148 26.11 13.38 9.93
N LYS A 149 27.05 13.61 9.02
CA LYS A 149 27.90 14.77 9.09
C LYS A 149 27.08 16.02 8.76
N ILE A 150 26.11 15.84 7.87
CA ILE A 150 25.20 16.89 7.48
C ILE A 150 24.28 17.22 8.67
N MET A 151 23.85 16.18 9.37
CA MET A 151 23.00 16.32 10.55
C MET A 151 23.70 17.14 11.62
N GLU A 152 25.00 16.88 11.80
CA GLU A 152 25.81 17.65 12.75
C GLU A 152 25.81 19.12 12.38
N CYS A 153 25.93 19.38 11.10
CA CYS A 153 25.95 20.73 10.61
C CYS A 153 24.57 21.38 10.71
N LYS A 154 23.52 20.58 10.57
CA LYS A 154 22.17 21.11 10.69
C LYS A 154 21.84 21.40 12.13
N LYS A 155 22.14 20.44 13.00
CA LYS A 155 21.83 20.55 14.44
C LYS A 155 22.77 19.67 15.25
N LYS A 156 22.59 18.37 15.08
CA LYS A 156 23.31 17.34 15.82
C LYS A 156 23.08 16.01 15.12
N PRO A 157 23.93 14.97 15.36
CA PRO A 157 23.75 13.64 14.77
C PRO A 157 22.40 13.05 15.14
N GLN A 158 21.65 12.63 14.14
CA GLN A 158 20.32 12.10 14.35
C GLN A 158 19.95 11.16 13.21
N CYS A 10 -6.80 5.81 -26.35
CA CYS A 10 -7.98 4.96 -26.14
C CYS A 10 -8.82 5.45 -24.96
N SER A 11 -10.13 5.41 -25.15
CA SER A 11 -11.05 5.84 -24.13
C SER A 11 -11.12 4.82 -22.99
N SER A 12 -11.90 5.13 -21.99
CA SER A 12 -12.04 4.29 -20.84
C SER A 12 -12.71 2.97 -21.23
N ASP A 13 -13.86 3.06 -21.93
CA ASP A 13 -14.64 1.88 -22.39
C ASP A 13 -15.32 1.15 -21.26
N SER A 14 -16.64 1.32 -21.18
CA SER A 14 -17.48 0.69 -20.16
C SER A 14 -17.06 1.20 -18.74
N LEU A 15 -17.42 0.44 -17.72
CA LEU A 15 -17.11 0.77 -16.35
C LEU A 15 -15.66 0.38 -16.03
N GLN A 16 -15.07 -0.37 -16.95
CA GLN A 16 -13.67 -0.81 -16.91
C GLN A 16 -13.35 -1.81 -15.82
N LEU A 17 -12.09 -2.16 -15.81
CA LEU A 17 -11.44 -2.97 -14.85
C LEU A 17 -11.09 -2.10 -13.69
N HIS A 18 -10.86 -2.69 -12.58
CA HIS A 18 -10.65 -1.92 -11.39
C HIS A 18 -9.22 -2.02 -11.00
N ASN A 19 -8.79 -1.09 -10.22
CA ASN A 19 -7.45 -1.03 -9.74
C ASN A 19 -7.37 -0.75 -8.27
N VAL A 20 -6.65 -1.56 -7.59
CA VAL A 20 -6.51 -1.52 -6.16
C VAL A 20 -5.04 -1.68 -5.75
N PHE A 21 -4.68 -1.00 -4.70
CA PHE A 21 -3.34 -1.02 -4.18
C PHE A 21 -3.27 -2.07 -3.08
N VAL A 22 -2.37 -3.01 -3.24
CA VAL A 22 -2.19 -4.07 -2.28
C VAL A 22 -1.09 -3.72 -1.29
N TYR A 23 -0.90 -4.53 -0.25
CA TYR A 23 -0.05 -4.10 0.83
C TYR A 23 0.72 -5.22 1.58
N GLY A 24 0.01 -6.14 2.23
CA GLY A 24 0.70 -7.12 3.07
C GLY A 24 0.57 -8.55 2.61
N SER A 25 -0.55 -9.17 2.91
CA SER A 25 -0.77 -10.55 2.50
C SER A 25 -0.85 -10.62 0.97
N PHE A 26 -1.44 -9.59 0.41
CA PHE A 26 -1.58 -9.44 -0.97
C PHE A 26 -0.54 -8.49 -1.44
N GLN A 27 0.51 -9.02 -1.98
CA GLN A 27 1.58 -8.25 -2.64
C GLN A 27 2.35 -9.06 -3.66
N ASP A 28 1.92 -10.29 -3.86
CA ASP A 28 2.60 -11.20 -4.74
C ASP A 28 1.64 -11.71 -5.79
N PRO A 29 2.05 -11.73 -7.07
CA PRO A 29 1.19 -12.15 -8.18
C PRO A 29 0.75 -13.60 -8.09
N ASP A 30 1.57 -14.47 -7.53
CA ASP A 30 1.22 -15.90 -7.43
C ASP A 30 0.08 -16.09 -6.45
N VAL A 31 0.09 -15.28 -5.40
CA VAL A 31 -0.97 -15.27 -4.40
C VAL A 31 -2.27 -14.86 -5.09
N ILE A 32 -2.16 -13.86 -5.94
CA ILE A 32 -3.28 -13.35 -6.70
C ILE A 32 -3.75 -14.40 -7.68
N ASN A 33 -2.81 -15.01 -8.29
CA ASN A 33 -2.97 -16.00 -9.30
C ASN A 33 -3.85 -17.14 -8.81
N VAL A 34 -3.60 -17.57 -7.59
CA VAL A 34 -4.33 -18.66 -7.00
C VAL A 34 -5.68 -18.19 -6.44
N MET A 35 -5.69 -17.00 -5.81
CA MET A 35 -6.88 -16.51 -5.14
C MET A 35 -8.01 -16.25 -6.15
N LEU A 36 -7.66 -15.78 -7.35
CA LEU A 36 -8.67 -15.64 -8.39
C LEU A 36 -8.48 -16.61 -9.53
N ASP A 37 -7.50 -16.34 -10.38
CA ASP A 37 -7.23 -17.15 -11.59
C ASP A 37 -6.15 -16.49 -12.38
N ARG A 38 -6.35 -15.22 -12.58
CA ARG A 38 -5.45 -14.42 -13.35
C ARG A 38 -4.73 -13.47 -12.45
N THR A 39 -3.82 -12.74 -12.99
CA THR A 39 -3.12 -11.75 -12.25
C THR A 39 -3.17 -10.45 -13.02
N PRO A 40 -4.00 -9.50 -12.55
CA PRO A 40 -4.11 -8.16 -13.15
C PRO A 40 -2.76 -7.49 -13.18
N GLU A 41 -2.53 -6.62 -14.15
CA GLU A 41 -1.28 -5.93 -14.28
C GLU A 41 -0.94 -5.17 -13.07
N ILE A 42 0.23 -5.36 -12.68
CA ILE A 42 0.72 -4.78 -11.50
C ILE A 42 1.67 -3.69 -11.86
N VAL A 43 1.49 -2.58 -11.25
CA VAL A 43 2.39 -1.49 -11.40
C VAL A 43 2.88 -1.09 -10.04
N SER A 44 4.10 -0.66 -9.97
CA SER A 44 4.63 -0.19 -8.73
C SER A 44 4.07 1.21 -8.51
N ALA A 45 3.51 1.43 -7.37
CA ALA A 45 2.91 2.70 -7.08
C ALA A 45 3.15 3.09 -5.64
N THR A 46 3.13 4.35 -5.41
CA THR A 46 3.34 4.88 -4.11
C THR A 46 2.05 5.45 -3.57
N LEU A 47 1.68 5.00 -2.40
CA LEU A 47 0.52 5.51 -1.72
C LEU A 47 0.97 6.48 -0.62
N PRO A 48 0.90 7.78 -0.87
CA PRO A 48 1.26 8.79 0.10
C PRO A 48 0.11 9.11 1.04
N GLY A 49 0.41 9.19 2.31
CA GLY A 49 -0.61 9.47 3.28
C GLY A 49 -1.01 8.23 4.04
N PHE A 50 -0.31 7.15 3.79
CA PHE A 50 -0.56 5.87 4.42
C PHE A 50 0.73 5.13 4.60
N GLN A 51 0.80 4.32 5.61
CA GLN A 51 1.98 3.51 5.88
C GLN A 51 1.54 2.15 6.34
N ARG A 52 2.33 1.13 6.03
CA ARG A 52 1.99 -0.18 6.51
C ARG A 52 2.87 -0.51 7.69
N PHE A 53 2.30 -1.15 8.60
CA PHE A 53 2.94 -1.49 9.84
C PHE A 53 3.25 -2.97 9.91
N ARG A 54 3.98 -3.36 10.92
CA ARG A 54 4.47 -4.73 11.01
C ARG A 54 3.50 -5.67 11.71
N LEU A 55 3.40 -6.85 11.13
CA LEU A 55 2.52 -7.95 11.56
C LEU A 55 2.78 -8.30 13.04
N LYS A 56 4.00 -8.75 13.32
CA LYS A 56 4.45 -9.15 14.66
C LYS A 56 3.67 -10.34 15.28
N GLY A 57 2.41 -10.13 15.60
CA GLY A 57 1.66 -11.17 16.26
C GLY A 57 0.29 -11.40 15.67
N ARG A 58 -0.74 -10.96 16.38
CA ARG A 58 -2.14 -11.19 15.94
C ARG A 58 -2.62 -10.24 14.86
N LEU A 59 -1.79 -9.34 14.46
CA LEU A 59 -2.18 -8.38 13.48
C LEU A 59 -1.38 -8.61 12.21
N TYR A 60 -1.83 -8.05 11.13
CA TYR A 60 -1.23 -8.25 9.84
C TYR A 60 -0.53 -6.96 9.46
N PRO A 61 0.27 -6.94 8.37
CA PRO A 61 0.81 -5.70 7.88
C PRO A 61 -0.33 -4.86 7.31
N CYS A 62 -0.87 -4.01 8.14
CA CYS A 62 -2.03 -3.25 7.80
C CYS A 62 -1.68 -1.84 7.37
N ILE A 63 -2.57 -1.26 6.58
CA ILE A 63 -2.43 0.10 6.12
C ILE A 63 -3.21 1.03 7.03
N VAL A 64 -2.57 2.05 7.50
CA VAL A 64 -3.22 3.06 8.28
C VAL A 64 -2.79 4.43 7.78
N PRO A 65 -3.71 5.40 7.79
CA PRO A 65 -3.39 6.77 7.39
C PRO A 65 -2.22 7.38 8.18
N SER A 66 -1.12 7.54 7.51
CA SER A 66 0.04 8.16 8.04
C SER A 66 0.39 9.27 7.08
N GLU A 67 0.00 10.48 7.41
CA GLU A 67 0.10 11.65 6.54
C GLU A 67 1.54 11.86 6.04
N LYS A 68 2.50 11.59 6.86
CA LYS A 68 3.87 11.85 6.50
C LYS A 68 4.44 10.65 5.74
N GLY A 69 3.85 9.50 5.97
CA GLY A 69 4.33 8.29 5.38
C GLY A 69 3.77 8.03 4.00
N GLU A 70 4.29 7.02 3.39
CA GLU A 70 3.89 6.60 2.08
C GLU A 70 4.31 5.16 1.89
N VAL A 71 3.52 4.40 1.19
CA VAL A 71 3.84 3.02 0.94
C VAL A 71 4.12 2.84 -0.52
N HIS A 72 5.28 2.40 -0.84
CA HIS A 72 5.58 2.08 -2.20
C HIS A 72 5.27 0.63 -2.36
N GLY A 73 4.29 0.32 -3.15
CA GLY A 73 3.85 -1.03 -3.27
C GLY A 73 3.36 -1.34 -4.64
N LYS A 74 2.35 -2.16 -4.72
CA LYS A 74 1.88 -2.64 -5.98
C LYS A 74 0.41 -2.31 -6.18
N VAL A 75 0.06 -1.95 -7.39
CA VAL A 75 -1.31 -1.75 -7.78
C VAL A 75 -1.73 -2.82 -8.77
N LEU A 76 -2.85 -3.44 -8.49
CA LEU A 76 -3.43 -4.42 -9.36
C LEU A 76 -4.46 -3.74 -10.22
N MET A 77 -4.17 -3.62 -11.47
CA MET A 77 -5.10 -3.01 -12.39
C MET A 77 -5.47 -3.98 -13.47
N GLY A 78 -6.72 -4.02 -13.80
CA GLY A 78 -7.19 -4.99 -14.72
C GLY A 78 -7.96 -6.08 -14.03
N VAL A 79 -8.42 -5.81 -12.81
CA VAL A 79 -9.20 -6.78 -12.07
C VAL A 79 -10.68 -6.58 -12.41
N THR A 80 -11.38 -7.67 -12.61
CA THR A 80 -12.77 -7.63 -12.95
C THR A 80 -13.63 -7.32 -11.72
N SER A 81 -14.84 -6.85 -11.95
CA SER A 81 -15.76 -6.51 -10.87
C SER A 81 -16.06 -7.70 -9.95
N ASP A 82 -16.04 -8.90 -10.52
CA ASP A 82 -16.33 -10.12 -9.74
C ASP A 82 -15.22 -10.36 -8.75
N GLU A 83 -14.01 -10.15 -9.16
CA GLU A 83 -12.92 -10.29 -8.24
C GLU A 83 -12.74 -9.07 -7.36
N LEU A 84 -13.13 -7.90 -7.86
CA LEU A 84 -13.09 -6.67 -7.09
C LEU A 84 -14.00 -6.82 -5.87
N GLU A 85 -15.19 -7.35 -6.08
CA GLU A 85 -16.13 -7.58 -4.99
C GLU A 85 -15.58 -8.68 -4.07
N ASN A 86 -14.81 -9.60 -4.65
CA ASN A 86 -14.22 -10.70 -3.90
C ASN A 86 -13.07 -10.19 -3.04
N LEU A 87 -12.27 -9.28 -3.59
CA LEU A 87 -11.17 -8.64 -2.86
C LEU A 87 -11.72 -7.91 -1.65
N ASP A 88 -12.84 -7.27 -1.87
CA ASP A 88 -13.54 -6.55 -0.84
C ASP A 88 -14.18 -7.51 0.15
N ALA A 89 -14.54 -8.66 -0.31
CA ALA A 89 -15.12 -9.69 0.53
C ALA A 89 -14.03 -10.35 1.37
N VAL A 90 -12.94 -10.73 0.72
CA VAL A 90 -11.83 -11.43 1.36
C VAL A 90 -11.13 -10.54 2.42
N GLU A 91 -10.71 -9.34 2.02
CA GLU A 91 -10.04 -8.40 2.93
C GLU A 91 -11.03 -7.69 3.85
N GLY A 92 -12.24 -7.54 3.37
CA GLY A 92 -13.30 -6.79 4.07
C GLY A 92 -13.65 -7.31 5.44
N ASN A 93 -13.29 -8.56 5.71
CA ASN A 93 -13.55 -9.15 7.03
C ASN A 93 -12.86 -8.39 8.13
N GLU A 94 -11.69 -7.83 7.82
CA GLU A 94 -10.93 -7.13 8.82
C GLU A 94 -10.48 -5.74 8.32
N TYR A 95 -10.91 -5.37 7.12
CA TYR A 95 -10.50 -4.09 6.50
C TYR A 95 -11.67 -3.41 5.80
N GLU A 96 -11.47 -2.15 5.43
CA GLU A 96 -12.49 -1.38 4.74
C GLU A 96 -11.96 -0.89 3.40
N ARG A 97 -12.85 -0.84 2.41
CA ARG A 97 -12.48 -0.47 1.04
C ARG A 97 -12.57 1.05 0.90
N VAL A 98 -11.47 1.69 0.59
CA VAL A 98 -11.46 3.13 0.35
C VAL A 98 -10.70 3.51 -0.88
N THR A 99 -10.96 4.70 -1.30
CA THR A 99 -10.38 5.27 -2.46
C THR A 99 -9.14 6.07 -2.08
N VAL A 100 -8.02 5.74 -2.67
CA VAL A 100 -6.79 6.41 -2.36
C VAL A 100 -6.07 6.84 -3.62
N GLY A 101 -5.20 7.80 -3.46
CA GLY A 101 -4.45 8.30 -4.58
C GLY A 101 -3.05 7.79 -4.57
N ILE A 102 -2.71 7.01 -5.56
CA ILE A 102 -1.40 6.43 -5.66
C ILE A 102 -0.65 7.05 -6.82
N VAL A 103 0.64 7.01 -6.77
CA VAL A 103 1.44 7.56 -7.81
C VAL A 103 2.29 6.46 -8.39
N ARG A 104 2.12 6.19 -9.66
CA ARG A 104 2.87 5.16 -10.34
C ARG A 104 4.35 5.49 -10.36
N GLU A 105 5.16 4.49 -10.06
CA GLU A 105 6.61 4.60 -10.12
C GLU A 105 7.02 4.54 -11.60
N ASP A 106 6.03 4.26 -12.43
CA ASP A 106 6.11 4.21 -13.89
C ASP A 106 6.70 5.50 -14.45
N ASN A 107 5.98 6.62 -14.27
CA ASN A 107 6.46 7.91 -14.78
C ASN A 107 6.07 9.02 -13.84
N SER A 108 5.67 8.64 -12.63
CA SER A 108 5.15 9.57 -11.66
C SER A 108 3.84 10.19 -12.12
N GLU A 109 2.84 9.34 -12.30
CA GLU A 109 1.51 9.75 -12.62
C GLU A 109 0.64 9.30 -11.49
N LYS A 110 -0.25 10.14 -11.09
CA LYS A 110 -1.09 9.83 -9.97
C LYS A 110 -2.44 9.31 -10.41
N MET A 111 -2.91 8.34 -9.70
CA MET A 111 -4.14 7.64 -10.01
C MET A 111 -4.92 7.40 -8.78
N ALA A 112 -6.14 7.11 -8.98
CA ALA A 112 -7.01 6.78 -7.88
C ALA A 112 -7.35 5.30 -7.94
N VAL A 113 -7.04 4.61 -6.88
CA VAL A 113 -7.27 3.17 -6.81
C VAL A 113 -7.93 2.85 -5.49
N LYS A 114 -8.32 1.61 -5.28
CA LYS A 114 -8.90 1.24 -4.01
C LYS A 114 -7.85 0.61 -3.15
N THR A 115 -8.08 0.56 -1.89
CA THR A 115 -7.21 -0.15 -0.99
C THR A 115 -8.01 -0.51 0.25
N TYR A 116 -7.43 -1.29 1.11
CA TYR A 116 -8.08 -1.74 2.30
C TYR A 116 -7.24 -1.36 3.51
N MET A 117 -7.77 -0.47 4.33
CA MET A 117 -7.02 0.00 5.48
C MET A 117 -7.68 -0.43 6.77
N TRP A 118 -6.90 -0.48 7.82
CA TRP A 118 -7.33 -0.91 9.13
C TRP A 118 -8.35 0.10 9.66
N ILE A 119 -9.50 -0.37 10.10
CA ILE A 119 -10.59 0.51 10.51
C ILE A 119 -10.28 1.20 11.83
N ASN A 120 -9.72 0.45 12.75
CA ASN A 120 -9.37 0.94 14.08
C ASN A 120 -8.34 2.06 14.01
N LYS A 121 -7.40 1.91 13.08
CA LYS A 121 -6.35 2.91 12.75
C LYS A 121 -5.29 3.08 13.85
N ALA A 122 -5.68 3.07 15.10
CA ALA A 122 -4.75 3.21 16.20
C ALA A 122 -4.72 1.95 17.03
N ASP A 123 -4.06 0.95 16.49
CA ASP A 123 -3.91 -0.35 17.16
C ASP A 123 -2.49 -0.48 17.68
N PRO A 124 -2.33 -0.91 18.94
CA PRO A 124 -1.02 -1.01 19.58
C PRO A 124 -0.13 -2.15 19.04
N ASP A 125 -0.73 -3.13 18.38
CA ASP A 125 0.03 -4.30 17.91
C ASP A 125 0.86 -4.01 16.70
N MET A 126 0.34 -3.21 15.79
CA MET A 126 1.07 -2.90 14.56
C MET A 126 2.22 -1.96 14.86
N PHE A 127 2.15 -1.33 16.04
CA PHE A 127 3.20 -0.47 16.49
C PHE A 127 4.33 -1.35 16.98
N GLY A 128 5.15 -1.75 16.06
CA GLY A 128 6.21 -2.65 16.34
C GLY A 128 7.51 -2.07 15.98
N GLU A 129 8.36 -2.90 15.51
CA GLU A 129 9.60 -2.48 15.05
C GLU A 129 9.51 -2.55 13.57
N TRP A 130 9.80 -1.49 12.95
CA TRP A 130 9.71 -1.38 11.55
C TRP A 130 11.10 -1.29 11.05
N ASN A 131 11.32 -1.60 9.80
CA ASN A 131 12.63 -1.43 9.22
C ASN A 131 12.99 0.05 9.30
N PHE A 132 13.72 0.42 10.32
CA PHE A 132 14.09 1.74 10.59
C PHE A 132 14.93 2.33 9.46
N GLU A 133 15.73 1.50 8.82
CA GLU A 133 16.55 1.94 7.70
C GLU A 133 15.66 2.38 6.53
N GLU A 134 14.49 1.77 6.47
CA GLU A 134 13.47 2.11 5.51
C GLU A 134 12.72 3.36 5.97
N TRP A 135 12.21 3.30 7.20
CA TRP A 135 11.42 4.38 7.76
C TRP A 135 12.17 5.71 7.82
N LYS A 136 13.45 5.66 8.17
CA LYS A 136 14.32 6.85 8.24
C LYS A 136 14.27 7.64 6.91
N ARG A 137 14.14 6.90 5.82
CA ARG A 137 14.02 7.51 4.51
C ARG A 137 12.76 8.37 4.39
N LEU A 138 11.63 7.80 4.74
CA LEU A 138 10.37 8.51 4.60
C LEU A 138 10.21 9.52 5.72
N HIS A 139 10.88 9.26 6.82
CA HIS A 139 10.89 10.14 7.98
C HIS A 139 11.63 11.43 7.65
N LYS A 140 12.53 11.35 6.66
CA LYS A 140 13.29 12.51 6.22
C LYS A 140 12.35 13.63 5.80
N LYS A 141 11.23 13.27 5.20
CA LYS A 141 10.23 14.25 4.73
C LYS A 141 9.81 15.18 5.88
N LYS A 142 9.62 14.60 7.06
CA LYS A 142 9.22 15.33 8.27
C LYS A 142 10.31 16.33 8.61
N PHE A 143 11.50 15.83 8.51
CA PHE A 143 12.70 16.53 8.85
C PHE A 143 12.93 17.68 7.86
N ILE A 144 12.62 17.42 6.59
CA ILE A 144 12.78 18.42 5.55
C ILE A 144 11.81 19.56 5.75
N GLU A 145 10.62 19.26 6.24
CA GLU A 145 9.62 20.31 6.48
C GLU A 145 10.12 21.35 7.46
N THR A 146 10.97 20.91 8.37
CA THR A 146 11.57 21.81 9.31
C THR A 146 12.65 22.64 8.59
N PHE A 147 13.52 21.97 7.83
CA PHE A 147 14.60 22.64 7.12
C PHE A 147 14.18 23.47 5.96
N LYS A 148 13.20 23.04 5.24
CA LYS A 148 12.68 23.79 4.12
C LYS A 148 12.13 25.11 4.64
N LYS A 149 11.58 25.05 5.85
CA LYS A 149 11.00 26.19 6.52
C LYS A 149 12.11 27.10 7.05
N ILE A 150 13.18 26.48 7.54
CA ILE A 150 14.35 27.21 8.00
C ILE A 150 14.99 27.94 6.80
N MET A 151 14.90 27.33 5.64
CA MET A 151 15.41 27.96 4.43
C MET A 151 14.51 29.11 4.00
N GLU A 152 13.22 29.02 4.34
CA GLU A 152 12.29 30.12 4.10
C GLU A 152 12.65 31.28 5.01
N CYS A 153 13.19 30.94 6.17
CA CYS A 153 13.64 31.92 7.13
C CYS A 153 14.90 32.62 6.61
N LYS A 154 15.72 31.87 5.86
CA LYS A 154 16.94 32.42 5.27
C LYS A 154 16.56 33.35 4.13
N LYS A 155 15.52 32.95 3.37
CA LYS A 155 14.98 33.68 2.24
C LYS A 155 15.85 33.60 1.01
N LYS A 156 15.28 33.09 -0.04
CA LYS A 156 15.94 33.08 -1.32
C LYS A 156 15.68 34.42 -1.97
N PRO A 157 16.73 35.19 -2.30
CA PRO A 157 16.59 36.54 -2.85
C PRO A 157 15.85 36.59 -4.20
N GLN A 158 14.54 36.72 -4.11
CA GLN A 158 13.63 36.79 -5.22
C GLN A 158 12.22 36.91 -4.68
N CYS A 10 -9.23 3.41 -17.64
CA CYS A 10 -10.33 4.11 -18.20
C CYS A 10 -11.38 4.31 -17.14
N SER A 11 -11.59 5.55 -16.74
CA SER A 11 -12.59 5.85 -15.76
C SER A 11 -13.91 6.17 -16.47
N SER A 12 -14.68 5.14 -16.71
CA SER A 12 -15.95 5.26 -17.38
C SER A 12 -17.10 5.53 -16.39
N ASP A 13 -16.79 5.39 -15.08
CA ASP A 13 -17.76 5.59 -13.95
C ASP A 13 -18.71 4.43 -13.76
N SER A 14 -19.15 3.85 -14.84
CA SER A 14 -20.05 2.71 -14.83
C SER A 14 -19.32 1.43 -14.33
N LEU A 15 -19.98 0.28 -14.44
CA LEU A 15 -19.40 -0.96 -14.04
C LEU A 15 -18.24 -1.24 -15.00
N GLN A 16 -17.05 -1.22 -14.46
CA GLN A 16 -15.85 -1.32 -15.26
C GLN A 16 -14.81 -2.15 -14.51
N LEU A 17 -13.57 -2.08 -14.96
CA LEU A 17 -12.49 -2.74 -14.29
C LEU A 17 -12.02 -1.86 -13.14
N HIS A 18 -11.47 -2.47 -12.13
CA HIS A 18 -11.14 -1.75 -10.92
C HIS A 18 -9.65 -1.73 -10.69
N ASN A 19 -9.19 -0.79 -9.90
CA ASN A 19 -7.79 -0.68 -9.53
C ASN A 19 -7.70 -0.80 -8.03
N VAL A 20 -6.89 -1.67 -7.54
CA VAL A 20 -6.78 -1.89 -6.11
C VAL A 20 -5.31 -1.90 -5.67
N PHE A 21 -4.99 -1.14 -4.65
CA PHE A 21 -3.66 -1.15 -4.09
C PHE A 21 -3.68 -2.12 -2.94
N VAL A 22 -2.84 -3.10 -3.02
CA VAL A 22 -2.78 -4.16 -2.04
C VAL A 22 -1.69 -3.87 -1.02
N TYR A 23 -1.98 -4.15 0.25
CA TYR A 23 -1.06 -3.83 1.30
C TYR A 23 0.13 -4.78 1.44
N GLY A 24 -0.06 -6.07 1.23
CA GLY A 24 1.09 -6.96 1.41
C GLY A 24 0.99 -8.31 0.73
N SER A 25 0.19 -9.17 1.31
CA SER A 25 0.12 -10.57 0.90
C SER A 25 -0.25 -10.77 -0.58
N PHE A 26 -1.12 -9.95 -1.12
CA PHE A 26 -1.56 -10.19 -2.48
C PHE A 26 -0.82 -9.30 -3.50
N GLN A 27 0.38 -8.82 -3.13
CA GLN A 27 1.22 -8.04 -4.07
C GLN A 27 1.85 -8.92 -5.13
N ASP A 28 1.77 -10.22 -4.94
CA ASP A 28 2.39 -11.17 -5.83
C ASP A 28 1.37 -11.78 -6.79
N PRO A 29 1.66 -11.76 -8.10
CA PRO A 29 0.77 -12.31 -9.12
C PRO A 29 0.57 -13.82 -8.98
N ASP A 30 1.60 -14.54 -8.61
CA ASP A 30 1.47 -15.99 -8.47
C ASP A 30 0.52 -16.35 -7.38
N VAL A 31 0.50 -15.54 -6.34
CA VAL A 31 -0.46 -15.68 -5.26
C VAL A 31 -1.88 -15.42 -5.78
N ILE A 32 -1.99 -14.42 -6.64
CA ILE A 32 -3.27 -14.03 -7.21
C ILE A 32 -3.82 -15.15 -8.12
N ASN A 33 -2.94 -15.74 -8.92
CA ASN A 33 -3.32 -16.87 -9.79
C ASN A 33 -3.87 -18.03 -8.96
N VAL A 34 -3.31 -18.19 -7.77
CA VAL A 34 -3.75 -19.23 -6.88
C VAL A 34 -5.05 -18.85 -6.18
N MET A 35 -5.12 -17.62 -5.67
CA MET A 35 -6.28 -17.14 -4.94
C MET A 35 -7.52 -17.08 -5.81
N LEU A 36 -7.36 -16.72 -7.07
CA LEU A 36 -8.51 -16.62 -7.92
C LEU A 36 -8.44 -17.41 -9.22
N ASP A 37 -7.43 -17.16 -10.07
CA ASP A 37 -7.32 -17.85 -11.39
C ASP A 37 -6.24 -17.20 -12.24
N ARG A 38 -6.35 -15.90 -12.40
CA ARG A 38 -5.44 -15.11 -13.23
C ARG A 38 -4.83 -14.02 -12.37
N THR A 39 -4.19 -13.06 -12.99
CA THR A 39 -3.74 -11.90 -12.29
C THR A 39 -3.95 -10.64 -13.12
N PRO A 40 -4.72 -9.68 -12.58
CA PRO A 40 -4.90 -8.36 -13.18
C PRO A 40 -3.56 -7.65 -13.35
N GLU A 41 -3.49 -6.75 -14.31
CA GLU A 41 -2.28 -5.98 -14.57
C GLU A 41 -1.83 -5.26 -13.29
N ILE A 42 -0.58 -5.41 -12.97
CA ILE A 42 -0.05 -4.86 -11.75
C ILE A 42 0.92 -3.75 -12.07
N VAL A 43 0.86 -2.71 -11.30
CA VAL A 43 1.77 -1.62 -11.45
C VAL A 43 2.42 -1.31 -10.09
N SER A 44 3.66 -0.91 -10.11
CA SER A 44 4.36 -0.52 -8.92
C SER A 44 3.91 0.90 -8.53
N ALA A 45 3.40 1.05 -7.34
CA ALA A 45 2.86 2.33 -6.92
C ALA A 45 3.18 2.63 -5.48
N THR A 46 3.12 3.87 -5.16
CA THR A 46 3.34 4.34 -3.86
C THR A 46 2.08 5.06 -3.39
N LEU A 47 1.62 4.71 -2.24
CA LEU A 47 0.48 5.33 -1.64
C LEU A 47 0.97 6.36 -0.61
N PRO A 48 0.92 7.66 -0.96
CA PRO A 48 1.36 8.72 -0.06
C PRO A 48 0.28 9.08 0.94
N GLY A 49 0.71 9.50 2.12
CA GLY A 49 -0.22 9.89 3.15
C GLY A 49 -0.73 8.73 3.94
N PHE A 50 -0.04 7.62 3.84
CA PHE A 50 -0.40 6.40 4.55
C PHE A 50 0.86 5.70 4.93
N GLN A 51 0.80 4.83 5.88
CA GLN A 51 1.98 4.08 6.21
C GLN A 51 1.66 2.65 6.49
N ARG A 52 2.68 1.87 6.47
CA ARG A 52 2.58 0.46 6.64
C ARG A 52 3.11 0.00 7.97
N PHE A 53 2.33 -0.79 8.63
CA PHE A 53 2.67 -1.29 9.91
C PHE A 53 2.95 -2.75 9.83
N ARG A 54 3.68 -3.25 10.80
CA ARG A 54 3.96 -4.68 10.90
C ARG A 54 3.55 -5.18 12.26
N LEU A 55 2.85 -6.30 12.28
CA LEU A 55 2.40 -6.91 13.51
C LEU A 55 1.85 -8.28 13.15
N LYS A 56 2.15 -9.28 13.94
CA LYS A 56 1.64 -10.61 13.73
C LYS A 56 0.94 -11.10 14.97
N GLY A 57 -0.35 -11.28 14.87
CA GLY A 57 -1.15 -11.74 15.96
C GLY A 57 -2.60 -11.49 15.67
N ARG A 58 -3.26 -10.69 16.50
CA ARG A 58 -4.65 -10.35 16.24
C ARG A 58 -4.75 -9.35 15.11
N LEU A 59 -3.67 -8.68 14.87
CA LEU A 59 -3.62 -7.70 13.84
C LEU A 59 -2.57 -8.10 12.82
N TYR A 60 -2.63 -7.50 11.67
CA TYR A 60 -1.84 -7.86 10.54
C TYR A 60 -1.06 -6.60 10.14
N PRO A 61 -0.15 -6.68 9.15
CA PRO A 61 0.48 -5.48 8.61
C PRO A 61 -0.53 -4.64 7.86
N CYS A 62 -1.17 -3.74 8.56
CA CYS A 62 -2.23 -2.95 8.00
C CYS A 62 -1.76 -1.55 7.60
N ILE A 63 -2.57 -0.89 6.81
CA ILE A 63 -2.29 0.45 6.32
C ILE A 63 -3.24 1.41 6.98
N VAL A 64 -2.77 2.58 7.34
CA VAL A 64 -3.60 3.62 7.91
C VAL A 64 -3.06 4.98 7.45
N PRO A 65 -3.92 6.02 7.40
CA PRO A 65 -3.50 7.36 7.03
C PRO A 65 -2.37 7.89 7.92
N SER A 66 -1.35 8.41 7.30
CA SER A 66 -0.20 8.89 7.98
C SER A 66 0.03 10.32 7.58
N GLU A 67 0.43 11.14 8.52
CA GLU A 67 0.75 12.52 8.22
C GLU A 67 2.07 12.58 7.50
N LYS A 68 2.98 11.73 7.92
CA LYS A 68 4.26 11.62 7.29
C LYS A 68 4.58 10.18 7.00
N GLY A 69 4.06 9.70 5.90
CA GLY A 69 4.38 8.35 5.50
C GLY A 69 3.97 8.06 4.10
N GLU A 70 4.50 6.99 3.56
CA GLU A 70 4.15 6.52 2.25
C GLU A 70 4.26 5.01 2.23
N VAL A 71 3.45 4.36 1.44
CA VAL A 71 3.45 2.92 1.36
C VAL A 71 3.82 2.50 -0.05
N HIS A 72 4.85 1.74 -0.18
CA HIS A 72 5.26 1.24 -1.48
C HIS A 72 4.74 -0.15 -1.68
N GLY A 73 3.89 -0.31 -2.65
CA GLY A 73 3.34 -1.58 -2.93
C GLY A 73 2.96 -1.68 -4.36
N LYS A 74 2.04 -2.52 -4.66
CA LYS A 74 1.59 -2.68 -6.01
C LYS A 74 0.11 -2.51 -6.13
N VAL A 75 -0.28 -2.12 -7.30
CA VAL A 75 -1.67 -1.94 -7.64
C VAL A 75 -2.10 -3.00 -8.63
N LEU A 76 -3.19 -3.63 -8.32
CA LEU A 76 -3.82 -4.60 -9.17
C LEU A 76 -4.88 -3.85 -9.94
N MET A 77 -4.69 -3.69 -11.21
CA MET A 77 -5.63 -2.96 -12.00
C MET A 77 -6.13 -3.78 -13.17
N GLY A 78 -7.33 -3.48 -13.60
CA GLY A 78 -7.93 -4.26 -14.63
C GLY A 78 -8.68 -5.40 -14.03
N VAL A 79 -8.97 -5.23 -12.75
CA VAL A 79 -9.66 -6.20 -11.94
C VAL A 79 -11.11 -6.25 -12.34
N THR A 80 -11.62 -7.41 -12.64
CA THR A 80 -13.02 -7.55 -12.90
C THR A 80 -13.76 -7.46 -11.57
N SER A 81 -15.04 -7.19 -11.60
CA SER A 81 -15.79 -7.02 -10.37
C SER A 81 -15.79 -8.31 -9.52
N ASP A 82 -15.64 -9.45 -10.18
CA ASP A 82 -15.55 -10.75 -9.50
C ASP A 82 -14.29 -10.83 -8.64
N GLU A 83 -13.22 -10.32 -9.18
CA GLU A 83 -11.94 -10.32 -8.52
C GLU A 83 -11.91 -9.21 -7.45
N LEU A 84 -12.58 -8.11 -7.78
CA LEU A 84 -12.76 -6.99 -6.85
C LEU A 84 -13.54 -7.44 -5.63
N GLU A 85 -14.70 -8.08 -5.84
CA GLU A 85 -15.52 -8.56 -4.73
C GLU A 85 -14.76 -9.62 -3.96
N ASN A 86 -13.90 -10.34 -4.66
CA ASN A 86 -13.05 -11.36 -4.07
C ASN A 86 -12.18 -10.70 -3.00
N LEU A 87 -11.59 -9.59 -3.35
CA LEU A 87 -10.71 -8.86 -2.46
C LEU A 87 -11.49 -8.18 -1.36
N ASP A 88 -12.67 -7.68 -1.69
CA ASP A 88 -13.56 -7.06 -0.72
C ASP A 88 -14.00 -8.10 0.31
N ALA A 89 -14.11 -9.32 -0.14
CA ALA A 89 -14.40 -10.44 0.72
C ALA A 89 -13.14 -10.87 1.52
N VAL A 90 -12.00 -11.00 0.83
CA VAL A 90 -10.76 -11.48 1.47
C VAL A 90 -10.14 -10.44 2.43
N GLU A 91 -9.77 -9.29 1.91
CA GLU A 91 -9.22 -8.22 2.75
C GLU A 91 -10.31 -7.41 3.44
N GLY A 92 -11.35 -7.13 2.67
CA GLY A 92 -12.42 -6.21 3.04
C GLY A 92 -13.24 -6.54 4.30
N ASN A 93 -13.20 -7.74 4.81
CA ASN A 93 -14.01 -8.01 6.02
C ASN A 93 -13.48 -7.29 7.24
N GLU A 94 -12.19 -7.34 7.46
CA GLU A 94 -11.58 -6.71 8.64
C GLU A 94 -11.01 -5.34 8.29
N TYR A 95 -11.08 -5.00 7.03
CA TYR A 95 -10.55 -3.76 6.51
C TYR A 95 -11.66 -2.98 5.82
N GLU A 96 -11.39 -1.75 5.48
CA GLU A 96 -12.38 -0.98 4.77
C GLU A 96 -11.79 -0.51 3.47
N ARG A 97 -12.54 -0.70 2.42
CA ARG A 97 -12.14 -0.37 1.10
C ARG A 97 -12.49 1.08 0.82
N VAL A 98 -11.46 1.86 0.65
CA VAL A 98 -11.59 3.28 0.42
C VAL A 98 -10.90 3.67 -0.86
N THR A 99 -11.24 4.82 -1.36
CA THR A 99 -10.66 5.31 -2.58
C THR A 99 -9.47 6.20 -2.23
N VAL A 100 -8.35 5.94 -2.85
CA VAL A 100 -7.14 6.67 -2.57
C VAL A 100 -6.38 7.01 -3.85
N GLY A 101 -5.38 7.84 -3.71
CA GLY A 101 -4.55 8.20 -4.81
C GLY A 101 -3.15 7.66 -4.63
N ILE A 102 -2.70 6.92 -5.61
CA ILE A 102 -1.38 6.33 -5.60
C ILE A 102 -0.52 6.97 -6.64
N VAL A 103 0.75 6.85 -6.51
CA VAL A 103 1.66 7.42 -7.45
C VAL A 103 2.50 6.33 -8.04
N ARG A 104 2.53 6.26 -9.34
CA ARG A 104 3.24 5.22 -10.04
C ARG A 104 4.72 5.38 -9.86
N GLU A 105 5.39 4.29 -9.60
CA GLU A 105 6.82 4.31 -9.46
C GLU A 105 7.48 4.33 -10.84
N ASP A 106 6.64 4.21 -11.86
CA ASP A 106 7.05 4.26 -13.25
C ASP A 106 7.57 5.64 -13.59
N ASN A 107 6.66 6.60 -13.58
CA ASN A 107 6.91 7.93 -14.09
C ASN A 107 6.45 9.02 -13.10
N SER A 108 6.15 8.60 -11.88
CA SER A 108 5.78 9.51 -10.78
C SER A 108 4.39 10.19 -10.97
N GLU A 109 3.55 9.63 -11.84
CA GLU A 109 2.21 10.18 -12.01
C GLU A 109 1.24 9.55 -11.02
N LYS A 110 0.24 10.30 -10.64
CA LYS A 110 -0.72 9.85 -9.65
C LYS A 110 -1.96 9.23 -10.31
N MET A 111 -2.52 8.26 -9.65
CA MET A 111 -3.71 7.55 -10.12
C MET A 111 -4.61 7.24 -8.98
N ALA A 112 -5.82 6.97 -9.29
CA ALA A 112 -6.82 6.69 -8.28
C ALA A 112 -7.12 5.20 -8.23
N VAL A 113 -7.09 4.64 -7.03
CA VAL A 113 -7.31 3.21 -6.82
C VAL A 113 -8.11 2.98 -5.53
N LYS A 114 -8.48 1.74 -5.29
CA LYS A 114 -9.15 1.34 -4.07
C LYS A 114 -8.08 0.72 -3.17
N THR A 115 -8.21 0.83 -1.89
CA THR A 115 -7.27 0.16 -1.01
C THR A 115 -7.98 -0.20 0.29
N TYR A 116 -7.31 -0.95 1.13
CA TYR A 116 -7.88 -1.43 2.35
C TYR A 116 -7.06 -0.95 3.53
N MET A 117 -7.61 -0.03 4.28
CA MET A 117 -6.94 0.51 5.45
C MET A 117 -7.66 0.08 6.71
N TRP A 118 -6.95 0.07 7.80
CA TRP A 118 -7.49 -0.32 9.08
C TRP A 118 -8.47 0.77 9.54
N ILE A 119 -9.67 0.37 9.93
CA ILE A 119 -10.75 1.33 10.21
C ILE A 119 -10.51 2.08 11.51
N ASN A 120 -10.09 1.35 12.52
CA ASN A 120 -9.87 1.95 13.83
C ASN A 120 -8.66 2.85 13.78
N LYS A 121 -7.66 2.39 13.01
CA LYS A 121 -6.39 3.10 12.70
C LYS A 121 -5.62 3.60 13.94
N ALA A 122 -6.04 3.21 15.13
CA ALA A 122 -5.42 3.70 16.36
C ALA A 122 -5.09 2.58 17.34
N ASP A 123 -5.11 1.34 16.87
CA ASP A 123 -4.75 0.20 17.72
C ASP A 123 -3.27 0.25 18.05
N PRO A 124 -2.91 0.29 19.35
CA PRO A 124 -1.51 0.37 19.77
C PRO A 124 -0.74 -0.92 19.55
N ASP A 125 -1.44 -1.97 19.13
CA ASP A 125 -0.83 -3.29 18.87
C ASP A 125 0.23 -3.17 17.80
N MET A 126 -0.16 -2.60 16.70
CA MET A 126 0.67 -2.47 15.53
C MET A 126 1.76 -1.42 15.70
N PHE A 127 2.91 -1.73 15.18
CA PHE A 127 4.00 -0.80 15.15
C PHE A 127 4.32 -0.48 13.71
N GLY A 128 4.50 0.79 13.42
CA GLY A 128 4.70 1.22 12.05
C GLY A 128 6.11 1.11 11.59
N GLU A 129 6.84 0.18 12.13
CA GLU A 129 8.20 0.03 11.79
C GLU A 129 8.50 -1.35 11.32
N TRP A 130 9.44 -1.42 10.46
CA TRP A 130 9.93 -2.63 9.92
C TRP A 130 11.33 -2.81 10.46
N ASN A 131 11.85 -4.03 10.39
CA ASN A 131 13.21 -4.42 10.90
C ASN A 131 14.39 -3.47 10.54
N PHE A 132 14.12 -2.35 9.89
CA PHE A 132 15.08 -1.29 9.67
C PHE A 132 15.52 -0.78 11.05
N GLU A 133 14.60 -0.84 12.01
CA GLU A 133 14.83 -0.45 13.39
C GLU A 133 16.00 -1.19 14.03
N GLU A 134 16.17 -2.44 13.66
CA GLU A 134 17.33 -3.20 14.09
C GLU A 134 18.60 -2.64 13.43
N TRP A 135 18.47 -2.27 12.17
CA TRP A 135 19.58 -1.72 11.41
C TRP A 135 20.02 -0.39 12.02
N LYS A 136 19.07 0.33 12.64
CA LYS A 136 19.34 1.60 13.33
C LYS A 136 20.48 1.42 14.33
N ARG A 137 20.50 0.28 15.00
CA ARG A 137 21.55 -0.09 15.95
C ARG A 137 22.94 -0.07 15.29
N LEU A 138 23.03 -0.69 14.15
CA LEU A 138 24.31 -0.80 13.48
C LEU A 138 24.60 0.46 12.67
N HIS A 139 23.57 1.13 12.27
CA HIS A 139 23.68 2.32 11.43
C HIS A 139 23.98 3.58 12.27
N LYS A 140 23.57 3.57 13.52
CA LYS A 140 23.80 4.71 14.40
C LYS A 140 25.29 4.86 14.68
N LYS A 141 26.01 3.71 14.71
CA LYS A 141 27.43 3.64 15.05
C LYS A 141 28.27 4.67 14.28
N LYS A 142 27.89 4.93 13.03
CA LYS A 142 28.56 5.91 12.21
C LYS A 142 28.52 7.30 12.86
N PHE A 143 27.36 7.66 13.36
CA PHE A 143 27.14 8.95 14.00
C PHE A 143 27.75 8.90 15.39
N ILE A 144 27.66 7.72 16.00
CA ILE A 144 28.20 7.50 17.33
C ILE A 144 29.70 7.71 17.33
N GLU A 145 30.39 7.38 16.22
CA GLU A 145 31.85 7.58 16.11
C GLU A 145 32.23 9.03 16.41
N THR A 146 31.37 9.94 16.00
CA THR A 146 31.60 11.34 16.22
C THR A 146 31.43 11.68 17.73
N PHE A 147 30.36 11.19 18.33
CA PHE A 147 30.12 11.42 19.76
C PHE A 147 31.05 10.63 20.65
N LYS A 148 31.46 9.49 20.17
CA LYS A 148 32.45 8.67 20.84
C LYS A 148 33.71 9.49 21.05
N LYS A 149 34.08 10.21 20.01
CA LYS A 149 35.28 11.02 19.98
C LYS A 149 35.10 12.22 20.92
N ILE A 150 33.89 12.78 20.91
CA ILE A 150 33.54 13.88 21.79
C ILE A 150 33.58 13.43 23.27
N MET A 151 33.07 12.24 23.53
CA MET A 151 33.10 11.69 24.89
C MET A 151 34.52 11.38 25.32
N GLU A 152 35.33 10.90 24.40
CA GLU A 152 36.73 10.66 24.69
C GLU A 152 37.47 11.97 24.92
N CYS A 153 37.04 13.00 24.26
CA CYS A 153 37.63 14.32 24.43
C CYS A 153 37.28 14.94 25.79
N LYS A 154 36.00 14.87 26.16
CA LYS A 154 35.53 15.50 27.41
C LYS A 154 35.80 14.63 28.63
N LYS A 155 35.53 13.36 28.53
CA LYS A 155 35.68 12.47 29.66
C LYS A 155 36.89 11.57 29.54
N LYS A 156 37.06 11.03 28.36
CA LYS A 156 38.10 10.04 28.07
C LYS A 156 37.83 8.70 28.76
N PRO A 157 36.87 7.94 28.25
CA PRO A 157 36.61 6.62 28.71
C PRO A 157 37.22 5.58 27.76
N GLN A 158 36.98 4.33 28.05
CA GLN A 158 37.43 3.29 27.17
C GLN A 158 36.27 2.81 26.33
N CYS A 10 -8.66 7.19 -14.58
CA CYS A 10 -9.86 7.16 -15.35
C CYS A 10 -11.00 7.84 -14.61
N SER A 11 -11.74 8.62 -15.34
CA SER A 11 -12.88 9.33 -14.81
C SER A 11 -14.11 8.89 -15.62
N SER A 12 -13.93 7.76 -16.30
CA SER A 12 -14.93 7.15 -17.16
C SER A 12 -16.25 6.91 -16.42
N ASP A 13 -16.14 6.39 -15.21
CA ASP A 13 -17.29 6.05 -14.37
C ASP A 13 -18.12 4.94 -15.01
N SER A 14 -17.71 3.72 -14.74
CA SER A 14 -18.32 2.51 -15.24
C SER A 14 -17.80 1.35 -14.40
N LEU A 15 -18.19 0.11 -14.74
CA LEU A 15 -17.69 -1.02 -14.04
C LEU A 15 -16.29 -1.31 -14.45
N GLN A 16 -16.18 -1.89 -15.64
CA GLN A 16 -14.89 -2.20 -16.30
C GLN A 16 -13.93 -2.92 -15.34
N LEU A 17 -12.65 -2.83 -15.61
CA LEU A 17 -11.69 -3.31 -14.69
C LEU A 17 -11.38 -2.23 -13.72
N HIS A 18 -10.97 -2.61 -12.58
CA HIS A 18 -10.70 -1.69 -11.51
C HIS A 18 -9.23 -1.72 -11.20
N ASN A 19 -8.75 -0.69 -10.57
CA ASN A 19 -7.39 -0.65 -10.16
C ASN A 19 -7.36 -0.58 -8.63
N VAL A 20 -6.66 -1.48 -8.01
CA VAL A 20 -6.61 -1.57 -6.55
C VAL A 20 -5.15 -1.54 -6.09
N PHE A 21 -4.89 -0.87 -4.99
CA PHE A 21 -3.56 -0.83 -4.44
C PHE A 21 -3.45 -1.92 -3.40
N VAL A 22 -2.50 -2.78 -3.58
CA VAL A 22 -2.34 -3.89 -2.71
C VAL A 22 -1.11 -3.70 -1.83
N TYR A 23 -1.19 -4.24 -0.64
CA TYR A 23 -0.16 -4.09 0.33
C TYR A 23 0.49 -5.42 0.74
N GLY A 24 -0.30 -6.36 1.28
CA GLY A 24 0.32 -7.58 1.78
C GLY A 24 -0.35 -8.88 1.36
N SER A 25 -1.63 -9.04 1.73
CA SER A 25 -2.36 -10.31 1.54
C SER A 25 -2.42 -10.77 0.07
N PHE A 26 -2.29 -9.83 -0.85
CA PHE A 26 -2.39 -10.15 -2.27
C PHE A 26 -1.20 -9.50 -3.01
N GLN A 27 -0.11 -9.28 -2.28
CA GLN A 27 1.06 -8.55 -2.80
C GLN A 27 1.80 -9.34 -3.87
N ASP A 28 1.77 -10.63 -3.76
CA ASP A 28 2.49 -11.49 -4.67
C ASP A 28 1.60 -11.98 -5.81
N PRO A 29 2.05 -11.87 -7.06
CA PRO A 29 1.27 -12.29 -8.22
C PRO A 29 0.89 -13.79 -8.21
N ASP A 30 1.72 -14.60 -7.58
CA ASP A 30 1.44 -16.03 -7.51
C ASP A 30 0.26 -16.30 -6.61
N VAL A 31 0.20 -15.61 -5.47
CA VAL A 31 -0.93 -15.78 -4.58
C VAL A 31 -2.20 -15.25 -5.26
N ILE A 32 -2.02 -14.28 -6.16
CA ILE A 32 -3.13 -13.77 -6.95
C ILE A 32 -3.70 -14.90 -7.82
N ASN A 33 -2.81 -15.63 -8.47
CA ASN A 33 -3.21 -16.77 -9.30
C ASN A 33 -3.91 -17.84 -8.49
N VAL A 34 -3.54 -17.97 -7.25
CA VAL A 34 -4.16 -18.96 -6.39
C VAL A 34 -5.50 -18.45 -5.82
N MET A 35 -5.53 -17.17 -5.46
CA MET A 35 -6.69 -16.60 -4.78
C MET A 35 -7.85 -16.40 -5.77
N LEU A 36 -7.55 -16.02 -7.00
CA LEU A 36 -8.60 -15.87 -7.99
C LEU A 36 -8.43 -16.84 -9.14
N ASP A 37 -7.29 -16.72 -9.86
CA ASP A 37 -6.91 -17.61 -10.99
C ASP A 37 -5.84 -16.96 -11.83
N ARG A 38 -6.09 -15.73 -12.23
CA ARG A 38 -5.18 -14.99 -13.12
C ARG A 38 -4.66 -13.74 -12.43
N THR A 39 -3.48 -13.30 -12.82
CA THR A 39 -2.89 -12.11 -12.24
C THR A 39 -3.18 -10.86 -13.10
N PRO A 40 -3.85 -9.84 -12.54
CA PRO A 40 -4.04 -8.55 -13.20
C PRO A 40 -2.70 -7.86 -13.31
N GLU A 41 -2.54 -7.00 -14.31
CA GLU A 41 -1.29 -6.28 -14.47
C GLU A 41 -0.99 -5.47 -13.20
N ILE A 42 0.19 -5.65 -12.70
CA ILE A 42 0.61 -5.02 -11.49
C ILE A 42 1.63 -3.96 -11.78
N VAL A 43 1.36 -2.78 -11.34
CA VAL A 43 2.28 -1.68 -11.51
C VAL A 43 2.73 -1.22 -10.14
N SER A 44 3.95 -0.77 -10.05
CA SER A 44 4.47 -0.28 -8.82
C SER A 44 4.00 1.16 -8.60
N ALA A 45 3.37 1.41 -7.49
CA ALA A 45 2.86 2.72 -7.18
C ALA A 45 3.00 3.02 -5.71
N THR A 46 2.97 4.26 -5.40
CA THR A 46 3.11 4.73 -4.06
C THR A 46 1.84 5.43 -3.63
N LEU A 47 1.38 5.06 -2.47
CA LEU A 47 0.23 5.64 -1.83
C LEU A 47 0.67 6.67 -0.79
N PRO A 48 0.62 7.96 -1.13
CA PRO A 48 1.00 9.02 -0.21
C PRO A 48 -0.11 9.30 0.81
N GLY A 49 0.28 9.59 2.02
CA GLY A 49 -0.67 9.92 3.06
C GLY A 49 -0.99 8.72 3.93
N PHE A 50 -0.29 7.62 3.70
CA PHE A 50 -0.53 6.39 4.44
C PHE A 50 0.78 5.75 4.83
N GLN A 51 0.74 4.76 5.68
CA GLN A 51 1.91 4.06 6.13
C GLN A 51 1.60 2.58 6.22
N ARG A 52 2.62 1.81 6.30
CA ARG A 52 2.51 0.37 6.23
C ARG A 52 3.27 -0.27 7.36
N PHE A 53 2.59 -1.10 8.08
CA PHE A 53 3.19 -1.82 9.16
C PHE A 53 3.17 -3.28 8.85
N ARG A 54 3.95 -4.03 9.57
CA ARG A 54 4.05 -5.43 9.37
C ARG A 54 4.15 -6.17 10.70
N LEU A 55 3.26 -7.10 10.88
CA LEU A 55 3.19 -7.89 12.09
C LEU A 55 2.51 -9.21 11.74
N LYS A 56 2.53 -10.16 12.64
CA LYS A 56 1.92 -11.44 12.43
C LYS A 56 1.14 -11.86 13.67
N GLY A 57 0.14 -12.70 13.47
CA GLY A 57 -0.68 -13.17 14.55
C GLY A 57 -2.12 -12.84 14.31
N ARG A 58 -2.68 -11.97 15.13
CA ARG A 58 -4.06 -11.57 14.95
C ARG A 58 -4.08 -10.37 14.04
N LEU A 59 -2.94 -9.74 13.92
CA LEU A 59 -2.78 -8.62 13.07
C LEU A 59 -1.79 -8.97 11.97
N TYR A 60 -1.78 -8.18 10.93
CA TYR A 60 -1.10 -8.51 9.71
C TYR A 60 -0.40 -7.26 9.25
N PRO A 61 0.36 -7.30 8.15
CA PRO A 61 0.82 -6.08 7.51
C PRO A 61 -0.41 -5.29 7.09
N CYS A 62 -0.53 -4.10 7.60
CA CYS A 62 -1.73 -3.32 7.37
C CYS A 62 -1.37 -1.89 6.95
N ILE A 63 -2.33 -1.22 6.33
CA ILE A 63 -2.17 0.15 5.89
C ILE A 63 -3.04 1.03 6.75
N VAL A 64 -2.52 2.16 7.14
CA VAL A 64 -3.28 3.15 7.89
C VAL A 64 -2.80 4.54 7.46
N PRO A 65 -3.67 5.55 7.55
CA PRO A 65 -3.29 6.93 7.22
C PRO A 65 -2.12 7.46 8.08
N SER A 66 -1.18 8.10 7.44
CA SER A 66 0.00 8.60 8.09
C SER A 66 0.06 10.11 7.89
N GLU A 67 0.60 10.80 8.86
CA GLU A 67 0.68 12.25 8.81
C GLU A 67 1.73 12.67 7.80
N LYS A 68 2.81 11.94 7.75
CA LYS A 68 3.83 12.15 6.75
C LYS A 68 4.37 10.83 6.33
N GLY A 69 3.60 10.15 5.55
CA GLY A 69 4.04 8.87 5.07
C GLY A 69 3.55 8.55 3.71
N GLU A 70 4.09 7.52 3.13
CA GLU A 70 3.72 7.06 1.84
C GLU A 70 4.04 5.57 1.74
N VAL A 71 3.20 4.82 1.11
CA VAL A 71 3.40 3.41 1.03
C VAL A 71 3.71 3.04 -0.39
N HIS A 72 4.87 2.47 -0.58
CA HIS A 72 5.25 2.02 -1.89
C HIS A 72 4.79 0.60 -2.02
N GLY A 73 3.88 0.36 -2.92
CA GLY A 73 3.33 -0.94 -3.06
C GLY A 73 3.01 -1.25 -4.49
N LYS A 74 2.00 -2.03 -4.71
CA LYS A 74 1.65 -2.44 -6.03
C LYS A 74 0.19 -2.15 -6.32
N VAL A 75 -0.09 -1.84 -7.56
CA VAL A 75 -1.43 -1.66 -8.02
C VAL A 75 -1.83 -2.79 -8.94
N LEU A 76 -2.95 -3.38 -8.62
CA LEU A 76 -3.53 -4.43 -9.39
C LEU A 76 -4.55 -3.79 -10.31
N MET A 77 -4.21 -3.67 -11.55
CA MET A 77 -5.13 -3.11 -12.51
C MET A 77 -5.60 -4.18 -13.44
N GLY A 78 -6.86 -4.15 -13.74
CA GLY A 78 -7.42 -5.20 -14.53
C GLY A 78 -8.22 -6.17 -13.69
N VAL A 79 -8.54 -5.78 -12.47
CA VAL A 79 -9.34 -6.63 -11.60
C VAL A 79 -10.82 -6.41 -11.94
N THR A 80 -11.55 -7.48 -12.17
CA THR A 80 -12.91 -7.41 -12.56
C THR A 80 -13.79 -6.99 -11.35
N SER A 81 -14.98 -6.48 -11.62
CA SER A 81 -15.89 -6.02 -10.57
C SER A 81 -16.20 -7.12 -9.54
N ASP A 82 -16.43 -8.35 -10.01
CA ASP A 82 -16.67 -9.49 -9.11
C ASP A 82 -15.46 -9.76 -8.24
N GLU A 83 -14.30 -9.69 -8.83
CA GLU A 83 -13.04 -9.93 -8.14
C GLU A 83 -12.76 -8.76 -7.16
N LEU A 84 -13.27 -7.59 -7.48
CA LEU A 84 -13.20 -6.44 -6.57
C LEU A 84 -14.00 -6.78 -5.30
N GLU A 85 -15.20 -7.30 -5.52
CA GLU A 85 -16.08 -7.75 -4.45
C GLU A 85 -15.50 -8.98 -3.77
N ASN A 86 -14.76 -9.74 -4.53
CA ASN A 86 -14.03 -10.92 -4.06
C ASN A 86 -12.98 -10.48 -3.05
N LEU A 87 -12.27 -9.43 -3.39
CA LEU A 87 -11.27 -8.84 -2.51
C LEU A 87 -11.96 -8.29 -1.27
N ASP A 88 -13.13 -7.70 -1.48
CA ASP A 88 -13.99 -7.23 -0.39
C ASP A 88 -14.37 -8.38 0.52
N ALA A 89 -14.77 -9.48 -0.07
CA ALA A 89 -15.16 -10.67 0.64
C ALA A 89 -14.00 -11.21 1.47
N VAL A 90 -12.85 -11.32 0.85
CA VAL A 90 -11.68 -11.86 1.49
C VAL A 90 -11.04 -10.89 2.53
N GLU A 91 -10.66 -9.68 2.10
CA GLU A 91 -9.95 -8.74 2.96
C GLU A 91 -10.90 -8.00 3.90
N GLY A 92 -12.09 -7.69 3.39
CA GLY A 92 -13.10 -6.86 4.07
C GLY A 92 -13.53 -7.35 5.43
N ASN A 93 -13.25 -8.61 5.71
CA ASN A 93 -13.58 -9.20 7.01
C ASN A 93 -12.92 -8.45 8.15
N GLU A 94 -11.73 -7.91 7.90
CA GLU A 94 -10.99 -7.19 8.94
C GLU A 94 -10.48 -5.84 8.42
N TYR A 95 -10.77 -5.52 7.17
CA TYR A 95 -10.30 -4.31 6.52
C TYR A 95 -11.40 -3.55 5.80
N GLU A 96 -11.15 -2.30 5.46
CA GLU A 96 -12.12 -1.47 4.75
C GLU A 96 -11.48 -0.94 3.48
N ARG A 97 -12.27 -0.85 2.43
CA ARG A 97 -11.79 -0.38 1.17
C ARG A 97 -12.11 1.08 1.01
N VAL A 98 -11.10 1.89 0.96
CA VAL A 98 -11.26 3.30 0.82
C VAL A 98 -10.68 3.81 -0.45
N THR A 99 -11.09 4.99 -0.82
CA THR A 99 -10.68 5.61 -2.01
C THR A 99 -9.38 6.37 -1.79
N VAL A 100 -8.38 6.02 -2.55
CA VAL A 100 -7.06 6.61 -2.38
C VAL A 100 -6.44 7.02 -3.72
N GLY A 101 -5.40 7.80 -3.65
CA GLY A 101 -4.70 8.21 -4.84
C GLY A 101 -3.28 7.73 -4.78
N ILE A 102 -2.85 7.06 -5.80
CA ILE A 102 -1.50 6.53 -5.83
C ILE A 102 -0.70 7.15 -6.94
N VAL A 103 0.59 7.05 -6.85
CA VAL A 103 1.47 7.64 -7.82
C VAL A 103 2.46 6.59 -8.30
N ARG A 104 2.52 6.35 -9.61
CA ARG A 104 3.40 5.31 -10.14
C ARG A 104 4.84 5.61 -9.89
N GLU A 105 5.60 4.56 -9.71
CA GLU A 105 7.02 4.63 -9.50
C GLU A 105 7.74 4.73 -10.85
N ASP A 106 6.96 4.72 -11.92
CA ASP A 106 7.48 4.82 -13.26
C ASP A 106 8.02 6.19 -13.54
N ASN A 107 7.18 7.20 -13.43
CA ASN A 107 7.63 8.57 -13.76
C ASN A 107 7.05 9.58 -12.80
N SER A 108 6.36 9.08 -11.78
CA SER A 108 5.64 9.90 -10.84
C SER A 108 4.41 10.54 -11.49
N GLU A 109 3.36 9.74 -11.65
CA GLU A 109 2.10 10.18 -12.14
C GLU A 109 1.03 9.55 -11.28
N LYS A 110 -0.09 10.17 -11.15
CA LYS A 110 -1.07 9.71 -10.17
C LYS A 110 -2.25 8.98 -10.81
N MET A 111 -2.79 8.03 -10.08
CA MET A 111 -3.99 7.30 -10.45
C MET A 111 -4.87 7.17 -9.28
N ALA A 112 -6.07 6.84 -9.54
CA ALA A 112 -7.05 6.71 -8.50
C ALA A 112 -7.37 5.26 -8.30
N VAL A 113 -7.10 4.77 -7.14
CA VAL A 113 -7.30 3.37 -6.85
C VAL A 113 -7.97 3.22 -5.50
N LYS A 114 -8.32 2.03 -5.16
CA LYS A 114 -8.88 1.79 -3.87
C LYS A 114 -7.94 0.86 -3.13
N THR A 115 -7.95 0.90 -1.84
CA THR A 115 -7.10 0.02 -1.08
C THR A 115 -7.80 -0.38 0.20
N TYR A 116 -7.23 -1.31 0.92
CA TYR A 116 -7.79 -1.81 2.13
C TYR A 116 -6.90 -1.43 3.29
N MET A 117 -7.41 -0.56 4.14
CA MET A 117 -6.67 -0.08 5.28
C MET A 117 -7.31 -0.58 6.55
N TRP A 118 -6.53 -0.60 7.62
CA TRP A 118 -6.98 -1.06 8.91
C TRP A 118 -8.03 -0.08 9.41
N ILE A 119 -9.19 -0.60 9.74
CA ILE A 119 -10.39 0.21 9.95
C ILE A 119 -10.33 1.10 11.19
N ASN A 120 -9.85 0.57 12.30
CA ASN A 120 -9.81 1.38 13.52
C ASN A 120 -8.54 2.21 13.58
N LYS A 121 -7.62 1.89 12.63
CA LYS A 121 -6.32 2.60 12.35
C LYS A 121 -5.32 2.79 13.52
N ALA A 122 -5.78 2.84 14.73
CA ALA A 122 -4.89 3.07 15.84
C ALA A 122 -4.74 1.85 16.72
N ASP A 123 -3.70 1.12 16.46
CA ASP A 123 -3.33 -0.04 17.28
C ASP A 123 -1.90 0.03 17.72
N PRO A 124 -1.65 0.08 19.05
CA PRO A 124 -0.29 0.05 19.60
C PRO A 124 0.35 -1.30 19.35
N ASP A 125 -0.50 -2.26 19.02
CA ASP A 125 -0.14 -3.63 18.70
C ASP A 125 0.81 -3.72 17.54
N MET A 126 0.58 -2.91 16.52
CA MET A 126 1.41 -2.99 15.33
C MET A 126 2.79 -2.41 15.52
N PHE A 127 3.62 -3.24 16.11
CA PHE A 127 5.01 -2.98 16.30
C PHE A 127 5.70 -3.82 15.26
N GLY A 128 6.15 -3.17 14.24
CA GLY A 128 6.69 -3.85 13.11
C GLY A 128 6.79 -2.89 12.00
N GLU A 129 7.87 -2.21 11.97
CA GLU A 129 8.07 -1.15 11.06
C GLU A 129 8.51 -1.70 9.74
N TRP A 130 7.82 -1.32 8.71
CA TRP A 130 8.09 -1.78 7.40
C TRP A 130 9.36 -1.10 6.84
N ASN A 131 9.97 -1.74 5.85
CA ASN A 131 11.20 -1.27 5.17
C ASN A 131 11.24 0.25 4.99
N PHE A 132 10.15 0.82 4.48
CA PHE A 132 10.08 2.21 4.27
C PHE A 132 9.96 2.97 5.60
N GLU A 133 9.06 2.53 6.49
CA GLU A 133 8.86 3.18 7.81
C GLU A 133 10.18 3.19 8.59
N GLU A 134 11.00 2.20 8.36
CA GLU A 134 12.31 2.09 8.95
C GLU A 134 13.20 3.23 8.42
N TRP A 135 13.30 3.34 7.11
CA TRP A 135 14.10 4.40 6.49
C TRP A 135 13.50 5.77 6.82
N LYS A 136 12.19 5.81 6.84
CA LYS A 136 11.40 6.97 7.18
C LYS A 136 11.85 7.54 8.51
N ARG A 137 11.95 6.69 9.53
CA ARG A 137 12.38 7.13 10.83
C ARG A 137 13.87 7.49 10.85
N LEU A 138 14.66 6.82 10.03
CA LEU A 138 16.09 7.13 9.92
C LEU A 138 16.29 8.48 9.24
N HIS A 139 15.41 8.80 8.33
CA HIS A 139 15.41 10.09 7.63
C HIS A 139 14.88 11.18 8.58
N LYS A 140 13.90 10.78 9.38
CA LYS A 140 13.28 11.61 10.42
C LYS A 140 14.31 12.01 11.48
N LYS A 141 15.26 11.11 11.74
CA LYS A 141 16.31 11.29 12.75
C LYS A 141 17.02 12.63 12.67
N LYS A 142 17.14 13.17 11.48
CA LYS A 142 17.80 14.47 11.29
C LYS A 142 17.15 15.54 12.17
N PHE A 143 15.84 15.57 12.16
CA PHE A 143 15.09 16.51 12.95
C PHE A 143 15.10 16.08 14.40
N ILE A 144 15.05 14.77 14.58
CA ILE A 144 14.98 14.16 15.89
C ILE A 144 16.21 14.46 16.72
N GLU A 145 17.38 14.60 16.10
CA GLU A 145 18.60 14.95 16.84
C GLU A 145 18.38 16.25 17.65
N THR A 146 17.62 17.16 17.08
CA THR A 146 17.28 18.40 17.75
C THR A 146 16.22 18.10 18.83
N PHE A 147 15.24 17.27 18.49
CA PHE A 147 14.17 16.90 19.39
C PHE A 147 14.59 16.06 20.56
N LYS A 148 15.64 15.27 20.39
CA LYS A 148 16.18 14.46 21.48
C LYS A 148 16.46 15.34 22.65
N LYS A 149 17.14 16.43 22.38
CA LYS A 149 17.57 17.36 23.40
C LYS A 149 16.38 18.06 24.02
N ILE A 150 15.39 18.35 23.19
CA ILE A 150 14.15 18.97 23.64
C ILE A 150 13.42 18.01 24.59
N MET A 151 13.45 16.74 24.26
CA MET A 151 12.85 15.71 25.04
C MET A 151 13.66 15.45 26.31
N GLU A 152 14.98 15.49 26.20
CA GLU A 152 15.89 15.30 27.34
C GLU A 152 15.69 16.40 28.36
N CYS A 153 15.40 17.57 27.87
CA CYS A 153 15.13 18.72 28.69
C CYS A 153 13.85 18.51 29.50
N LYS A 154 12.88 17.84 28.89
CA LYS A 154 11.61 17.59 29.54
C LYS A 154 11.67 16.37 30.44
N LYS A 155 12.28 15.31 29.95
CA LYS A 155 12.37 14.08 30.70
C LYS A 155 13.71 13.97 31.44
N LYS A 156 14.67 13.35 30.76
CA LYS A 156 16.02 13.12 31.27
C LYS A 156 16.95 13.00 30.09
N PRO A 157 18.23 13.34 30.25
CA PRO A 157 19.22 13.17 29.19
C PRO A 157 19.53 11.70 28.93
N GLN A 158 19.83 11.39 27.72
CA GLN A 158 20.15 10.06 27.31
C GLN A 158 21.46 10.08 26.55
N CYS A 10 -9.94 9.93 -12.89
CA CYS A 10 -11.36 10.02 -12.88
C CYS A 10 -11.87 8.69 -12.34
N SER A 11 -12.49 8.73 -11.19
CA SER A 11 -12.93 7.56 -10.50
C SER A 11 -13.97 6.77 -11.28
N SER A 12 -13.54 5.66 -11.87
CA SER A 12 -14.43 4.75 -12.54
C SER A 12 -15.29 4.05 -11.49
N ASP A 13 -14.68 3.86 -10.31
CA ASP A 13 -15.29 3.27 -9.11
C ASP A 13 -15.90 1.90 -9.32
N SER A 14 -17.10 1.86 -9.85
CA SER A 14 -17.81 0.62 -10.02
C SER A 14 -17.75 0.15 -11.48
N LEU A 15 -17.45 1.05 -12.38
CA LEU A 15 -17.44 0.75 -13.79
C LEU A 15 -16.08 0.23 -14.26
N GLN A 16 -16.12 -0.58 -15.34
CA GLN A 16 -14.91 -1.13 -16.00
C GLN A 16 -14.08 -2.00 -15.04
N LEU A 17 -12.82 -2.20 -15.38
CA LEU A 17 -11.92 -2.91 -14.54
C LEU A 17 -11.46 -1.98 -13.47
N HIS A 18 -11.06 -2.53 -12.39
CA HIS A 18 -10.77 -1.75 -11.24
C HIS A 18 -9.31 -1.82 -10.97
N ASN A 19 -8.84 -0.86 -10.24
CA ASN A 19 -7.44 -0.74 -9.92
C ASN A 19 -7.32 -0.72 -8.40
N VAL A 20 -6.52 -1.60 -7.86
CA VAL A 20 -6.37 -1.73 -6.42
C VAL A 20 -4.90 -1.72 -6.02
N PHE A 21 -4.58 -1.06 -4.93
CA PHE A 21 -3.22 -1.00 -4.41
C PHE A 21 -3.05 -2.09 -3.38
N VAL A 22 -2.06 -2.93 -3.60
CA VAL A 22 -1.81 -4.07 -2.75
C VAL A 22 -0.91 -3.70 -1.61
N TYR A 23 -1.02 -4.42 -0.53
CA TYR A 23 -0.26 -4.10 0.65
C TYR A 23 0.38 -5.31 1.31
N GLY A 24 -0.36 -6.39 1.46
CA GLY A 24 0.23 -7.58 2.08
C GLY A 24 -0.34 -8.86 1.50
N SER A 25 -1.61 -9.05 1.68
CA SER A 25 -2.33 -10.23 1.23
C SER A 25 -2.26 -10.43 -0.29
N PHE A 26 -2.01 -9.35 -1.01
CA PHE A 26 -2.00 -9.39 -2.45
C PHE A 26 -0.71 -8.82 -3.01
N GLN A 27 0.33 -8.71 -2.19
CA GLN A 27 1.60 -8.07 -2.65
C GLN A 27 2.45 -9.01 -3.50
N ASP A 28 1.93 -10.16 -3.76
CA ASP A 28 2.64 -11.19 -4.49
C ASP A 28 1.78 -11.75 -5.62
N PRO A 29 2.27 -11.74 -6.86
CA PRO A 29 1.51 -12.23 -8.01
C PRO A 29 1.16 -13.73 -7.92
N ASP A 30 1.99 -14.50 -7.25
CA ASP A 30 1.73 -15.93 -7.09
C ASP A 30 0.48 -16.16 -6.26
N VAL A 31 0.35 -15.39 -5.18
CA VAL A 31 -0.82 -15.51 -4.32
C VAL A 31 -2.05 -15.04 -5.07
N ILE A 32 -1.86 -14.11 -6.01
CA ILE A 32 -2.94 -13.58 -6.80
C ILE A 32 -3.55 -14.68 -7.68
N ASN A 33 -2.70 -15.48 -8.31
CA ASN A 33 -3.16 -16.61 -9.13
C ASN A 33 -3.98 -17.58 -8.31
N VAL A 34 -3.62 -17.75 -7.07
CA VAL A 34 -4.32 -18.67 -6.20
C VAL A 34 -5.58 -18.07 -5.61
N MET A 35 -5.49 -16.84 -5.09
CA MET A 35 -6.61 -16.21 -4.40
C MET A 35 -7.77 -16.00 -5.38
N LEU A 36 -7.45 -15.69 -6.63
CA LEU A 36 -8.49 -15.60 -7.64
C LEU A 36 -8.26 -16.58 -8.78
N ASP A 37 -7.28 -16.30 -9.62
CA ASP A 37 -7.00 -17.10 -10.84
C ASP A 37 -6.01 -16.35 -11.69
N ARG A 38 -6.31 -15.10 -11.91
CA ARG A 38 -5.52 -14.26 -12.80
C ARG A 38 -4.72 -13.28 -12.01
N THR A 39 -3.60 -12.91 -12.52
CA THR A 39 -2.85 -11.83 -11.95
C THR A 39 -3.05 -10.59 -12.82
N PRO A 40 -3.76 -9.57 -12.32
CA PRO A 40 -3.93 -8.29 -13.01
C PRO A 40 -2.58 -7.64 -13.20
N GLU A 41 -2.44 -6.83 -14.24
CA GLU A 41 -1.17 -6.15 -14.52
C GLU A 41 -0.77 -5.31 -13.32
N ILE A 42 0.48 -5.43 -12.93
CA ILE A 42 0.95 -4.83 -11.73
C ILE A 42 1.89 -3.67 -12.05
N VAL A 43 1.74 -2.59 -11.35
CA VAL A 43 2.59 -1.42 -11.51
C VAL A 43 3.11 -0.95 -10.13
N SER A 44 4.32 -0.42 -10.10
CA SER A 44 4.88 0.13 -8.88
C SER A 44 4.22 1.48 -8.61
N ALA A 45 3.62 1.62 -7.45
CA ALA A 45 2.94 2.82 -7.10
C ALA A 45 3.17 3.19 -5.65
N THR A 46 3.01 4.44 -5.38
CA THR A 46 3.18 4.98 -4.07
C THR A 46 1.87 5.53 -3.54
N LEU A 47 1.49 5.07 -2.38
CA LEU A 47 0.30 5.53 -1.72
C LEU A 47 0.67 6.56 -0.65
N PRO A 48 0.50 7.86 -0.94
CA PRO A 48 0.84 8.92 -0.01
C PRO A 48 -0.25 9.18 1.03
N GLY A 49 0.17 9.33 2.27
CA GLY A 49 -0.76 9.60 3.33
C GLY A 49 -1.11 8.36 4.10
N PHE A 50 -0.33 7.30 3.91
CA PHE A 50 -0.57 6.02 4.53
C PHE A 50 0.77 5.36 4.83
N GLN A 51 0.78 4.39 5.72
CA GLN A 51 2.02 3.73 6.09
C GLN A 51 1.80 2.23 6.26
N ARG A 52 2.77 1.48 5.81
CA ARG A 52 2.79 0.03 5.86
C ARG A 52 3.53 -0.42 7.10
N PHE A 53 2.89 -1.25 7.89
CA PHE A 53 3.48 -1.81 9.09
C PHE A 53 3.42 -3.31 9.03
N ARG A 54 4.24 -3.98 9.80
CA ARG A 54 4.25 -5.42 9.86
C ARG A 54 4.55 -5.92 11.25
N LEU A 55 4.05 -7.11 11.57
CA LEU A 55 4.31 -7.84 12.82
C LEU A 55 3.36 -9.03 12.84
N LYS A 56 3.92 -10.21 12.69
CA LYS A 56 3.11 -11.41 12.56
C LYS A 56 2.63 -11.91 13.91
N GLY A 57 1.49 -12.56 13.91
CA GLY A 57 0.90 -13.08 15.10
C GLY A 57 -0.60 -13.13 14.97
N ARG A 58 -1.27 -12.23 15.62
CA ARG A 58 -2.71 -12.17 15.55
C ARG A 58 -3.15 -11.16 14.51
N LEU A 59 -2.22 -10.32 14.11
CA LEU A 59 -2.49 -9.25 13.19
C LEU A 59 -1.78 -9.51 11.88
N TYR A 60 -2.19 -8.81 10.87
CA TYR A 60 -1.79 -9.05 9.53
C TYR A 60 -1.16 -7.79 8.99
N PRO A 61 -0.43 -7.88 7.86
CA PRO A 61 0.09 -6.72 7.18
C PRO A 61 -1.04 -5.76 6.85
N CYS A 62 -1.02 -4.59 7.44
CA CYS A 62 -2.10 -3.67 7.29
C CYS A 62 -1.61 -2.26 6.95
N ILE A 63 -2.52 -1.48 6.40
CA ILE A 63 -2.27 -0.10 6.03
C ILE A 63 -3.16 0.78 6.87
N VAL A 64 -2.65 1.91 7.28
CA VAL A 64 -3.42 2.91 7.99
C VAL A 64 -2.92 4.28 7.54
N PRO A 65 -3.77 5.31 7.62
CA PRO A 65 -3.37 6.66 7.25
C PRO A 65 -2.24 7.21 8.12
N SER A 66 -1.28 7.85 7.49
CA SER A 66 -0.17 8.43 8.16
C SER A 66 -0.10 9.90 7.78
N GLU A 67 0.29 10.73 8.71
CA GLU A 67 0.42 12.14 8.45
C GLU A 67 1.66 12.40 7.62
N LYS A 68 2.74 11.65 7.88
CA LYS A 68 3.96 11.79 7.11
C LYS A 68 4.43 10.43 6.69
N GLY A 69 3.78 9.85 5.73
CA GLY A 69 4.24 8.61 5.23
C GLY A 69 3.59 8.28 3.94
N GLU A 70 4.22 7.42 3.19
CA GLU A 70 3.68 6.94 1.98
C GLU A 70 4.16 5.52 1.80
N VAL A 71 3.39 4.72 1.15
CA VAL A 71 3.70 3.33 0.99
C VAL A 71 4.02 3.05 -0.43
N HIS A 72 5.13 2.45 -0.65
CA HIS A 72 5.52 2.11 -1.98
C HIS A 72 5.19 0.67 -2.17
N GLY A 73 4.29 0.42 -3.06
CA GLY A 73 3.85 -0.90 -3.30
C GLY A 73 3.45 -1.06 -4.71
N LYS A 74 2.51 -1.92 -4.95
CA LYS A 74 2.08 -2.21 -6.29
C LYS A 74 0.59 -2.09 -6.45
N VAL A 75 0.21 -1.84 -7.65
CA VAL A 75 -1.18 -1.75 -8.05
C VAL A 75 -1.56 -2.88 -9.01
N LEU A 76 -2.69 -3.51 -8.73
CA LEU A 76 -3.29 -4.49 -9.59
C LEU A 76 -4.33 -3.78 -10.43
N MET A 77 -4.21 -3.85 -11.71
CA MET A 77 -5.16 -3.21 -12.58
C MET A 77 -5.73 -4.18 -13.58
N GLY A 78 -6.97 -4.00 -13.95
CA GLY A 78 -7.59 -4.94 -14.83
C GLY A 78 -8.35 -6.01 -14.06
N VAL A 79 -8.79 -5.67 -12.85
CA VAL A 79 -9.54 -6.62 -12.04
C VAL A 79 -11.05 -6.38 -12.25
N THR A 80 -11.77 -7.44 -12.56
CA THR A 80 -13.17 -7.38 -12.81
C THR A 80 -13.96 -7.15 -11.48
N SER A 81 -15.19 -6.66 -11.60
CA SER A 81 -16.06 -6.38 -10.46
C SER A 81 -16.27 -7.60 -9.54
N ASP A 82 -16.37 -8.81 -10.13
CA ASP A 82 -16.52 -10.04 -9.31
C ASP A 82 -15.35 -10.20 -8.37
N GLU A 83 -14.17 -10.12 -8.91
CA GLU A 83 -12.94 -10.22 -8.14
C GLU A 83 -12.80 -9.00 -7.22
N LEU A 84 -13.36 -7.86 -7.60
CA LEU A 84 -13.36 -6.68 -6.72
C LEU A 84 -14.16 -7.00 -5.46
N GLU A 85 -15.31 -7.64 -5.67
CA GLU A 85 -16.16 -8.08 -4.57
C GLU A 85 -15.49 -9.21 -3.83
N ASN A 86 -14.73 -9.99 -4.56
CA ASN A 86 -13.92 -11.08 -4.04
C ASN A 86 -12.88 -10.53 -3.05
N LEU A 87 -12.18 -9.49 -3.47
CA LEU A 87 -11.18 -8.82 -2.65
C LEU A 87 -11.86 -8.23 -1.43
N ASP A 88 -13.02 -7.64 -1.68
CA ASP A 88 -13.82 -7.01 -0.66
C ASP A 88 -14.32 -8.05 0.33
N ALA A 89 -14.68 -9.20 -0.17
CA ALA A 89 -15.13 -10.31 0.63
C ALA A 89 -14.00 -10.84 1.50
N VAL A 90 -12.83 -10.97 0.92
CA VAL A 90 -11.67 -11.52 1.62
C VAL A 90 -11.11 -10.52 2.67
N GLU A 91 -10.74 -9.35 2.22
CA GLU A 91 -10.15 -8.33 3.10
C GLU A 91 -11.17 -7.56 3.92
N GLY A 92 -12.27 -7.18 3.25
CA GLY A 92 -13.30 -6.29 3.79
C GLY A 92 -13.92 -6.73 5.11
N ASN A 93 -13.77 -7.98 5.45
CA ASN A 93 -14.28 -8.51 6.70
C ASN A 93 -13.57 -7.80 7.88
N GLU A 94 -12.27 -7.57 7.73
CA GLU A 94 -11.47 -6.98 8.80
C GLU A 94 -10.80 -5.67 8.35
N TYR A 95 -11.04 -5.29 7.11
CA TYR A 95 -10.46 -4.09 6.52
C TYR A 95 -11.53 -3.32 5.77
N GLU A 96 -11.23 -2.11 5.36
CA GLU A 96 -12.19 -1.31 4.62
C GLU A 96 -11.61 -0.91 3.30
N ARG A 97 -12.43 -1.01 2.27
CA ARG A 97 -12.02 -0.65 0.96
C ARG A 97 -12.27 0.81 0.78
N VAL A 98 -11.22 1.56 0.66
CA VAL A 98 -11.32 2.98 0.56
C VAL A 98 -10.70 3.54 -0.66
N THR A 99 -11.08 4.74 -0.95
CA THR A 99 -10.65 5.43 -2.10
C THR A 99 -9.34 6.11 -1.80
N VAL A 100 -8.34 5.78 -2.57
CA VAL A 100 -7.03 6.37 -2.36
C VAL A 100 -6.40 6.85 -3.66
N GLY A 101 -5.31 7.54 -3.54
CA GLY A 101 -4.61 8.03 -4.69
C GLY A 101 -3.21 7.55 -4.65
N ILE A 102 -2.75 6.97 -5.73
CA ILE A 102 -1.42 6.44 -5.78
C ILE A 102 -0.61 7.11 -6.85
N VAL A 103 0.65 7.15 -6.67
CA VAL A 103 1.52 7.74 -7.62
C VAL A 103 2.33 6.66 -8.27
N ARG A 104 2.12 6.48 -9.54
CA ARG A 104 2.80 5.49 -10.32
C ARG A 104 4.27 5.83 -10.39
N GLU A 105 5.11 5.01 -9.77
CA GLU A 105 6.56 5.22 -9.79
C GLU A 105 7.09 4.84 -11.17
N ASP A 106 6.22 4.16 -11.88
CA ASP A 106 6.40 3.71 -13.26
C ASP A 106 6.72 4.90 -14.20
N ASN A 107 5.95 5.98 -14.11
CA ASN A 107 6.18 7.14 -14.93
C ASN A 107 6.25 8.43 -14.10
N SER A 108 5.79 8.35 -12.86
CA SER A 108 5.68 9.48 -11.92
C SER A 108 4.49 10.37 -12.24
N GLU A 109 3.32 9.86 -11.93
CA GLU A 109 2.04 10.49 -12.13
C GLU A 109 1.07 9.92 -11.13
N LYS A 110 0.05 10.66 -10.75
CA LYS A 110 -0.88 10.14 -9.79
C LYS A 110 -2.06 9.48 -10.49
N MET A 111 -2.57 8.48 -9.86
CA MET A 111 -3.61 7.66 -10.37
C MET A 111 -4.57 7.32 -9.23
N ALA A 112 -5.80 7.05 -9.54
CA ALA A 112 -6.79 6.72 -8.53
C ALA A 112 -7.00 5.23 -8.45
N VAL A 113 -6.94 4.69 -7.25
CA VAL A 113 -7.13 3.27 -6.99
C VAL A 113 -7.82 3.11 -5.64
N LYS A 114 -8.15 1.91 -5.30
CA LYS A 114 -8.69 1.64 -3.99
C LYS A 114 -7.75 0.73 -3.23
N THR A 115 -7.83 0.73 -1.93
CA THR A 115 -7.00 -0.13 -1.12
C THR A 115 -7.73 -0.45 0.18
N TYR A 116 -7.16 -1.33 0.96
CA TYR A 116 -7.76 -1.78 2.19
C TYR A 116 -6.89 -1.36 3.37
N MET A 117 -7.48 -0.61 4.27
CA MET A 117 -6.78 -0.14 5.45
C MET A 117 -7.48 -0.68 6.70
N TRP A 118 -6.74 -0.75 7.79
CA TRP A 118 -7.24 -1.27 9.06
C TRP A 118 -8.30 -0.31 9.60
N ILE A 119 -9.43 -0.86 10.09
CA ILE A 119 -10.58 -0.02 10.44
C ILE A 119 -10.31 0.85 11.67
N ASN A 120 -9.71 0.25 12.69
CA ASN A 120 -9.45 0.99 13.93
C ASN A 120 -8.38 2.03 13.70
N LYS A 121 -7.46 1.69 12.80
CA LYS A 121 -6.34 2.56 12.35
C LYS A 121 -5.41 3.12 13.45
N ALA A 122 -5.72 2.83 14.67
CA ALA A 122 -4.87 3.17 15.78
C ALA A 122 -4.65 1.91 16.57
N ASP A 123 -3.71 1.14 16.14
CA ASP A 123 -3.42 -0.15 16.75
C ASP A 123 -1.99 -0.19 17.27
N PRO A 124 -1.79 -0.60 18.53
CA PRO A 124 -0.47 -0.64 19.15
C PRO A 124 0.35 -1.91 18.83
N ASP A 125 -0.18 -2.80 18.02
CA ASP A 125 0.57 -4.01 17.66
C ASP A 125 1.30 -3.85 16.35
N MET A 126 0.71 -3.13 15.43
CA MET A 126 1.38 -2.95 14.16
C MET A 126 2.53 -1.95 14.18
N PHE A 127 3.73 -2.48 14.35
CA PHE A 127 4.93 -1.70 14.30
C PHE A 127 6.09 -2.56 13.81
N GLY A 128 6.73 -2.11 12.78
CA GLY A 128 7.82 -2.82 12.20
C GLY A 128 7.91 -2.57 10.73
N GLU A 129 9.09 -2.31 10.27
CA GLU A 129 9.33 -2.01 8.87
C GLU A 129 9.38 -3.28 8.03
N TRP A 130 8.99 -3.16 6.80
CA TRP A 130 9.07 -4.24 5.87
C TRP A 130 9.93 -3.69 4.73
N ASN A 131 10.53 -4.56 3.94
CA ASN A 131 11.45 -4.19 2.81
C ASN A 131 10.94 -3.03 1.89
N PHE A 132 9.66 -2.66 1.99
CA PHE A 132 9.12 -1.52 1.24
C PHE A 132 9.79 -0.22 1.74
N GLU A 133 10.11 -0.18 3.03
CA GLU A 133 10.75 0.96 3.67
C GLU A 133 12.13 1.21 3.10
N GLU A 134 12.76 0.14 2.63
CA GLU A 134 14.06 0.21 1.99
C GLU A 134 13.93 1.08 0.74
N TRP A 135 12.96 0.79 -0.09
CA TRP A 135 12.74 1.56 -1.29
C TRP A 135 12.23 2.96 -0.94
N LYS A 136 11.51 3.05 0.16
CA LYS A 136 11.01 4.32 0.64
C LYS A 136 12.16 5.29 0.96
N ARG A 137 13.24 4.79 1.56
CA ARG A 137 14.39 5.65 1.85
C ARG A 137 15.21 5.96 0.59
N LEU A 138 15.26 5.01 -0.36
CA LEU A 138 15.95 5.23 -1.66
C LEU A 138 15.22 6.22 -2.51
N HIS A 139 13.96 6.40 -2.23
CA HIS A 139 13.13 7.38 -2.91
C HIS A 139 13.65 8.81 -2.63
N LYS A 140 14.44 8.97 -1.56
CA LYS A 140 15.06 10.26 -1.23
C LYS A 140 15.95 10.69 -2.38
N LYS A 141 16.65 9.71 -2.96
CA LYS A 141 17.58 9.91 -4.06
C LYS A 141 16.94 10.69 -5.19
N LYS A 142 15.68 10.47 -5.42
CA LYS A 142 14.99 11.09 -6.53
C LYS A 142 14.86 12.61 -6.30
N PHE A 143 14.70 13.00 -5.06
CA PHE A 143 14.69 14.40 -4.70
C PHE A 143 16.11 14.93 -4.69
N ILE A 144 17.02 14.08 -4.26
CA ILE A 144 18.44 14.42 -4.16
C ILE A 144 19.00 14.70 -5.54
N GLU A 145 18.50 14.01 -6.56
CA GLU A 145 18.92 14.22 -7.94
C GLU A 145 18.79 15.68 -8.40
N THR A 146 17.82 16.39 -7.84
CA THR A 146 17.66 17.80 -8.10
C THR A 146 18.90 18.56 -7.55
N PHE A 147 19.34 18.15 -6.37
CA PHE A 147 20.55 18.69 -5.74
C PHE A 147 21.81 18.14 -6.35
N LYS A 148 21.74 16.92 -6.88
CA LYS A 148 22.85 16.32 -7.56
C LYS A 148 23.37 17.23 -8.63
N LYS A 149 22.46 17.82 -9.40
CA LYS A 149 22.82 18.75 -10.48
C LYS A 149 23.66 19.89 -9.90
N ILE A 150 23.20 20.37 -8.77
CA ILE A 150 23.81 21.48 -8.09
C ILE A 150 25.21 21.11 -7.55
N MET A 151 25.33 19.96 -6.93
CA MET A 151 26.61 19.52 -6.36
C MET A 151 27.62 19.06 -7.43
N GLU A 152 27.13 18.49 -8.53
CA GLU A 152 28.04 18.08 -9.62
C GLU A 152 28.72 19.31 -10.20
N CYS A 153 27.97 20.39 -10.31
CA CYS A 153 28.48 21.66 -10.84
C CYS A 153 29.47 22.30 -9.86
N LYS A 154 29.27 22.08 -8.56
CA LYS A 154 30.22 22.56 -7.54
C LYS A 154 31.47 21.72 -7.56
N LYS A 155 31.28 20.53 -8.10
CA LYS A 155 32.28 19.51 -8.26
C LYS A 155 32.53 18.75 -6.98
N LYS A 156 31.63 17.85 -6.71
CA LYS A 156 31.73 16.94 -5.63
C LYS A 156 31.13 15.62 -6.08
N PRO A 157 31.92 14.82 -6.80
CA PRO A 157 31.47 13.58 -7.37
C PRO A 157 31.52 12.42 -6.37
N GLN A 158 30.50 11.61 -6.40
CA GLN A 158 30.40 10.45 -5.55
C GLN A 158 29.68 9.34 -6.28
#